data_7E8B
#
_entry.id   7E8B
#
_cell.length_a   1.00
_cell.length_b   1.00
_cell.length_c   1.00
_cell.angle_alpha   90.00
_cell.angle_beta   90.00
_cell.angle_gamma   90.00
#
_symmetry.space_group_name_H-M   'P 1'
#
loop_
_entity.id
_entity.type
_entity.pdbx_description
1 polymer 'Dipeptidyl aminopeptidase-like protein 6'
2 polymer 'Potassium voltage-gated channel subfamily D member 2'
3 polymer 'Potassium voltage-gated channel subfamily D member 2'
#
loop_
_entity_poly.entity_id
_entity_poly.type
_entity_poly.pdbx_seq_one_letter_code
_entity_poly.pdbx_strand_id
1 'polypeptide(L)'
;WKGIAIALLVILVICSLIVTSVILLTPAEDNSLSQKKKVTVEDLFSEDFKIHDPEAKWISDTEFIYREQKGTVRLWNVET
NTSTVLIEGKKIESLRAIRYEISPDREYALFSYNVEPIYQHSYTGYYVLSKIPHGDPQSLDPPEVSNAKLQYAGWGPKGQ
QLIFIFENNIYYCAHVGKQAIRVVSTGKEGVIYNGLSDWLYEEEILKTHIAHWWSPDGTRLAYAAINDSRVPIMELPTYT
GSIYPTVKPYHYPKAGSENPSISLHVIGLNGPTHDLEMMPPDDPRMREYYITMVKWATSTKVAVTWLNRAQNVSILTLCD
ATTGVCTKKHEDESEAWLHRQNEEPVFSKDGRKFFFIRAIPQGGRGKFYHITVSSSQPNSSNDNIQSITSGDWDVTKILA
YDEKGNKIYFLSTEDLPRRRQLYSANTVGNFNRQCLSCDLVENCTYFSASFSHSMDFFLLKCEGPGVPMVTVHNTTDKKK
MFDLETNEHVKKAINDRQMPKVEYRDIEIDDYNLPMQILKPATFTDTTHYPLLLVVDGTPGSQSVAEKFEVSWETVMVSS
HGAVVVKCDGRGSGFQGTKLLHEVRRRLGLLEEKDQMEAVRTMLKEQYIDRTRVAVFGKDYGGYLSTYILPAKGENQGQT
FTCGSALSPITDFKLYASAFSERYLGLHGLDNRAYEMTKVAHRVSALEEQQFLIIHPTADEKIHFQHTAELITQLIRGKA
NYSLQIYPDESHYFTSSSLKQHLYRSIINFFVECFRI
;
L,K,J,I
2 'polypeptide(L)'
;DALIVLNVSGTRFQTWQDTLERYPDTLLGSSERDFFYHPETQQYFFDRDPDIFRHILNFYRTGKLHYPRHECISAYDEEL
AFFGLIPEIIGDCCYEEYKDRRRENAERLQDDADTDTAGESALPTMTARQRVWRAFENPHTSTMALVFYYVTGFFIAVSV
IANVVETVPCGSSPGHIKELPCGERYAVAFFCLDTACVMIFTVEYLLRLAAAPSRYRFVRSVMSIIDVVAILPYYIGLVM
TDNEDVSGAFVTLRVFRVFRIFKFSRHSQGLRILGYTLKSCASELGFLLFSLTMAIIIFATVMFYAEKGSSASKFTSIPA
AFWYTIVTMTTLGYGDMVPKTIAGKIFGSICSLSGVLVIALPVPVIVSNFSRIYHQNQRADKRRAQKKARLARIRAAK
;
B,D
3 'polypeptide(L)'
;DALIVLNVSGTRFQTWQDTLERYPDTLLGSSERDFFYHPETQQYFFDRDPDIFRHILNFYRTGKLHYPRHECISAYDEEL
AFFGLIPEIIGDCCYEEYKDRRRENAERLQDDADTDTAGESALPTMTARQRVWRAFENPHTSTMALVFYYVTGFFIAVSV
IANVVETVPCGSSPGHIKELPCGERYAVAFFCLDTACVMIFTVEYLLRLAAAPSRYRFVRSVMSIIDVVAILPYYIGLVM
TDNEDVSGAFVTLRVFRVFRIFKFSRHSQGLRILGYTLKSCASELGFLLFSLTMAIIIFATVMFYAEKGSSASKFTSIPA
AFWYTIVTMTTLGYGDMVPKTIAGKIFGSICSLSGVLVIALPVPVIVSNFSRIYHQNQRADKRRAQKKARLARIRAA
;
A,C
#
# COMPACT_ATOMS: atom_id res chain seq x y z
N TRP A 1 25.43 -55.62 39.53
CA TRP A 1 24.10 -55.21 39.94
C TRP A 1 23.03 -55.78 39.02
N LYS A 2 22.32 -54.88 38.33
CA LYS A 2 21.32 -55.15 37.31
C LYS A 2 20.04 -55.76 37.89
N GLY A 3 20.03 -56.17 39.15
CA GLY A 3 18.80 -56.58 39.79
C GLY A 3 17.95 -55.36 40.11
N ILE A 4 18.64 -54.30 40.53
CA ILE A 4 17.98 -53.01 40.73
C ILE A 4 17.32 -52.56 39.43
N ALA A 5 18.05 -52.68 38.31
CA ALA A 5 17.52 -52.23 37.04
C ALA A 5 16.28 -53.04 36.62
N ILE A 6 16.31 -54.36 36.79
CA ILE A 6 15.18 -55.17 36.35
C ILE A 6 13.97 -54.93 37.25
N ALA A 7 14.18 -54.82 38.56
CA ALA A 7 13.07 -54.48 39.45
C ALA A 7 12.49 -53.12 39.09
N LEU A 8 13.36 -52.14 38.82
CA LEU A 8 12.90 -50.81 38.43
C LEU A 8 12.06 -50.87 37.17
N LEU A 9 12.56 -51.53 36.13
CA LEU A 9 11.81 -51.56 34.87
C LEU A 9 10.50 -52.32 35.01
N VAL A 10 10.46 -53.35 35.87
CA VAL A 10 9.20 -54.03 36.14
C VAL A 10 8.20 -53.07 36.77
N ILE A 11 8.65 -52.30 37.76
CA ILE A 11 7.75 -51.36 38.42
C ILE A 11 7.28 -50.28 37.45
N LEU A 12 8.19 -49.81 36.59
CA LEU A 12 7.82 -48.85 35.55
C LEU A 12 6.78 -49.43 34.59
N VAL A 13 6.94 -50.69 34.20
CA VAL A 13 5.96 -51.31 33.31
C VAL A 13 4.60 -51.38 33.99
N ILE A 14 4.58 -51.76 35.28
CA ILE A 14 3.31 -51.84 36.01
C ILE A 14 2.66 -50.46 36.09
N CYS A 15 3.44 -49.44 36.45
CA CYS A 15 2.89 -48.09 36.59
C CYS A 15 2.42 -47.55 35.25
N SER A 16 3.15 -47.83 34.18
CA SER A 16 2.73 -47.39 32.85
C SER A 16 1.44 -48.06 32.43
N LEU A 17 1.29 -49.36 32.72
CA LEU A 17 0.03 -50.04 32.42
C LEU A 17 -1.11 -49.43 33.21
N ILE A 18 -0.88 -49.13 34.48
CA ILE A 18 -1.93 -48.53 35.31
C ILE A 18 -2.35 -47.17 34.74
N VAL A 19 -1.35 -46.33 34.42
CA VAL A 19 -1.66 -44.97 33.98
C VAL A 19 -2.32 -44.99 32.60
N THR A 20 -1.91 -45.91 31.72
CA THR A 20 -2.55 -45.97 30.42
C THR A 20 -3.97 -46.55 30.51
N SER A 21 -4.21 -47.46 31.45
CA SER A 21 -5.57 -47.91 31.69
C SER A 21 -6.45 -46.76 32.18
N VAL A 22 -5.91 -45.94 33.09
CA VAL A 22 -6.65 -44.76 33.54
C VAL A 22 -6.90 -43.81 32.38
N ILE A 23 -5.91 -43.63 31.52
CA ILE A 23 -6.04 -42.74 30.37
C ILE A 23 -7.13 -43.25 29.43
N LEU A 24 -7.23 -44.57 29.27
CA LEU A 24 -8.25 -45.13 28.40
C LEU A 24 -9.65 -45.01 29.01
N LEU A 25 -9.77 -45.28 30.31
CA LEU A 25 -11.10 -45.40 30.91
C LEU A 25 -11.69 -44.06 31.32
N THR A 26 -10.86 -43.14 31.82
CA THR A 26 -11.37 -41.91 32.41
C THR A 26 -12.14 -41.00 31.45
N PRO A 27 -11.62 -40.66 30.27
CA PRO A 27 -12.24 -39.58 29.49
C PRO A 27 -13.48 -40.05 28.73
N ALA A 28 -14.23 -39.07 28.22
CA ALA A 28 -15.43 -39.34 27.45
C ALA A 28 -15.14 -39.42 25.95
N GLU A 29 -14.64 -38.33 25.37
CA GLU A 29 -14.27 -38.22 23.96
C GLU A 29 -15.48 -38.41 23.03
N ASP A 30 -16.67 -38.56 23.58
CA ASP A 30 -17.88 -38.82 22.80
C ASP A 30 -18.56 -37.49 22.50
N ASN A 31 -18.16 -36.86 21.39
CA ASN A 31 -18.82 -35.67 20.89
C ASN A 31 -19.96 -36.00 19.94
N SER A 32 -20.23 -37.28 19.70
CA SER A 32 -21.28 -37.75 18.78
C SER A 32 -20.95 -37.19 17.41
N LEU A 33 -21.88 -36.48 16.76
CA LEU A 33 -21.62 -35.92 15.44
C LEU A 33 -22.40 -34.63 15.30
N SER A 34 -21.82 -33.66 14.60
CA SER A 34 -22.47 -32.38 14.37
C SER A 34 -22.51 -32.05 12.88
N GLN A 35 -22.96 -30.84 12.55
CA GLN A 35 -23.04 -30.34 11.17
C GLN A 35 -24.10 -31.09 10.37
N LYS A 36 -24.74 -30.40 9.43
CA LYS A 36 -25.70 -31.00 8.53
C LYS A 36 -25.13 -31.04 7.13
N LYS A 37 -25.43 -32.12 6.40
CA LYS A 37 -24.87 -32.33 5.08
C LYS A 37 -25.37 -31.26 4.11
N LYS A 38 -24.51 -30.89 3.17
CA LYS A 38 -24.81 -29.82 2.22
C LYS A 38 -25.77 -30.34 1.14
N VAL A 39 -26.04 -29.52 0.13
CA VAL A 39 -27.06 -29.81 -0.87
C VAL A 39 -26.37 -30.29 -2.15
N THR A 40 -26.86 -31.40 -2.69
CA THR A 40 -26.34 -31.98 -3.92
C THR A 40 -27.52 -32.22 -4.87
N VAL A 41 -27.22 -32.34 -6.16
CA VAL A 41 -28.26 -32.33 -7.20
C VAL A 41 -29.27 -33.45 -7.00
N GLU A 42 -28.86 -34.59 -6.43
CA GLU A 42 -29.80 -35.68 -6.22
C GLU A 42 -30.92 -35.29 -5.27
N ASP A 43 -30.66 -34.34 -4.36
CA ASP A 43 -31.70 -33.90 -3.44
C ASP A 43 -32.84 -33.21 -4.18
N LEU A 44 -32.54 -32.48 -5.26
CA LEU A 44 -33.55 -31.68 -5.95
C LEU A 44 -34.65 -32.57 -6.53
N PHE A 45 -34.27 -33.66 -7.17
CA PHE A 45 -35.22 -34.51 -7.87
C PHE A 45 -35.81 -35.60 -7.00
N SER A 46 -35.43 -35.65 -5.73
CA SER A 46 -36.06 -36.56 -4.79
C SER A 46 -37.48 -36.06 -4.45
N GLU A 47 -38.29 -36.98 -3.93
CA GLU A 47 -39.64 -36.64 -3.54
C GLU A 47 -39.70 -35.66 -2.38
N ASP A 48 -38.57 -35.43 -1.69
CA ASP A 48 -38.57 -34.60 -0.50
C ASP A 48 -38.95 -33.16 -0.82
N PHE A 49 -38.47 -32.62 -1.93
CA PHE A 49 -38.67 -31.21 -2.25
C PHE A 49 -39.92 -30.94 -3.08
N LYS A 50 -40.71 -31.97 -3.38
CA LYS A 50 -41.91 -31.76 -4.19
C LYS A 50 -42.91 -30.87 -3.46
N ILE A 51 -43.43 -29.89 -4.19
CA ILE A 51 -44.42 -28.94 -3.64
C ILE A 51 -45.78 -29.49 -4.02
N HIS A 52 -46.35 -30.33 -3.16
CA HIS A 52 -47.67 -30.91 -3.39
C HIS A 52 -48.73 -29.87 -3.06
N ASP A 53 -48.98 -28.99 -4.02
CA ASP A 53 -49.93 -27.89 -3.85
C ASP A 53 -51.28 -28.27 -4.43
N PRO A 54 -52.32 -28.44 -3.61
CA PRO A 54 -53.64 -28.75 -4.18
C PRO A 54 -54.17 -27.68 -5.12
N GLU A 55 -53.92 -26.41 -4.82
CA GLU A 55 -54.42 -25.28 -5.61
C GLU A 55 -55.95 -25.36 -5.75
N ALA A 56 -56.62 -25.27 -4.60
CA ALA A 56 -58.07 -25.39 -4.57
C ALA A 56 -58.74 -24.20 -5.26
N LYS A 57 -59.90 -24.47 -5.84
CA LYS A 57 -60.69 -23.47 -6.55
C LYS A 57 -62.03 -23.30 -5.85
N TRP A 58 -62.42 -22.05 -5.61
CA TRP A 58 -63.66 -21.73 -4.90
C TRP A 58 -64.86 -22.07 -5.77
N ILE A 59 -65.50 -23.22 -5.49
CA ILE A 59 -66.69 -23.61 -6.22
C ILE A 59 -67.83 -22.64 -5.93
N SER A 60 -68.06 -22.34 -4.65
CA SER A 60 -69.16 -21.50 -4.22
C SER A 60 -68.65 -20.62 -3.09
N ASP A 61 -69.58 -20.00 -2.35
CA ASP A 61 -69.21 -19.06 -1.31
C ASP A 61 -68.49 -19.71 -0.14
N THR A 62 -68.66 -21.03 0.06
CA THR A 62 -68.14 -21.68 1.25
C THR A 62 -67.53 -23.05 0.95
N GLU A 63 -66.99 -23.25 -0.25
CA GLU A 63 -66.37 -24.52 -0.58
C GLU A 63 -65.31 -24.32 -1.66
N PHE A 64 -64.27 -25.14 -1.60
CA PHE A 64 -63.18 -25.09 -2.57
C PHE A 64 -62.83 -26.52 -3.02
N ILE A 65 -62.20 -26.60 -4.19
CA ILE A 65 -62.01 -27.89 -4.86
C ILE A 65 -61.18 -28.83 -4.00
N TYR A 66 -60.04 -28.35 -3.49
CA TYR A 66 -59.10 -29.16 -2.70
C TYR A 66 -58.64 -30.38 -3.50
N ARG A 67 -57.86 -30.08 -4.53
CA ARG A 67 -57.26 -31.13 -5.37
C ARG A 67 -56.26 -31.95 -4.55
N GLU A 68 -55.66 -32.94 -5.21
CA GLU A 68 -54.78 -33.87 -4.53
C GLU A 68 -53.59 -33.17 -3.87
N GLN A 69 -53.31 -33.56 -2.64
CA GLN A 69 -52.05 -33.25 -1.98
C GLN A 69 -51.22 -34.48 -1.71
N LYS A 70 -51.83 -35.56 -1.23
CA LYS A 70 -51.15 -36.85 -1.07
C LYS A 70 -52.11 -37.98 -1.45
N GLY A 71 -52.80 -37.83 -2.58
CA GLY A 71 -53.72 -38.87 -3.01
C GLY A 71 -55.11 -38.41 -3.41
N THR A 72 -56.12 -38.84 -2.66
CA THR A 72 -57.51 -38.68 -3.06
C THR A 72 -57.89 -37.20 -3.22
N VAL A 73 -58.98 -36.98 -3.95
CA VAL A 73 -59.52 -35.65 -4.20
C VAL A 73 -60.76 -35.49 -3.34
N ARG A 74 -60.69 -34.57 -2.38
CA ARG A 74 -61.72 -34.36 -1.37
C ARG A 74 -62.28 -32.96 -1.49
N LEU A 75 -63.53 -32.78 -1.08
CA LEU A 75 -64.20 -31.49 -1.10
C LEU A 75 -64.41 -31.01 0.33
N TRP A 76 -63.96 -29.80 0.61
CA TRP A 76 -64.09 -29.18 1.93
C TRP A 76 -65.33 -28.30 2.00
N ASN A 77 -65.73 -28.00 3.24
CA ASN A 77 -66.77 -27.03 3.53
C ASN A 77 -66.24 -26.06 4.58
N VAL A 78 -66.29 -24.77 4.27
CA VAL A 78 -65.69 -23.75 5.13
C VAL A 78 -66.48 -23.58 6.43
N GLU A 79 -67.75 -24.01 6.47
CA GLU A 79 -68.60 -23.77 7.62
C GLU A 79 -67.99 -24.31 8.90
N THR A 80 -67.83 -25.62 9.02
CA THR A 80 -67.10 -26.20 10.15
C THR A 80 -66.36 -27.45 9.65
N ASN A 81 -65.15 -27.25 9.15
CA ASN A 81 -64.16 -28.31 8.88
C ASN A 81 -64.81 -29.60 8.37
N THR A 82 -65.68 -29.45 7.38
CA THR A 82 -66.41 -30.58 6.82
C THR A 82 -65.78 -30.99 5.49
N SER A 83 -65.42 -32.26 5.37
CA SER A 83 -64.73 -32.78 4.19
C SER A 83 -65.55 -33.89 3.57
N THR A 84 -65.69 -33.86 2.24
CA THR A 84 -66.38 -34.89 1.48
C THR A 84 -65.48 -35.34 0.33
N VAL A 85 -65.24 -36.64 0.25
CA VAL A 85 -64.38 -37.19 -0.81
C VAL A 85 -65.21 -37.31 -2.09
N LEU A 86 -64.79 -36.59 -3.13
CA LEU A 86 -65.42 -36.73 -4.44
C LEU A 86 -64.75 -37.76 -5.32
N ILE A 87 -63.42 -37.86 -5.30
CA ILE A 87 -62.69 -38.86 -6.06
C ILE A 87 -61.75 -39.57 -5.09
N GLU A 88 -61.73 -40.90 -5.15
CA GLU A 88 -60.84 -41.68 -4.29
C GLU A 88 -59.44 -41.69 -4.92
N GLY A 89 -58.56 -42.54 -4.38
CA GLY A 89 -57.22 -42.65 -4.93
C GLY A 89 -57.16 -43.53 -6.16
N LYS A 90 -58.26 -43.58 -6.92
CA LYS A 90 -58.35 -44.41 -8.11
C LYS A 90 -57.66 -43.83 -9.32
N LYS A 91 -57.17 -42.59 -9.23
CA LYS A 91 -56.44 -42.01 -10.36
C LYS A 91 -55.16 -42.78 -10.65
N ILE A 92 -54.57 -43.39 -9.62
CA ILE A 92 -53.38 -44.22 -9.82
C ILE A 92 -53.71 -45.42 -10.70
N GLU A 93 -54.84 -46.07 -10.44
CA GLU A 93 -55.26 -47.21 -11.24
C GLU A 93 -56.08 -46.81 -12.46
N SER A 94 -56.39 -45.53 -12.63
CA SER A 94 -57.08 -45.05 -13.82
C SER A 94 -56.09 -44.62 -14.90
N LEU A 95 -55.15 -45.51 -15.20
CA LEU A 95 -54.09 -45.27 -16.19
C LEU A 95 -53.33 -43.98 -15.88
N ARG A 96 -53.19 -43.66 -14.59
CA ARG A 96 -52.45 -42.51 -14.10
C ARG A 96 -52.92 -41.23 -14.80
N ALA A 97 -54.17 -40.87 -14.48
CA ALA A 97 -54.76 -39.61 -14.96
C ALA A 97 -53.87 -38.44 -14.59
N ILE A 98 -53.38 -37.72 -15.59
CA ILE A 98 -52.41 -36.65 -15.33
C ILE A 98 -53.10 -35.43 -14.73
N ARG A 99 -54.20 -34.98 -15.33
CA ARG A 99 -54.90 -33.80 -14.85
C ARG A 99 -56.40 -34.10 -14.78
N TYR A 100 -57.02 -33.75 -13.65
CA TYR A 100 -58.43 -34.05 -13.43
C TYR A 100 -59.21 -32.76 -13.21
N GLU A 101 -60.41 -32.72 -13.79
CA GLU A 101 -61.37 -31.66 -13.57
C GLU A 101 -62.69 -32.28 -13.13
N ILE A 102 -63.57 -31.45 -12.59
CA ILE A 102 -64.90 -31.92 -12.18
C ILE A 102 -65.94 -31.10 -12.93
N SER A 103 -67.10 -31.72 -13.13
CA SER A 103 -68.21 -31.04 -13.76
C SER A 103 -68.71 -29.92 -12.84
N PRO A 104 -69.13 -28.79 -13.41
CA PRO A 104 -69.57 -27.66 -12.57
C PRO A 104 -70.75 -28.00 -11.67
N ASP A 105 -71.61 -28.92 -12.09
CA ASP A 105 -72.69 -29.40 -11.25
C ASP A 105 -72.24 -30.49 -10.29
N ARG A 106 -70.94 -30.77 -10.23
CA ARG A 106 -70.38 -31.76 -9.30
C ARG A 106 -71.00 -33.14 -9.51
N GLU A 107 -71.15 -33.53 -10.77
CA GLU A 107 -71.79 -34.79 -11.10
C GLU A 107 -70.96 -35.66 -12.05
N TYR A 108 -69.92 -35.13 -12.68
CA TYR A 108 -69.02 -35.93 -13.50
C TYR A 108 -67.59 -35.47 -13.28
N ALA A 109 -66.65 -36.38 -13.55
CA ALA A 109 -65.23 -36.10 -13.39
C ALA A 109 -64.50 -36.45 -14.68
N LEU A 110 -63.67 -35.53 -15.16
CA LEU A 110 -62.93 -35.69 -16.41
C LEU A 110 -61.45 -35.89 -16.11
N PHE A 111 -60.87 -36.93 -16.72
CA PHE A 111 -59.46 -37.26 -16.55
C PHE A 111 -58.74 -37.10 -17.89
N SER A 112 -57.63 -36.36 -17.87
CA SER A 112 -56.76 -36.22 -19.02
C SER A 112 -55.46 -36.93 -18.72
N TYR A 113 -55.15 -37.97 -19.50
CA TYR A 113 -53.99 -38.81 -19.29
C TYR A 113 -53.30 -39.07 -20.62
N ASN A 114 -52.11 -39.66 -20.55
CA ASN A 114 -51.29 -39.94 -21.72
C ASN A 114 -51.06 -38.67 -22.54
N VAL A 115 -50.42 -37.71 -21.89
CA VAL A 115 -50.18 -36.39 -22.47
C VAL A 115 -48.83 -36.40 -23.17
N GLU A 116 -48.79 -35.83 -24.37
CA GLU A 116 -47.57 -35.67 -25.15
C GLU A 116 -47.40 -34.20 -25.45
N PRO A 117 -46.87 -33.42 -24.50
CA PRO A 117 -46.79 -31.97 -24.69
C PRO A 117 -45.93 -31.60 -25.90
N ILE A 118 -46.36 -30.58 -26.63
CA ILE A 118 -45.62 -30.07 -27.76
C ILE A 118 -45.21 -28.61 -27.62
N TYR A 119 -45.90 -27.84 -26.76
CA TYR A 119 -45.46 -26.50 -26.40
C TYR A 119 -45.52 -26.39 -24.88
N GLN A 120 -45.38 -25.17 -24.35
CA GLN A 120 -45.41 -24.98 -22.91
C GLN A 120 -46.74 -25.43 -22.32
N HIS A 121 -47.86 -25.04 -22.95
CA HIS A 121 -49.19 -25.48 -22.53
C HIS A 121 -49.92 -25.98 -23.77
N SER A 122 -49.65 -27.22 -24.16
CA SER A 122 -50.33 -27.87 -25.26
C SER A 122 -50.58 -29.33 -24.92
N TYR A 123 -51.06 -29.57 -23.70
CA TYR A 123 -51.09 -30.92 -23.14
C TYR A 123 -52.16 -31.77 -23.83
N THR A 124 -51.95 -32.06 -25.11
CA THR A 124 -52.85 -32.95 -25.83
C THR A 124 -52.73 -34.37 -25.31
N GLY A 125 -53.86 -35.06 -25.22
CA GLY A 125 -53.87 -36.41 -24.70
C GLY A 125 -55.21 -37.11 -24.85
N TYR A 126 -55.55 -37.94 -23.87
CA TYR A 126 -56.78 -38.71 -23.88
C TYR A 126 -57.67 -38.28 -22.72
N TYR A 127 -58.93 -38.00 -23.01
CA TYR A 127 -59.90 -37.51 -22.03
C TYR A 127 -60.96 -38.57 -21.81
N VAL A 128 -61.19 -38.91 -20.54
CA VAL A 128 -62.14 -39.94 -20.13
C VAL A 128 -63.03 -39.38 -19.03
N LEU A 129 -64.34 -39.50 -19.20
CA LEU A 129 -65.30 -39.08 -18.20
C LEU A 129 -65.64 -40.23 -17.27
N SER A 130 -66.13 -39.89 -16.08
CA SER A 130 -66.49 -40.90 -15.10
C SER A 130 -67.53 -40.33 -14.14
N LYS A 131 -68.33 -41.22 -13.57
CA LYS A 131 -69.36 -40.81 -12.62
C LYS A 131 -68.72 -40.17 -11.39
N ILE A 132 -69.46 -39.26 -10.76
CA ILE A 132 -68.89 -38.48 -9.66
C ILE A 132 -68.45 -39.34 -8.48
N PRO A 133 -69.23 -40.35 -8.00
CA PRO A 133 -68.74 -41.12 -6.85
C PRO A 133 -67.50 -41.94 -7.22
N HIS A 134 -67.66 -42.82 -8.19
CA HIS A 134 -66.60 -43.63 -8.79
C HIS A 134 -67.23 -44.51 -9.86
N GLY A 135 -66.39 -45.21 -10.60
CA GLY A 135 -66.84 -46.27 -11.47
C GLY A 135 -67.28 -45.79 -12.84
N ASP A 136 -67.34 -46.75 -13.77
CA ASP A 136 -67.82 -46.59 -15.15
C ASP A 136 -67.04 -45.51 -15.91
N PRO A 137 -65.75 -45.73 -16.19
CA PRO A 137 -65.04 -44.82 -17.08
C PRO A 137 -65.57 -44.93 -18.52
N GLN A 138 -65.51 -43.81 -19.23
CA GLN A 138 -65.96 -43.76 -20.63
C GLN A 138 -65.05 -42.81 -21.38
N SER A 139 -64.36 -43.32 -22.40
CA SER A 139 -63.42 -42.50 -23.16
C SER A 139 -64.19 -41.56 -24.07
N LEU A 140 -63.97 -40.25 -23.91
CA LEU A 140 -64.59 -39.27 -24.77
C LEU A 140 -64.14 -39.48 -26.21
N ASP A 141 -65.09 -39.45 -27.13
CA ASP A 141 -64.80 -39.77 -28.51
C ASP A 141 -65.34 -38.70 -29.44
N PRO A 142 -64.68 -38.47 -30.57
CA PRO A 142 -65.24 -37.60 -31.61
C PRO A 142 -66.33 -38.33 -32.36
N PRO A 143 -67.19 -37.61 -33.08
CA PRO A 143 -68.31 -38.27 -33.78
C PRO A 143 -67.83 -39.29 -34.80
N GLU A 144 -68.44 -40.46 -34.76
CA GLU A 144 -68.20 -41.55 -35.71
C GLU A 144 -66.74 -42.03 -35.71
N VAL A 145 -66.01 -41.80 -34.63
CA VAL A 145 -64.62 -42.22 -34.52
C VAL A 145 -64.43 -42.87 -33.15
N SER A 146 -63.47 -43.79 -33.07
CA SER A 146 -63.11 -44.44 -31.82
C SER A 146 -62.20 -43.51 -31.01
N ASN A 147 -61.57 -44.06 -29.97
CA ASN A 147 -60.69 -43.27 -29.13
C ASN A 147 -59.59 -42.59 -29.95
N ALA A 148 -59.36 -41.31 -29.69
CA ALA A 148 -58.36 -40.55 -30.42
C ALA A 148 -57.82 -39.45 -29.51
N LYS A 149 -56.61 -39.00 -29.80
CA LYS A 149 -55.98 -37.95 -29.02
C LYS A 149 -56.76 -36.65 -29.14
N LEU A 150 -56.85 -35.91 -28.04
CA LEU A 150 -57.67 -34.71 -27.97
C LEU A 150 -56.79 -33.50 -27.65
N GLN A 151 -57.02 -32.41 -28.36
CA GLN A 151 -56.26 -31.18 -28.10
C GLN A 151 -56.70 -30.53 -26.80
N TYR A 152 -58.01 -30.43 -26.57
CA TYR A 152 -58.56 -29.80 -25.38
C TYR A 152 -60.06 -30.08 -25.31
N ALA A 153 -60.55 -30.35 -24.09
CA ALA A 153 -61.97 -30.49 -23.86
C ALA A 153 -62.51 -29.42 -22.93
N GLY A 154 -61.97 -29.30 -21.72
CA GLY A 154 -62.47 -28.32 -20.77
C GLY A 154 -63.83 -28.68 -20.19
N TRP A 155 -64.38 -27.73 -19.44
CA TRP A 155 -65.68 -27.88 -18.82
C TRP A 155 -66.45 -26.56 -18.94
N GLY A 156 -67.77 -26.67 -18.89
CA GLY A 156 -68.62 -25.51 -18.87
C GLY A 156 -68.75 -24.92 -17.48
N PRO A 157 -69.44 -23.79 -17.38
CA PRO A 157 -69.67 -23.18 -16.07
C PRO A 157 -70.85 -23.77 -15.31
N LYS A 158 -71.79 -24.43 -15.99
CA LYS A 158 -72.96 -24.99 -15.34
C LYS A 158 -73.37 -26.27 -16.04
N GLY A 159 -74.08 -27.13 -15.31
CA GLY A 159 -74.61 -28.36 -15.87
C GLY A 159 -73.53 -29.38 -16.20
N GLN A 160 -73.95 -30.40 -16.95
CA GLN A 160 -73.05 -31.43 -17.44
C GLN A 160 -72.64 -31.20 -18.89
N GLN A 161 -73.03 -30.06 -19.47
CA GLN A 161 -72.64 -29.75 -20.83
C GLN A 161 -71.13 -29.59 -20.93
N LEU A 162 -70.58 -30.03 -22.06
CA LEU A 162 -69.14 -29.97 -22.25
C LEU A 162 -68.83 -29.78 -23.73
N ILE A 163 -67.59 -29.36 -24.00
CA ILE A 163 -67.08 -29.28 -25.37
C ILE A 163 -65.76 -30.06 -25.42
N PHE A 164 -65.33 -30.36 -26.64
CA PHE A 164 -64.02 -30.95 -26.83
C PHE A 164 -63.52 -30.61 -28.22
N ILE A 165 -62.22 -30.30 -28.31
CA ILE A 165 -61.59 -29.88 -29.56
C ILE A 165 -60.75 -31.03 -30.08
N PHE A 166 -61.14 -31.56 -31.24
CA PHE A 166 -60.41 -32.61 -31.92
C PHE A 166 -60.07 -32.15 -33.33
N GLU A 167 -58.81 -32.30 -33.72
CA GLU A 167 -58.27 -31.81 -34.99
C GLU A 167 -58.81 -30.42 -35.34
N ASN A 168 -58.70 -29.52 -34.36
CA ASN A 168 -59.11 -28.12 -34.53
C ASN A 168 -60.60 -28.00 -34.86
N ASN A 169 -61.42 -28.83 -34.23
CA ASN A 169 -62.86 -28.80 -34.43
C ASN A 169 -63.53 -28.98 -33.07
N ILE A 170 -64.41 -28.04 -32.72
CA ILE A 170 -65.09 -28.06 -31.44
C ILE A 170 -66.41 -28.81 -31.59
N TYR A 171 -66.60 -29.83 -30.75
CA TYR A 171 -67.85 -30.57 -30.70
C TYR A 171 -68.40 -30.51 -29.29
N TYR A 172 -69.69 -30.18 -29.17
CA TYR A 172 -70.33 -29.88 -27.90
C TYR A 172 -71.43 -30.89 -27.62
N CYS A 173 -71.60 -31.20 -26.33
CA CYS A 173 -72.65 -32.10 -25.86
C CYS A 173 -73.33 -31.43 -24.66
N ALA A 174 -74.59 -31.02 -24.86
CA ALA A 174 -75.37 -30.51 -23.74
C ALA A 174 -75.61 -31.61 -22.71
N HIS A 175 -75.93 -32.81 -23.16
CA HIS A 175 -76.05 -33.98 -22.30
C HIS A 175 -74.83 -34.87 -22.47
N VAL A 176 -74.30 -35.37 -21.36
CA VAL A 176 -73.18 -36.30 -21.43
C VAL A 176 -73.59 -37.57 -22.15
N GLY A 177 -74.81 -38.07 -21.87
CA GLY A 177 -75.31 -39.23 -22.59
C GLY A 177 -75.48 -38.98 -24.07
N LYS A 178 -75.80 -37.74 -24.45
CA LYS A 178 -75.92 -37.39 -25.86
C LYS A 178 -74.56 -37.48 -26.55
N GLN A 179 -74.55 -38.05 -27.74
CA GLN A 179 -73.32 -38.20 -28.50
C GLN A 179 -72.84 -36.84 -29.02
N ALA A 180 -71.60 -36.83 -29.51
CA ALA A 180 -71.01 -35.60 -30.02
C ALA A 180 -71.72 -35.14 -31.29
N ILE A 181 -71.89 -33.83 -31.42
CA ILE A 181 -72.51 -33.23 -32.59
C ILE A 181 -71.59 -32.15 -33.13
N ARG A 182 -71.73 -31.85 -34.41
CA ARG A 182 -70.89 -30.86 -35.06
C ARG A 182 -71.35 -29.45 -34.70
N VAL A 183 -70.42 -28.65 -34.18
CA VAL A 183 -70.68 -27.27 -33.81
C VAL A 183 -69.90 -26.29 -34.70
N VAL A 184 -68.66 -26.62 -35.01
CA VAL A 184 -67.85 -25.82 -35.94
C VAL A 184 -66.84 -26.75 -36.60
N SER A 185 -66.62 -26.53 -37.90
CA SER A 185 -65.73 -27.38 -38.69
C SER A 185 -64.75 -26.59 -39.53
N THR A 186 -64.74 -25.26 -39.43
CA THR A 186 -63.83 -24.45 -40.23
C THR A 186 -62.37 -24.69 -39.88
N GLY A 187 -62.10 -25.24 -38.71
CA GLY A 187 -60.72 -25.46 -38.29
C GLY A 187 -60.01 -26.47 -39.17
N LYS A 188 -58.71 -26.24 -39.35
CA LYS A 188 -57.87 -27.10 -40.18
C LYS A 188 -56.55 -27.33 -39.45
N GLU A 189 -55.98 -28.51 -39.65
CA GLU A 189 -54.78 -28.92 -38.92
C GLU A 189 -53.62 -27.96 -39.13
N GLY A 190 -53.26 -27.23 -38.08
CA GLY A 190 -52.09 -26.36 -38.10
C GLY A 190 -52.28 -25.03 -38.78
N VAL A 191 -53.41 -24.80 -39.45
CA VAL A 191 -53.64 -23.56 -40.18
C VAL A 191 -54.84 -22.79 -39.66
N ILE A 192 -55.95 -23.47 -39.39
CA ILE A 192 -57.16 -22.85 -38.88
C ILE A 192 -57.45 -23.40 -37.50
N TYR A 193 -57.52 -22.52 -36.51
CA TYR A 193 -57.77 -22.90 -35.13
C TYR A 193 -59.17 -22.45 -34.71
N ASN A 194 -59.62 -22.97 -33.58
CA ASN A 194 -60.92 -22.59 -33.02
C ASN A 194 -60.89 -22.87 -31.51
N GLY A 195 -60.74 -21.81 -30.72
CA GLY A 195 -60.65 -21.94 -29.29
C GLY A 195 -59.27 -22.28 -28.76
N LEU A 196 -58.27 -22.38 -29.63
CA LEU A 196 -56.91 -22.66 -29.23
C LEU A 196 -55.99 -21.59 -29.80
N SER A 197 -54.74 -21.60 -29.34
CA SER A 197 -53.74 -20.63 -29.74
C SER A 197 -52.57 -21.31 -30.43
N ASP A 198 -52.10 -20.73 -31.53
CA ASP A 198 -50.88 -21.20 -32.17
C ASP A 198 -49.69 -20.74 -31.33
N TRP A 199 -48.47 -21.04 -31.80
CA TRP A 199 -47.27 -20.75 -31.02
C TRP A 199 -47.21 -19.29 -30.60
N LEU A 200 -47.35 -18.37 -31.56
CA LEU A 200 -47.25 -16.95 -31.26
C LEU A 200 -48.31 -16.52 -30.25
N TYR A 201 -49.55 -16.98 -30.45
CA TYR A 201 -50.60 -16.66 -29.49
C TYR A 201 -50.49 -17.49 -28.23
N GLU A 202 -49.85 -18.65 -28.29
CA GLU A 202 -49.79 -19.49 -27.10
C GLU A 202 -48.80 -18.93 -26.07
N GLU A 203 -47.61 -18.51 -26.51
CA GLU A 203 -46.61 -18.14 -25.51
C GLU A 203 -46.19 -16.68 -25.54
N GLU A 204 -46.42 -15.94 -26.62
CA GLU A 204 -45.87 -14.59 -26.74
C GLU A 204 -46.77 -13.53 -26.12
N ILE A 205 -48.01 -13.42 -26.58
CA ILE A 205 -48.89 -12.32 -26.20
C ILE A 205 -50.02 -12.79 -25.28
N LEU A 206 -50.76 -13.83 -25.69
CA LEU A 206 -51.82 -14.34 -24.85
C LEU A 206 -51.27 -15.16 -23.68
N LYS A 207 -50.04 -15.67 -23.82
CA LYS A 207 -49.32 -16.36 -22.75
C LYS A 207 -50.03 -17.63 -22.27
N THR A 208 -50.94 -18.16 -23.08
CA THR A 208 -51.63 -19.40 -22.75
C THR A 208 -52.30 -19.92 -24.02
N HIS A 209 -52.73 -21.18 -23.97
CA HIS A 209 -53.44 -21.80 -25.07
C HIS A 209 -54.95 -21.68 -24.95
N ILE A 210 -55.43 -20.98 -23.92
CA ILE A 210 -56.88 -20.80 -23.73
C ILE A 210 -57.33 -19.67 -24.65
N ALA A 211 -58.06 -20.02 -25.72
CA ALA A 211 -58.57 -19.04 -26.66
C ALA A 211 -60.08 -19.14 -26.81
N HIS A 212 -60.76 -19.80 -25.88
CA HIS A 212 -62.21 -19.90 -25.89
C HIS A 212 -62.76 -19.49 -24.53
N TRP A 213 -63.87 -18.75 -24.54
CA TRP A 213 -64.48 -18.24 -23.33
C TRP A 213 -65.93 -18.73 -23.25
N TRP A 214 -66.27 -19.28 -22.09
CA TRP A 214 -67.63 -19.74 -21.82
C TRP A 214 -68.49 -18.58 -21.35
N SER A 215 -69.74 -18.57 -21.78
CA SER A 215 -70.70 -17.59 -21.27
C SER A 215 -70.99 -17.88 -19.80
N PRO A 216 -71.26 -16.84 -19.00
CA PRO A 216 -71.54 -17.06 -17.57
C PRO A 216 -72.71 -18.00 -17.33
N ASP A 217 -73.72 -17.98 -18.19
CA ASP A 217 -74.86 -18.88 -18.06
C ASP A 217 -74.68 -20.19 -18.82
N GLY A 218 -73.55 -20.38 -19.48
CA GLY A 218 -73.34 -21.58 -20.28
C GLY A 218 -74.25 -21.69 -21.48
N THR A 219 -74.42 -20.58 -22.22
CA THR A 219 -75.30 -20.54 -23.38
C THR A 219 -74.56 -20.41 -24.70
N ARG A 220 -73.50 -19.60 -24.75
CA ARG A 220 -72.75 -19.39 -25.98
C ARG A 220 -71.26 -19.40 -25.68
N LEU A 221 -70.48 -19.75 -26.69
CA LEU A 221 -69.02 -19.78 -26.59
C LEU A 221 -68.42 -18.73 -27.51
N ALA A 222 -67.40 -18.03 -27.02
CA ALA A 222 -66.69 -17.03 -27.80
C ALA A 222 -65.26 -17.52 -28.01
N TYR A 223 -64.92 -17.85 -29.26
CA TYR A 223 -63.62 -18.43 -29.57
C TYR A 223 -62.91 -17.61 -30.65
N ALA A 224 -61.59 -17.60 -30.60
CA ALA A 224 -60.77 -16.95 -31.60
C ALA A 224 -60.30 -17.98 -32.62
N ALA A 225 -60.50 -17.67 -33.90
CA ALA A 225 -60.06 -18.52 -35.00
C ALA A 225 -58.81 -17.90 -35.61
N ILE A 226 -57.75 -18.70 -35.72
CA ILE A 226 -56.45 -18.26 -36.19
C ILE A 226 -56.22 -18.82 -37.59
N ASN A 227 -55.94 -17.93 -38.54
CA ASN A 227 -55.65 -18.29 -39.91
C ASN A 227 -54.16 -18.13 -40.16
N ASP A 228 -53.50 -19.21 -40.59
CA ASP A 228 -52.08 -19.24 -40.85
C ASP A 228 -51.76 -19.51 -42.33
N SER A 229 -52.73 -19.27 -43.21
CA SER A 229 -52.52 -19.57 -44.62
C SER A 229 -51.39 -18.73 -45.21
N ARG A 230 -51.35 -17.43 -44.88
CA ARG A 230 -50.28 -16.55 -45.33
C ARG A 230 -49.15 -16.44 -44.33
N VAL A 231 -49.22 -17.16 -43.22
CA VAL A 231 -48.13 -17.15 -42.24
C VAL A 231 -46.98 -18.01 -42.76
N PRO A 232 -45.75 -17.49 -42.78
CA PRO A 232 -44.63 -18.30 -43.28
C PRO A 232 -44.40 -19.52 -42.42
N ILE A 233 -43.90 -20.58 -43.05
CA ILE A 233 -43.75 -21.89 -42.43
C ILE A 233 -42.27 -22.20 -42.32
N MET A 234 -41.84 -22.64 -41.13
CA MET A 234 -40.45 -23.04 -40.89
C MET A 234 -40.44 -24.45 -40.35
N GLU A 235 -39.42 -25.22 -40.74
CA GLU A 235 -39.28 -26.60 -40.35
C GLU A 235 -38.10 -26.77 -39.40
N LEU A 236 -38.23 -27.67 -38.45
CA LEU A 236 -37.19 -28.00 -37.50
C LEU A 236 -36.63 -29.39 -37.78
N PRO A 237 -35.31 -29.54 -37.81
CA PRO A 237 -34.72 -30.83 -38.19
C PRO A 237 -35.01 -31.93 -37.19
N THR A 238 -35.09 -33.15 -37.71
CA THR A 238 -35.23 -34.35 -36.90
C THR A 238 -34.00 -35.21 -37.10
N TYR A 239 -33.35 -35.60 -36.00
CA TYR A 239 -32.10 -36.35 -36.06
C TYR A 239 -32.21 -37.74 -35.46
N THR A 240 -33.41 -38.19 -35.08
CA THR A 240 -33.56 -39.46 -34.40
C THR A 240 -34.69 -40.32 -34.95
N GLY A 241 -35.62 -39.76 -35.72
CA GLY A 241 -36.82 -40.45 -36.15
C GLY A 241 -36.65 -41.86 -36.68
N SER A 242 -35.95 -42.01 -37.81
CA SER A 242 -35.82 -43.30 -38.46
C SER A 242 -34.58 -43.27 -39.35
N ILE A 243 -34.49 -44.25 -40.26
CA ILE A 243 -33.39 -44.29 -41.21
C ILE A 243 -33.39 -43.05 -42.09
N TYR A 244 -34.55 -42.47 -42.34
CA TYR A 244 -34.70 -41.27 -43.15
C TYR A 244 -35.56 -40.27 -42.42
N PRO A 245 -35.01 -39.64 -41.37
CA PRO A 245 -35.81 -38.67 -40.61
C PRO A 245 -36.18 -37.46 -41.46
N THR A 246 -37.38 -36.95 -41.22
CA THR A 246 -37.92 -35.82 -41.94
C THR A 246 -38.17 -34.66 -40.99
N VAL A 247 -38.03 -33.44 -41.52
CA VAL A 247 -38.19 -32.26 -40.70
C VAL A 247 -39.65 -32.11 -40.27
N LYS A 248 -39.85 -31.34 -39.19
CA LYS A 248 -41.18 -31.07 -38.69
C LYS A 248 -41.55 -29.64 -39.05
N PRO A 249 -42.49 -29.42 -39.96
CA PRO A 249 -42.84 -28.05 -40.35
C PRO A 249 -43.98 -27.47 -39.55
N TYR A 250 -43.88 -26.20 -39.16
CA TYR A 250 -44.98 -25.51 -38.50
C TYR A 250 -44.86 -24.02 -38.78
N HIS A 251 -45.97 -23.31 -38.59
CA HIS A 251 -46.05 -21.90 -38.95
C HIS A 251 -45.43 -21.06 -37.84
N TYR A 252 -44.24 -20.53 -38.10
CA TYR A 252 -43.50 -19.73 -37.13
C TYR A 252 -43.29 -18.34 -37.71
N PRO A 253 -44.13 -17.37 -37.37
CA PRO A 253 -43.95 -16.02 -37.93
C PRO A 253 -42.71 -15.33 -37.39
N LYS A 254 -41.71 -15.16 -38.26
CA LYS A 254 -40.49 -14.47 -37.88
C LYS A 254 -40.69 -12.96 -37.89
N ALA A 255 -39.63 -12.22 -37.64
CA ALA A 255 -39.69 -10.77 -37.70
C ALA A 255 -39.92 -10.30 -39.13
N GLY A 256 -40.74 -9.28 -39.29
CA GLY A 256 -41.05 -8.77 -40.61
C GLY A 256 -41.89 -9.68 -41.48
N SER A 257 -42.68 -10.54 -40.87
CA SER A 257 -43.56 -11.46 -41.59
C SER A 257 -45.02 -11.14 -41.29
N GLU A 258 -45.91 -11.91 -41.89
CA GLU A 258 -47.34 -11.69 -41.75
C GLU A 258 -47.85 -12.46 -40.54
N ASN A 259 -48.36 -11.73 -39.55
CA ASN A 259 -48.91 -12.34 -38.36
C ASN A 259 -50.21 -13.07 -38.70
N PRO A 260 -50.58 -14.08 -37.91
CA PRO A 260 -51.80 -14.83 -38.20
C PRO A 260 -53.04 -13.95 -38.12
N SER A 261 -54.04 -14.30 -38.94
CA SER A 261 -55.28 -13.55 -39.01
C SER A 261 -56.24 -14.09 -37.97
N ILE A 262 -56.54 -13.29 -36.95
CA ILE A 262 -57.38 -13.73 -35.84
C ILE A 262 -58.77 -13.12 -36.01
N SER A 263 -59.80 -13.98 -35.95
CA SER A 263 -61.18 -13.55 -36.06
C SER A 263 -61.97 -14.11 -34.89
N LEU A 264 -62.63 -13.23 -34.14
CA LEU A 264 -63.42 -13.67 -33.00
C LEU A 264 -64.81 -14.09 -33.46
N HIS A 265 -65.33 -15.16 -32.84
CA HIS A 265 -66.61 -15.73 -33.25
C HIS A 265 -67.38 -16.16 -32.00
N VAL A 266 -68.71 -16.15 -32.12
CA VAL A 266 -69.60 -16.59 -31.04
C VAL A 266 -70.57 -17.62 -31.62
N ILE A 267 -70.69 -18.76 -30.94
CA ILE A 267 -71.64 -19.80 -31.34
C ILE A 267 -72.47 -20.23 -30.14
N GLY A 268 -73.79 -20.29 -30.34
CA GLY A 268 -74.69 -20.77 -29.31
C GLY A 268 -74.68 -22.28 -29.17
N LEU A 269 -75.20 -22.75 -28.05
CA LEU A 269 -75.21 -24.18 -27.73
C LEU A 269 -76.52 -24.87 -28.05
N ASN A 270 -77.48 -24.17 -28.65
CA ASN A 270 -78.77 -24.76 -28.95
C ASN A 270 -79.27 -24.26 -30.30
N GLY A 271 -80.17 -25.03 -30.90
CA GLY A 271 -80.80 -24.67 -32.14
C GLY A 271 -79.84 -24.69 -33.32
N PRO A 272 -80.02 -23.78 -34.26
CA PRO A 272 -79.13 -23.72 -35.43
C PRO A 272 -77.68 -23.42 -35.06
N THR A 273 -77.43 -22.77 -33.92
CA THR A 273 -76.09 -22.41 -33.48
C THR A 273 -75.35 -21.61 -34.55
N HIS A 274 -76.06 -20.64 -35.14
CA HIS A 274 -75.48 -19.81 -36.17
C HIS A 274 -74.32 -18.99 -35.61
N ASP A 275 -73.20 -19.00 -36.33
CA ASP A 275 -72.00 -18.29 -35.88
C ASP A 275 -72.12 -16.81 -36.21
N LEU A 276 -71.70 -15.97 -35.26
CA LEU A 276 -71.65 -14.53 -35.47
C LEU A 276 -70.27 -14.03 -35.04
N GLU A 277 -69.64 -13.25 -35.92
CA GLU A 277 -68.33 -12.70 -35.63
C GLU A 277 -68.46 -11.25 -35.16
N MET A 278 -67.47 -10.82 -34.38
CA MET A 278 -67.43 -9.47 -33.83
C MET A 278 -66.48 -8.62 -34.66
N MET A 279 -66.98 -7.50 -35.17
CA MET A 279 -66.20 -6.64 -36.05
C MET A 279 -65.32 -5.71 -35.22
N PRO A 280 -64.00 -5.74 -35.38
CA PRO A 280 -63.14 -4.84 -34.63
C PRO A 280 -63.29 -3.41 -35.11
N PRO A 281 -62.78 -2.43 -34.36
CA PRO A 281 -62.73 -1.06 -34.88
C PRO A 281 -61.89 -0.97 -36.14
N ASP A 282 -61.96 0.18 -36.80
CA ASP A 282 -61.36 0.37 -38.12
C ASP A 282 -60.56 1.66 -38.18
N ASP A 283 -59.73 1.89 -37.17
CA ASP A 283 -58.79 2.99 -37.23
C ASP A 283 -57.72 2.71 -38.29
N PRO A 284 -57.18 3.75 -38.93
CA PRO A 284 -56.19 3.51 -40.00
C PRO A 284 -54.89 2.90 -39.53
N ARG A 285 -54.60 2.93 -38.23
CA ARG A 285 -53.32 2.45 -37.72
C ARG A 285 -53.46 1.17 -36.90
N MET A 286 -54.55 0.42 -37.07
CA MET A 286 -54.73 -0.82 -36.33
C MET A 286 -55.33 -1.94 -37.18
N ARG A 287 -55.28 -1.83 -38.51
CA ARG A 287 -55.90 -2.85 -39.36
C ARG A 287 -55.29 -4.22 -39.13
N GLU A 288 -54.01 -4.27 -38.77
CA GLU A 288 -53.36 -5.51 -38.34
C GLU A 288 -53.31 -5.50 -36.82
N TYR A 289 -53.86 -6.55 -36.21
CA TYR A 289 -54.22 -6.48 -34.80
C TYR A 289 -53.98 -7.82 -34.11
N TYR A 290 -53.90 -7.77 -32.80
CA TYR A 290 -53.88 -8.92 -31.91
C TYR A 290 -55.04 -8.78 -30.93
N ILE A 291 -55.75 -9.89 -30.70
CA ILE A 291 -56.78 -9.93 -29.65
C ILE A 291 -56.05 -10.38 -28.38
N THR A 292 -55.44 -9.42 -27.69
CA THR A 292 -54.63 -9.74 -26.51
C THR A 292 -55.47 -10.18 -25.32
N MET A 293 -56.77 -9.91 -25.31
CA MET A 293 -57.60 -10.22 -24.15
C MET A 293 -59.07 -10.02 -24.54
N VAL A 294 -59.93 -10.81 -23.91
CA VAL A 294 -61.37 -10.70 -24.09
C VAL A 294 -62.05 -11.30 -22.88
N LYS A 295 -63.13 -10.66 -22.43
CA LYS A 295 -63.83 -11.09 -21.22
C LYS A 295 -65.31 -10.76 -21.35
N TRP A 296 -66.16 -11.71 -20.93
CA TRP A 296 -67.60 -11.51 -20.94
C TRP A 296 -67.98 -10.39 -19.97
N ALA A 297 -68.55 -9.31 -20.51
CA ALA A 297 -69.19 -8.33 -19.65
C ALA A 297 -70.43 -8.93 -18.98
N THR A 298 -71.28 -9.59 -19.77
CA THR A 298 -72.45 -10.30 -19.28
C THR A 298 -72.58 -11.60 -20.07
N SER A 299 -73.74 -12.23 -19.98
CA SER A 299 -73.99 -13.45 -20.73
C SER A 299 -74.09 -13.24 -22.23
N THR A 300 -74.28 -11.99 -22.68
CA THR A 300 -74.34 -11.70 -24.10
C THR A 300 -73.50 -10.50 -24.54
N LYS A 301 -73.04 -9.67 -23.61
CA LYS A 301 -72.13 -8.59 -23.92
C LYS A 301 -70.72 -8.96 -23.49
N VAL A 302 -69.75 -8.70 -24.36
CA VAL A 302 -68.38 -9.13 -24.15
C VAL A 302 -67.43 -7.95 -24.35
N ALA A 303 -66.37 -7.91 -23.55
CA ALA A 303 -65.36 -6.86 -23.63
C ALA A 303 -64.11 -7.45 -24.27
N VAL A 304 -63.66 -6.83 -25.36
CA VAL A 304 -62.55 -7.33 -26.16
C VAL A 304 -61.51 -6.25 -26.33
N THR A 305 -60.24 -6.64 -26.30
CA THR A 305 -59.11 -5.73 -26.46
C THR A 305 -58.45 -5.97 -27.80
N TRP A 306 -58.09 -4.89 -28.49
CA TRP A 306 -57.43 -4.97 -29.79
C TRP A 306 -56.15 -4.15 -29.73
N LEU A 307 -55.02 -4.81 -29.99
CA LEU A 307 -53.71 -4.14 -29.98
C LEU A 307 -53.18 -4.10 -31.41
N ASN A 308 -52.85 -2.91 -31.89
CA ASN A 308 -52.45 -2.78 -33.29
C ASN A 308 -51.15 -3.54 -33.56
N ARG A 309 -50.79 -3.64 -34.85
CA ARG A 309 -49.58 -4.36 -35.22
C ARG A 309 -48.34 -3.70 -34.63
N ALA A 310 -48.28 -2.37 -34.67
CA ALA A 310 -47.22 -1.65 -33.99
C ALA A 310 -47.38 -1.69 -32.47
N GLN A 311 -48.42 -2.36 -31.98
CA GLN A 311 -48.66 -2.58 -30.54
C GLN A 311 -48.49 -1.31 -29.71
N ASN A 312 -48.80 -0.16 -30.31
CA ASN A 312 -48.77 1.11 -29.62
C ASN A 312 -50.16 1.67 -29.35
N VAL A 313 -51.22 1.05 -29.88
CA VAL A 313 -52.60 1.48 -29.65
C VAL A 313 -53.44 0.27 -29.29
N SER A 314 -54.13 0.35 -28.15
CA SER A 314 -54.97 -0.73 -27.65
C SER A 314 -56.36 -0.19 -27.39
N ILE A 315 -57.35 -0.70 -28.13
CA ILE A 315 -58.74 -0.26 -28.02
C ILE A 315 -59.52 -1.34 -27.27
N LEU A 316 -60.20 -0.94 -26.21
CA LEU A 316 -61.09 -1.81 -25.46
C LEU A 316 -62.52 -1.50 -25.85
N THR A 317 -63.30 -2.56 -26.10
CA THR A 317 -64.57 -2.46 -26.83
C THR A 317 -65.61 -3.40 -26.24
N LEU A 318 -66.87 -2.98 -26.28
CA LEU A 318 -68.00 -3.87 -26.00
C LEU A 318 -68.63 -4.35 -27.29
N CYS A 319 -69.06 -5.62 -27.29
CA CYS A 319 -69.76 -6.21 -28.42
C CYS A 319 -70.91 -7.04 -27.91
N ASP A 320 -71.96 -7.16 -28.72
CA ASP A 320 -73.12 -7.97 -28.38
C ASP A 320 -73.24 -9.11 -29.38
N ALA A 321 -73.41 -10.32 -28.87
CA ALA A 321 -73.42 -11.52 -29.71
C ALA A 321 -74.69 -11.65 -30.55
N THR A 322 -75.77 -10.95 -30.18
CA THR A 322 -77.02 -11.07 -30.92
C THR A 322 -76.87 -10.56 -32.34
N THR A 323 -76.16 -9.44 -32.51
CA THR A 323 -75.95 -8.85 -33.83
C THR A 323 -74.49 -8.79 -34.27
N GLY A 324 -73.54 -8.93 -33.35
CA GLY A 324 -72.14 -9.02 -33.70
C GLY A 324 -71.43 -7.70 -33.89
N VAL A 325 -72.09 -6.57 -33.70
CA VAL A 325 -71.42 -5.28 -33.83
C VAL A 325 -70.69 -4.98 -32.53
N CYS A 326 -69.62 -4.19 -32.63
CA CYS A 326 -68.80 -3.83 -31.48
C CYS A 326 -68.88 -2.34 -31.24
N THR A 327 -69.22 -1.95 -30.02
CA THR A 327 -69.34 -0.55 -29.63
C THR A 327 -68.05 -0.13 -28.93
N LYS A 328 -67.29 0.74 -29.58
CA LYS A 328 -66.00 1.18 -29.04
C LYS A 328 -66.19 1.84 -27.68
N LYS A 329 -65.29 1.52 -26.75
CA LYS A 329 -65.33 2.07 -25.40
C LYS A 329 -64.18 3.03 -25.14
N HIS A 330 -62.94 2.59 -25.30
CA HIS A 330 -61.82 3.45 -24.95
C HIS A 330 -60.58 3.01 -25.72
N GLU A 331 -59.57 3.88 -25.71
CA GLU A 331 -58.29 3.64 -26.37
C GLU A 331 -57.18 4.04 -25.42
N ASP A 332 -56.08 3.28 -25.46
CA ASP A 332 -54.91 3.54 -24.63
C ASP A 332 -53.66 3.45 -25.49
N GLU A 333 -52.74 4.40 -25.30
CA GLU A 333 -51.49 4.41 -26.04
C GLU A 333 -50.39 4.92 -25.12
N SER A 334 -49.19 5.04 -25.66
CA SER A 334 -48.04 5.53 -24.90
C SER A 334 -46.99 6.00 -25.89
N GLU A 335 -45.88 6.52 -25.35
CA GLU A 335 -44.79 6.99 -26.20
C GLU A 335 -43.98 5.85 -26.79
N ALA A 336 -43.99 4.67 -26.17
CA ALA A 336 -43.22 3.53 -26.67
C ALA A 336 -44.10 2.35 -27.05
N TRP A 337 -44.93 1.85 -26.14
CA TRP A 337 -45.70 0.64 -26.42
C TRP A 337 -46.75 0.47 -25.33
N LEU A 338 -47.54 -0.59 -25.47
CA LEU A 338 -48.53 -1.01 -24.49
C LEU A 338 -47.98 -2.17 -23.66
N HIS A 339 -48.54 -2.34 -22.46
CA HIS A 339 -48.06 -3.34 -21.53
C HIS A 339 -49.24 -3.89 -20.73
N ARG A 340 -49.03 -5.08 -20.16
CA ARG A 340 -50.03 -5.76 -19.32
C ARG A 340 -51.33 -5.99 -20.11
N GLN A 341 -51.19 -6.83 -21.13
CA GLN A 341 -52.25 -7.08 -22.10
C GLN A 341 -53.23 -8.17 -21.68
N ASN A 342 -53.02 -8.79 -20.51
CA ASN A 342 -53.88 -9.90 -20.09
C ASN A 342 -54.48 -9.66 -18.70
N GLU A 343 -54.72 -8.41 -18.32
CA GLU A 343 -55.41 -8.13 -17.06
C GLU A 343 -56.91 -8.02 -17.33
N GLU A 344 -57.65 -9.05 -16.96
CA GLU A 344 -59.09 -9.09 -17.22
C GLU A 344 -59.82 -8.23 -16.21
N PRO A 345 -60.58 -7.22 -16.64
CA PRO A 345 -61.35 -6.42 -15.69
C PRO A 345 -62.50 -7.21 -15.11
N VAL A 346 -62.93 -6.81 -13.91
CA VAL A 346 -64.02 -7.47 -13.21
C VAL A 346 -65.31 -6.75 -13.56
N PHE A 347 -66.27 -7.49 -14.13
CA PHE A 347 -67.57 -6.97 -14.48
C PHE A 347 -68.59 -7.43 -13.44
N SER A 348 -69.31 -6.47 -12.85
CA SER A 348 -70.22 -6.77 -11.76
C SER A 348 -71.42 -7.58 -12.24
N LYS A 349 -72.26 -7.97 -11.29
CA LYS A 349 -73.46 -8.74 -11.60
C LYS A 349 -74.42 -7.94 -12.48
N ASP A 350 -74.57 -6.65 -12.21
CA ASP A 350 -75.45 -5.79 -12.99
C ASP A 350 -74.74 -5.16 -14.18
N GLY A 351 -73.50 -5.57 -14.46
CA GLY A 351 -72.75 -4.97 -15.54
C GLY A 351 -72.29 -3.56 -15.27
N ARG A 352 -72.11 -3.21 -13.99
CA ARG A 352 -71.78 -1.85 -13.59
C ARG A 352 -70.28 -1.62 -13.88
N LYS A 353 -69.74 -0.54 -13.33
CA LYS A 353 -68.39 -0.07 -13.66
C LYS A 353 -67.35 -1.16 -13.51
N PHE A 354 -66.74 -1.55 -14.62
CA PHE A 354 -65.60 -2.45 -14.60
C PHE A 354 -64.34 -1.68 -14.19
N PHE A 355 -63.38 -2.41 -13.65
CA PHE A 355 -62.22 -1.87 -12.97
C PHE A 355 -60.97 -2.39 -13.70
N PHE A 356 -60.53 -1.63 -14.70
CA PHE A 356 -59.44 -2.08 -15.58
C PHE A 356 -58.18 -1.29 -15.28
N ILE A 357 -57.08 -1.98 -15.05
CA ILE A 357 -55.82 -1.32 -14.76
C ILE A 357 -55.26 -0.73 -16.05
N ARG A 358 -54.79 0.52 -15.97
CA ARG A 358 -54.22 1.19 -17.13
C ARG A 358 -53.21 2.21 -16.64
N ALA A 359 -52.55 2.87 -17.61
CA ALA A 359 -51.44 3.78 -17.32
C ALA A 359 -51.98 5.16 -16.97
N ILE A 360 -51.93 5.51 -15.69
CA ILE A 360 -52.18 6.88 -15.25
C ILE A 360 -50.82 7.53 -15.03
N PRO A 361 -50.69 8.85 -15.22
CA PRO A 361 -49.35 9.47 -15.17
C PRO A 361 -48.59 9.22 -13.87
N GLN A 362 -49.28 9.23 -12.73
CA GLN A 362 -48.67 8.92 -11.43
C GLN A 362 -47.42 9.78 -11.18
N GLY A 363 -47.51 11.05 -11.55
CA GLY A 363 -46.39 11.96 -11.33
C GLY A 363 -45.17 11.53 -12.12
N GLY A 364 -43.99 11.72 -11.51
CA GLY A 364 -42.75 11.37 -12.15
C GLY A 364 -42.50 9.86 -12.18
N ARG A 365 -41.34 9.50 -12.72
CA ARG A 365 -40.93 8.10 -12.88
C ARG A 365 -41.94 7.31 -13.70
N GLY A 366 -42.47 7.94 -14.74
CA GLY A 366 -43.32 7.26 -15.70
C GLY A 366 -44.75 7.10 -15.23
N LYS A 367 -45.59 6.65 -16.17
CA LYS A 367 -47.02 6.49 -15.91
C LYS A 367 -47.26 5.10 -15.34
N PHE A 368 -47.43 5.03 -14.01
CA PHE A 368 -47.67 3.76 -13.36
C PHE A 368 -49.02 3.18 -13.77
N TYR A 369 -49.26 1.94 -13.37
CA TYR A 369 -50.44 1.18 -13.76
C TYR A 369 -51.38 1.08 -12.57
N HIS A 370 -52.53 1.74 -12.67
CA HIS A 370 -53.50 1.78 -11.59
C HIS A 370 -54.90 1.52 -12.14
N ILE A 371 -55.80 1.12 -11.25
CA ILE A 371 -57.15 0.75 -11.65
C ILE A 371 -57.89 1.98 -12.16
N THR A 372 -58.75 1.75 -13.16
CA THR A 372 -59.59 2.78 -13.76
C THR A 372 -61.03 2.29 -13.74
N VAL A 373 -61.93 3.13 -13.25
CA VAL A 373 -63.34 2.81 -13.15
C VAL A 373 -64.04 3.25 -14.43
N SER A 374 -64.88 2.38 -15.00
CA SER A 374 -65.66 2.77 -16.16
C SER A 374 -67.05 2.18 -16.09
N SER A 375 -68.07 3.01 -16.31
CA SER A 375 -69.45 2.58 -16.17
C SER A 375 -69.84 1.64 -17.32
N SER A 376 -71.07 1.13 -17.25
CA SER A 376 -71.57 0.24 -18.30
C SER A 376 -71.68 0.98 -19.63
N GLN A 377 -72.27 2.17 -19.61
CA GLN A 377 -72.45 3.00 -20.80
C GLN A 377 -71.97 4.41 -20.52
N PRO A 378 -70.65 4.61 -20.45
CA PRO A 378 -70.13 5.96 -20.24
C PRO A 378 -70.47 6.89 -21.41
N ASN A 379 -70.67 8.16 -21.08
CA ASN A 379 -70.99 9.14 -22.11
C ASN A 379 -69.79 9.34 -23.03
N SER A 380 -70.08 9.48 -24.33
CA SER A 380 -69.01 9.70 -25.30
C SER A 380 -68.32 11.04 -25.07
N SER A 381 -69.02 12.01 -24.48
CA SER A 381 -68.40 13.31 -24.19
C SER A 381 -67.27 13.16 -23.19
N ASN A 382 -67.49 12.41 -22.11
CA ASN A 382 -66.47 12.19 -21.10
C ASN A 382 -66.82 10.94 -20.31
N ASP A 383 -65.81 10.11 -20.06
CA ASP A 383 -65.99 8.90 -19.28
C ASP A 383 -65.72 9.20 -17.79
N ASN A 384 -65.89 8.17 -16.96
CA ASN A 384 -65.73 8.29 -15.52
C ASN A 384 -64.42 7.67 -15.04
N ILE A 385 -63.33 7.85 -15.79
CA ILE A 385 -62.04 7.28 -15.41
C ILE A 385 -61.66 7.77 -14.02
N GLN A 386 -61.38 6.82 -13.12
CA GLN A 386 -61.07 7.13 -11.74
C GLN A 386 -59.99 6.18 -11.25
N SER A 387 -58.93 6.75 -10.65
CA SER A 387 -57.81 5.96 -10.14
C SER A 387 -58.14 5.52 -8.72
N ILE A 388 -58.65 4.29 -8.58
CA ILE A 388 -58.93 3.75 -7.25
C ILE A 388 -57.64 3.63 -6.45
N THR A 389 -56.59 3.07 -7.06
CA THR A 389 -55.29 2.93 -6.43
C THR A 389 -54.36 4.04 -6.91
N SER A 390 -53.43 4.43 -6.03
CA SER A 390 -52.47 5.48 -6.36
C SER A 390 -51.28 5.36 -5.44
N GLY A 391 -50.08 5.37 -6.02
CA GLY A 391 -48.86 5.30 -5.24
C GLY A 391 -47.68 4.93 -6.12
N ASP A 392 -46.55 4.70 -5.45
CA ASP A 392 -45.32 4.29 -6.12
C ASP A 392 -45.27 2.77 -6.30
N TRP A 393 -46.31 2.27 -6.97
CA TRP A 393 -46.50 0.84 -7.19
C TRP A 393 -47.60 0.66 -8.22
N ASP A 394 -47.89 -0.61 -8.53
CA ASP A 394 -48.96 -0.97 -9.45
C ASP A 394 -49.76 -2.10 -8.82
N VAL A 395 -50.70 -2.65 -9.58
CA VAL A 395 -51.50 -3.79 -9.16
C VAL A 395 -51.16 -4.97 -10.06
N THR A 396 -50.62 -6.04 -9.45
CA THR A 396 -50.29 -7.23 -10.24
C THR A 396 -51.54 -7.87 -10.82
N LYS A 397 -52.60 -7.99 -10.01
CA LYS A 397 -53.85 -8.53 -10.50
C LYS A 397 -54.99 -8.10 -9.59
N ILE A 398 -56.19 -8.05 -10.14
CA ILE A 398 -57.39 -7.66 -9.40
C ILE A 398 -58.26 -8.90 -9.22
N LEU A 399 -58.60 -9.20 -7.97
CA LEU A 399 -59.32 -10.43 -7.67
C LEU A 399 -60.82 -10.27 -7.91
N ALA A 400 -61.46 -9.39 -7.16
CA ALA A 400 -62.91 -9.18 -7.26
C ALA A 400 -63.31 -7.97 -6.44
N TYR A 401 -64.42 -7.36 -6.82
CA TYR A 401 -64.98 -6.22 -6.10
C TYR A 401 -66.27 -6.64 -5.41
N ASP A 402 -66.37 -6.34 -4.11
CA ASP A 402 -67.53 -6.69 -3.32
C ASP A 402 -68.72 -5.83 -3.76
N GLU A 403 -69.64 -6.44 -4.52
CA GLU A 403 -70.79 -5.69 -5.01
C GLU A 403 -71.70 -5.25 -3.87
N LYS A 404 -71.71 -5.99 -2.76
CA LYS A 404 -72.52 -5.64 -1.60
C LYS A 404 -71.68 -4.82 -0.60
N GLY A 405 -71.16 -3.72 -1.09
CA GLY A 405 -70.32 -2.85 -0.30
C GLY A 405 -69.24 -2.23 -1.16
N ASN A 406 -68.16 -1.81 -0.51
CA ASN A 406 -67.00 -1.21 -1.18
C ASN A 406 -65.75 -1.95 -0.72
N LYS A 407 -65.44 -3.07 -1.38
CA LYS A 407 -64.25 -3.85 -1.03
C LYS A 407 -63.77 -4.53 -2.31
N ILE A 408 -62.80 -3.90 -2.98
CA ILE A 408 -62.14 -4.49 -4.14
C ILE A 408 -60.83 -5.12 -3.67
N TYR A 409 -60.68 -6.42 -3.91
CA TYR A 409 -59.53 -7.19 -3.46
C TYR A 409 -58.56 -7.35 -4.62
N PHE A 410 -57.27 -7.17 -4.36
CA PHE A 410 -56.28 -7.27 -5.41
C PHE A 410 -54.91 -7.58 -4.83
N LEU A 411 -54.10 -8.26 -5.64
CA LEU A 411 -52.70 -8.49 -5.34
C LEU A 411 -51.87 -7.41 -6.02
N SER A 412 -51.05 -6.71 -5.23
CA SER A 412 -50.32 -5.55 -5.72
C SER A 412 -48.97 -5.47 -5.02
N THR A 413 -48.17 -4.49 -5.42
CA THR A 413 -46.82 -4.28 -4.90
C THR A 413 -46.72 -3.04 -4.04
N GLU A 414 -47.71 -2.80 -3.16
CA GLU A 414 -47.75 -1.56 -2.40
C GLU A 414 -46.50 -1.36 -1.56
N ASP A 415 -45.90 -2.44 -1.07
CA ASP A 415 -44.70 -2.30 -0.24
C ASP A 415 -43.45 -2.14 -1.09
N LEU A 416 -43.11 -3.16 -1.88
CA LEU A 416 -41.95 -3.14 -2.75
C LEU A 416 -42.31 -3.78 -4.09
N PRO A 417 -41.64 -3.39 -5.17
CA PRO A 417 -41.88 -4.06 -6.46
C PRO A 417 -41.49 -5.54 -6.45
N ARG A 418 -40.60 -5.96 -5.56
CA ARG A 418 -40.16 -7.35 -5.50
C ARG A 418 -41.00 -8.20 -4.55
N ARG A 419 -42.00 -7.62 -3.90
CA ARG A 419 -42.89 -8.37 -3.03
C ARG A 419 -44.33 -8.12 -3.45
N ARG A 420 -45.15 -9.16 -3.33
CA ARG A 420 -46.56 -9.10 -3.70
C ARG A 420 -47.44 -9.34 -2.49
N GLN A 421 -48.41 -8.45 -2.29
CA GLN A 421 -49.23 -8.38 -1.09
C GLN A 421 -50.70 -8.31 -1.49
N LEU A 422 -51.55 -8.91 -0.66
CA LEU A 422 -52.99 -8.77 -0.83
C LEU A 422 -53.47 -7.48 -0.17
N TYR A 423 -54.42 -6.81 -0.82
CA TYR A 423 -54.96 -5.56 -0.30
C TYR A 423 -56.40 -5.39 -0.74
N SER A 424 -57.11 -4.55 -0.02
CA SER A 424 -58.51 -4.22 -0.32
C SER A 424 -58.67 -2.71 -0.32
N ALA A 425 -59.31 -2.20 -1.36
CA ALA A 425 -59.61 -0.77 -1.48
C ALA A 425 -61.11 -0.54 -1.48
N ASN A 426 -61.49 0.71 -1.28
CA ASN A 426 -62.90 1.11 -1.27
C ASN A 426 -63.21 1.83 -2.57
N THR A 427 -64.28 1.39 -3.24
CA THR A 427 -64.64 1.92 -4.55
C THR A 427 -65.36 3.26 -4.46
N VAL A 428 -65.67 3.72 -3.26
CA VAL A 428 -66.26 5.03 -3.07
C VAL A 428 -65.13 5.99 -2.68
N GLY A 429 -65.43 7.28 -2.64
CA GLY A 429 -64.44 8.32 -2.44
C GLY A 429 -63.49 8.13 -1.28
N ASN A 430 -63.78 7.17 -0.40
CA ASN A 430 -62.84 6.83 0.66
C ASN A 430 -61.49 6.39 0.09
N PHE A 431 -61.52 5.45 -0.86
CA PHE A 431 -60.30 4.94 -1.51
C PHE A 431 -59.27 4.47 -0.47
N ASN A 432 -59.74 3.71 0.51
CA ASN A 432 -58.91 3.25 1.61
C ASN A 432 -58.33 1.88 1.28
N ARG A 433 -57.03 1.84 0.99
CA ARG A 433 -56.33 0.59 0.71
C ARG A 433 -55.91 -0.04 2.03
N GLN A 434 -56.85 -0.76 2.65
CA GLN A 434 -56.62 -1.39 3.94
C GLN A 434 -55.78 -2.65 3.78
N CYS A 435 -55.04 -2.99 4.84
CA CYS A 435 -54.37 -4.29 4.92
C CYS A 435 -55.38 -5.40 5.16
N LEU A 436 -55.37 -6.40 4.29
CA LEU A 436 -55.93 -7.71 4.57
C LEU A 436 -54.84 -8.73 4.86
N SER A 437 -53.84 -8.82 3.98
CA SER A 437 -52.66 -9.63 4.29
C SER A 437 -51.58 -8.79 4.96
N CYS A 438 -51.04 -7.80 4.24
CA CYS A 438 -50.20 -6.73 4.79
C CYS A 438 -49.22 -7.27 5.84
N ASP A 439 -48.54 -8.36 5.46
CA ASP A 439 -47.62 -9.07 6.33
C ASP A 439 -48.30 -9.60 7.59
N LEU A 440 -49.27 -10.50 7.38
CA LEU A 440 -49.89 -11.21 8.50
C LEU A 440 -49.11 -12.45 8.91
N VAL A 441 -48.09 -12.84 8.15
CA VAL A 441 -47.21 -13.95 8.48
C VAL A 441 -45.78 -13.44 8.51
N GLU A 442 -45.04 -13.81 9.56
CA GLU A 442 -43.72 -13.23 9.79
C GLU A 442 -42.73 -13.61 8.69
N ASN A 443 -42.79 -14.85 8.19
CA ASN A 443 -41.70 -15.37 7.37
C ASN A 443 -41.86 -14.98 5.89
N CYS A 444 -43.01 -15.29 5.29
CA CYS A 444 -43.10 -15.27 3.84
C CYS A 444 -43.08 -13.84 3.29
N THR A 445 -44.01 -13.00 3.74
CA THR A 445 -44.22 -11.64 3.20
C THR A 445 -44.50 -11.65 1.71
N TYR A 446 -44.69 -12.83 1.12
CA TYR A 446 -45.09 -13.01 -0.27
C TYR A 446 -46.49 -13.59 -0.25
N PHE A 447 -47.34 -13.18 -1.19
CA PHE A 447 -48.75 -13.54 -1.09
C PHE A 447 -49.37 -13.73 -2.46
N SER A 448 -50.42 -14.56 -2.49
CA SER A 448 -51.28 -14.74 -3.65
C SER A 448 -52.62 -15.23 -3.14
N ALA A 449 -53.69 -14.49 -3.45
CA ALA A 449 -55.00 -14.76 -2.88
C ALA A 449 -56.02 -15.03 -3.96
N SER A 450 -57.01 -15.87 -3.62
CA SER A 450 -58.10 -16.22 -4.53
C SER A 450 -59.39 -16.26 -3.74
N PHE A 451 -60.37 -15.45 -4.15
CA PHE A 451 -61.63 -15.30 -3.44
C PHE A 451 -62.73 -16.14 -4.08
N SER A 452 -63.90 -16.11 -3.46
CA SER A 452 -65.06 -16.90 -3.86
C SER A 452 -66.09 -16.02 -4.56
N HIS A 453 -67.26 -16.59 -4.85
CA HIS A 453 -68.31 -15.85 -5.54
C HIS A 453 -68.82 -14.68 -4.71
N SER A 454 -68.91 -14.86 -3.38
CA SER A 454 -69.21 -13.74 -2.49
C SER A 454 -67.95 -13.10 -1.90
N MET A 455 -66.78 -13.67 -2.19
CA MET A 455 -65.51 -13.16 -1.67
C MET A 455 -65.51 -13.03 -0.14
N ASP A 456 -66.35 -13.81 0.54
CA ASP A 456 -66.27 -13.86 2.00
C ASP A 456 -65.08 -14.69 2.46
N PHE A 457 -64.82 -15.80 1.79
CA PHE A 457 -63.74 -16.72 2.13
C PHE A 457 -62.76 -16.82 0.97
N PHE A 458 -61.47 -16.74 1.27
CA PHE A 458 -60.43 -16.74 0.25
C PHE A 458 -59.26 -17.60 0.69
N LEU A 459 -58.54 -18.12 -0.30
CA LEU A 459 -57.33 -18.90 -0.07
C LEU A 459 -56.11 -18.02 -0.28
N LEU A 460 -55.11 -18.19 0.59
CA LEU A 460 -53.89 -17.40 0.58
C LEU A 460 -52.68 -18.31 0.49
N LYS A 461 -51.69 -17.89 -0.28
CA LYS A 461 -50.45 -18.66 -0.46
C LYS A 461 -49.25 -17.75 -0.27
N CYS A 462 -48.29 -18.19 0.54
CA CYS A 462 -47.09 -17.39 0.78
C CYS A 462 -46.06 -17.56 -0.34
N GLU A 463 -45.54 -18.77 -0.51
CA GLU A 463 -44.58 -19.10 -1.56
C GLU A 463 -43.31 -18.25 -1.45
N GLY A 464 -42.59 -18.43 -0.35
CA GLY A 464 -41.26 -17.88 -0.21
C GLY A 464 -41.18 -16.59 0.57
N PRO A 465 -39.96 -16.24 1.04
CA PRO A 465 -38.72 -17.02 0.90
C PRO A 465 -38.68 -18.24 1.80
N GLY A 466 -39.67 -18.36 2.68
CA GLY A 466 -39.80 -19.53 3.51
C GLY A 466 -40.51 -20.65 2.79
N VAL A 467 -40.77 -21.72 3.53
CA VAL A 467 -41.52 -22.85 2.96
C VAL A 467 -42.92 -22.36 2.56
N PRO A 468 -43.41 -22.67 1.37
CA PRO A 468 -44.70 -22.13 0.94
C PRO A 468 -45.83 -22.59 1.86
N MET A 469 -46.81 -21.70 2.02
CA MET A 469 -47.97 -21.95 2.86
C MET A 469 -49.23 -21.89 2.00
N VAL A 470 -50.20 -22.72 2.35
CA VAL A 470 -51.52 -22.69 1.73
C VAL A 470 -52.54 -22.65 2.86
N THR A 471 -53.32 -21.57 2.91
CA THR A 471 -54.16 -21.30 4.07
C THR A 471 -55.54 -20.83 3.63
N VAL A 472 -56.54 -21.12 4.45
CA VAL A 472 -57.89 -20.61 4.29
C VAL A 472 -58.03 -19.38 5.18
N HIS A 473 -58.80 -18.39 4.72
CA HIS A 473 -58.99 -17.16 5.48
C HIS A 473 -60.32 -16.55 5.08
N ASN A 474 -60.78 -15.58 5.87
CA ASN A 474 -62.00 -14.86 5.58
C ASN A 474 -61.73 -13.36 5.57
N THR A 475 -62.52 -12.63 4.78
CA THR A 475 -62.43 -11.18 4.75
C THR A 475 -63.19 -10.52 5.89
N THR A 476 -63.97 -11.29 6.65
CA THR A 476 -64.74 -10.73 7.76
C THR A 476 -63.90 -10.65 9.02
N ASP A 477 -63.37 -11.80 9.47
CA ASP A 477 -62.59 -11.87 10.70
C ASP A 477 -61.09 -11.91 10.47
N LYS A 478 -60.65 -12.22 9.25
CA LYS A 478 -59.22 -12.39 8.95
C LYS A 478 -58.58 -13.41 9.89
N LYS A 479 -59.33 -14.47 10.19
CA LYS A 479 -58.89 -15.53 11.09
C LYS A 479 -58.44 -16.75 10.29
N LYS A 480 -57.45 -17.45 10.85
CA LYS A 480 -56.89 -18.65 10.22
C LYS A 480 -57.55 -19.87 10.88
N MET A 481 -58.54 -20.43 10.20
CA MET A 481 -59.19 -21.63 10.71
C MET A 481 -58.24 -22.82 10.71
N PHE A 482 -57.57 -23.05 9.58
CA PHE A 482 -56.61 -24.15 9.46
C PHE A 482 -55.78 -23.91 8.21
N ASP A 483 -54.61 -24.55 8.16
CA ASP A 483 -53.72 -24.49 7.01
C ASP A 483 -54.10 -25.59 6.03
N LEU A 484 -54.34 -25.20 4.78
CA LEU A 484 -54.77 -26.18 3.79
C LEU A 484 -53.62 -27.07 3.36
N GLU A 485 -52.42 -26.49 3.23
CA GLU A 485 -51.22 -27.26 2.93
C GLU A 485 -50.03 -26.51 3.49
N THR A 486 -49.14 -27.24 4.18
CA THR A 486 -48.00 -26.63 4.86
C THR A 486 -46.66 -27.02 4.26
N ASN A 487 -46.61 -27.97 3.33
CA ASN A 487 -45.35 -28.51 2.81
C ASN A 487 -44.45 -28.98 3.95
N GLU A 488 -45.03 -29.82 4.82
CA GLU A 488 -44.30 -30.29 6.00
C GLU A 488 -43.02 -31.01 5.61
N HIS A 489 -43.05 -31.77 4.51
CA HIS A 489 -41.82 -32.37 4.02
C HIS A 489 -40.79 -31.31 3.66
N VAL A 490 -41.24 -30.24 2.97
CA VAL A 490 -40.35 -29.13 2.69
C VAL A 490 -39.96 -28.41 3.98
N LYS A 491 -40.88 -28.33 4.94
CA LYS A 491 -40.58 -27.67 6.20
C LYS A 491 -39.42 -28.36 6.93
N LYS A 492 -39.42 -29.69 6.95
CA LYS A 492 -38.29 -30.39 7.57
C LYS A 492 -37.06 -30.40 6.67
N ALA A 493 -37.24 -30.44 5.36
CA ALA A 493 -36.09 -30.47 4.45
C ALA A 493 -35.30 -29.17 4.50
N ILE A 494 -35.99 -28.03 4.66
CA ILE A 494 -35.29 -26.74 4.68
C ILE A 494 -34.34 -26.65 5.87
N ASN A 495 -34.57 -27.44 6.92
CA ASN A 495 -33.65 -27.52 8.05
C ASN A 495 -32.77 -28.76 8.00
N ASP A 496 -33.09 -29.73 7.13
CA ASP A 496 -32.26 -30.93 7.02
C ASP A 496 -30.87 -30.59 6.52
N ARG A 497 -30.75 -29.70 5.54
CA ARG A 497 -29.48 -29.39 4.89
C ARG A 497 -29.09 -27.94 5.17
N GLN A 498 -27.93 -27.56 4.64
CA GLN A 498 -27.38 -26.22 4.82
C GLN A 498 -27.87 -25.33 3.69
N MET A 499 -29.05 -24.75 3.87
CA MET A 499 -29.62 -23.90 2.84
C MET A 499 -28.82 -22.60 2.74
N PRO A 500 -28.61 -22.09 1.53
CA PRO A 500 -27.89 -20.82 1.37
C PRO A 500 -28.61 -19.66 2.04
N LYS A 501 -27.83 -18.76 2.63
CA LYS A 501 -28.39 -17.54 3.20
C LYS A 501 -28.52 -16.47 2.12
N VAL A 502 -29.62 -15.74 2.16
CA VAL A 502 -29.96 -14.77 1.14
C VAL A 502 -29.63 -13.37 1.65
N GLU A 503 -29.19 -12.52 0.73
CA GLU A 503 -28.86 -11.13 1.04
C GLU A 503 -29.44 -10.23 -0.05
N TYR A 504 -29.69 -8.97 0.30
CA TYR A 504 -30.23 -8.01 -0.65
C TYR A 504 -29.46 -6.71 -0.53
N ARG A 505 -29.27 -6.04 -1.67
CA ARG A 505 -28.54 -4.78 -1.73
C ARG A 505 -29.09 -3.98 -2.89
N ASP A 506 -29.95 -3.01 -2.60
CA ASP A 506 -30.50 -2.16 -3.63
C ASP A 506 -29.40 -1.29 -4.25
N ILE A 507 -29.50 -1.08 -5.56
CA ILE A 507 -28.55 -0.27 -6.30
C ILE A 507 -29.32 0.89 -6.92
N GLU A 508 -28.59 1.98 -7.19
CA GLU A 508 -29.17 3.14 -7.84
C GLU A 508 -28.21 3.68 -8.89
N ILE A 509 -28.71 3.83 -10.11
CA ILE A 509 -27.92 4.37 -11.21
C ILE A 509 -28.75 5.46 -11.89
N ASP A 510 -28.15 6.64 -12.05
CA ASP A 510 -28.82 7.82 -12.62
C ASP A 510 -30.05 8.08 -11.75
N ASP A 511 -31.26 8.17 -12.31
CA ASP A 511 -32.49 8.31 -11.55
C ASP A 511 -33.28 7.02 -11.51
N TYR A 512 -32.59 5.88 -11.45
CA TYR A 512 -33.22 4.58 -11.51
C TYR A 512 -32.81 3.73 -10.31
N ASN A 513 -33.78 3.01 -9.75
CA ASN A 513 -33.55 2.11 -8.62
C ASN A 513 -33.66 0.67 -9.11
N LEU A 514 -32.76 -0.18 -8.61
CA LEU A 514 -32.58 -1.53 -9.13
C LEU A 514 -32.35 -2.52 -8.00
N PRO A 515 -33.31 -3.38 -7.69
CA PRO A 515 -33.09 -4.40 -6.67
C PRO A 515 -32.07 -5.44 -7.12
N MET A 516 -31.44 -6.08 -6.13
CA MET A 516 -30.40 -7.05 -6.43
C MET A 516 -30.33 -8.05 -5.27
N GLN A 517 -30.09 -9.31 -5.61
CA GLN A 517 -30.14 -10.42 -4.67
C GLN A 517 -28.85 -11.22 -4.73
N ILE A 518 -28.45 -11.78 -3.57
CA ILE A 518 -27.20 -12.51 -3.43
C ILE A 518 -27.50 -13.77 -2.63
N LEU A 519 -26.77 -14.85 -2.93
CA LEU A 519 -26.81 -16.06 -2.12
C LEU A 519 -25.42 -16.39 -1.63
N LYS A 520 -25.36 -16.97 -0.42
CA LYS A 520 -24.11 -17.40 0.19
C LYS A 520 -24.30 -18.79 0.77
N PRO A 521 -23.21 -19.57 0.91
CA PRO A 521 -23.35 -20.95 1.40
C PRO A 521 -23.72 -21.05 2.88
N ALA A 522 -23.80 -19.93 3.60
CA ALA A 522 -24.26 -19.86 4.98
C ALA A 522 -23.23 -20.44 5.96
N THR A 523 -22.15 -21.01 5.43
CA THR A 523 -21.02 -21.46 6.23
C THR A 523 -19.76 -20.72 5.80
N PHE A 524 -19.89 -19.43 5.54
CA PHE A 524 -18.81 -18.64 4.99
C PHE A 524 -17.68 -18.44 5.99
N THR A 525 -16.45 -18.51 5.51
CA THR A 525 -15.26 -18.20 6.29
C THR A 525 -14.47 -17.11 5.59
N ASP A 526 -14.05 -16.10 6.35
CA ASP A 526 -13.42 -14.94 5.73
C ASP A 526 -12.09 -15.28 5.07
N THR A 527 -11.39 -16.30 5.57
CA THR A 527 -10.11 -16.69 4.97
C THR A 527 -10.29 -17.19 3.55
N THR A 528 -11.31 -18.02 3.32
CA THR A 528 -11.52 -18.59 2.00
C THR A 528 -12.12 -17.56 1.04
N HIS A 529 -11.74 -17.67 -0.22
CA HIS A 529 -12.30 -16.85 -1.29
C HIS A 529 -13.30 -17.68 -2.09
N TYR A 530 -14.46 -17.06 -2.37
CA TYR A 530 -15.50 -17.74 -3.14
C TYR A 530 -15.72 -17.04 -4.48
N PRO A 531 -15.88 -17.80 -5.55
CA PRO A 531 -16.05 -17.18 -6.87
C PRO A 531 -17.45 -16.61 -7.05
N LEU A 532 -17.59 -15.80 -8.10
CA LEU A 532 -18.82 -15.08 -8.40
C LEU A 532 -19.50 -15.70 -9.62
N LEU A 533 -20.81 -15.90 -9.51
CA LEU A 533 -21.63 -16.34 -10.62
C LEU A 533 -22.78 -15.35 -10.79
N LEU A 534 -22.99 -14.89 -12.03
CA LEU A 534 -23.99 -13.88 -12.34
C LEU A 534 -25.03 -14.47 -13.27
N VAL A 535 -26.29 -14.50 -12.81
CA VAL A 535 -27.40 -15.03 -13.58
C VAL A 535 -28.37 -13.89 -13.89
N VAL A 536 -28.70 -13.72 -15.16
CA VAL A 536 -29.64 -12.69 -15.60
C VAL A 536 -30.58 -13.26 -16.66
N ASP A 537 -31.77 -12.68 -16.73
CA ASP A 537 -32.72 -12.94 -17.80
C ASP A 537 -32.93 -11.69 -18.65
N GLY A 538 -33.31 -10.58 -18.04
CA GLY A 538 -33.40 -9.30 -18.71
C GLY A 538 -34.58 -9.14 -19.66
N THR A 539 -35.44 -10.14 -19.79
CA THR A 539 -36.57 -10.04 -20.70
C THR A 539 -37.60 -9.04 -20.16
N PRO A 540 -38.27 -8.31 -21.05
CA PRO A 540 -39.29 -7.36 -20.59
C PRO A 540 -40.43 -8.06 -19.88
N GLY A 541 -41.02 -7.37 -18.91
CA GLY A 541 -42.08 -7.94 -18.11
C GLY A 541 -41.64 -9.09 -17.22
N SER A 542 -40.48 -8.95 -16.57
CA SER A 542 -39.94 -9.99 -15.72
C SER A 542 -39.28 -9.34 -14.51
N GLN A 543 -38.99 -10.18 -13.51
CA GLN A 543 -38.37 -9.71 -12.26
C GLN A 543 -37.47 -10.84 -11.75
N SER A 544 -36.19 -10.77 -12.11
CA SER A 544 -35.24 -11.80 -11.69
C SER A 544 -34.97 -11.71 -10.18
N VAL A 545 -34.91 -10.50 -9.64
CA VAL A 545 -34.64 -10.31 -8.21
C VAL A 545 -35.99 -10.40 -7.50
N ALA A 546 -36.34 -11.60 -7.06
CA ALA A 546 -37.56 -11.86 -6.32
C ALA A 546 -37.26 -12.74 -5.13
N GLU A 547 -38.08 -12.61 -4.09
CA GLU A 547 -37.91 -13.39 -2.87
C GLU A 547 -38.54 -14.78 -2.96
N LYS A 548 -38.82 -15.25 -4.17
CA LYS A 548 -39.49 -16.53 -4.34
C LYS A 548 -38.60 -17.68 -3.85
N PHE A 549 -39.21 -18.64 -3.17
CA PHE A 549 -38.51 -19.83 -2.73
C PHE A 549 -38.39 -20.81 -3.87
N GLU A 550 -37.18 -21.32 -4.10
CA GLU A 550 -36.95 -22.23 -5.20
C GLU A 550 -35.67 -23.00 -4.96
N VAL A 551 -35.62 -24.23 -5.46
CA VAL A 551 -34.42 -25.05 -5.47
C VAL A 551 -34.04 -25.33 -6.91
N SER A 552 -32.80 -25.03 -7.26
CA SER A 552 -32.33 -25.15 -8.63
C SER A 552 -30.84 -25.46 -8.59
N TRP A 553 -30.18 -25.35 -9.76
CA TRP A 553 -28.74 -25.58 -9.82
C TRP A 553 -28.00 -24.53 -9.00
N GLU A 554 -28.54 -23.31 -8.90
CA GLU A 554 -27.86 -22.24 -8.19
C GLU A 554 -27.68 -22.59 -6.72
N THR A 555 -28.75 -23.04 -6.06
CA THR A 555 -28.66 -23.36 -4.64
C THR A 555 -27.72 -24.53 -4.39
N VAL A 556 -27.80 -25.56 -5.24
CA VAL A 556 -26.93 -26.73 -5.08
C VAL A 556 -25.47 -26.32 -5.24
N MET A 557 -25.18 -25.52 -6.27
CA MET A 557 -23.81 -25.08 -6.50
C MET A 557 -23.30 -24.22 -5.36
N VAL A 558 -24.12 -23.29 -4.87
CA VAL A 558 -23.71 -22.42 -3.76
C VAL A 558 -23.44 -23.26 -2.52
N SER A 559 -24.31 -24.23 -2.24
CA SER A 559 -24.13 -25.05 -1.04
C SER A 559 -22.89 -25.91 -1.13
N SER A 560 -22.71 -26.64 -2.24
CA SER A 560 -21.66 -27.65 -2.33
C SER A 560 -20.35 -27.07 -2.85
N HIS A 561 -20.36 -26.52 -4.07
CA HIS A 561 -19.12 -26.12 -4.73
C HIS A 561 -18.50 -24.88 -4.11
N GLY A 562 -19.19 -24.20 -3.21
CA GLY A 562 -18.63 -23.03 -2.56
C GLY A 562 -18.48 -21.83 -3.47
N ALA A 563 -19.61 -21.29 -3.93
CA ALA A 563 -19.60 -20.10 -4.75
C ALA A 563 -20.82 -19.26 -4.40
N VAL A 564 -20.76 -17.97 -4.71
CA VAL A 564 -21.84 -17.02 -4.44
C VAL A 564 -22.44 -16.60 -5.76
N VAL A 565 -23.78 -16.57 -5.82
CA VAL A 565 -24.51 -16.19 -7.02
C VAL A 565 -25.20 -14.86 -6.76
N VAL A 566 -25.17 -13.99 -7.77
CA VAL A 566 -25.71 -12.65 -7.70
C VAL A 566 -26.65 -12.43 -8.88
N LYS A 567 -27.84 -11.88 -8.60
CA LYS A 567 -28.79 -11.52 -9.65
C LYS A 567 -29.13 -10.05 -9.48
N CYS A 568 -29.00 -9.27 -10.55
CA CYS A 568 -29.32 -7.85 -10.50
C CYS A 568 -30.33 -7.53 -11.59
N ASP A 569 -31.48 -6.98 -11.19
CA ASP A 569 -32.47 -6.52 -12.14
C ASP A 569 -31.98 -5.25 -12.83
N GLY A 570 -32.14 -5.19 -14.15
CA GLY A 570 -31.70 -4.06 -14.92
C GLY A 570 -32.85 -3.24 -15.49
N ARG A 571 -32.49 -2.30 -16.35
CA ARG A 571 -33.49 -1.45 -16.99
C ARG A 571 -34.34 -2.27 -17.96
N GLY A 572 -35.61 -1.89 -18.08
CA GLY A 572 -36.55 -2.56 -18.94
C GLY A 572 -37.47 -3.54 -18.26
N SER A 573 -37.14 -3.96 -17.05
CA SER A 573 -38.01 -4.86 -16.30
C SER A 573 -39.24 -4.10 -15.80
N GLY A 574 -40.36 -4.79 -15.75
CA GLY A 574 -41.61 -4.21 -15.30
C GLY A 574 -41.75 -4.23 -13.79
N PHE A 575 -42.92 -3.76 -13.35
CA PHE A 575 -43.36 -3.69 -11.96
C PHE A 575 -42.57 -2.68 -11.12
N GLN A 576 -41.55 -2.05 -11.67
CA GLN A 576 -40.67 -1.16 -10.94
C GLN A 576 -40.66 0.23 -11.57
N GLY A 577 -41.77 0.61 -12.19
CA GLY A 577 -41.87 1.89 -12.86
C GLY A 577 -41.92 1.78 -14.37
N THR A 578 -42.96 2.38 -14.96
CA THR A 578 -43.16 2.26 -16.40
C THR A 578 -42.13 3.09 -17.17
N LYS A 579 -41.59 4.15 -16.55
CA LYS A 579 -40.48 4.88 -17.17
C LYS A 579 -39.25 4.00 -17.29
N LEU A 580 -38.98 3.17 -16.27
CA LEU A 580 -37.89 2.22 -16.33
C LEU A 580 -38.25 0.98 -17.15
N LEU A 581 -39.38 1.04 -17.87
CA LEU A 581 -39.80 0.01 -18.82
C LEU A 581 -39.70 0.46 -20.27
N HIS A 582 -40.24 1.63 -20.59
CA HIS A 582 -40.29 2.09 -21.98
C HIS A 582 -38.95 2.59 -22.52
N GLU A 583 -37.96 2.85 -21.66
CA GLU A 583 -36.70 3.43 -22.13
C GLU A 583 -35.86 2.47 -22.95
N VAL A 584 -36.22 1.19 -23.01
CA VAL A 584 -35.45 0.21 -23.75
C VAL A 584 -36.01 0.00 -25.16
N ARG A 585 -36.83 0.94 -25.64
CA ARG A 585 -37.34 0.85 -27.01
C ARG A 585 -36.18 0.96 -27.99
N ARG A 586 -35.99 -0.09 -28.80
CA ARG A 586 -34.93 -0.25 -29.79
C ARG A 586 -33.55 -0.33 -29.15
N ARG A 587 -33.45 -0.30 -27.82
CA ARG A 587 -32.18 -0.37 -27.10
C ARG A 587 -32.24 -1.49 -26.06
N LEU A 588 -32.71 -2.66 -26.50
CA LEU A 588 -32.88 -3.80 -25.60
C LEU A 588 -31.53 -4.49 -25.40
N GLY A 589 -31.08 -4.56 -24.15
CA GLY A 589 -29.89 -5.30 -23.80
C GLY A 589 -28.76 -4.49 -23.21
N LEU A 590 -28.49 -3.32 -23.79
CA LEU A 590 -27.31 -2.54 -23.38
C LEU A 590 -27.48 -1.97 -21.98
N LEU A 591 -28.67 -1.48 -21.65
CA LEU A 591 -28.88 -0.81 -20.37
C LEU A 591 -28.74 -1.80 -19.20
N GLU A 592 -29.42 -2.93 -19.28
CA GLU A 592 -29.36 -3.88 -18.17
C GLU A 592 -27.99 -4.54 -18.08
N GLU A 593 -27.27 -4.68 -19.20
CA GLU A 593 -25.92 -5.23 -19.08
C GLU A 593 -24.95 -4.21 -18.52
N LYS A 594 -25.16 -2.92 -18.79
CA LYS A 594 -24.42 -1.89 -18.07
C LYS A 594 -24.71 -1.96 -16.58
N ASP A 595 -25.97 -2.18 -16.21
CA ASP A 595 -26.32 -2.34 -14.80
C ASP A 595 -25.62 -3.55 -14.19
N GLN A 596 -25.59 -4.66 -14.91
CA GLN A 596 -24.91 -5.86 -14.41
C GLN A 596 -23.41 -5.62 -14.26
N MET A 597 -22.80 -4.93 -15.21
CA MET A 597 -21.38 -4.62 -15.11
C MET A 597 -21.10 -3.73 -13.91
N GLU A 598 -21.96 -2.73 -13.68
CA GLU A 598 -21.83 -1.89 -12.49
C GLU A 598 -21.97 -2.72 -11.22
N ALA A 599 -22.91 -3.67 -11.22
CA ALA A 599 -23.08 -4.54 -10.06
C ALA A 599 -21.82 -5.36 -9.80
N VAL A 600 -21.19 -5.87 -10.87
CA VAL A 600 -19.94 -6.61 -10.72
C VAL A 600 -18.87 -5.69 -10.14
N ARG A 601 -18.73 -4.49 -10.70
CA ARG A 601 -17.74 -3.55 -10.19
C ARG A 601 -18.03 -3.12 -8.76
N THR A 602 -19.28 -3.12 -8.34
CA THR A 602 -19.64 -2.86 -6.96
C THR A 602 -19.69 -4.15 -6.13
N MET A 603 -19.41 -5.30 -6.73
CA MET A 603 -19.22 -6.55 -6.02
C MET A 603 -17.77 -7.00 -5.97
N LEU A 604 -16.94 -6.55 -6.91
CA LEU A 604 -15.53 -6.90 -6.91
C LEU A 604 -14.76 -6.22 -5.79
N LYS A 605 -15.36 -5.23 -5.12
CA LYS A 605 -14.69 -4.53 -4.03
C LYS A 605 -14.59 -5.35 -2.76
N GLU A 606 -15.36 -6.43 -2.64
CA GLU A 606 -15.35 -7.22 -1.42
C GLU A 606 -13.99 -7.85 -1.19
N GLN A 607 -13.52 -7.79 0.06
CA GLN A 607 -12.24 -8.38 0.42
C GLN A 607 -12.26 -9.90 0.37
N TYR A 608 -13.44 -10.51 0.43
CA TYR A 608 -13.58 -11.95 0.48
C TYR A 608 -13.83 -12.58 -0.90
N ILE A 609 -13.83 -11.78 -1.96
CA ILE A 609 -14.10 -12.28 -3.30
C ILE A 609 -12.91 -11.96 -4.19
N ASP A 610 -12.71 -12.80 -5.20
CA ASP A 610 -11.57 -12.68 -6.11
C ASP A 610 -12.05 -12.35 -7.51
N ARG A 611 -11.22 -11.61 -8.25
CA ARG A 611 -11.54 -11.19 -9.60
C ARG A 611 -11.25 -12.25 -10.64
N THR A 612 -10.49 -13.29 -10.30
CA THR A 612 -10.08 -14.28 -11.29
C THR A 612 -11.25 -15.15 -11.74
N ARG A 613 -12.04 -15.66 -10.78
CA ARG A 613 -13.10 -16.62 -11.07
C ARG A 613 -14.44 -15.89 -11.05
N VAL A 614 -14.84 -15.36 -12.20
CA VAL A 614 -16.12 -14.71 -12.38
C VAL A 614 -16.80 -15.33 -13.59
N ALA A 615 -18.04 -15.80 -13.41
CA ALA A 615 -18.75 -16.53 -14.45
C ALA A 615 -20.14 -15.93 -14.65
N VAL A 616 -20.68 -16.15 -15.85
CA VAL A 616 -21.99 -15.64 -16.23
C VAL A 616 -22.84 -16.79 -16.75
N PHE A 617 -24.15 -16.64 -16.59
CA PHE A 617 -25.11 -17.62 -17.08
C PHE A 617 -26.30 -16.88 -17.69
N GLY A 618 -26.97 -17.53 -18.63
CA GLY A 618 -28.16 -16.95 -19.22
C GLY A 618 -28.96 -18.02 -19.95
N LYS A 619 -30.22 -17.68 -20.22
CA LYS A 619 -31.09 -18.57 -20.97
C LYS A 619 -32.13 -17.74 -21.70
N ASP A 620 -32.66 -18.32 -22.78
CA ASP A 620 -33.60 -17.63 -23.66
C ASP A 620 -33.04 -16.28 -24.08
N TYR A 621 -33.78 -15.20 -23.78
CA TYR A 621 -33.28 -13.86 -24.10
C TYR A 621 -31.98 -13.57 -23.35
N GLY A 622 -31.89 -14.04 -22.10
CA GLY A 622 -30.66 -13.89 -21.34
C GLY A 622 -29.47 -14.56 -21.99
N GLY A 623 -29.72 -15.51 -22.89
CA GLY A 623 -28.62 -16.08 -23.65
C GLY A 623 -27.86 -15.02 -24.43
N TYR A 624 -28.57 -14.01 -24.94
CA TYR A 624 -27.90 -12.85 -25.50
C TYR A 624 -27.05 -12.15 -24.44
N LEU A 625 -27.66 -11.86 -23.29
CA LEU A 625 -26.97 -11.10 -22.25
C LEU A 625 -25.73 -11.85 -21.76
N SER A 626 -25.86 -13.16 -21.54
CA SER A 626 -24.74 -13.96 -21.07
C SER A 626 -23.60 -13.97 -22.09
N THR A 627 -23.87 -13.58 -23.33
CA THR A 627 -22.82 -13.43 -24.33
C THR A 627 -22.41 -11.99 -24.57
N TYR A 628 -23.25 -11.03 -24.21
CA TYR A 628 -23.01 -9.63 -24.52
C TYR A 628 -22.32 -8.89 -23.38
N ILE A 629 -21.97 -9.59 -22.30
CA ILE A 629 -21.40 -8.96 -21.12
C ILE A 629 -19.96 -9.46 -20.97
N LEU A 630 -19.28 -9.66 -22.11
CA LEU A 630 -17.91 -10.16 -22.11
C LEU A 630 -17.02 -9.24 -22.94
N PRO A 631 -16.80 -7.98 -22.49
CA PRO A 631 -15.79 -7.15 -23.13
C PRO A 631 -14.43 -7.29 -22.45
N ALA A 632 -13.44 -6.54 -22.91
CA ALA A 632 -12.15 -6.42 -22.24
C ALA A 632 -11.98 -4.97 -21.84
N LYS A 633 -12.36 -4.65 -20.60
CA LYS A 633 -12.35 -3.27 -20.11
C LYS A 633 -10.96 -2.65 -20.25
N GLY A 634 -10.90 -1.50 -20.92
CA GLY A 634 -9.62 -0.85 -21.15
C GLY A 634 -8.66 -1.76 -21.89
N GLU A 635 -7.46 -1.89 -21.35
CA GLU A 635 -6.46 -2.80 -21.88
C GLU A 635 -5.90 -3.74 -20.81
N ASN A 636 -5.81 -3.29 -19.57
CA ASN A 636 -5.27 -4.10 -18.48
C ASN A 636 -6.36 -4.86 -17.74
N GLN A 637 -7.44 -4.18 -17.36
CA GLN A 637 -8.53 -4.80 -16.60
C GLN A 637 -9.37 -5.66 -17.56
N GLY A 638 -8.75 -6.73 -18.05
CA GLY A 638 -9.41 -7.69 -18.89
C GLY A 638 -9.90 -8.88 -18.10
N GLN A 639 -10.20 -9.96 -18.83
CA GLN A 639 -10.64 -11.23 -18.24
C GLN A 639 -11.85 -11.01 -17.35
N THR A 640 -12.85 -10.32 -17.89
CA THR A 640 -14.05 -10.02 -17.12
C THR A 640 -14.77 -11.29 -16.69
N PHE A 641 -14.89 -12.27 -17.58
CA PHE A 641 -15.51 -13.55 -17.28
C PHE A 641 -14.60 -14.67 -17.75
N THR A 642 -14.15 -15.50 -16.82
CA THR A 642 -13.28 -16.62 -17.17
C THR A 642 -14.04 -17.67 -17.97
N CYS A 643 -15.10 -18.23 -17.37
CA CYS A 643 -15.95 -19.21 -18.02
C CYS A 643 -17.34 -18.65 -18.16
N GLY A 644 -17.86 -18.67 -19.39
CA GLY A 644 -19.20 -18.19 -19.69
C GLY A 644 -20.05 -19.31 -20.25
N SER A 645 -21.34 -19.27 -19.93
CA SER A 645 -22.29 -20.25 -20.43
C SER A 645 -23.62 -19.58 -20.71
N ALA A 646 -24.38 -20.20 -21.61
CA ALA A 646 -25.70 -19.69 -21.97
C ALA A 646 -26.53 -20.83 -22.52
N LEU A 647 -27.85 -20.66 -22.49
CA LEU A 647 -28.79 -21.64 -23.00
C LEU A 647 -29.65 -21.00 -24.07
N SER A 648 -29.73 -21.64 -25.24
CA SER A 648 -30.47 -21.17 -26.40
C SER A 648 -30.28 -19.67 -26.63
N PRO A 649 -29.04 -19.21 -26.79
CA PRO A 649 -28.82 -17.77 -26.94
C PRO A 649 -29.40 -17.24 -28.24
N ILE A 650 -29.79 -15.97 -28.21
CA ILE A 650 -30.31 -15.27 -29.37
C ILE A 650 -29.33 -14.15 -29.73
N THR A 651 -28.93 -14.10 -31.00
CA THR A 651 -28.02 -13.08 -31.47
C THR A 651 -28.58 -12.23 -32.60
N ASP A 652 -29.44 -12.79 -33.45
CA ASP A 652 -30.04 -12.06 -34.56
C ASP A 652 -31.55 -12.00 -34.29
N PHE A 653 -32.00 -10.88 -33.75
CA PHE A 653 -33.41 -10.75 -33.37
C PHE A 653 -34.34 -10.79 -34.56
N LYS A 654 -33.86 -10.51 -35.77
CA LYS A 654 -34.70 -10.62 -36.96
C LYS A 654 -35.06 -12.06 -37.27
N LEU A 655 -34.30 -13.02 -36.75
CA LEU A 655 -34.62 -14.43 -36.86
C LEU A 655 -35.56 -14.91 -35.76
N TYR A 656 -36.23 -13.99 -35.07
CA TYR A 656 -37.10 -14.31 -33.96
C TYR A 656 -38.51 -13.81 -34.27
N ALA A 657 -39.41 -13.96 -33.31
CA ALA A 657 -40.81 -13.61 -33.52
C ALA A 657 -40.98 -12.14 -33.85
N SER A 658 -41.94 -11.84 -34.74
CA SER A 658 -42.28 -10.46 -35.03
C SER A 658 -42.85 -9.76 -33.80
N ALA A 659 -43.68 -10.47 -33.03
CA ALA A 659 -44.32 -9.88 -31.87
C ALA A 659 -43.33 -9.49 -30.77
N PHE A 660 -42.08 -9.96 -30.86
CA PHE A 660 -41.03 -9.56 -29.94
C PHE A 660 -40.01 -8.62 -30.57
N SER A 661 -39.61 -8.87 -31.82
CA SER A 661 -38.67 -7.97 -32.47
C SER A 661 -39.30 -6.61 -32.73
N GLU A 662 -40.48 -6.59 -33.34
CA GLU A 662 -41.13 -5.32 -33.67
C GLU A 662 -41.58 -4.58 -32.41
N ARG A 663 -41.99 -5.32 -31.37
CA ARG A 663 -42.57 -4.69 -30.19
C ARG A 663 -41.55 -3.81 -29.47
N TYR A 664 -40.30 -4.28 -29.36
CA TYR A 664 -39.30 -3.56 -28.59
C TYR A 664 -38.18 -2.96 -29.42
N LEU A 665 -37.74 -3.63 -30.48
CA LEU A 665 -36.64 -3.13 -31.31
C LEU A 665 -37.13 -2.34 -32.52
N GLY A 666 -38.43 -2.13 -32.65
CA GLY A 666 -38.96 -1.41 -33.79
C GLY A 666 -39.46 -2.36 -34.88
N LEU A 667 -40.43 -1.87 -35.66
CA LEU A 667 -41.05 -2.69 -36.68
C LEU A 667 -40.02 -3.15 -37.70
N HIS A 668 -40.07 -4.44 -38.02
CA HIS A 668 -39.11 -5.03 -38.96
C HIS A 668 -39.56 -4.79 -40.39
N GLY A 669 -38.62 -4.98 -41.32
CA GLY A 669 -38.84 -4.72 -42.72
C GLY A 669 -38.55 -3.29 -43.15
N LEU A 670 -38.42 -2.37 -42.20
CA LEU A 670 -38.10 -0.98 -42.49
C LEU A 670 -36.60 -0.70 -42.38
N ASP A 671 -35.79 -1.71 -42.07
CA ASP A 671 -34.37 -1.55 -41.80
C ASP A 671 -34.15 -0.51 -40.69
N ASN A 672 -34.69 -0.84 -39.52
CA ASN A 672 -34.66 0.05 -38.36
C ASN A 672 -33.26 0.33 -37.86
N ARG A 673 -32.26 -0.45 -38.30
CA ARG A 673 -30.86 -0.38 -37.90
C ARG A 673 -30.65 -0.84 -36.46
N ALA A 674 -31.71 -1.13 -35.72
CA ALA A 674 -31.57 -1.84 -34.45
C ALA A 674 -31.38 -3.34 -34.66
N TYR A 675 -31.73 -3.85 -35.84
CA TYR A 675 -31.52 -5.24 -36.19
C TYR A 675 -30.09 -5.50 -36.68
N GLU A 676 -29.29 -4.44 -36.84
CA GLU A 676 -27.88 -4.58 -37.16
C GLU A 676 -26.97 -4.14 -36.01
N MET A 677 -27.53 -3.59 -34.94
CA MET A 677 -26.75 -3.18 -33.78
C MET A 677 -27.07 -3.99 -32.53
N THR A 678 -28.13 -4.81 -32.55
CA THR A 678 -28.44 -5.70 -31.44
C THR A 678 -27.97 -7.12 -31.71
N LYS A 679 -26.87 -7.27 -32.44
CA LYS A 679 -26.28 -8.58 -32.74
C LYS A 679 -24.96 -8.69 -32.00
N VAL A 680 -24.89 -9.62 -31.04
CA VAL A 680 -23.68 -9.82 -30.26
C VAL A 680 -22.56 -10.43 -31.10
N ALA A 681 -22.85 -10.81 -32.34
CA ALA A 681 -21.82 -11.38 -33.21
C ALA A 681 -20.66 -10.41 -33.40
N HIS A 682 -20.96 -9.13 -33.60
CA HIS A 682 -19.90 -8.13 -33.68
C HIS A 682 -19.25 -7.89 -32.33
N ARG A 683 -19.96 -8.17 -31.23
CA ARG A 683 -19.40 -8.02 -29.89
C ARG A 683 -18.66 -9.26 -29.42
N VAL A 684 -19.16 -10.45 -29.75
CA VAL A 684 -18.50 -11.69 -29.37
C VAL A 684 -17.25 -11.95 -30.20
N SER A 685 -16.91 -11.04 -31.12
CA SER A 685 -15.80 -11.28 -32.03
C SER A 685 -14.47 -11.37 -31.29
N ALA A 686 -14.24 -10.49 -30.30
CA ALA A 686 -12.92 -10.41 -29.70
C ALA A 686 -12.52 -11.70 -28.99
N LEU A 687 -13.16 -11.99 -27.84
CA LEU A 687 -13.07 -13.28 -27.13
C LEU A 687 -11.73 -13.98 -27.30
N GLU A 688 -10.63 -13.28 -27.04
CA GLU A 688 -9.32 -13.75 -27.46
C GLU A 688 -8.98 -15.10 -26.84
N GLU A 689 -9.13 -15.24 -25.54
CA GLU A 689 -8.74 -16.48 -24.86
C GLU A 689 -9.80 -17.07 -23.95
N GLN A 690 -10.88 -16.35 -23.65
CA GLN A 690 -11.88 -16.87 -22.74
C GLN A 690 -12.68 -17.99 -23.39
N GLN A 691 -12.59 -19.18 -22.81
CA GLN A 691 -13.37 -20.30 -23.31
C GLN A 691 -14.84 -20.12 -22.91
N PHE A 692 -15.73 -20.67 -23.74
CA PHE A 692 -17.15 -20.40 -23.61
C PHE A 692 -17.93 -21.68 -23.95
N LEU A 693 -19.17 -21.74 -23.47
CA LEU A 693 -20.01 -22.92 -23.65
C LEU A 693 -21.38 -22.52 -24.16
N ILE A 694 -21.96 -23.37 -25.00
CA ILE A 694 -23.32 -23.21 -25.48
C ILE A 694 -24.06 -24.53 -25.25
N ILE A 695 -25.26 -24.45 -24.71
CA ILE A 695 -26.13 -25.60 -24.57
C ILE A 695 -27.47 -25.29 -25.22
N HIS A 696 -27.92 -26.17 -26.11
CA HIS A 696 -29.10 -25.90 -26.90
C HIS A 696 -29.72 -27.19 -27.43
N PRO A 697 -30.98 -27.46 -27.15
CA PRO A 697 -31.64 -28.60 -27.78
C PRO A 697 -31.83 -28.39 -29.27
N THR A 698 -31.87 -29.50 -30.00
CA THR A 698 -31.95 -29.43 -31.46
C THR A 698 -33.32 -28.94 -31.92
N ALA A 699 -34.40 -29.47 -31.33
CA ALA A 699 -35.76 -29.20 -31.76
C ALA A 699 -36.36 -27.98 -31.08
N ASP A 700 -35.54 -27.03 -30.64
CA ASP A 700 -36.03 -25.85 -29.92
C ASP A 700 -37.00 -25.06 -30.79
N GLU A 701 -38.11 -24.63 -30.18
CA GLU A 701 -39.08 -23.78 -30.84
C GLU A 701 -39.19 -22.39 -30.24
N LYS A 702 -38.71 -22.18 -29.01
CA LYS A 702 -38.70 -20.84 -28.43
C LYS A 702 -37.71 -19.95 -29.16
N ILE A 703 -36.43 -20.30 -29.10
CA ILE A 703 -35.38 -19.65 -29.88
C ILE A 703 -34.78 -20.72 -30.77
N HIS A 704 -35.00 -20.60 -32.08
CA HIS A 704 -34.62 -21.66 -32.99
C HIS A 704 -33.11 -21.87 -33.00
N PHE A 705 -32.71 -23.13 -33.17
CA PHE A 705 -31.30 -23.50 -33.11
C PHE A 705 -30.47 -22.75 -34.14
N GLN A 706 -31.11 -22.28 -35.21
CA GLN A 706 -30.42 -21.45 -36.19
C GLN A 706 -29.69 -20.29 -35.53
N HIS A 707 -30.34 -19.65 -34.54
CA HIS A 707 -29.71 -18.55 -33.82
C HIS A 707 -28.33 -18.94 -33.30
N THR A 708 -28.19 -20.16 -32.78
CA THR A 708 -26.88 -20.62 -32.34
C THR A 708 -25.95 -20.82 -33.52
N ALA A 709 -26.44 -21.50 -34.57
CA ALA A 709 -25.55 -21.93 -35.65
C ALA A 709 -24.87 -20.74 -36.32
N GLU A 710 -25.67 -19.73 -36.68
CA GLU A 710 -25.09 -18.49 -37.22
C GLU A 710 -24.04 -17.94 -36.28
N LEU A 711 -24.38 -17.85 -34.99
CA LEU A 711 -23.40 -17.39 -33.99
C LEU A 711 -22.13 -18.21 -34.07
N ILE A 712 -22.27 -19.54 -34.19
CA ILE A 712 -21.10 -20.41 -34.28
C ILE A 712 -20.22 -19.98 -35.43
N THR A 713 -20.83 -19.69 -36.59
CA THR A 713 -20.05 -19.24 -37.74
C THR A 713 -19.21 -18.03 -37.39
N GLN A 714 -19.80 -17.05 -36.68
CA GLN A 714 -19.04 -15.88 -36.27
C GLN A 714 -17.84 -16.29 -35.42
N LEU A 715 -18.05 -17.22 -34.49
CA LEU A 715 -16.93 -17.71 -33.69
C LEU A 715 -15.84 -18.31 -34.57
N ILE A 716 -16.25 -19.04 -35.62
CA ILE A 716 -15.27 -19.57 -36.57
C ILE A 716 -14.49 -18.42 -37.20
N ARG A 717 -15.19 -17.34 -37.58
CA ARG A 717 -14.51 -16.15 -38.05
C ARG A 717 -13.79 -15.44 -36.92
N GLY A 718 -14.33 -15.53 -35.69
CA GLY A 718 -13.68 -14.91 -34.56
C GLY A 718 -12.47 -15.66 -34.04
N LYS A 719 -12.36 -16.95 -34.37
CA LYS A 719 -11.26 -17.80 -33.92
C LYS A 719 -11.13 -17.76 -32.39
N ALA A 720 -12.25 -18.02 -31.73
CA ALA A 720 -12.33 -18.00 -30.28
C ALA A 720 -12.74 -19.38 -29.78
N ASN A 721 -12.10 -19.82 -28.70
CA ASN A 721 -12.41 -21.12 -28.12
C ASN A 721 -13.85 -21.18 -27.64
N TYR A 722 -14.50 -22.32 -27.85
CA TYR A 722 -15.85 -22.51 -27.36
C TYR A 722 -16.11 -24.00 -27.22
N SER A 723 -17.14 -24.32 -26.45
CA SER A 723 -17.67 -25.67 -26.34
C SER A 723 -19.12 -25.67 -26.78
N LEU A 724 -19.76 -26.82 -26.71
CA LEU A 724 -21.15 -26.93 -27.15
C LEU A 724 -21.72 -28.26 -26.70
N GLN A 725 -23.02 -28.27 -26.43
CA GLN A 725 -23.77 -29.48 -26.17
C GLN A 725 -25.10 -29.39 -26.88
N ILE A 726 -25.69 -30.54 -27.19
CA ILE A 726 -26.98 -30.59 -27.88
C ILE A 726 -27.87 -31.63 -27.23
N TYR A 727 -29.16 -31.51 -27.51
CA TYR A 727 -30.16 -32.51 -27.12
C TYR A 727 -31.00 -32.79 -28.36
N PRO A 728 -30.75 -33.89 -29.06
CA PRO A 728 -31.42 -34.12 -30.35
C PRO A 728 -32.91 -34.37 -30.17
N ASP A 729 -33.71 -33.65 -30.96
CA ASP A 729 -35.17 -33.82 -30.99
C ASP A 729 -35.79 -33.64 -29.61
N GLU A 730 -35.42 -32.54 -28.95
CA GLU A 730 -35.96 -32.21 -27.64
C GLU A 730 -36.51 -30.79 -27.65
N SER A 731 -37.66 -30.61 -27.02
CA SER A 731 -38.28 -29.30 -26.95
C SER A 731 -37.50 -28.38 -26.02
N HIS A 732 -37.97 -27.15 -25.90
CA HIS A 732 -37.28 -26.14 -25.10
C HIS A 732 -37.74 -26.11 -23.64
N TYR A 733 -38.82 -26.81 -23.30
CA TYR A 733 -39.40 -26.69 -21.96
C TYR A 733 -39.08 -27.87 -21.06
N PHE A 734 -38.33 -28.85 -21.53
CA PHE A 734 -37.78 -29.92 -20.71
C PHE A 734 -38.88 -30.65 -19.93
N THR A 735 -39.77 -31.30 -20.68
CA THR A 735 -40.88 -32.00 -20.04
C THR A 735 -40.41 -33.15 -19.16
N SER A 736 -39.43 -33.92 -19.62
CA SER A 736 -38.97 -35.10 -18.90
C SER A 736 -38.06 -34.71 -17.75
N SER A 737 -38.08 -35.54 -16.70
CA SER A 737 -37.24 -35.30 -15.53
C SER A 737 -35.78 -35.65 -15.80
N SER A 738 -35.54 -36.74 -16.52
CA SER A 738 -34.17 -37.18 -16.77
C SER A 738 -33.39 -36.14 -17.55
N LEU A 739 -34.02 -35.54 -18.57
CA LEU A 739 -33.35 -34.49 -19.34
C LEU A 739 -33.02 -33.30 -18.47
N LYS A 740 -33.96 -32.90 -17.60
CA LYS A 740 -33.74 -31.73 -16.75
C LYS A 740 -32.61 -31.98 -15.77
N GLN A 741 -32.58 -33.16 -15.15
CA GLN A 741 -31.50 -33.46 -14.21
C GLN A 741 -30.17 -33.62 -14.92
N HIS A 742 -30.18 -34.11 -16.17
CA HIS A 742 -28.95 -34.16 -16.94
C HIS A 742 -28.41 -32.76 -17.21
N LEU A 743 -29.30 -31.83 -17.56
CA LEU A 743 -28.87 -30.45 -17.75
C LEU A 743 -28.31 -29.86 -16.46
N TYR A 744 -28.98 -30.13 -15.33
CA TYR A 744 -28.48 -29.64 -14.04
C TYR A 744 -27.10 -30.19 -13.73
N ARG A 745 -26.89 -31.48 -13.99
CA ARG A 745 -25.57 -32.07 -13.78
C ARG A 745 -24.54 -31.44 -14.71
N SER A 746 -24.90 -31.23 -15.97
CA SER A 746 -23.94 -30.75 -16.96
C SER A 746 -23.48 -29.33 -16.65
N ILE A 747 -24.40 -28.45 -16.24
CA ILE A 747 -24.01 -27.07 -15.99
C ILE A 747 -23.03 -26.98 -14.82
N ILE A 748 -23.30 -27.70 -13.73
CA ILE A 748 -22.39 -27.65 -12.60
C ILE A 748 -21.09 -28.37 -12.91
N ASN A 749 -21.12 -29.43 -13.71
CA ASN A 749 -19.89 -30.10 -14.11
C ASN A 749 -19.02 -29.18 -14.95
N PHE A 750 -19.62 -28.36 -15.80
CA PHE A 750 -18.84 -27.37 -16.54
C PHE A 750 -18.28 -26.30 -15.61
N PHE A 751 -19.09 -25.83 -14.66
CA PHE A 751 -18.66 -24.73 -13.80
C PHE A 751 -17.57 -25.14 -12.81
N VAL A 752 -17.63 -26.36 -12.29
CA VAL A 752 -16.68 -26.77 -11.26
C VAL A 752 -15.25 -26.76 -11.77
N GLU A 753 -15.04 -27.14 -13.03
CA GLU A 753 -13.70 -27.13 -13.59
C GLU A 753 -13.20 -25.71 -13.87
N CYS A 754 -14.09 -24.82 -14.32
CA CYS A 754 -13.66 -23.46 -14.62
C CYS A 754 -13.46 -22.63 -13.36
N PHE A 755 -14.01 -23.05 -12.22
CA PHE A 755 -13.71 -22.36 -10.97
C PHE A 755 -12.53 -22.97 -10.21
N ARG A 756 -12.52 -24.29 -10.02
CA ARG A 756 -11.52 -24.90 -9.17
C ARG A 756 -10.11 -24.66 -9.71
N ILE A 757 -9.18 -24.37 -8.81
CA ILE A 757 -7.78 -24.15 -9.18
C ILE A 757 -6.89 -25.10 -8.39
N TRP B 1 65.51 -29.92 4.48
CA TRP B 1 64.13 -30.31 4.74
C TRP B 1 63.18 -29.69 3.74
N LYS B 2 63.73 -29.07 2.69
CA LYS B 2 62.94 -28.40 1.67
C LYS B 2 62.82 -29.23 0.39
N GLY B 3 63.86 -29.97 0.01
CA GLY B 3 63.78 -30.79 -1.18
C GLY B 3 62.74 -31.88 -1.08
N ILE B 4 62.53 -32.42 0.12
CA ILE B 4 61.46 -33.38 0.34
C ILE B 4 60.11 -32.74 0.06
N ALA B 5 59.94 -31.49 0.49
CA ALA B 5 58.73 -30.76 0.15
C ALA B 5 58.61 -30.54 -1.36
N ILE B 6 59.74 -30.38 -2.05
CA ILE B 6 59.69 -30.24 -3.50
C ILE B 6 59.23 -31.53 -4.17
N ALA B 7 59.71 -32.67 -3.67
CA ALA B 7 59.22 -33.95 -4.18
C ALA B 7 57.74 -34.12 -3.91
N LEU B 8 57.29 -33.67 -2.73
CA LEU B 8 55.86 -33.70 -2.42
C LEU B 8 55.08 -32.83 -3.38
N LEU B 9 55.61 -31.64 -3.70
CA LEU B 9 54.94 -30.76 -4.63
C LEU B 9 54.85 -31.38 -6.02
N VAL B 10 55.91 -32.03 -6.47
CA VAL B 10 55.87 -32.61 -7.82
C VAL B 10 54.91 -33.80 -7.87
N ILE B 11 54.87 -34.62 -6.81
CA ILE B 11 53.92 -35.73 -6.83
C ILE B 11 52.48 -35.22 -6.74
N LEU B 12 52.25 -34.17 -5.95
CA LEU B 12 50.88 -33.64 -5.86
C LEU B 12 50.46 -32.99 -7.16
N VAL B 13 51.38 -32.32 -7.86
CA VAL B 13 51.00 -31.70 -9.12
C VAL B 13 50.80 -32.77 -10.18
N ILE B 14 51.53 -33.88 -10.10
CA ILE B 14 51.24 -35.02 -10.98
C ILE B 14 49.82 -35.52 -10.74
N CYS B 15 49.46 -35.68 -9.47
CA CYS B 15 48.10 -36.13 -9.14
C CYS B 15 47.06 -35.13 -9.62
N SER B 16 47.33 -33.84 -9.46
CA SER B 16 46.38 -32.80 -9.87
C SER B 16 46.23 -32.77 -11.38
N LEU B 17 47.32 -32.96 -12.12
CA LEU B 17 47.21 -33.03 -13.57
C LEU B 17 46.45 -34.28 -14.01
N ILE B 18 46.62 -35.39 -13.29
CA ILE B 18 45.80 -36.57 -13.57
C ILE B 18 44.32 -36.26 -13.34
N VAL B 19 44.02 -35.54 -12.26
CA VAL B 19 42.62 -35.18 -11.98
C VAL B 19 42.07 -34.27 -13.08
N THR B 20 42.86 -33.28 -13.51
CA THR B 20 42.39 -32.40 -14.57
C THR B 20 42.18 -33.16 -15.88
N SER B 21 43.10 -34.10 -16.18
CA SER B 21 42.96 -34.89 -17.40
C SER B 21 41.70 -35.74 -17.36
N VAL B 22 41.42 -36.39 -16.23
CA VAL B 22 40.21 -37.20 -16.15
C VAL B 22 38.97 -36.31 -16.16
N ILE B 23 39.08 -35.08 -15.63
CA ILE B 23 37.97 -34.14 -15.66
C ILE B 23 37.64 -33.76 -17.10
N LEU B 24 38.66 -33.56 -17.93
CA LEU B 24 38.42 -33.26 -19.33
C LEU B 24 38.10 -34.50 -20.15
N LEU B 25 38.41 -35.70 -19.62
CA LEU B 25 38.26 -36.92 -20.40
C LEU B 25 36.90 -37.58 -20.19
N THR B 26 36.57 -37.94 -18.95
CA THR B 26 35.38 -38.75 -18.70
C THR B 26 34.08 -38.07 -19.13
N PRO B 27 33.77 -36.82 -18.73
CA PRO B 27 32.53 -36.19 -19.23
C PRO B 27 32.72 -35.52 -20.60
N ALA B 28 32.54 -36.31 -21.65
CA ALA B 28 32.57 -35.80 -23.02
C ALA B 28 31.19 -35.26 -23.38
N GLU B 29 30.86 -34.10 -22.81
CA GLU B 29 29.53 -33.53 -23.01
C GLU B 29 29.44 -32.89 -24.39
N ASP B 30 28.20 -32.75 -24.86
CA ASP B 30 27.92 -32.00 -26.09
C ASP B 30 26.46 -31.58 -26.03
N ASN B 31 26.21 -30.27 -26.05
CA ASN B 31 24.84 -29.77 -25.93
C ASN B 31 24.09 -29.90 -27.25
N SER B 32 24.65 -29.33 -28.32
CA SER B 32 24.03 -29.38 -29.65
C SER B 32 22.63 -28.79 -29.61
N LEU B 33 22.57 -27.49 -29.32
CA LEU B 33 21.29 -26.82 -29.10
C LEU B 33 20.37 -26.98 -30.30
N SER B 34 20.85 -26.65 -31.50
CA SER B 34 20.05 -26.72 -32.72
C SER B 34 18.74 -25.96 -32.57
N GLN B 35 18.83 -24.73 -32.06
CA GLN B 35 17.65 -23.96 -31.70
C GLN B 35 16.92 -23.47 -32.95
N LYS B 36 16.01 -24.28 -33.46
CA LYS B 36 15.13 -23.91 -34.56
C LYS B 36 13.70 -23.97 -34.07
N LYS B 37 12.89 -22.99 -34.48
CA LYS B 37 11.53 -22.86 -33.96
C LYS B 37 10.69 -24.07 -34.33
N LYS B 38 9.91 -24.55 -33.36
CA LYS B 38 9.03 -25.68 -33.57
C LYS B 38 7.92 -25.32 -34.58
N VAL B 39 7.42 -26.35 -35.26
CA VAL B 39 6.40 -26.15 -36.28
C VAL B 39 5.12 -25.63 -35.62
N THR B 40 4.60 -24.53 -36.13
CA THR B 40 3.41 -23.90 -35.58
C THR B 40 2.18 -24.29 -36.40
N VAL B 41 1.02 -23.75 -36.00
CA VAL B 41 -0.23 -24.11 -36.65
C VAL B 41 -0.26 -23.60 -38.09
N GLU B 42 0.20 -22.37 -38.31
CA GLU B 42 0.11 -21.77 -39.65
C GLU B 42 1.10 -22.38 -40.64
N ASP B 43 2.09 -23.13 -40.14
CA ASP B 43 3.15 -23.62 -41.03
C ASP B 43 2.59 -24.51 -42.13
N LEU B 44 1.61 -25.35 -41.81
CA LEU B 44 1.02 -26.22 -42.81
C LEU B 44 0.43 -25.42 -43.97
N PHE B 45 -0.02 -24.19 -43.70
CA PHE B 45 -0.58 -23.33 -44.72
C PHE B 45 0.37 -22.23 -45.16
N SER B 46 1.61 -22.23 -44.65
CA SER B 46 2.61 -21.30 -45.14
C SER B 46 3.07 -21.71 -46.53
N GLU B 47 3.45 -20.71 -47.33
CA GLU B 47 3.87 -20.97 -48.70
C GLU B 47 5.13 -21.83 -48.77
N ASP B 48 5.94 -21.84 -47.72
CA ASP B 48 7.16 -22.63 -47.73
C ASP B 48 6.86 -24.12 -47.84
N PHE B 49 5.85 -24.59 -47.12
CA PHE B 49 5.45 -26.00 -47.16
C PHE B 49 4.48 -26.32 -48.29
N LYS B 50 4.16 -25.35 -49.14
CA LYS B 50 3.20 -25.56 -50.21
C LYS B 50 3.79 -26.42 -51.32
N ILE B 51 3.63 -27.74 -51.20
CA ILE B 51 4.18 -28.66 -52.20
C ILE B 51 3.53 -28.39 -53.55
N HIS B 52 4.35 -28.30 -54.59
CA HIS B 52 3.88 -28.10 -55.95
C HIS B 52 4.13 -29.37 -56.75
N ASP B 53 3.10 -29.84 -57.45
CA ASP B 53 3.19 -31.01 -58.30
C ASP B 53 2.84 -30.62 -59.73
N PRO B 54 3.77 -30.72 -60.69
CA PRO B 54 3.41 -30.38 -62.07
C PRO B 54 2.29 -31.23 -62.63
N GLU B 55 2.21 -32.51 -62.24
CA GLU B 55 1.21 -33.44 -62.74
C GLU B 55 1.20 -33.44 -64.26
N ALA B 56 2.31 -33.90 -64.82
CA ALA B 56 2.50 -33.91 -66.27
C ALA B 56 1.98 -35.21 -66.87
N LYS B 57 1.43 -35.11 -68.07
CA LYS B 57 0.89 -36.24 -68.80
C LYS B 57 1.46 -36.18 -70.21
N TRP B 58 1.95 -37.31 -70.70
CA TRP B 58 2.64 -37.34 -71.98
C TRP B 58 1.74 -36.93 -73.15
N ILE B 59 1.97 -35.72 -73.68
CA ILE B 59 1.30 -35.32 -74.91
C ILE B 59 1.67 -36.26 -76.05
N SER B 60 2.98 -36.48 -76.23
CA SER B 60 3.49 -37.50 -77.12
C SER B 60 4.52 -38.33 -76.37
N ASP B 61 5.20 -39.23 -77.05
CA ASP B 61 6.27 -39.99 -76.42
C ASP B 61 7.57 -39.19 -76.29
N THR B 62 7.54 -37.88 -76.58
CA THR B 62 8.70 -37.02 -76.42
C THR B 62 8.40 -35.74 -75.63
N GLU B 63 7.20 -35.61 -75.06
CA GLU B 63 6.85 -34.41 -74.32
C GLU B 63 5.66 -34.70 -73.42
N PHE B 64 5.45 -33.81 -72.45
CA PHE B 64 4.33 -33.90 -71.51
C PHE B 64 3.67 -32.54 -71.39
N ILE B 65 2.49 -32.54 -70.77
CA ILE B 65 1.68 -31.31 -70.71
C ILE B 65 2.39 -30.22 -69.91
N TYR B 66 3.08 -30.59 -68.83
CA TYR B 66 3.90 -29.66 -68.04
C TYR B 66 3.06 -28.48 -67.52
N ARG B 67 2.18 -28.80 -66.59
CA ARG B 67 1.24 -27.83 -66.04
C ARG B 67 2.01 -26.80 -65.20
N GLU B 68 1.28 -25.89 -64.55
CA GLU B 68 1.86 -24.74 -63.85
C GLU B 68 3.04 -25.13 -62.97
N GLN B 69 4.17 -24.46 -63.20
CA GLN B 69 5.32 -24.56 -62.30
C GLN B 69 5.28 -23.43 -61.26
N LYS B 70 5.32 -22.17 -61.73
CA LYS B 70 5.20 -20.99 -60.90
C LYS B 70 4.38 -19.93 -61.63
N GLY B 71 3.27 -20.35 -62.24
CA GLY B 71 2.52 -19.46 -63.11
C GLY B 71 2.33 -20.00 -64.50
N THR B 72 3.00 -19.39 -65.48
CA THR B 72 2.79 -19.75 -66.88
C THR B 72 3.13 -21.21 -67.14
N VAL B 73 2.39 -21.80 -68.09
CA VAL B 73 2.52 -23.21 -68.44
C VAL B 73 3.32 -23.33 -69.73
N ARG B 74 4.44 -24.03 -69.67
CA ARG B 74 5.28 -24.30 -70.82
C ARG B 74 5.10 -25.75 -71.26
N LEU B 75 5.85 -26.13 -72.30
CA LEU B 75 5.87 -27.49 -72.80
C LEU B 75 7.33 -27.90 -72.98
N TRP B 76 7.83 -28.73 -72.08
CA TRP B 76 9.23 -29.14 -72.06
C TRP B 76 9.39 -30.37 -72.95
N ASN B 77 10.04 -30.17 -74.10
CA ASN B 77 10.36 -31.28 -74.98
C ASN B 77 11.42 -32.16 -74.33
N VAL B 78 11.09 -33.43 -74.11
CA VAL B 78 11.99 -34.36 -73.44
C VAL B 78 13.26 -34.62 -74.25
N GLU B 79 13.26 -34.33 -75.54
CA GLU B 79 14.42 -34.57 -76.38
C GLU B 79 15.63 -33.77 -75.90
N THR B 80 15.56 -32.43 -76.00
CA THR B 80 16.68 -31.59 -75.56
C THR B 80 16.13 -30.23 -75.11
N ASN B 81 15.88 -30.11 -73.81
CA ASN B 81 15.73 -28.84 -73.09
C ASN B 81 15.01 -27.77 -73.91
N THR B 82 13.80 -28.11 -74.37
CA THR B 82 13.01 -27.20 -75.18
C THR B 82 11.68 -26.95 -74.50
N SER B 83 11.53 -25.76 -73.91
CA SER B 83 10.31 -25.36 -73.23
C SER B 83 9.60 -24.31 -74.08
N THR B 84 8.41 -24.64 -74.56
CA THR B 84 7.60 -23.74 -75.36
C THR B 84 6.41 -23.26 -74.54
N VAL B 85 6.25 -21.94 -74.43
CA VAL B 85 5.18 -21.36 -73.62
C VAL B 85 3.85 -21.60 -74.34
N LEU B 86 3.06 -22.54 -73.82
CA LEU B 86 1.73 -22.78 -74.38
C LEU B 86 0.68 -21.89 -73.72
N ILE B 87 0.72 -21.75 -72.40
CA ILE B 87 -0.18 -20.86 -71.67
C ILE B 87 0.67 -19.80 -70.99
N GLU B 88 0.31 -18.54 -71.16
CA GLU B 88 1.04 -17.44 -70.56
C GLU B 88 0.38 -17.06 -69.23
N GLY B 89 0.81 -15.95 -68.65
CA GLY B 89 0.22 -15.46 -67.42
C GLY B 89 -1.15 -14.85 -67.64
N LYS B 90 -2.06 -15.63 -68.22
CA LYS B 90 -3.41 -15.18 -68.51
C LYS B 90 -4.48 -15.86 -67.66
N LYS B 91 -4.16 -17.00 -67.04
CA LYS B 91 -5.13 -17.66 -66.16
C LYS B 91 -5.46 -16.80 -64.95
N ILE B 92 -4.53 -15.95 -64.53
CA ILE B 92 -4.80 -15.05 -63.40
C ILE B 92 -5.88 -14.05 -63.78
N GLU B 93 -5.87 -13.58 -65.02
CA GLU B 93 -6.85 -12.59 -65.45
C GLU B 93 -8.23 -13.20 -65.64
N SER B 94 -8.31 -14.45 -66.06
CA SER B 94 -9.59 -15.09 -66.34
C SER B 94 -10.29 -15.55 -65.07
N LEU B 95 -10.47 -14.63 -64.12
CA LEU B 95 -11.14 -14.92 -62.85
C LEU B 95 -10.46 -16.07 -62.10
N ARG B 96 -9.16 -16.23 -62.31
CA ARG B 96 -8.39 -17.33 -61.75
C ARG B 96 -9.06 -18.67 -62.03
N ALA B 97 -9.06 -19.02 -63.32
CA ALA B 97 -9.60 -20.29 -63.77
C ALA B 97 -8.95 -21.44 -63.01
N ILE B 98 -9.75 -22.14 -62.20
CA ILE B 98 -9.19 -23.16 -61.31
C ILE B 98 -8.58 -24.30 -62.12
N ARG B 99 -9.25 -24.71 -63.20
CA ARG B 99 -8.77 -25.81 -64.04
C ARG B 99 -8.57 -25.31 -65.46
N TYR B 100 -7.53 -25.82 -66.11
CA TYR B 100 -7.28 -25.53 -67.52
C TYR B 100 -6.93 -26.85 -68.22
N GLU B 101 -7.29 -26.93 -69.50
CA GLU B 101 -6.96 -28.11 -70.28
C GLU B 101 -6.76 -27.71 -71.73
N ILE B 102 -6.01 -28.53 -72.46
CA ILE B 102 -5.66 -28.28 -73.84
C ILE B 102 -6.19 -29.41 -74.71
N SER B 103 -6.80 -29.05 -75.84
CA SER B 103 -7.32 -30.03 -76.77
C SER B 103 -6.18 -30.79 -77.43
N PRO B 104 -6.46 -31.98 -77.97
CA PRO B 104 -5.39 -32.76 -78.62
C PRO B 104 -4.75 -32.06 -79.80
N ASP B 105 -5.40 -31.07 -80.40
CA ASP B 105 -4.76 -30.29 -81.46
C ASP B 105 -3.87 -29.19 -80.92
N ARG B 106 -3.88 -28.95 -79.61
CA ARG B 106 -3.06 -27.91 -78.97
C ARG B 106 -3.37 -26.54 -79.54
N GLU B 107 -4.63 -26.30 -79.89
CA GLU B 107 -5.04 -25.06 -80.52
C GLU B 107 -6.12 -24.31 -79.76
N TYR B 108 -7.09 -25.01 -79.18
CA TYR B 108 -8.14 -24.39 -78.39
C TYR B 108 -8.18 -25.02 -77.00
N ALA B 109 -8.32 -24.19 -75.98
CA ALA B 109 -8.18 -24.62 -74.59
C ALA B 109 -9.45 -24.35 -73.81
N LEU B 110 -9.59 -25.06 -72.70
CA LEU B 110 -10.71 -24.90 -71.78
C LEU B 110 -10.21 -24.31 -70.48
N PHE B 111 -10.83 -23.21 -70.05
CA PHE B 111 -10.52 -22.50 -68.81
C PHE B 111 -11.79 -22.49 -67.95
N SER B 112 -11.80 -23.27 -66.88
CA SER B 112 -12.95 -23.37 -66.00
C SER B 112 -12.60 -22.78 -64.65
N TYR B 113 -13.37 -21.78 -64.22
CA TYR B 113 -13.31 -21.22 -62.88
C TYR B 113 -14.60 -21.57 -62.14
N ASN B 114 -14.74 -21.03 -60.93
CA ASN B 114 -15.86 -21.37 -60.07
C ASN B 114 -16.45 -20.13 -59.44
N VAL B 115 -17.77 -20.16 -59.23
CA VAL B 115 -18.49 -19.20 -58.41
C VAL B 115 -19.23 -19.98 -57.34
N GLU B 116 -19.07 -19.58 -56.07
CA GLU B 116 -19.42 -20.41 -54.93
C GLU B 116 -18.74 -21.76 -55.11
N PRO B 117 -17.41 -21.82 -55.01
CA PRO B 117 -16.69 -23.05 -55.40
C PRO B 117 -16.91 -24.19 -54.43
N ILE B 118 -17.71 -25.17 -54.83
CA ILE B 118 -17.83 -26.43 -54.11
C ILE B 118 -17.19 -27.50 -54.98
N TYR B 119 -16.08 -28.06 -54.49
CA TYR B 119 -15.43 -29.15 -55.21
C TYR B 119 -14.81 -30.07 -54.15
N GLN B 120 -15.58 -31.08 -53.76
CA GLN B 120 -15.09 -32.17 -52.93
C GLN B 120 -14.74 -33.34 -53.84
N HIS B 121 -15.71 -33.76 -54.65
CA HIS B 121 -15.48 -34.48 -55.89
C HIS B 121 -16.43 -33.96 -56.98
N SER B 122 -17.04 -32.79 -56.74
CA SER B 122 -18.15 -32.31 -57.57
C SER B 122 -17.65 -31.69 -58.87
N TYR B 123 -16.68 -30.76 -58.77
CA TYR B 123 -16.09 -30.09 -59.94
C TYR B 123 -17.12 -29.25 -60.69
N THR B 124 -17.93 -28.50 -59.96
CA THR B 124 -18.89 -27.60 -60.59
C THR B 124 -18.24 -26.26 -60.92
N GLY B 125 -18.98 -25.41 -61.63
CA GLY B 125 -18.54 -24.06 -61.93
C GLY B 125 -18.76 -23.74 -63.39
N TYR B 126 -18.25 -22.58 -63.80
CA TYR B 126 -18.37 -22.14 -65.18
C TYR B 126 -17.29 -22.79 -66.04
N TYR B 127 -17.47 -22.68 -67.36
CA TYR B 127 -16.48 -23.14 -68.33
C TYR B 127 -16.33 -22.08 -69.42
N VAL B 128 -15.11 -21.98 -69.94
CA VAL B 128 -14.76 -20.93 -70.90
C VAL B 128 -13.87 -21.56 -71.98
N LEU B 129 -14.07 -21.13 -73.22
CA LEU B 129 -13.22 -21.54 -74.34
C LEU B 129 -12.24 -20.42 -74.66
N SER B 130 -10.96 -20.77 -74.78
CA SER B 130 -9.91 -19.79 -75.00
C SER B 130 -8.99 -20.26 -76.11
N LYS B 131 -8.14 -19.34 -76.57
CA LYS B 131 -7.25 -19.59 -77.69
C LYS B 131 -5.84 -19.88 -77.21
N ILE B 132 -5.11 -20.69 -77.97
CA ILE B 132 -3.74 -21.05 -77.60
C ILE B 132 -2.80 -19.85 -77.55
N PRO B 133 -2.82 -18.89 -78.52
CA PRO B 133 -1.78 -17.83 -78.49
C PRO B 133 -1.82 -17.00 -77.22
N HIS B 134 -2.95 -16.35 -76.95
CA HIS B 134 -3.09 -15.50 -75.77
C HIS B 134 -4.54 -15.08 -75.61
N GLY B 135 -5.00 -15.02 -74.37
CA GLY B 135 -6.28 -14.43 -74.04
C GLY B 135 -7.43 -15.09 -74.77
N ASP B 136 -8.29 -14.23 -75.34
CA ASP B 136 -9.49 -14.62 -76.09
C ASP B 136 -10.41 -15.53 -75.28
N PRO B 137 -10.94 -15.09 -74.15
CA PRO B 137 -11.91 -15.92 -73.42
C PRO B 137 -13.24 -15.96 -74.14
N GLN B 138 -13.96 -17.07 -73.94
CA GLN B 138 -15.29 -17.23 -74.52
C GLN B 138 -16.05 -18.25 -73.69
N SER B 139 -17.17 -17.84 -73.12
CA SER B 139 -17.93 -18.69 -72.20
C SER B 139 -18.53 -19.87 -72.95
N LEU B 140 -18.01 -21.07 -72.68
CA LEU B 140 -18.60 -22.29 -73.22
C LEU B 140 -19.98 -22.49 -72.59
N ASP B 141 -21.03 -22.34 -73.39
CA ASP B 141 -22.38 -22.34 -72.88
C ASP B 141 -23.23 -23.35 -73.62
N PRO B 142 -24.28 -23.87 -72.98
CA PRO B 142 -25.24 -24.72 -73.69
C PRO B 142 -25.99 -23.92 -74.73
N PRO B 143 -26.52 -24.56 -75.78
CA PRO B 143 -27.17 -23.81 -76.85
C PRO B 143 -28.38 -23.05 -76.35
N GLU B 144 -28.59 -21.86 -76.92
CA GLU B 144 -29.67 -20.95 -76.59
C GLU B 144 -29.64 -20.49 -75.14
N VAL B 145 -28.51 -20.67 -74.45
CA VAL B 145 -28.36 -20.28 -73.05
C VAL B 145 -27.05 -19.52 -72.91
N SER B 146 -27.08 -18.45 -72.12
CA SER B 146 -25.89 -17.61 -71.91
C SER B 146 -24.96 -18.29 -70.92
N ASN B 147 -23.97 -17.54 -70.42
CA ASN B 147 -23.00 -18.08 -69.48
C ASN B 147 -23.70 -18.66 -68.25
N ALA B 148 -23.36 -19.90 -67.92
CA ALA B 148 -23.98 -20.60 -66.80
C ALA B 148 -23.05 -21.71 -66.36
N LYS B 149 -23.35 -22.27 -65.18
CA LYS B 149 -22.51 -23.32 -64.63
C LYS B 149 -22.62 -24.60 -65.46
N LEU B 150 -21.47 -25.24 -65.68
CA LEU B 150 -21.40 -26.50 -66.39
C LEU B 150 -20.73 -27.55 -65.51
N GLN B 151 -21.23 -28.78 -65.57
CA GLN B 151 -20.76 -29.82 -64.67
C GLN B 151 -19.35 -30.27 -65.02
N TYR B 152 -19.08 -30.54 -66.29
CA TYR B 152 -17.79 -31.05 -66.71
C TYR B 152 -17.71 -31.01 -68.23
N ALA B 153 -16.53 -30.70 -68.77
CA ALA B 153 -16.35 -30.60 -70.21
C ALA B 153 -15.41 -31.66 -70.77
N GLY B 154 -14.17 -31.73 -70.27
CA GLY B 154 -13.21 -32.69 -70.80
C GLY B 154 -12.80 -32.36 -72.23
N TRP B 155 -12.11 -33.33 -72.83
CA TRP B 155 -11.64 -33.21 -74.21
C TRP B 155 -11.78 -34.54 -74.92
N GLY B 156 -11.92 -34.48 -76.24
CA GLY B 156 -11.96 -35.67 -77.06
C GLY B 156 -10.58 -36.19 -77.37
N PRO B 157 -10.53 -37.36 -77.99
CA PRO B 157 -9.23 -37.96 -78.32
C PRO B 157 -8.56 -37.35 -79.54
N LYS B 158 -9.32 -36.74 -80.46
CA LYS B 158 -8.77 -36.26 -81.72
C LYS B 158 -9.12 -34.80 -81.93
N GLY B 159 -8.11 -34.02 -82.33
CA GLY B 159 -8.33 -32.65 -82.76
C GLY B 159 -8.80 -31.69 -81.69
N GLN B 160 -10.05 -31.23 -81.81
CA GLN B 160 -10.59 -30.25 -80.89
C GLN B 160 -12.03 -30.57 -80.48
N GLN B 161 -12.51 -31.78 -80.77
CA GLN B 161 -13.86 -32.15 -80.38
C GLN B 161 -13.97 -32.25 -78.87
N LEU B 162 -15.07 -31.71 -78.33
CA LEU B 162 -15.28 -31.67 -76.89
C LEU B 162 -16.74 -31.98 -76.59
N ILE B 163 -17.03 -32.13 -75.29
CA ILE B 163 -18.40 -32.21 -74.81
C ILE B 163 -18.52 -31.34 -73.57
N PHE B 164 -19.75 -31.22 -73.08
CA PHE B 164 -20.01 -30.60 -71.80
C PHE B 164 -21.32 -31.16 -71.25
N ILE B 165 -21.52 -30.96 -69.95
CA ILE B 165 -22.65 -31.55 -69.23
C ILE B 165 -23.41 -30.43 -68.55
N PHE B 166 -24.61 -30.14 -69.04
CA PHE B 166 -25.50 -29.13 -68.46
C PHE B 166 -26.71 -29.84 -67.88
N GLU B 167 -26.98 -29.58 -66.60
CA GLU B 167 -28.06 -30.21 -65.83
C GLU B 167 -28.23 -31.69 -66.20
N ASN B 168 -27.11 -32.41 -66.10
CA ASN B 168 -27.07 -33.85 -66.38
C ASN B 168 -27.52 -34.16 -67.81
N ASN B 169 -26.94 -33.46 -68.78
CA ASN B 169 -27.19 -33.72 -70.18
C ASN B 169 -25.88 -33.53 -70.96
N ILE B 170 -25.53 -34.52 -71.78
CA ILE B 170 -24.29 -34.52 -72.53
C ILE B 170 -24.52 -33.83 -73.86
N TYR B 171 -23.85 -32.70 -74.08
CA TYR B 171 -23.89 -32.00 -75.35
C TYR B 171 -22.49 -32.06 -75.97
N TYR B 172 -22.44 -32.22 -77.29
CA TYR B 172 -21.18 -32.44 -78.00
C TYR B 172 -20.93 -31.31 -78.98
N CYS B 173 -19.65 -31.01 -79.19
CA CYS B 173 -19.22 -29.96 -80.13
C CYS B 173 -17.95 -30.46 -80.82
N ALA B 174 -18.10 -30.91 -82.07
CA ALA B 174 -16.94 -31.33 -82.84
C ALA B 174 -16.00 -30.16 -83.08
N HIS B 175 -16.54 -28.99 -83.40
CA HIS B 175 -15.78 -27.77 -83.53
C HIS B 175 -16.13 -26.83 -82.39
N VAL B 176 -15.15 -26.02 -81.97
CA VAL B 176 -15.36 -25.12 -80.84
C VAL B 176 -16.44 -24.09 -81.17
N GLY B 177 -16.39 -23.53 -82.38
CA GLY B 177 -17.43 -22.62 -82.82
C GLY B 177 -18.70 -23.29 -83.29
N LYS B 178 -18.70 -24.62 -83.41
CA LYS B 178 -19.89 -25.35 -83.85
C LYS B 178 -20.97 -25.28 -82.77
N GLN B 179 -22.22 -25.10 -83.23
CA GLN B 179 -23.35 -25.11 -82.31
C GLN B 179 -23.46 -26.47 -81.62
N ALA B 180 -23.76 -26.45 -80.33
CA ALA B 180 -23.83 -27.69 -79.56
C ALA B 180 -24.96 -28.58 -80.06
N ILE B 181 -24.69 -29.87 -80.13
CA ILE B 181 -25.64 -30.85 -80.65
C ILE B 181 -26.27 -31.58 -79.47
N ARG B 182 -27.51 -32.01 -79.66
CA ARG B 182 -28.29 -32.68 -78.61
C ARG B 182 -28.04 -34.18 -78.70
N VAL B 183 -26.89 -34.60 -78.16
CA VAL B 183 -26.55 -36.02 -78.15
C VAL B 183 -27.53 -36.80 -77.28
N VAL B 184 -27.75 -36.34 -76.05
CA VAL B 184 -28.64 -37.00 -75.12
C VAL B 184 -29.07 -35.98 -74.06
N SER B 185 -30.36 -35.98 -73.74
CA SER B 185 -30.90 -35.05 -72.75
C SER B 185 -31.90 -35.68 -71.80
N THR B 186 -31.98 -37.02 -71.75
CA THR B 186 -32.92 -37.67 -70.85
C THR B 186 -32.58 -37.45 -69.38
N GLY B 187 -31.39 -36.95 -69.07
CA GLY B 187 -31.01 -36.70 -67.70
C GLY B 187 -31.82 -35.58 -67.07
N LYS B 188 -31.94 -35.66 -65.74
CA LYS B 188 -32.68 -34.68 -64.96
C LYS B 188 -31.80 -34.19 -63.83
N GLU B 189 -32.12 -33.00 -63.32
CA GLU B 189 -31.36 -32.38 -62.24
C GLU B 189 -31.55 -33.19 -60.96
N GLY B 190 -30.51 -33.88 -60.52
CA GLY B 190 -30.55 -34.62 -59.28
C GLY B 190 -31.42 -35.86 -59.29
N VAL B 191 -31.91 -36.28 -60.46
CA VAL B 191 -32.75 -37.46 -60.58
C VAL B 191 -32.14 -38.49 -61.53
N ILE B 192 -31.77 -38.07 -62.72
CA ILE B 192 -31.15 -38.94 -63.72
C ILE B 192 -29.75 -38.42 -63.98
N TYR B 193 -28.75 -39.29 -63.79
CA TYR B 193 -27.34 -38.91 -63.90
C TYR B 193 -26.72 -39.65 -65.08
N ASN B 194 -26.53 -38.95 -66.19
CA ASN B 194 -25.80 -39.50 -67.32
C ASN B 194 -24.66 -38.56 -67.70
N GLY B 195 -23.50 -39.15 -67.97
CA GLY B 195 -22.29 -38.39 -68.14
C GLY B 195 -21.53 -38.10 -66.86
N LEU B 196 -22.17 -38.30 -65.71
CA LEU B 196 -21.54 -38.14 -64.41
C LEU B 196 -22.01 -39.25 -63.49
N SER B 197 -21.23 -39.52 -62.47
CA SER B 197 -21.58 -40.52 -61.47
C SER B 197 -22.37 -39.88 -60.34
N ASP B 198 -23.40 -40.58 -59.88
CA ASP B 198 -24.15 -40.11 -58.72
C ASP B 198 -23.30 -40.24 -57.46
N TRP B 199 -23.86 -39.85 -56.32
CA TRP B 199 -23.08 -39.79 -55.09
C TRP B 199 -22.52 -41.16 -54.71
N LEU B 200 -23.34 -42.21 -54.83
CA LEU B 200 -22.88 -43.54 -54.44
C LEU B 200 -21.70 -43.98 -55.29
N TYR B 201 -21.77 -43.74 -56.60
CA TYR B 201 -20.64 -44.05 -57.46
C TYR B 201 -19.51 -43.04 -57.27
N GLU B 202 -19.85 -41.79 -56.96
CA GLU B 202 -18.84 -40.75 -56.79
C GLU B 202 -18.03 -40.93 -55.51
N GLU B 203 -18.51 -41.74 -54.57
CA GLU B 203 -17.88 -41.82 -53.25
C GLU B 203 -17.56 -43.22 -52.78
N GLU B 204 -18.23 -44.26 -53.27
CA GLU B 204 -18.11 -45.57 -52.66
C GLU B 204 -17.57 -46.67 -53.56
N ILE B 205 -17.85 -46.64 -54.86
CA ILE B 205 -17.39 -47.72 -55.73
C ILE B 205 -16.50 -47.19 -56.85
N LEU B 206 -17.05 -46.31 -57.70
CA LEU B 206 -16.25 -45.77 -58.79
C LEU B 206 -15.18 -44.81 -58.29
N LYS B 207 -15.54 -43.95 -57.32
CA LYS B 207 -14.65 -42.93 -56.79
C LYS B 207 -14.12 -41.99 -57.86
N THR B 208 -14.87 -41.85 -58.96
CA THR B 208 -14.46 -41.02 -60.08
C THR B 208 -15.52 -39.97 -60.38
N HIS B 209 -15.07 -38.79 -60.79
CA HIS B 209 -15.99 -37.72 -61.15
C HIS B 209 -16.65 -37.98 -62.50
N ILE B 210 -15.93 -38.55 -63.44
CA ILE B 210 -16.40 -38.73 -64.80
C ILE B 210 -16.99 -40.13 -64.95
N ALA B 211 -18.09 -40.23 -65.69
CA ALA B 211 -18.77 -41.50 -65.92
C ALA B 211 -19.01 -41.73 -67.41
N HIS B 212 -18.16 -41.16 -68.26
CA HIS B 212 -18.20 -41.41 -69.70
C HIS B 212 -16.78 -41.62 -70.20
N TRP B 213 -16.65 -42.45 -71.22
CA TRP B 213 -15.35 -42.84 -71.76
C TRP B 213 -15.37 -42.73 -73.28
N TRP B 214 -14.39 -42.00 -73.81
CA TRP B 214 -14.27 -41.81 -75.25
C TRP B 214 -13.74 -43.08 -75.92
N SER B 215 -14.16 -43.28 -77.17
CA SER B 215 -13.63 -44.37 -77.96
C SER B 215 -12.20 -44.06 -78.39
N PRO B 216 -11.40 -45.10 -78.67
CA PRO B 216 -10.01 -44.85 -79.09
C PRO B 216 -9.90 -44.03 -80.36
N ASP B 217 -10.84 -44.18 -81.29
CA ASP B 217 -10.79 -43.46 -82.56
C ASP B 217 -11.44 -42.08 -82.48
N GLY B 218 -11.99 -41.70 -81.34
CA GLY B 218 -12.68 -40.43 -81.22
C GLY B 218 -13.95 -40.35 -82.05
N THR B 219 -14.74 -41.42 -82.05
CA THR B 219 -15.98 -41.49 -82.82
C THR B 219 -17.20 -41.77 -81.98
N ARG B 220 -17.07 -42.54 -80.90
CA ARG B 220 -18.20 -42.93 -80.06
C ARG B 220 -17.86 -42.67 -78.60
N LEU B 221 -18.89 -42.76 -77.75
CA LEU B 221 -18.75 -42.61 -76.31
C LEU B 221 -19.51 -43.74 -75.62
N ALA B 222 -18.95 -44.21 -74.51
CA ALA B 222 -19.63 -45.14 -73.62
C ALA B 222 -19.98 -44.39 -72.35
N TYR B 223 -21.27 -44.22 -72.08
CA TYR B 223 -21.73 -43.42 -70.95
C TYR B 223 -22.78 -44.18 -70.16
N ALA B 224 -22.79 -43.95 -68.85
CA ALA B 224 -23.69 -44.64 -67.93
C ALA B 224 -24.79 -43.68 -67.48
N ALA B 225 -26.03 -44.15 -67.58
CA ALA B 225 -27.19 -43.40 -67.11
C ALA B 225 -27.72 -44.07 -65.85
N ILE B 226 -27.88 -43.28 -64.79
CA ILE B 226 -28.29 -43.77 -63.49
C ILE B 226 -29.66 -43.17 -63.17
N ASN B 227 -30.62 -44.03 -62.92
CA ASN B 227 -31.92 -43.64 -62.39
C ASN B 227 -31.88 -43.70 -60.86
N ASP B 228 -32.27 -42.60 -60.23
CA ASP B 228 -32.29 -42.45 -58.79
C ASP B 228 -33.70 -42.28 -58.24
N SER B 229 -34.73 -42.41 -59.07
CA SER B 229 -36.09 -42.14 -58.63
C SER B 229 -36.52 -43.11 -57.53
N ARG B 230 -36.16 -44.39 -57.67
CA ARG B 230 -36.49 -45.38 -56.67
C ARG B 230 -35.59 -45.33 -55.44
N VAL B 231 -34.56 -44.49 -55.47
CA VAL B 231 -33.65 -44.39 -54.32
C VAL B 231 -34.31 -43.53 -53.24
N PRO B 232 -34.35 -43.99 -52.00
CA PRO B 232 -34.89 -43.15 -50.92
C PRO B 232 -34.06 -41.89 -50.76
N ILE B 233 -34.73 -40.81 -50.34
CA ILE B 233 -34.18 -39.46 -50.36
C ILE B 233 -33.91 -39.00 -48.94
N MET B 234 -32.72 -38.44 -48.72
CA MET B 234 -32.34 -37.81 -47.47
C MET B 234 -32.30 -36.30 -47.64
N GLU B 235 -32.72 -35.60 -46.60
CA GLU B 235 -32.76 -34.13 -46.57
C GLU B 235 -31.78 -33.64 -45.50
N LEU B 236 -30.69 -33.04 -45.93
CA LEU B 236 -29.70 -32.49 -45.01
C LEU B 236 -30.17 -31.15 -44.45
N PRO B 237 -30.19 -30.99 -43.14
CA PRO B 237 -30.65 -29.72 -42.56
C PRO B 237 -29.72 -28.57 -42.92
N THR B 238 -30.30 -27.37 -42.98
CA THR B 238 -29.57 -26.15 -43.27
C THR B 238 -29.95 -25.08 -42.26
N TYR B 239 -28.95 -24.36 -41.77
CA TYR B 239 -29.17 -23.28 -40.81
C TYR B 239 -28.71 -21.92 -41.33
N THR B 240 -27.48 -21.82 -41.82
CA THR B 240 -26.89 -20.55 -42.22
C THR B 240 -27.54 -19.96 -43.47
N GLY B 241 -28.26 -20.77 -44.25
CA GLY B 241 -28.80 -20.35 -45.53
C GLY B 241 -29.56 -19.03 -45.57
N SER B 242 -30.72 -18.97 -44.91
CA SER B 242 -31.57 -17.79 -44.98
C SER B 242 -32.37 -17.69 -43.69
N ILE B 243 -33.31 -16.72 -43.65
CA ILE B 243 -34.16 -16.56 -42.49
C ILE B 243 -35.14 -17.73 -42.39
N TYR B 244 -35.43 -18.38 -43.50
CA TYR B 244 -36.25 -19.61 -43.53
C TYR B 244 -35.47 -20.67 -44.28
N PRO B 245 -34.41 -21.21 -43.67
CA PRO B 245 -33.57 -22.17 -44.39
C PRO B 245 -34.34 -23.42 -44.74
N THR B 246 -34.02 -23.98 -45.91
CA THR B 246 -34.64 -25.20 -46.39
C THR B 246 -33.60 -26.31 -46.46
N VAL B 247 -34.04 -27.53 -46.19
CA VAL B 247 -33.14 -28.68 -46.23
C VAL B 247 -32.75 -28.98 -47.68
N LYS B 248 -31.52 -29.47 -47.85
CA LYS B 248 -31.04 -29.87 -49.17
C LYS B 248 -31.45 -31.32 -49.40
N PRO B 249 -32.35 -31.61 -50.33
CA PRO B 249 -32.74 -33.01 -50.57
C PRO B 249 -31.95 -33.66 -51.70
N TYR B 250 -31.58 -34.91 -51.47
CA TYR B 250 -30.92 -35.69 -52.52
C TYR B 250 -31.01 -37.16 -52.17
N HIS B 251 -30.78 -38.00 -53.16
CA HIS B 251 -30.91 -39.45 -52.98
C HIS B 251 -29.64 -40.00 -52.33
N TYR B 252 -29.79 -40.52 -51.11
CA TYR B 252 -28.67 -41.06 -50.34
C TYR B 252 -29.05 -42.48 -49.94
N PRO B 253 -28.63 -43.48 -50.71
CA PRO B 253 -28.98 -44.86 -50.38
C PRO B 253 -28.44 -45.27 -49.02
N LYS B 254 -29.17 -46.14 -48.34
CA LYS B 254 -28.80 -46.64 -47.03
C LYS B 254 -28.92 -48.16 -47.02
N ALA B 255 -28.49 -48.76 -45.91
CA ALA B 255 -28.53 -50.21 -45.79
C ALA B 255 -29.97 -50.72 -45.88
N GLY B 256 -30.17 -51.74 -46.71
CA GLY B 256 -31.48 -52.31 -46.91
C GLY B 256 -32.41 -51.49 -47.76
N SER B 257 -31.93 -50.41 -48.38
CA SER B 257 -32.75 -49.55 -49.22
C SER B 257 -32.52 -49.90 -50.69
N GLU B 258 -33.10 -49.09 -51.58
CA GLU B 258 -32.99 -49.33 -53.01
C GLU B 258 -31.73 -48.65 -53.56
N ASN B 259 -30.83 -49.45 -54.11
CA ASN B 259 -29.63 -48.92 -54.72
C ASN B 259 -29.98 -48.21 -56.03
N PRO B 260 -29.18 -47.22 -56.42
CA PRO B 260 -29.42 -46.56 -57.72
C PRO B 260 -29.30 -47.56 -58.86
N SER B 261 -30.14 -47.39 -59.88
CA SER B 261 -30.09 -48.26 -61.04
C SER B 261 -29.20 -47.64 -62.10
N ILE B 262 -28.39 -48.46 -62.75
CA ILE B 262 -27.42 -47.98 -63.73
C ILE B 262 -27.57 -48.80 -65.01
N SER B 263 -27.43 -48.12 -66.16
CA SER B 263 -27.42 -48.79 -67.44
C SER B 263 -26.36 -48.13 -68.32
N LEU B 264 -25.54 -48.94 -68.96
CA LEU B 264 -24.44 -48.44 -69.79
C LEU B 264 -24.86 -48.45 -71.24
N HIS B 265 -24.57 -47.35 -71.94
CA HIS B 265 -24.98 -47.16 -73.33
C HIS B 265 -23.79 -46.67 -74.14
N VAL B 266 -23.90 -46.86 -75.46
CA VAL B 266 -22.90 -46.37 -76.41
C VAL B 266 -23.59 -45.47 -77.42
N ILE B 267 -23.06 -44.26 -77.61
CA ILE B 267 -23.65 -43.28 -78.52
C ILE B 267 -22.54 -42.65 -79.34
N GLY B 268 -22.74 -42.55 -80.65
CA GLY B 268 -21.74 -41.95 -81.51
C GLY B 268 -21.67 -40.44 -81.35
N LEU B 269 -20.55 -39.88 -81.83
CA LEU B 269 -20.35 -38.44 -81.81
C LEU B 269 -20.90 -37.73 -83.03
N ASN B 270 -21.22 -38.46 -84.10
CA ASN B 270 -21.66 -37.83 -85.33
C ASN B 270 -22.70 -38.71 -86.01
N GLY B 271 -23.44 -38.11 -86.93
CA GLY B 271 -24.46 -38.81 -87.67
C GLY B 271 -25.69 -39.11 -86.84
N PRO B 272 -26.35 -40.23 -87.11
CA PRO B 272 -27.55 -40.60 -86.34
C PRO B 272 -27.27 -40.77 -84.86
N THR B 273 -26.09 -41.24 -84.48
CA THR B 273 -25.71 -41.47 -83.09
C THR B 273 -26.70 -42.44 -82.42
N HIS B 274 -26.75 -43.65 -82.97
CA HIS B 274 -27.68 -44.67 -82.46
C HIS B 274 -27.28 -45.09 -81.05
N ASP B 275 -28.26 -45.16 -80.17
CA ASP B 275 -28.03 -45.56 -78.78
C ASP B 275 -28.12 -47.07 -78.66
N LEU B 276 -27.06 -47.68 -78.14
CA LEU B 276 -27.00 -49.12 -77.93
C LEU B 276 -26.84 -49.41 -76.44
N GLU B 277 -27.66 -50.30 -75.92
CA GLU B 277 -27.61 -50.69 -74.53
C GLU B 277 -27.17 -52.15 -74.43
N MET B 278 -26.25 -52.42 -73.51
CA MET B 278 -25.60 -53.73 -73.42
C MET B 278 -26.29 -54.61 -72.39
N MET B 279 -26.47 -55.87 -72.73
CA MET B 279 -27.16 -56.82 -71.87
C MET B 279 -26.31 -57.17 -70.65
N PRO B 280 -26.80 -56.98 -69.43
CA PRO B 280 -26.12 -57.52 -68.26
C PRO B 280 -26.33 -59.01 -68.15
N PRO B 281 -25.44 -59.73 -67.45
CA PRO B 281 -25.64 -61.17 -67.31
C PRO B 281 -26.87 -61.50 -66.49
N ASP B 282 -27.45 -62.66 -66.75
CA ASP B 282 -28.68 -63.12 -66.11
C ASP B 282 -28.40 -64.28 -65.15
N ASP B 283 -27.27 -64.23 -64.45
CA ASP B 283 -26.93 -65.27 -63.50
C ASP B 283 -27.86 -65.21 -62.30
N PRO B 284 -28.09 -66.35 -61.63
CA PRO B 284 -28.89 -66.32 -60.39
C PRO B 284 -28.27 -65.45 -59.30
N ARG B 285 -26.94 -65.29 -59.30
CA ARG B 285 -26.25 -64.44 -58.36
C ARG B 285 -25.95 -63.06 -58.94
N MET B 286 -26.83 -62.55 -59.81
CA MET B 286 -26.63 -61.29 -60.51
C MET B 286 -27.91 -60.46 -60.47
N ARG B 287 -28.47 -60.29 -59.27
CA ARG B 287 -29.71 -59.54 -59.13
C ARG B 287 -29.59 -58.12 -59.64
N GLU B 288 -28.56 -57.40 -59.18
CA GLU B 288 -28.28 -56.05 -59.66
C GLU B 288 -26.77 -55.86 -59.71
N TYR B 289 -26.32 -54.99 -60.61
CA TYR B 289 -24.91 -54.89 -60.95
C TYR B 289 -24.35 -53.50 -60.63
N TYR B 290 -23.16 -53.50 -60.04
CA TYR B 290 -22.31 -52.33 -59.96
C TYR B 290 -21.31 -52.38 -61.11
N ILE B 291 -21.15 -51.26 -61.81
CA ILE B 291 -20.20 -51.16 -62.91
C ILE B 291 -18.88 -50.72 -62.28
N THR B 292 -18.07 -51.68 -61.87
CA THR B 292 -16.82 -51.35 -61.19
C THR B 292 -15.69 -51.03 -62.17
N MET B 293 -15.86 -51.34 -63.45
CA MET B 293 -14.87 -51.03 -64.47
C MET B 293 -15.50 -51.11 -65.85
N VAL B 294 -15.11 -50.18 -66.71
CA VAL B 294 -15.49 -50.19 -68.12
C VAL B 294 -14.44 -49.43 -68.92
N LYS B 295 -14.02 -50.01 -70.05
CA LYS B 295 -13.02 -49.39 -70.90
C LYS B 295 -13.17 -49.93 -72.31
N TRP B 296 -13.00 -49.05 -73.29
CA TRP B 296 -13.06 -49.44 -74.69
C TRP B 296 -11.95 -50.44 -75.02
N ALA B 297 -12.34 -51.69 -75.29
CA ALA B 297 -11.36 -52.70 -75.67
C ALA B 297 -10.69 -52.33 -76.99
N THR B 298 -11.49 -51.94 -77.97
CA THR B 298 -11.00 -51.43 -79.25
C THR B 298 -11.84 -50.20 -79.60
N SER B 299 -11.74 -49.74 -80.85
CA SER B 299 -12.62 -48.68 -81.31
C SER B 299 -14.07 -49.12 -81.39
N THR B 300 -14.34 -50.42 -81.31
CA THR B 300 -15.70 -50.94 -81.31
C THR B 300 -15.99 -51.94 -80.19
N LYS B 301 -14.97 -52.49 -79.55
CA LYS B 301 -15.14 -53.43 -78.45
C LYS B 301 -15.05 -52.72 -77.11
N VAL B 302 -15.49 -53.41 -76.06
CA VAL B 302 -15.50 -52.85 -74.72
C VAL B 302 -15.45 -53.99 -73.71
N ALA B 303 -14.85 -53.71 -72.55
CA ALA B 303 -14.78 -54.66 -71.45
C ALA B 303 -15.38 -54.01 -70.21
N VAL B 304 -16.27 -54.74 -69.53
CA VAL B 304 -17.00 -54.20 -68.39
C VAL B 304 -16.88 -55.17 -67.23
N THR B 305 -16.56 -54.64 -66.04
CA THR B 305 -16.59 -55.43 -64.82
C THR B 305 -17.90 -55.18 -64.10
N TRP B 306 -18.77 -56.19 -64.08
CA TRP B 306 -20.09 -56.12 -63.47
C TRP B 306 -20.06 -56.95 -62.20
N LEU B 307 -20.39 -56.33 -61.07
CA LEU B 307 -20.29 -56.96 -59.76
C LEU B 307 -21.70 -57.06 -59.18
N ASN B 308 -22.01 -58.21 -58.56
CA ASN B 308 -23.37 -58.44 -58.11
C ASN B 308 -23.76 -57.46 -57.00
N ARG B 309 -25.07 -57.39 -56.73
CA ARG B 309 -25.56 -56.49 -55.69
C ARG B 309 -24.99 -56.83 -54.32
N ALA B 310 -24.78 -58.13 -54.05
CA ALA B 310 -24.08 -58.53 -52.84
C ALA B 310 -22.60 -58.18 -52.90
N GLN B 311 -22.13 -57.71 -54.05
CA GLN B 311 -20.73 -57.31 -54.29
C GLN B 311 -19.74 -58.29 -53.65
N ASN B 312 -19.98 -59.57 -53.93
CA ASN B 312 -19.02 -60.63 -53.69
C ASN B 312 -18.88 -61.57 -54.89
N VAL B 313 -19.46 -61.22 -56.04
CA VAL B 313 -19.41 -62.02 -57.25
C VAL B 313 -19.10 -61.09 -58.42
N SER B 314 -17.91 -61.22 -59.00
CA SER B 314 -17.45 -60.33 -60.06
C SER B 314 -17.43 -61.06 -61.39
N ILE B 315 -17.87 -60.37 -62.44
CA ILE B 315 -17.90 -60.92 -63.79
C ILE B 315 -17.27 -59.91 -64.73
N LEU B 316 -16.19 -60.30 -65.39
CA LEU B 316 -15.58 -59.48 -66.43
C LEU B 316 -16.13 -59.95 -67.77
N THR B 317 -16.79 -59.06 -68.49
CA THR B 317 -17.51 -59.38 -69.72
C THR B 317 -16.98 -58.53 -70.86
N LEU B 318 -16.96 -59.13 -72.06
CA LEU B 318 -16.55 -58.43 -73.27
C LEU B 318 -17.77 -58.24 -74.17
N CYS B 319 -18.03 -56.99 -74.54
CA CYS B 319 -19.13 -56.66 -75.43
C CYS B 319 -18.60 -55.87 -76.62
N ASP B 320 -19.46 -55.66 -77.60
CA ASP B 320 -19.15 -54.86 -78.78
C ASP B 320 -20.00 -53.60 -78.73
N ALA B 321 -19.36 -52.44 -78.73
CA ALA B 321 -20.09 -51.18 -78.64
C ALA B 321 -21.01 -50.98 -79.84
N THR B 322 -20.53 -51.32 -81.04
CA THR B 322 -21.33 -51.17 -82.25
C THR B 322 -22.39 -52.26 -82.37
N THR B 323 -22.24 -53.37 -81.66
CA THR B 323 -23.16 -54.49 -81.73
C THR B 323 -24.00 -54.68 -80.48
N GLY B 324 -23.38 -54.60 -79.29
CA GLY B 324 -24.10 -54.80 -78.05
C GLY B 324 -24.13 -56.24 -77.55
N VAL B 325 -23.57 -57.19 -78.30
CA VAL B 325 -23.56 -58.59 -77.88
C VAL B 325 -22.50 -58.76 -76.80
N CYS B 326 -22.91 -59.24 -75.63
CA CYS B 326 -22.02 -59.43 -74.49
C CYS B 326 -21.79 -60.91 -74.24
N THR B 327 -20.52 -61.29 -74.10
CA THR B 327 -20.13 -62.65 -73.73
C THR B 327 -19.10 -62.57 -72.61
N LYS B 328 -19.28 -63.40 -71.59
CA LYS B 328 -18.39 -63.38 -70.44
C LYS B 328 -16.98 -63.82 -70.84
N LYS B 329 -15.97 -63.10 -70.34
CA LYS B 329 -14.60 -63.52 -70.49
C LYS B 329 -13.99 -64.06 -69.20
N HIS B 330 -14.53 -63.70 -68.04
CA HIS B 330 -13.95 -64.14 -66.78
C HIS B 330 -14.97 -63.98 -65.66
N GLU B 331 -14.83 -64.79 -64.62
CA GLU B 331 -15.71 -64.73 -63.46
C GLU B 331 -14.95 -65.16 -62.21
N ASP B 332 -15.15 -64.42 -61.12
CA ASP B 332 -14.63 -64.79 -59.81
C ASP B 332 -15.70 -64.66 -58.74
N GLU B 333 -15.53 -65.46 -57.69
CA GLU B 333 -16.39 -65.44 -56.51
C GLU B 333 -15.53 -65.50 -55.27
N SER B 334 -15.87 -64.70 -54.27
CA SER B 334 -15.20 -64.74 -52.97
C SER B 334 -16.25 -64.89 -51.88
N GLU B 335 -15.85 -65.55 -50.79
CA GLU B 335 -16.81 -65.84 -49.73
C GLU B 335 -17.34 -64.56 -49.08
N ALA B 336 -16.48 -63.58 -48.85
CA ALA B 336 -16.90 -62.34 -48.21
C ALA B 336 -17.19 -61.24 -49.23
N TRP B 337 -16.19 -60.83 -49.99
CA TRP B 337 -16.35 -59.79 -51.00
C TRP B 337 -15.08 -59.74 -51.84
N LEU B 338 -15.12 -58.91 -52.89
CA LEU B 338 -13.99 -58.71 -53.78
C LEU B 338 -13.41 -57.32 -53.54
N HIS B 339 -12.09 -57.26 -53.42
CA HIS B 339 -11.38 -56.02 -53.12
C HIS B 339 -10.79 -55.41 -54.38
N ARG B 340 -10.60 -54.09 -54.34
CA ARG B 340 -10.01 -53.28 -55.42
C ARG B 340 -10.57 -53.69 -56.79
N GLN B 341 -11.89 -53.58 -56.92
CA GLN B 341 -12.58 -53.92 -58.15
C GLN B 341 -12.45 -52.85 -59.23
N ASN B 342 -11.58 -51.87 -59.05
CA ASN B 342 -11.35 -50.82 -60.03
C ASN B 342 -10.05 -51.04 -60.81
N GLU B 343 -9.74 -52.30 -61.12
CA GLU B 343 -8.52 -52.59 -61.86
C GLU B 343 -8.60 -52.01 -63.27
N GLU B 344 -7.45 -51.54 -63.77
CA GLU B 344 -7.37 -50.93 -65.10
C GLU B 344 -6.71 -51.91 -66.06
N PRO B 345 -7.47 -52.56 -66.95
CA PRO B 345 -6.84 -53.48 -67.91
C PRO B 345 -6.17 -52.74 -69.05
N VAL B 346 -4.83 -52.71 -69.05
CA VAL B 346 -4.09 -52.06 -70.12
C VAL B 346 -4.14 -52.95 -71.36
N PHE B 347 -4.51 -52.36 -72.50
CA PHE B 347 -4.71 -53.11 -73.73
C PHE B 347 -3.64 -52.73 -74.75
N SER B 348 -3.58 -53.50 -75.82
CA SER B 348 -2.67 -53.22 -76.92
C SER B 348 -3.28 -52.20 -77.88
N LYS B 349 -2.57 -51.92 -78.98
CA LYS B 349 -3.07 -50.97 -79.96
C LYS B 349 -4.18 -51.56 -80.82
N ASP B 350 -4.21 -52.88 -80.99
CA ASP B 350 -5.20 -53.54 -81.84
C ASP B 350 -6.06 -54.53 -81.06
N GLY B 351 -6.16 -54.37 -79.75
CA GLY B 351 -6.94 -55.28 -78.94
C GLY B 351 -6.43 -56.70 -78.89
N ARG B 352 -5.11 -56.88 -78.91
CA ARG B 352 -4.50 -58.20 -78.82
C ARG B 352 -4.47 -58.63 -77.35
N LYS B 353 -3.70 -59.68 -77.06
CA LYS B 353 -3.59 -60.16 -75.68
C LYS B 353 -3.08 -59.05 -74.77
N PHE B 354 -3.72 -58.91 -73.62
CA PHE B 354 -3.52 -57.78 -72.71
C PHE B 354 -3.20 -58.29 -71.31
N PHE B 355 -3.09 -57.34 -70.37
CA PHE B 355 -2.72 -57.61 -69.00
C PHE B 355 -3.84 -57.17 -68.07
N PHE B 356 -3.94 -57.82 -66.92
CA PHE B 356 -4.95 -57.51 -65.91
C PHE B 356 -4.35 -57.89 -64.56
N ILE B 357 -5.08 -57.59 -63.48
CA ILE B 357 -4.61 -57.93 -62.14
C ILE B 357 -5.76 -58.54 -61.36
N ARG B 358 -5.48 -59.65 -60.65
CA ARG B 358 -6.52 -60.36 -59.95
C ARG B 358 -5.89 -61.08 -58.76
N ALA B 359 -6.75 -61.54 -57.84
CA ALA B 359 -6.30 -62.20 -56.62
C ALA B 359 -6.05 -63.67 -56.93
N ILE B 360 -4.84 -63.97 -57.40
CA ILE B 360 -4.42 -65.34 -57.64
C ILE B 360 -4.26 -66.02 -56.29
N PRO B 361 -4.46 -67.34 -56.21
CA PRO B 361 -4.47 -68.01 -54.88
C PRO B 361 -3.19 -67.79 -54.07
N GLN B 362 -2.03 -67.79 -54.72
CA GLN B 362 -0.75 -67.53 -54.05
C GLN B 362 -0.53 -68.46 -52.86
N GLY B 363 -1.12 -69.65 -52.89
CA GLY B 363 -0.97 -70.58 -51.79
C GLY B 363 -1.56 -70.02 -50.51
N GLY B 364 -0.87 -70.29 -49.40
CA GLY B 364 -1.31 -69.83 -48.12
C GLY B 364 -1.07 -68.34 -47.90
N ARG B 365 -1.48 -67.87 -46.72
CA ARG B 365 -1.34 -66.47 -46.31
C ARG B 365 -2.06 -65.54 -47.29
N GLY B 366 -3.28 -65.93 -47.66
CA GLY B 366 -4.14 -65.09 -48.46
C GLY B 366 -3.83 -65.09 -49.94
N LYS B 367 -4.88 -64.98 -50.76
CA LYS B 367 -4.72 -64.91 -52.21
C LYS B 367 -4.26 -63.51 -52.59
N PHE B 368 -2.96 -63.35 -52.75
CA PHE B 368 -2.38 -62.06 -53.09
C PHE B 368 -2.82 -61.63 -54.49
N TYR B 369 -2.83 -60.32 -54.69
CA TYR B 369 -3.25 -59.73 -55.97
C TYR B 369 -2.02 -59.61 -56.87
N HIS B 370 -2.01 -60.38 -57.95
CA HIS B 370 -0.89 -60.42 -58.88
C HIS B 370 -1.40 -60.23 -60.31
N ILE B 371 -0.45 -60.02 -61.22
CA ILE B 371 -0.77 -59.79 -62.62
C ILE B 371 -1.24 -61.09 -63.26
N THR B 372 -1.98 -60.96 -64.36
CA THR B 372 -2.52 -62.09 -65.10
C THR B 372 -2.64 -61.68 -66.56
N VAL B 373 -2.05 -62.49 -67.45
CA VAL B 373 -2.14 -62.23 -68.88
C VAL B 373 -3.42 -62.84 -69.43
N SER B 374 -4.11 -62.11 -70.30
CA SER B 374 -5.31 -62.59 -70.94
C SER B 374 -5.12 -62.53 -72.45
N SER B 375 -5.57 -63.58 -73.15
CA SER B 375 -5.49 -63.56 -74.60
C SER B 375 -6.51 -62.58 -75.17
N SER B 376 -6.33 -62.23 -76.44
CA SER B 376 -7.24 -61.30 -77.10
C SER B 376 -8.65 -61.87 -77.14
N GLN B 377 -8.78 -63.14 -77.49
CA GLN B 377 -10.07 -63.84 -77.55
C GLN B 377 -9.94 -65.12 -76.72
N PRO B 378 -10.23 -65.04 -75.42
CA PRO B 378 -10.13 -66.24 -74.57
C PRO B 378 -11.31 -67.17 -74.80
N ASN B 379 -11.02 -68.40 -75.18
CA ASN B 379 -12.05 -69.37 -75.47
C ASN B 379 -12.82 -69.74 -74.20
N SER B 380 -14.07 -70.16 -74.39
CA SER B 380 -14.88 -70.59 -73.26
C SER B 380 -14.37 -71.88 -72.64
N SER B 381 -13.51 -72.63 -73.35
CA SER B 381 -12.99 -73.88 -72.81
C SER B 381 -12.12 -73.64 -71.58
N ASN B 382 -11.25 -72.63 -71.63
CA ASN B 382 -10.34 -72.37 -70.52
C ASN B 382 -9.93 -70.91 -70.53
N ASP B 383 -9.40 -70.46 -69.39
CA ASP B 383 -8.88 -69.11 -69.26
C ASP B 383 -7.38 -69.08 -69.50
N ASN B 384 -6.84 -67.86 -69.59
CA ASN B 384 -5.41 -67.65 -69.81
C ASN B 384 -4.68 -67.31 -68.52
N ILE B 385 -5.15 -67.83 -67.39
CA ILE B 385 -4.62 -67.43 -66.09
C ILE B 385 -3.16 -67.83 -65.99
N GLN B 386 -2.29 -66.83 -65.85
CA GLN B 386 -0.86 -67.06 -65.65
C GLN B 386 -0.27 -65.84 -64.98
N SER B 387 0.32 -66.03 -63.80
CA SER B 387 0.89 -64.92 -63.04
C SER B 387 2.22 -64.53 -63.64
N ILE B 388 2.34 -63.26 -64.05
CA ILE B 388 3.62 -62.76 -64.54
C ILE B 388 4.67 -62.83 -63.44
N THR B 389 4.30 -62.42 -62.23
CA THR B 389 5.15 -62.53 -61.06
C THR B 389 4.36 -63.14 -59.91
N SER B 390 5.05 -63.92 -59.09
CA SER B 390 4.44 -64.59 -57.95
C SER B 390 5.25 -64.35 -56.70
N GLY B 391 4.57 -64.04 -55.61
CA GLY B 391 5.23 -63.78 -54.35
C GLY B 391 4.25 -63.30 -53.31
N ASP B 392 4.75 -63.15 -52.09
CA ASP B 392 3.94 -62.70 -50.96
C ASP B 392 3.88 -61.16 -50.95
N TRP B 393 3.29 -60.63 -52.02
CA TRP B 393 3.17 -59.19 -52.20
C TRP B 393 2.10 -58.93 -53.25
N ASP B 394 1.81 -57.65 -53.48
CA ASP B 394 0.76 -57.24 -54.39
C ASP B 394 1.26 -56.12 -55.30
N VAL B 395 0.58 -55.98 -56.44
CA VAL B 395 0.83 -54.89 -57.37
C VAL B 395 -0.20 -53.80 -57.10
N THR B 396 0.26 -52.66 -56.60
CA THR B 396 -0.67 -51.57 -56.31
C THR B 396 -1.36 -51.08 -57.59
N LYS B 397 -0.59 -50.95 -58.67
CA LYS B 397 -1.18 -50.52 -59.94
C LYS B 397 -0.29 -50.94 -61.10
N ILE B 398 -0.93 -51.30 -62.21
CA ILE B 398 -0.21 -51.59 -63.45
C ILE B 398 0.02 -50.26 -64.18
N LEU B 399 1.27 -50.00 -64.54
CA LEU B 399 1.63 -48.66 -65.00
C LEU B 399 1.31 -48.47 -66.48
N ALA B 400 1.97 -49.21 -67.36
CA ALA B 400 1.79 -49.04 -68.80
C ALA B 400 2.44 -50.20 -69.53
N TYR B 401 1.91 -50.48 -70.73
CA TYR B 401 2.38 -51.58 -71.55
C TYR B 401 2.45 -51.14 -73.01
N ASP B 402 3.53 -51.54 -73.68
CA ASP B 402 3.68 -51.34 -75.12
C ASP B 402 4.12 -52.64 -75.76
N GLU B 403 3.69 -52.84 -77.01
CA GLU B 403 3.88 -54.14 -77.67
C GLU B 403 5.35 -54.42 -77.95
N LYS B 404 6.14 -53.40 -78.24
CA LYS B 404 7.54 -53.62 -78.59
C LYS B 404 8.31 -54.21 -77.41
N GLY B 405 9.16 -55.18 -77.71
CA GLY B 405 9.98 -55.81 -76.69
C GLY B 405 9.16 -56.52 -75.63
N ASN B 406 9.66 -56.48 -74.40
CA ASN B 406 8.97 -57.11 -73.27
C ASN B 406 9.26 -56.32 -71.98
N LYS B 407 8.38 -55.36 -71.71
CA LYS B 407 8.56 -54.46 -70.57
C LYS B 407 7.18 -54.01 -70.08
N ILE B 408 6.69 -54.65 -69.02
CA ILE B 408 5.51 -54.20 -68.30
C ILE B 408 5.95 -53.60 -66.98
N TYR B 409 5.56 -52.35 -66.73
CA TYR B 409 5.95 -51.64 -65.53
C TYR B 409 4.73 -51.51 -64.62
N PHE B 410 5.00 -51.49 -63.31
CA PHE B 410 3.92 -51.45 -62.33
C PHE B 410 4.46 -51.01 -60.99
N LEU B 411 3.65 -50.24 -60.26
CA LEU B 411 3.96 -49.91 -58.88
C LEU B 411 3.41 -51.00 -57.98
N SER B 412 4.28 -51.51 -57.10
CA SER B 412 3.95 -52.68 -56.30
C SER B 412 4.59 -52.58 -54.93
N THR B 413 4.06 -53.36 -53.99
CA THR B 413 4.56 -53.42 -52.63
C THR B 413 5.49 -54.62 -52.41
N GLU B 414 6.22 -55.03 -53.45
CA GLU B 414 7.07 -56.21 -53.35
C GLU B 414 8.15 -56.05 -52.29
N ASP B 415 8.80 -54.89 -52.25
CA ASP B 415 9.90 -54.70 -51.31
C ASP B 415 9.41 -54.64 -49.87
N LEU B 416 8.37 -53.84 -49.62
CA LEU B 416 7.93 -53.62 -48.24
C LEU B 416 6.50 -53.13 -48.25
N PRO B 417 5.69 -53.49 -47.26
CA PRO B 417 4.31 -52.99 -47.23
C PRO B 417 4.22 -51.47 -47.13
N ARG B 418 5.17 -50.82 -46.46
CA ARG B 418 5.11 -49.38 -46.24
C ARG B 418 5.72 -48.58 -47.38
N ARG B 419 6.22 -49.22 -48.43
CA ARG B 419 6.84 -48.54 -49.55
C ARG B 419 6.28 -49.07 -50.87
N ARG B 420 6.04 -48.17 -51.80
CA ARG B 420 5.55 -48.50 -53.14
C ARG B 420 6.70 -48.30 -54.11
N GLN B 421 7.15 -49.41 -54.72
CA GLN B 421 8.33 -49.39 -55.57
C GLN B 421 7.95 -49.75 -57.00
N LEU B 422 8.70 -49.21 -57.95
CA LEU B 422 8.50 -49.49 -59.36
C LEU B 422 9.15 -50.82 -59.72
N TYR B 423 8.48 -51.61 -60.56
CA TYR B 423 9.03 -52.88 -61.01
C TYR B 423 8.71 -53.05 -62.49
N SER B 424 9.61 -53.74 -63.20
CA SER B 424 9.43 -54.04 -64.61
C SER B 424 9.62 -55.53 -64.84
N ALA B 425 8.69 -56.13 -65.57
CA ALA B 425 8.74 -57.53 -65.95
C ALA B 425 8.71 -57.61 -67.48
N ASN B 426 8.71 -58.85 -67.99
CA ASN B 426 8.76 -59.11 -69.41
C ASN B 426 7.56 -59.95 -69.82
N THR B 427 6.86 -59.52 -70.88
CA THR B 427 5.70 -60.26 -71.36
C THR B 427 6.09 -61.59 -71.99
N VAL B 428 7.33 -61.72 -72.47
CA VAL B 428 7.80 -63.01 -72.99
C VAL B 428 7.86 -64.02 -71.85
N GLY B 429 7.83 -65.31 -72.22
CA GLY B 429 7.79 -66.40 -71.26
C GLY B 429 8.83 -66.39 -70.17
N ASN B 430 9.88 -65.56 -70.29
CA ASN B 430 10.89 -65.49 -69.23
C ASN B 430 10.30 -64.96 -67.94
N PHE B 431 9.47 -63.92 -68.03
CA PHE B 431 8.76 -63.36 -66.88
C PHE B 431 9.74 -62.95 -65.77
N ASN B 432 10.71 -62.12 -66.12
CA ASN B 432 11.75 -61.70 -65.19
C ASN B 432 11.48 -60.28 -64.72
N ARG B 433 11.43 -60.09 -63.40
CA ARG B 433 11.16 -58.81 -62.79
C ARG B 433 12.46 -58.00 -62.65
N GLN B 434 12.33 -56.68 -62.79
CA GLN B 434 13.48 -55.79 -62.72
C GLN B 434 13.08 -54.47 -62.06
N CYS B 435 13.88 -54.03 -61.09
CA CYS B 435 13.75 -52.71 -60.50
C CYS B 435 14.36 -51.66 -61.43
N LEU B 436 13.89 -50.42 -61.29
CA LEU B 436 14.41 -49.30 -62.07
C LEU B 436 15.12 -48.27 -61.20
N SER B 437 14.44 -47.72 -60.20
CA SER B 437 15.01 -46.67 -59.37
C SER B 437 15.79 -47.26 -58.20
N CYS B 438 15.10 -47.98 -57.31
CA CYS B 438 15.71 -48.57 -56.11
C CYS B 438 16.56 -47.55 -55.36
N ASP B 439 15.85 -46.52 -54.88
CA ASP B 439 16.41 -45.39 -54.12
C ASP B 439 17.10 -44.39 -55.04
N LEU B 440 17.05 -43.11 -54.67
CA LEU B 440 17.65 -42.03 -55.43
C LEU B 440 18.12 -40.96 -54.47
N VAL B 441 18.37 -39.75 -54.98
CA VAL B 441 18.92 -38.68 -54.18
C VAL B 441 18.00 -38.33 -53.01
N GLU B 442 18.60 -38.07 -51.86
CA GLU B 442 17.91 -37.58 -50.67
C GLU B 442 16.88 -38.58 -50.15
N ASN B 443 17.33 -39.82 -49.96
CA ASN B 443 16.62 -40.84 -49.17
C ASN B 443 15.26 -41.20 -49.76
N CYS B 444 15.03 -40.96 -51.04
CA CYS B 444 13.72 -41.27 -51.63
C CYS B 444 13.52 -42.77 -51.75
N THR B 445 12.41 -43.26 -51.18
CA THR B 445 12.02 -44.65 -51.27
C THR B 445 10.67 -44.84 -51.94
N TYR B 446 9.66 -44.07 -51.53
CA TYR B 446 8.35 -44.13 -52.16
C TYR B 446 8.44 -43.70 -53.62
N PHE B 447 7.76 -44.43 -54.50
CA PHE B 447 7.83 -44.18 -55.92
C PHE B 447 6.44 -44.16 -56.53
N SER B 448 6.31 -43.45 -57.65
CA SER B 448 5.14 -43.57 -58.52
C SER B 448 5.51 -42.99 -59.87
N ALA B 449 5.34 -43.76 -60.93
CA ALA B 449 5.84 -43.41 -62.25
C ALA B 449 4.73 -43.50 -63.30
N SER B 450 5.05 -43.03 -64.50
CA SER B 450 4.10 -43.01 -65.62
C SER B 450 4.89 -42.95 -66.92
N PHE B 451 4.68 -43.94 -67.80
CA PHE B 451 5.45 -44.07 -69.02
C PHE B 451 4.76 -43.38 -70.19
N SER B 452 5.54 -43.16 -71.25
CA SER B 452 5.05 -42.48 -72.45
C SER B 452 4.38 -43.48 -73.37
N HIS B 453 4.08 -43.04 -74.61
CA HIS B 453 3.37 -43.89 -75.56
C HIS B 453 4.20 -45.09 -75.99
N SER B 454 5.50 -44.91 -76.22
CA SER B 454 6.35 -45.96 -76.76
C SER B 454 7.55 -46.24 -75.86
N MET B 455 7.35 -46.18 -74.54
CA MET B 455 8.38 -46.45 -73.53
C MET B 455 9.57 -45.52 -73.62
N ASP B 456 9.49 -44.45 -74.40
CA ASP B 456 10.67 -43.60 -74.62
C ASP B 456 11.19 -43.01 -73.32
N PHE B 457 10.31 -42.35 -72.56
CA PHE B 457 10.69 -41.75 -71.29
C PHE B 457 9.52 -41.88 -70.33
N PHE B 458 9.82 -41.88 -69.03
CA PHE B 458 8.80 -41.97 -68.01
C PHE B 458 9.04 -40.96 -66.90
N LEU B 459 7.94 -40.35 -66.46
CA LEU B 459 7.95 -39.48 -65.30
C LEU B 459 7.97 -40.34 -64.03
N LEU B 460 8.67 -39.84 -63.00
CA LEU B 460 8.68 -40.52 -61.72
C LEU B 460 8.69 -39.47 -60.63
N LYS B 461 7.87 -39.68 -59.61
CA LYS B 461 7.80 -38.79 -58.45
C LYS B 461 7.88 -39.62 -57.18
N CYS B 462 8.46 -39.02 -56.14
CA CYS B 462 8.79 -39.72 -54.91
C CYS B 462 7.66 -39.65 -53.88
N GLU B 463 7.20 -38.43 -53.58
CA GLU B 463 6.16 -38.18 -52.57
C GLU B 463 6.43 -38.91 -51.26
N GLY B 464 7.70 -39.15 -50.96
CA GLY B 464 8.08 -39.81 -49.72
C GLY B 464 9.37 -40.58 -49.86
N PRO B 465 10.14 -40.67 -48.75
CA PRO B 465 9.86 -39.99 -47.49
C PRO B 465 10.38 -38.56 -47.47
N GLY B 466 10.86 -38.09 -48.61
CA GLY B 466 11.33 -36.74 -48.76
C GLY B 466 10.39 -35.90 -49.62
N VAL B 467 10.93 -34.80 -50.14
CA VAL B 467 10.14 -33.93 -51.02
C VAL B 467 9.75 -34.71 -52.27
N PRO B 468 8.52 -34.59 -52.76
CA PRO B 468 8.15 -35.28 -54.01
C PRO B 468 9.08 -34.88 -55.15
N MET B 469 9.83 -35.86 -55.64
CA MET B 469 10.86 -35.61 -56.66
C MET B 469 10.27 -35.88 -58.03
N VAL B 470 9.46 -34.93 -58.50
CA VAL B 470 8.92 -34.99 -59.86
C VAL B 470 10.07 -34.83 -60.83
N THR B 471 10.34 -35.88 -61.61
CA THR B 471 11.54 -35.92 -62.43
C THR B 471 11.25 -36.76 -63.67
N VAL B 472 12.03 -36.53 -64.73
CA VAL B 472 11.95 -37.29 -65.97
C VAL B 472 13.09 -38.30 -65.99
N HIS B 473 12.81 -39.50 -66.50
CA HIS B 473 13.85 -40.52 -66.64
C HIS B 473 13.69 -41.20 -67.99
N ASN B 474 14.78 -41.79 -68.46
CA ASN B 474 14.80 -42.53 -69.72
C ASN B 474 14.89 -44.03 -69.43
N THR B 475 14.21 -44.82 -70.26
CA THR B 475 14.08 -46.25 -69.98
C THR B 475 15.43 -46.97 -70.05
N THR B 476 16.28 -46.60 -71.01
CA THR B 476 17.52 -47.33 -71.23
C THR B 476 18.61 -46.90 -70.25
N ASP B 477 19.00 -45.63 -70.30
CA ASP B 477 20.08 -45.15 -69.45
C ASP B 477 19.66 -45.00 -67.99
N LYS B 478 18.36 -44.84 -67.71
CA LYS B 478 17.86 -44.58 -66.37
C LYS B 478 18.58 -43.38 -65.75
N LYS B 479 18.75 -42.34 -66.56
CA LYS B 479 19.56 -41.18 -66.20
C LYS B 479 18.67 -40.00 -65.88
N LYS B 480 18.91 -39.36 -64.74
CA LYS B 480 18.24 -38.12 -64.35
C LYS B 480 18.88 -36.97 -65.13
N MET B 481 18.45 -36.83 -66.38
CA MET B 481 19.12 -35.91 -67.30
C MET B 481 18.99 -34.46 -66.84
N PHE B 482 17.81 -34.07 -66.34
CA PHE B 482 17.62 -32.72 -65.82
C PHE B 482 16.48 -32.73 -64.82
N ASP B 483 16.61 -31.91 -63.78
CA ASP B 483 15.60 -31.84 -62.75
C ASP B 483 14.33 -31.19 -63.27
N LEU B 484 13.18 -31.78 -62.93
CA LEU B 484 11.88 -31.24 -63.30
C LEU B 484 11.26 -30.40 -62.20
N GLU B 485 11.26 -30.91 -60.97
CA GLU B 485 10.76 -30.15 -59.82
C GLU B 485 11.36 -30.75 -58.57
N THR B 486 12.14 -29.95 -57.84
CA THR B 486 12.78 -30.40 -56.61
C THR B 486 12.21 -29.75 -55.36
N ASN B 487 11.76 -28.49 -55.46
CA ASN B 487 11.21 -27.76 -54.32
C ASN B 487 12.23 -27.64 -53.19
N GLU B 488 13.34 -26.96 -53.50
CA GLU B 488 14.38 -26.74 -52.50
C GLU B 488 13.88 -25.93 -51.32
N HIS B 489 12.81 -25.15 -51.49
CA HIS B 489 12.22 -24.44 -50.36
C HIS B 489 11.69 -25.42 -49.32
N VAL B 490 11.12 -26.54 -49.78
CA VAL B 490 10.67 -27.57 -48.84
C VAL B 490 11.85 -28.16 -48.09
N LYS B 491 12.97 -28.38 -48.78
CA LYS B 491 14.16 -28.92 -48.14
C LYS B 491 14.70 -27.96 -47.08
N LYS B 492 14.78 -26.67 -47.41
CA LYS B 492 15.28 -25.71 -46.43
C LYS B 492 14.29 -25.51 -45.29
N ALA B 493 12.99 -25.72 -45.55
CA ALA B 493 12.02 -25.65 -44.47
C ALA B 493 12.18 -26.82 -43.51
N ILE B 494 12.28 -28.03 -44.04
CA ILE B 494 12.40 -29.20 -43.17
C ILE B 494 13.74 -29.22 -42.45
N ASN B 495 14.79 -28.64 -43.05
CA ASN B 495 16.05 -28.49 -42.35
C ASN B 495 16.09 -27.28 -41.44
N ASP B 496 15.14 -26.35 -41.57
CA ASP B 496 15.03 -25.19 -40.70
C ASP B 496 13.93 -25.35 -39.66
N ARG B 497 13.25 -26.49 -39.62
CA ARG B 497 12.22 -26.77 -38.64
C ARG B 497 12.47 -28.15 -38.04
N GLN B 498 12.01 -28.32 -36.79
CA GLN B 498 12.27 -29.55 -36.04
C GLN B 498 11.41 -30.67 -36.61
N MET B 499 11.90 -31.26 -37.69
CA MET B 499 11.20 -32.36 -38.34
C MET B 499 11.27 -33.58 -37.44
N PRO B 500 10.14 -34.15 -37.01
CA PRO B 500 10.18 -35.21 -35.99
C PRO B 500 10.90 -36.45 -36.46
N LYS B 501 11.63 -37.08 -35.54
CA LYS B 501 12.26 -38.36 -35.83
C LYS B 501 11.20 -39.41 -36.10
N VAL B 502 11.39 -40.19 -37.17
CA VAL B 502 10.44 -41.22 -37.58
C VAL B 502 11.08 -42.57 -37.30
N GLU B 503 10.35 -43.42 -36.56
CA GLU B 503 10.84 -44.74 -36.21
C GLU B 503 9.78 -45.78 -36.57
N TYR B 504 10.25 -46.96 -36.94
CA TYR B 504 9.37 -48.07 -37.30
C TYR B 504 9.67 -49.26 -36.40
N ARG B 505 8.62 -49.95 -35.97
CA ARG B 505 8.77 -51.11 -35.10
C ARG B 505 7.65 -52.09 -35.44
N ASP B 506 7.97 -53.03 -36.33
CA ASP B 506 6.99 -54.03 -36.73
C ASP B 506 6.60 -54.89 -35.54
N ILE B 507 5.30 -55.12 -35.39
CA ILE B 507 4.78 -55.94 -34.31
C ILE B 507 4.20 -57.22 -34.91
N GLU B 508 3.80 -58.15 -34.05
CA GLU B 508 3.17 -59.37 -34.53
C GLU B 508 2.14 -59.84 -33.52
N ILE B 509 0.98 -60.24 -34.03
CA ILE B 509 -0.11 -60.75 -33.20
C ILE B 509 -0.72 -61.96 -33.90
N ASP B 510 -0.98 -63.01 -33.12
CA ASP B 510 -1.55 -64.26 -33.63
C ASP B 510 -0.60 -64.78 -34.70
N ASP B 511 -1.01 -64.92 -35.95
CA ASP B 511 -0.14 -65.37 -37.03
C ASP B 511 0.12 -64.28 -38.06
N TYR B 512 -0.04 -63.01 -37.68
CA TYR B 512 0.07 -61.90 -38.62
C TYR B 512 1.02 -60.84 -38.09
N ASN B 513 1.95 -60.43 -38.94
CA ASN B 513 2.82 -59.29 -38.64
C ASN B 513 2.10 -58.00 -39.03
N LEU B 514 2.18 -57.01 -38.16
CA LEU B 514 1.46 -55.76 -38.33
C LEU B 514 2.45 -54.60 -38.35
N PRO B 515 2.42 -53.75 -39.38
CA PRO B 515 3.32 -52.59 -39.42
C PRO B 515 2.94 -51.57 -38.35
N MET B 516 3.89 -50.68 -38.08
CA MET B 516 3.72 -49.67 -37.04
C MET B 516 4.63 -48.50 -37.36
N GLN B 517 4.31 -47.35 -36.76
CA GLN B 517 5.10 -46.14 -36.95
C GLN B 517 4.97 -45.28 -35.72
N ILE B 518 6.07 -44.62 -35.34
CA ILE B 518 6.07 -43.73 -34.18
C ILE B 518 6.92 -42.50 -34.52
N LEU B 519 6.50 -41.36 -33.98
CA LEU B 519 7.24 -40.12 -34.16
C LEU B 519 7.76 -39.62 -32.82
N LYS B 520 8.89 -38.93 -32.88
CA LYS B 520 9.55 -38.36 -31.71
C LYS B 520 9.89 -36.90 -31.99
N PRO B 521 9.94 -36.06 -30.94
CA PRO B 521 10.01 -34.61 -31.17
C PRO B 521 11.35 -34.11 -31.70
N ALA B 522 12.23 -35.03 -32.11
CA ALA B 522 13.55 -34.71 -32.65
C ALA B 522 14.45 -34.08 -31.59
N THR B 523 13.94 -33.94 -30.37
CA THR B 523 14.70 -33.53 -29.21
C THR B 523 14.52 -34.55 -28.08
N PHE B 524 14.19 -35.77 -28.46
CA PHE B 524 13.82 -36.81 -27.50
C PHE B 524 15.00 -37.23 -26.65
N THR B 525 14.71 -37.54 -25.39
CA THR B 525 15.67 -38.10 -24.46
C THR B 525 15.06 -39.33 -23.80
N ASP B 526 15.85 -40.40 -23.71
CA ASP B 526 15.32 -41.66 -23.20
C ASP B 526 14.89 -41.55 -21.73
N THR B 527 15.54 -40.68 -20.96
CA THR B 527 15.18 -40.54 -19.55
C THR B 527 13.88 -39.77 -19.39
N THR B 528 13.68 -38.72 -20.20
CA THR B 528 12.51 -37.85 -20.05
C THR B 528 11.26 -38.56 -20.55
N HIS B 529 10.26 -38.69 -19.67
CA HIS B 529 8.98 -39.27 -20.06
C HIS B 529 8.17 -38.28 -20.88
N TYR B 530 7.53 -38.76 -21.94
CA TYR B 530 6.72 -37.96 -22.83
C TYR B 530 5.32 -38.54 -22.96
N PRO B 531 4.31 -37.68 -23.13
CA PRO B 531 2.95 -38.18 -23.33
C PRO B 531 2.78 -38.87 -24.68
N LEU B 532 1.79 -39.74 -24.75
CA LEU B 532 1.54 -40.57 -25.92
C LEU B 532 0.25 -40.13 -26.60
N LEU B 533 0.29 -40.02 -27.93
CA LEU B 533 -0.88 -39.82 -28.76
C LEU B 533 -0.95 -40.96 -29.78
N LEU B 534 -2.17 -41.46 -30.01
CA LEU B 534 -2.40 -42.51 -30.99
C LEU B 534 -3.27 -41.96 -32.12
N VAL B 535 -3.00 -42.41 -33.33
CA VAL B 535 -3.81 -42.06 -34.49
C VAL B 535 -4.33 -43.35 -35.10
N VAL B 536 -5.64 -43.43 -35.31
CA VAL B 536 -6.26 -44.62 -35.87
C VAL B 536 -7.13 -44.24 -37.05
N ASP B 537 -6.95 -44.95 -38.16
CA ASP B 537 -7.82 -44.84 -39.32
C ASP B 537 -8.57 -46.15 -39.59
N GLY B 538 -7.82 -47.24 -39.76
CA GLY B 538 -8.42 -48.57 -39.82
C GLY B 538 -9.47 -48.75 -40.89
N THR B 539 -9.42 -47.95 -41.95
CA THR B 539 -10.40 -48.11 -43.02
C THR B 539 -10.24 -49.47 -43.67
N PRO B 540 -11.30 -50.28 -43.74
CA PRO B 540 -11.17 -51.61 -44.36
C PRO B 540 -10.84 -51.51 -45.83
N GLY B 541 -9.64 -51.95 -46.19
CA GLY B 541 -9.14 -51.79 -47.55
C GLY B 541 -8.21 -50.61 -47.75
N SER B 542 -7.46 -50.21 -46.73
CA SER B 542 -6.53 -49.09 -46.83
C SER B 542 -5.43 -49.28 -45.80
N GLN B 543 -4.44 -48.40 -45.86
CA GLN B 543 -3.26 -48.49 -45.00
C GLN B 543 -2.92 -47.10 -44.46
N SER B 544 -2.49 -47.05 -43.21
CA SER B 544 -2.12 -45.79 -42.56
C SER B 544 -0.64 -45.67 -42.25
N VAL B 545 0.11 -46.76 -42.28
CA VAL B 545 1.55 -46.74 -42.03
C VAL B 545 2.23 -46.85 -43.39
N ALA B 546 2.71 -45.73 -43.90
CA ALA B 546 3.40 -45.68 -45.18
C ALA B 546 4.49 -44.61 -45.12
N GLU B 547 5.50 -44.78 -45.95
CA GLU B 547 6.63 -43.84 -46.00
C GLU B 547 6.33 -42.60 -46.82
N LYS B 548 5.07 -42.35 -47.18
CA LYS B 548 4.73 -41.11 -47.87
C LYS B 548 5.03 -39.91 -46.98
N PHE B 549 5.59 -38.87 -47.58
CA PHE B 549 5.89 -37.65 -46.84
C PHE B 549 4.62 -36.81 -46.73
N GLU B 550 4.23 -36.50 -45.51
CA GLU B 550 3.04 -35.69 -45.26
C GLU B 550 3.29 -34.76 -44.09
N VAL B 551 2.69 -33.57 -44.15
CA VAL B 551 2.71 -32.61 -43.06
C VAL B 551 1.27 -32.28 -42.69
N SER B 552 0.93 -32.48 -41.43
CA SER B 552 -0.44 -32.32 -40.98
C SER B 552 -0.43 -32.06 -39.48
N TRP B 553 -1.60 -32.21 -38.84
CA TRP B 553 -1.75 -31.82 -37.44
C TRP B 553 -0.85 -32.64 -36.52
N GLU B 554 -0.60 -33.91 -36.85
CA GLU B 554 0.24 -34.74 -35.97
C GLU B 554 1.69 -34.27 -35.99
N THR B 555 2.17 -33.74 -37.13
CA THR B 555 3.50 -33.16 -37.15
C THR B 555 3.60 -31.98 -36.20
N VAL B 556 2.59 -31.12 -36.18
CA VAL B 556 2.55 -30.01 -35.24
C VAL B 556 2.45 -30.51 -33.81
N MET B 557 1.71 -31.60 -33.60
CA MET B 557 1.61 -32.19 -32.26
C MET B 557 2.98 -32.65 -31.76
N VAL B 558 3.74 -33.32 -32.62
CA VAL B 558 5.06 -33.80 -32.19
C VAL B 558 6.03 -32.64 -32.05
N SER B 559 5.91 -31.60 -32.87
CA SER B 559 6.89 -30.52 -32.88
C SER B 559 6.63 -29.50 -31.77
N SER B 560 5.46 -28.85 -31.80
CA SER B 560 5.15 -27.79 -30.85
C SER B 560 4.84 -28.31 -29.46
N HIS B 561 4.57 -29.60 -29.30
CA HIS B 561 4.16 -30.14 -28.01
C HIS B 561 4.92 -31.38 -27.58
N GLY B 562 5.76 -31.95 -28.42
CA GLY B 562 6.62 -33.06 -28.01
C GLY B 562 5.87 -34.28 -27.52
N ALA B 563 4.81 -34.67 -28.22
CA ALA B 563 4.05 -35.87 -27.89
C ALA B 563 4.32 -36.93 -28.96
N VAL B 564 4.78 -38.10 -28.53
CA VAL B 564 5.06 -39.17 -29.46
C VAL B 564 3.75 -39.72 -30.00
N VAL B 565 3.61 -39.72 -31.33
CA VAL B 565 2.40 -40.20 -31.98
C VAL B 565 2.66 -41.58 -32.56
N VAL B 566 1.67 -42.45 -32.45
CA VAL B 566 1.76 -43.85 -32.86
C VAL B 566 0.67 -44.14 -33.87
N LYS B 567 1.08 -44.66 -35.03
CA LYS B 567 0.17 -45.12 -36.07
C LYS B 567 0.32 -46.62 -36.22
N CYS B 568 -0.81 -47.33 -36.24
CA CYS B 568 -0.81 -48.78 -36.35
C CYS B 568 -1.83 -49.22 -37.39
N ASP B 569 -1.56 -50.36 -38.00
CA ASP B 569 -2.45 -50.96 -39.01
C ASP B 569 -2.65 -52.42 -38.62
N GLY B 570 -3.68 -52.66 -37.80
CA GLY B 570 -3.98 -54.00 -37.32
C GLY B 570 -4.68 -54.86 -38.35
N ARG B 571 -5.59 -55.71 -37.86
CA ARG B 571 -6.33 -56.61 -38.73
C ARG B 571 -7.20 -55.82 -39.69
N GLY B 572 -7.32 -56.31 -40.92
CA GLY B 572 -8.10 -55.65 -41.93
C GLY B 572 -7.38 -54.58 -42.72
N SER B 573 -6.09 -54.40 -42.48
CA SER B 573 -5.32 -53.43 -43.25
C SER B 573 -5.06 -53.95 -44.66
N GLY B 574 -5.05 -53.04 -45.63
CA GLY B 574 -4.91 -53.42 -47.01
C GLY B 574 -3.47 -53.72 -47.40
N PHE B 575 -3.33 -54.35 -48.57
CA PHE B 575 -2.03 -54.68 -49.17
C PHE B 575 -1.17 -55.54 -48.24
N GLN B 576 -1.81 -56.37 -47.41
CA GLN B 576 -1.06 -57.25 -46.51
C GLN B 576 -1.71 -58.62 -46.40
N GLY B 577 -2.40 -59.07 -47.45
CA GLY B 577 -2.99 -60.40 -47.38
C GLY B 577 -4.50 -60.36 -47.47
N THR B 578 -5.04 -61.09 -48.45
CA THR B 578 -6.48 -61.12 -48.65
C THR B 578 -7.20 -61.76 -47.47
N LYS B 579 -6.67 -62.86 -46.93
CA LYS B 579 -7.32 -63.50 -45.81
C LYS B 579 -7.26 -62.65 -44.55
N LEU B 580 -6.24 -61.79 -44.44
CA LEU B 580 -6.21 -60.82 -43.34
C LEU B 580 -7.28 -59.75 -43.53
N LEU B 581 -7.53 -59.36 -44.78
CA LEU B 581 -8.51 -58.32 -45.07
C LEU B 581 -9.93 -58.78 -44.76
N HIS B 582 -10.21 -60.07 -44.88
CA HIS B 582 -11.55 -60.60 -44.71
C HIS B 582 -11.84 -61.04 -43.28
N GLU B 583 -10.90 -60.81 -42.35
CA GLU B 583 -11.10 -61.22 -40.96
C GLU B 583 -12.28 -60.48 -40.34
N VAL B 584 -12.39 -59.17 -40.61
CA VAL B 584 -13.45 -58.36 -40.01
C VAL B 584 -14.78 -58.47 -40.72
N ARG B 585 -14.89 -59.34 -41.72
CA ARG B 585 -16.15 -59.54 -42.41
C ARG B 585 -17.22 -60.00 -41.42
N ARG B 586 -18.24 -59.15 -41.21
CA ARG B 586 -19.28 -59.38 -40.21
C ARG B 586 -18.71 -59.56 -38.81
N ARG B 587 -17.46 -59.12 -38.59
CA ARG B 587 -16.79 -59.27 -37.31
C ARG B 587 -16.04 -57.99 -36.95
N LEU B 588 -16.68 -56.84 -37.19
CA LEU B 588 -16.03 -55.56 -36.95
C LEU B 588 -15.89 -55.29 -35.46
N GLY B 589 -15.16 -54.23 -35.14
CA GLY B 589 -15.02 -53.77 -33.78
C GLY B 589 -13.95 -54.46 -32.96
N LEU B 590 -14.21 -55.71 -32.56
CA LEU B 590 -13.36 -56.37 -31.57
C LEU B 590 -11.94 -56.58 -32.09
N LEU B 591 -11.79 -56.98 -33.35
CA LEU B 591 -10.47 -57.31 -33.87
C LEU B 591 -9.57 -56.06 -33.93
N GLU B 592 -10.07 -54.99 -34.54
CA GLU B 592 -9.28 -53.77 -34.65
C GLU B 592 -9.06 -53.13 -33.28
N GLU B 593 -10.07 -53.22 -32.41
CA GLU B 593 -9.90 -52.73 -31.04
C GLU B 593 -8.78 -53.47 -30.33
N LYS B 594 -8.74 -54.80 -30.48
CA LYS B 594 -7.66 -55.58 -29.89
C LYS B 594 -6.32 -55.18 -30.48
N ASP B 595 -6.27 -54.97 -31.79
CA ASP B 595 -5.02 -54.55 -32.42
C ASP B 595 -4.52 -53.25 -31.81
N GLN B 596 -5.39 -52.24 -31.73
CA GLN B 596 -4.98 -50.94 -31.22
C GLN B 596 -4.60 -50.99 -29.75
N MET B 597 -5.36 -51.72 -28.92
CA MET B 597 -5.03 -51.78 -27.51
C MET B 597 -3.71 -52.52 -27.29
N GLU B 598 -3.47 -53.58 -28.06
CA GLU B 598 -2.19 -54.29 -27.92
C GLU B 598 -1.04 -53.42 -28.38
N ALA B 599 -1.24 -52.63 -29.44
CA ALA B 599 -0.19 -51.71 -29.89
C ALA B 599 0.14 -50.69 -28.80
N VAL B 600 -0.88 -50.06 -28.23
CA VAL B 600 -0.61 -49.06 -27.20
C VAL B 600 -0.01 -49.71 -25.97
N ARG B 601 -0.45 -50.92 -25.60
CA ARG B 601 0.14 -51.63 -24.47
C ARG B 601 1.61 -51.93 -24.71
N THR B 602 1.96 -52.38 -25.92
CA THR B 602 3.36 -52.58 -26.25
C THR B 602 4.14 -51.28 -26.20
N MET B 603 3.49 -50.15 -26.46
CA MET B 603 4.12 -48.86 -26.28
C MET B 603 4.28 -48.45 -24.82
N LEU B 604 3.40 -48.92 -23.93
CA LEU B 604 3.50 -48.55 -22.52
C LEU B 604 4.72 -49.13 -21.81
N LYS B 605 5.21 -50.29 -22.22
CA LYS B 605 6.31 -50.92 -21.48
C LYS B 605 7.61 -50.13 -21.56
N GLU B 606 7.71 -49.17 -22.47
CA GLU B 606 8.92 -48.38 -22.57
C GLU B 606 9.06 -47.43 -21.38
N GLN B 607 10.27 -46.91 -21.20
CA GLN B 607 10.60 -46.07 -20.06
C GLN B 607 10.52 -44.58 -20.36
N TYR B 608 10.08 -44.18 -21.56
CA TYR B 608 9.90 -42.78 -21.91
C TYR B 608 8.43 -42.41 -22.09
N ILE B 609 7.52 -43.30 -21.70
CA ILE B 609 6.09 -43.09 -21.86
C ILE B 609 5.45 -43.04 -20.46
N ASP B 610 4.67 -42.00 -20.22
CA ASP B 610 3.98 -41.84 -18.94
C ASP B 610 2.50 -42.13 -19.13
N ARG B 611 1.94 -42.93 -18.21
CA ARG B 611 0.54 -43.31 -18.29
C ARG B 611 -0.40 -42.15 -18.00
N THR B 612 0.10 -41.06 -17.43
CA THR B 612 -0.76 -39.95 -17.03
C THR B 612 -1.44 -39.30 -18.22
N ARG B 613 -0.70 -39.08 -19.32
CA ARG B 613 -1.22 -38.38 -20.49
C ARG B 613 -1.09 -39.28 -21.71
N VAL B 614 -2.13 -40.05 -21.99
CA VAL B 614 -2.21 -40.89 -23.18
C VAL B 614 -3.55 -40.65 -23.85
N ALA B 615 -3.52 -40.37 -25.15
CA ALA B 615 -4.75 -40.04 -25.87
C ALA B 615 -4.85 -40.73 -27.21
N VAL B 616 -6.01 -40.66 -27.84
CA VAL B 616 -6.22 -41.27 -29.16
C VAL B 616 -7.00 -40.29 -30.02
N PHE B 617 -6.91 -40.48 -31.34
CA PHE B 617 -7.67 -39.70 -32.30
C PHE B 617 -8.01 -40.58 -33.49
N GLY B 618 -9.13 -40.25 -34.13
CA GLY B 618 -9.52 -40.90 -35.38
C GLY B 618 -10.43 -39.98 -36.14
N LYS B 619 -10.78 -40.41 -37.36
CA LYS B 619 -11.71 -39.66 -38.19
C LYS B 619 -12.29 -40.60 -39.22
N ASP B 620 -13.40 -40.16 -39.82
CA ASP B 620 -14.17 -40.96 -40.79
C ASP B 620 -14.47 -42.31 -40.13
N TYR B 621 -14.25 -43.44 -40.81
CA TYR B 621 -14.44 -44.74 -40.16
C TYR B 621 -13.58 -44.86 -38.91
N GLY B 622 -12.38 -44.29 -38.94
CA GLY B 622 -11.52 -44.32 -37.77
C GLY B 622 -12.15 -43.68 -36.55
N GLY B 623 -13.01 -42.68 -36.77
CA GLY B 623 -13.75 -42.11 -35.66
C GLY B 623 -14.51 -43.17 -34.89
N TYR B 624 -15.17 -44.08 -35.60
CA TYR B 624 -15.75 -45.26 -34.97
C TYR B 624 -14.74 -45.93 -34.05
N LEU B 625 -13.59 -46.29 -34.60
CA LEU B 625 -12.54 -46.89 -33.79
C LEU B 625 -12.11 -45.94 -32.69
N SER B 626 -12.01 -44.64 -33.01
CA SER B 626 -11.60 -43.66 -32.01
C SER B 626 -12.59 -43.57 -30.86
N THR B 627 -13.81 -44.09 -31.05
CA THR B 627 -14.77 -44.22 -29.96
C THR B 627 -14.83 -45.63 -29.39
N TYR B 628 -14.52 -46.64 -30.20
CA TYR B 628 -14.66 -48.03 -29.78
C TYR B 628 -13.56 -48.50 -28.82
N ILE B 629 -12.52 -47.70 -28.63
CA ILE B 629 -11.33 -48.19 -27.95
C ILE B 629 -11.08 -47.46 -26.64
N LEU B 630 -12.15 -47.11 -25.94
CA LEU B 630 -11.98 -46.46 -24.64
C LEU B 630 -12.50 -47.33 -23.48
N PRO B 631 -11.93 -48.52 -23.24
CA PRO B 631 -12.35 -49.31 -22.08
C PRO B 631 -11.46 -49.07 -20.87
N ALA B 632 -11.76 -49.73 -19.77
CA ALA B 632 -10.91 -49.74 -18.58
C ALA B 632 -10.22 -51.10 -18.51
N LYS B 633 -8.92 -51.12 -18.79
CA LYS B 633 -8.18 -52.38 -18.77
C LYS B 633 -8.16 -52.96 -17.37
N GLY B 634 -8.57 -54.23 -17.26
CA GLY B 634 -8.57 -54.91 -15.97
C GLY B 634 -9.37 -54.14 -14.94
N GLU B 635 -8.76 -53.93 -13.78
CA GLU B 635 -9.33 -53.09 -12.74
C GLU B 635 -8.42 -51.94 -12.33
N ASN B 636 -7.11 -52.19 -12.22
CA ASN B 636 -6.19 -51.12 -11.85
C ASN B 636 -5.90 -50.20 -13.02
N GLN B 637 -5.83 -50.74 -14.23
CA GLN B 637 -5.49 -49.95 -15.42
C GLN B 637 -6.74 -49.38 -16.09
N GLY B 638 -7.53 -48.65 -15.30
CA GLY B 638 -8.71 -47.99 -15.83
C GLY B 638 -8.37 -46.74 -16.60
N GLN B 639 -9.43 -46.13 -17.16
CA GLN B 639 -9.34 -44.90 -17.96
C GLN B 639 -8.14 -44.94 -18.89
N THR B 640 -8.17 -45.90 -19.83
CA THR B 640 -7.02 -46.21 -20.67
C THR B 640 -6.44 -44.97 -21.33
N PHE B 641 -7.29 -44.06 -21.78
CA PHE B 641 -6.84 -42.78 -22.34
C PHE B 641 -7.45 -41.64 -21.54
N THR B 642 -6.62 -40.68 -21.16
CA THR B 642 -7.11 -39.52 -20.42
C THR B 642 -8.11 -38.71 -21.24
N CYS B 643 -7.80 -38.49 -22.52
CA CYS B 643 -8.64 -37.72 -23.41
C CYS B 643 -8.77 -38.44 -24.74
N GLY B 644 -9.90 -38.21 -25.41
CA GLY B 644 -10.14 -38.81 -26.72
C GLY B 644 -11.05 -37.93 -27.54
N SER B 645 -11.04 -38.16 -28.85
CA SER B 645 -11.84 -37.36 -29.76
C SER B 645 -12.09 -38.14 -31.03
N ALA B 646 -13.01 -37.64 -31.84
CA ALA B 646 -13.34 -38.25 -33.12
C ALA B 646 -13.98 -37.21 -34.00
N LEU B 647 -13.56 -37.17 -35.27
CA LEU B 647 -14.06 -36.20 -36.23
C LEU B 647 -14.98 -36.94 -37.20
N SER B 648 -16.23 -36.50 -37.27
CA SER B 648 -17.24 -37.12 -38.11
C SER B 648 -17.33 -38.63 -37.87
N PRO B 649 -17.56 -39.06 -36.62
CA PRO B 649 -17.45 -40.49 -36.28
C PRO B 649 -18.67 -41.27 -36.75
N ILE B 650 -18.44 -42.31 -37.53
CA ILE B 650 -19.52 -43.21 -37.92
C ILE B 650 -19.84 -44.15 -36.75
N THR B 651 -21.12 -44.26 -36.44
CA THR B 651 -21.55 -45.09 -35.30
C THR B 651 -22.51 -46.20 -35.71
N ASP B 652 -23.50 -45.90 -36.54
CA ASP B 652 -24.50 -46.87 -36.95
C ASP B 652 -24.30 -47.17 -38.44
N PHE B 653 -24.13 -48.44 -38.77
CA PHE B 653 -23.95 -48.85 -40.15
C PHE B 653 -25.25 -49.15 -40.87
N LYS B 654 -26.35 -49.35 -40.13
CA LYS B 654 -27.67 -49.34 -40.76
C LYS B 654 -27.95 -47.99 -41.36
N LEU B 655 -27.56 -46.92 -40.66
CA LEU B 655 -27.85 -45.56 -41.04
C LEU B 655 -26.83 -45.01 -42.04
N TYR B 656 -26.04 -45.89 -42.67
CA TYR B 656 -24.98 -45.51 -43.59
C TYR B 656 -25.28 -46.05 -44.99
N ALA B 657 -24.44 -45.65 -45.95
CA ALA B 657 -24.64 -46.01 -47.34
C ALA B 657 -24.61 -47.53 -47.51
N SER B 658 -25.49 -48.03 -48.40
CA SER B 658 -25.62 -49.46 -48.60
C SER B 658 -24.34 -50.07 -49.16
N ALA B 659 -23.70 -49.38 -50.10
CA ALA B 659 -22.52 -49.95 -50.75
C ALA B 659 -21.40 -50.23 -49.75
N PHE B 660 -21.32 -49.47 -48.67
CA PHE B 660 -20.34 -49.73 -47.63
C PHE B 660 -20.86 -50.72 -46.59
N SER B 661 -22.15 -50.63 -46.26
CA SER B 661 -22.70 -51.50 -45.23
C SER B 661 -22.70 -52.97 -45.68
N GLU B 662 -23.21 -53.24 -46.88
CA GLU B 662 -23.30 -54.61 -47.37
C GLU B 662 -21.93 -55.21 -47.68
N ARG B 663 -20.90 -54.37 -47.87
CA ARG B 663 -19.57 -54.89 -48.18
C ARG B 663 -19.00 -55.70 -47.02
N TYR B 664 -19.25 -55.28 -45.78
CA TYR B 664 -18.67 -55.91 -44.62
C TYR B 664 -19.70 -56.50 -43.67
N LEU B 665 -21.00 -56.27 -43.89
CA LEU B 665 -22.03 -56.80 -43.04
C LEU B 665 -23.14 -57.53 -43.79
N GLY B 666 -23.05 -57.64 -45.11
CA GLY B 666 -24.03 -58.35 -45.89
C GLY B 666 -25.26 -57.54 -46.19
N LEU B 667 -26.12 -58.10 -47.05
CA LEU B 667 -27.35 -57.44 -47.41
C LEU B 667 -28.32 -57.41 -46.23
N HIS B 668 -29.03 -56.30 -46.09
CA HIS B 668 -29.95 -56.10 -44.99
C HIS B 668 -31.38 -56.36 -45.45
N GLY B 669 -32.33 -56.16 -44.53
CA GLY B 669 -33.74 -56.36 -44.80
C GLY B 669 -34.27 -57.73 -44.43
N LEU B 670 -33.40 -58.67 -44.05
CA LEU B 670 -33.82 -60.01 -43.67
C LEU B 670 -33.35 -60.38 -42.27
N ASP B 671 -33.01 -59.39 -41.44
CA ASP B 671 -32.53 -59.60 -40.08
C ASP B 671 -31.30 -60.51 -40.06
N ASN B 672 -30.23 -60.02 -40.70
CA ASN B 672 -28.99 -60.79 -40.78
C ASN B 672 -28.23 -60.83 -39.46
N ARG B 673 -28.65 -60.05 -38.46
CA ARG B 673 -27.99 -60.00 -37.16
C ARG B 673 -26.51 -59.65 -37.33
N ALA B 674 -26.24 -58.65 -38.17
CA ALA B 674 -24.89 -58.19 -38.41
C ALA B 674 -24.70 -56.71 -38.09
N TYR B 675 -25.73 -56.04 -37.58
CA TYR B 675 -25.64 -54.63 -37.25
C TYR B 675 -25.89 -54.30 -35.78
N GLU B 676 -26.51 -55.22 -35.03
CA GLU B 676 -26.82 -54.94 -33.63
C GLU B 676 -25.56 -54.73 -32.80
N MET B 677 -24.54 -55.56 -33.03
CA MET B 677 -23.30 -55.45 -32.27
C MET B 677 -22.39 -54.35 -32.80
N THR B 678 -22.64 -53.84 -34.01
CA THR B 678 -21.77 -52.85 -34.60
C THR B 678 -22.00 -51.44 -34.05
N LYS B 679 -23.14 -51.21 -33.38
CA LYS B 679 -23.39 -49.91 -32.80
C LYS B 679 -22.40 -49.63 -31.68
N VAL B 680 -21.84 -48.40 -31.67
CA VAL B 680 -20.82 -48.04 -30.70
C VAL B 680 -21.39 -47.83 -29.31
N ALA B 681 -22.71 -47.77 -29.17
CA ALA B 681 -23.32 -47.56 -27.85
C ALA B 681 -22.96 -48.65 -26.86
N HIS B 682 -22.56 -49.83 -27.34
CA HIS B 682 -22.17 -50.91 -26.43
C HIS B 682 -20.93 -50.53 -25.63
N ARG B 683 -19.95 -49.89 -26.27
CA ARG B 683 -18.67 -49.62 -25.63
C ARG B 683 -18.61 -48.27 -24.93
N VAL B 684 -19.42 -47.30 -25.35
CA VAL B 684 -19.34 -45.95 -24.81
C VAL B 684 -20.06 -45.86 -23.46
N SER B 685 -20.52 -47.02 -22.95
CA SER B 685 -21.28 -47.02 -21.70
C SER B 685 -20.41 -46.56 -20.53
N ALA B 686 -19.18 -47.06 -20.44
CA ALA B 686 -18.37 -46.80 -19.25
C ALA B 686 -18.02 -45.32 -19.09
N LEU B 687 -17.18 -44.79 -19.98
CA LEU B 687 -16.75 -43.39 -19.98
C LEU B 687 -16.53 -42.86 -18.56
N GLU B 688 -15.60 -43.52 -17.86
CA GLU B 688 -15.39 -43.19 -16.45
C GLU B 688 -14.79 -41.80 -16.27
N GLU B 689 -13.61 -41.56 -16.84
CA GLU B 689 -12.94 -40.28 -16.70
C GLU B 689 -12.37 -39.75 -18.01
N GLN B 690 -12.60 -40.43 -19.14
CA GLN B 690 -12.05 -39.98 -20.42
C GLN B 690 -12.71 -38.67 -20.83
N GLN B 691 -11.89 -37.67 -21.12
CA GLN B 691 -12.37 -36.36 -21.57
C GLN B 691 -12.68 -36.45 -23.05
N PHE B 692 -13.84 -37.02 -23.36
CA PHE B 692 -14.23 -37.29 -24.74
C PHE B 692 -14.60 -35.99 -25.46
N LEU B 693 -14.59 -36.05 -26.79
CA LEU B 693 -14.92 -34.88 -27.61
C LEU B 693 -15.37 -35.36 -28.98
N ILE B 694 -16.21 -34.56 -29.63
CA ILE B 694 -16.67 -34.81 -30.98
C ILE B 694 -16.57 -33.50 -31.77
N ILE B 695 -16.12 -33.60 -33.01
CA ILE B 695 -16.12 -32.49 -33.96
C ILE B 695 -16.86 -32.94 -35.20
N HIS B 696 -17.90 -32.19 -35.58
CA HIS B 696 -18.72 -32.61 -36.71
C HIS B 696 -19.19 -31.42 -37.53
N PRO B 697 -19.30 -31.56 -38.84
CA PRO B 697 -19.93 -30.51 -39.65
C PRO B 697 -21.41 -30.79 -39.86
N THR B 698 -22.20 -29.71 -39.82
CA THR B 698 -23.66 -29.85 -39.85
C THR B 698 -24.13 -30.51 -41.14
N ALA B 699 -23.59 -30.06 -42.27
CA ALA B 699 -24.05 -30.49 -43.60
C ALA B 699 -23.15 -31.56 -44.18
N ASP B 700 -22.63 -32.46 -43.35
CA ASP B 700 -21.69 -33.46 -43.84
C ASP B 700 -22.41 -34.43 -44.77
N GLU B 701 -21.88 -34.60 -45.97
CA GLU B 701 -22.52 -35.43 -46.98
C GLU B 701 -22.05 -36.88 -46.98
N LYS B 702 -21.02 -37.22 -46.20
CA LYS B 702 -20.53 -38.58 -46.14
C LYS B 702 -21.02 -39.31 -44.89
N ILE B 703 -20.72 -38.78 -43.71
CA ILE B 703 -21.18 -39.32 -42.44
C ILE B 703 -22.22 -38.37 -41.90
N HIS B 704 -23.49 -38.76 -41.98
CA HIS B 704 -24.58 -37.86 -41.64
C HIS B 704 -24.49 -37.41 -40.18
N PHE B 705 -25.01 -36.20 -39.92
CA PHE B 705 -25.10 -35.70 -38.56
C PHE B 705 -25.89 -36.63 -37.67
N GLN B 706 -26.78 -37.44 -38.26
CA GLN B 706 -27.60 -38.37 -37.49
C GLN B 706 -26.76 -39.36 -36.71
N HIS B 707 -25.58 -39.71 -37.21
CA HIS B 707 -24.68 -40.59 -36.47
C HIS B 707 -24.26 -39.95 -35.16
N THR B 708 -23.79 -38.70 -35.21
CA THR B 708 -23.41 -37.99 -34.00
C THR B 708 -24.62 -37.75 -33.11
N ALA B 709 -25.80 -37.53 -33.70
CA ALA B 709 -27.00 -37.34 -32.90
C ALA B 709 -27.34 -38.60 -32.10
N GLU B 710 -27.27 -39.76 -32.75
CA GLU B 710 -27.52 -41.02 -32.05
C GLU B 710 -26.47 -41.27 -30.97
N LEU B 711 -25.21 -40.94 -31.27
CA LEU B 711 -24.16 -41.08 -30.26
C LEU B 711 -24.45 -40.19 -29.07
N ILE B 712 -24.90 -38.96 -29.31
CA ILE B 712 -25.19 -38.02 -28.22
C ILE B 712 -26.38 -38.52 -27.41
N THR B 713 -27.39 -39.06 -28.07
CA THR B 713 -28.54 -39.62 -27.35
C THR B 713 -28.11 -40.77 -26.46
N GLN B 714 -27.29 -41.67 -26.99
CA GLN B 714 -26.81 -42.79 -26.18
C GLN B 714 -25.93 -42.31 -25.03
N LEU B 715 -25.12 -41.27 -25.26
CA LEU B 715 -24.30 -40.71 -24.19
C LEU B 715 -25.16 -40.09 -23.11
N ILE B 716 -26.23 -39.39 -23.51
CA ILE B 716 -27.15 -38.81 -22.53
C ILE B 716 -27.80 -39.91 -21.71
N ARG B 717 -28.21 -41.00 -22.36
CA ARG B 717 -28.77 -42.13 -21.63
C ARG B 717 -27.75 -42.72 -20.67
N GLY B 718 -26.49 -42.84 -21.10
CA GLY B 718 -25.43 -43.31 -20.23
C GLY B 718 -24.87 -42.29 -19.27
N LYS B 719 -25.20 -41.01 -19.46
CA LYS B 719 -24.79 -39.93 -18.56
C LYS B 719 -23.27 -39.86 -18.43
N ALA B 720 -22.62 -39.55 -19.55
CA ALA B 720 -21.17 -39.41 -19.61
C ALA B 720 -20.80 -37.95 -19.84
N ASN B 721 -19.48 -37.69 -19.82
CA ASN B 721 -18.95 -36.35 -20.01
C ASN B 721 -18.36 -36.23 -21.41
N TYR B 722 -18.69 -35.13 -22.09
CA TYR B 722 -18.21 -34.91 -23.45
C TYR B 722 -18.30 -33.43 -23.77
N SER B 723 -17.62 -33.04 -24.85
CA SER B 723 -17.76 -31.73 -25.44
C SER B 723 -17.94 -31.88 -26.94
N LEU B 724 -18.58 -30.90 -27.56
CA LEU B 724 -18.93 -30.98 -28.98
C LEU B 724 -18.55 -29.68 -29.67
N GLN B 725 -18.03 -29.80 -30.90
CA GLN B 725 -17.81 -28.68 -31.79
C GLN B 725 -18.52 -28.95 -33.10
N ILE B 726 -19.23 -27.95 -33.61
CA ILE B 726 -20.10 -28.12 -34.77
C ILE B 726 -19.77 -27.05 -35.80
N TYR B 727 -19.61 -27.48 -37.05
CA TYR B 727 -19.40 -26.57 -38.17
C TYR B 727 -20.72 -26.30 -38.85
N PRO B 728 -21.21 -25.07 -38.86
CA PRO B 728 -22.57 -24.80 -39.37
C PRO B 728 -22.62 -24.82 -40.89
N ASP B 729 -23.23 -25.88 -41.43
CA ASP B 729 -23.51 -26.01 -42.85
C ASP B 729 -22.22 -25.95 -43.67
N GLU B 730 -21.35 -26.94 -43.44
CA GLU B 730 -20.11 -27.10 -44.18
C GLU B 730 -20.05 -28.49 -44.79
N SER B 731 -19.16 -28.64 -45.76
CA SER B 731 -19.02 -29.91 -46.47
C SER B 731 -18.15 -30.86 -45.64
N HIS B 732 -17.70 -31.96 -46.26
CA HIS B 732 -17.08 -33.03 -45.50
C HIS B 732 -15.56 -32.87 -45.37
N TYR B 733 -14.85 -32.68 -46.47
CA TYR B 733 -13.40 -32.78 -46.46
C TYR B 733 -12.70 -31.44 -46.22
N PHE B 734 -13.46 -30.36 -46.03
CA PHE B 734 -12.92 -29.05 -45.69
C PHE B 734 -11.92 -28.56 -46.74
N THR B 735 -12.45 -28.32 -47.94
CA THR B 735 -11.64 -27.76 -49.02
C THR B 735 -11.46 -26.25 -48.90
N SER B 736 -11.71 -25.68 -47.73
CA SER B 736 -11.44 -24.28 -47.44
C SER B 736 -10.25 -24.17 -46.51
N SER B 737 -9.31 -23.29 -46.86
CA SER B 737 -8.09 -23.15 -46.06
C SER B 737 -8.40 -22.68 -44.65
N SER B 738 -9.32 -21.73 -44.51
CA SER B 738 -9.69 -21.25 -43.17
C SER B 738 -10.32 -22.36 -42.35
N LEU B 739 -11.18 -23.18 -42.97
CA LEU B 739 -11.80 -24.29 -42.25
C LEU B 739 -10.77 -25.29 -41.76
N LYS B 740 -9.82 -25.67 -42.63
CA LYS B 740 -8.77 -26.59 -42.20
C LYS B 740 -7.92 -25.98 -41.10
N GLN B 741 -7.59 -24.70 -41.22
CA GLN B 741 -6.78 -24.05 -40.19
C GLN B 741 -7.49 -24.06 -38.85
N HIS B 742 -8.79 -23.72 -38.85
CA HIS B 742 -9.54 -23.72 -37.60
C HIS B 742 -9.67 -25.13 -37.04
N LEU B 743 -9.86 -26.12 -37.90
CA LEU B 743 -9.99 -27.51 -37.43
C LEU B 743 -8.70 -27.98 -36.77
N TYR B 744 -7.55 -27.73 -37.42
CA TYR B 744 -6.30 -28.15 -36.83
C TYR B 744 -6.01 -27.37 -35.56
N ARG B 745 -6.36 -26.08 -35.52
CA ARG B 745 -6.21 -25.31 -34.29
C ARG B 745 -7.06 -25.89 -33.17
N SER B 746 -8.30 -26.27 -33.47
CA SER B 746 -9.20 -26.80 -32.45
C SER B 746 -8.69 -28.14 -31.92
N ILE B 747 -8.24 -29.02 -32.80
CA ILE B 747 -7.77 -30.32 -32.33
C ILE B 747 -6.48 -30.15 -31.53
N ILE B 748 -5.58 -29.26 -31.99
CA ILE B 748 -4.36 -28.99 -31.25
C ILE B 748 -4.69 -28.46 -29.86
N ASN B 749 -5.66 -27.54 -29.79
CA ASN B 749 -6.12 -27.04 -28.51
C ASN B 749 -6.59 -28.19 -27.63
N PHE B 750 -7.66 -28.87 -28.04
CA PHE B 750 -8.23 -29.93 -27.22
C PHE B 750 -7.13 -30.85 -26.70
N PHE B 751 -6.18 -31.21 -27.55
CA PHE B 751 -5.12 -32.11 -27.10
C PHE B 751 -4.15 -31.43 -26.12
N VAL B 752 -3.90 -30.13 -26.27
CA VAL B 752 -2.96 -29.49 -25.34
C VAL B 752 -3.61 -29.23 -23.98
N GLU B 753 -4.87 -28.80 -23.94
CA GLU B 753 -5.55 -28.71 -22.65
C GLU B 753 -5.85 -30.08 -22.05
N CYS B 754 -5.86 -31.15 -22.84
CA CYS B 754 -5.98 -32.46 -22.20
C CYS B 754 -4.64 -33.11 -21.90
N PHE B 755 -3.53 -32.51 -22.35
CA PHE B 755 -2.18 -32.96 -21.98
C PHE B 755 -1.49 -32.07 -20.95
N ARG B 756 -2.09 -30.94 -20.59
CA ARG B 756 -1.44 -30.05 -19.64
C ARG B 756 -1.31 -30.74 -18.29
N ILE B 757 -0.13 -30.59 -17.67
CA ILE B 757 0.15 -31.22 -16.39
C ILE B 757 0.59 -30.17 -15.38
N ASP C 1 88.64 -52.63 57.59
CA ASP C 1 87.41 -51.90 57.92
C ASP C 1 87.72 -50.67 58.77
N ALA C 2 87.88 -49.53 58.10
CA ALA C 2 88.17 -48.28 58.77
C ALA C 2 87.36 -47.15 58.13
N LEU C 3 86.90 -46.22 58.96
CA LEU C 3 86.19 -45.04 58.51
C LEU C 3 86.82 -43.81 59.13
N ILE C 4 86.86 -42.72 58.36
CA ILE C 4 87.54 -41.50 58.76
C ILE C 4 86.52 -40.43 59.09
N VAL C 5 86.92 -39.53 59.98
CA VAL C 5 86.12 -38.38 60.39
C VAL C 5 86.65 -37.16 59.66
N LEU C 6 85.80 -36.56 58.82
CA LEU C 6 86.16 -35.39 58.02
C LEU C 6 85.20 -34.26 58.34
N ASN C 7 85.74 -33.08 58.62
CA ASN C 7 84.95 -31.92 59.01
C ASN C 7 85.00 -30.86 57.93
N VAL C 8 83.87 -30.19 57.73
CA VAL C 8 83.72 -29.16 56.70
C VAL C 8 83.25 -27.88 57.36
N SER C 9 84.21 -27.05 57.77
CA SER C 9 83.96 -25.76 58.40
C SER C 9 82.92 -25.88 59.52
N GLY C 10 83.19 -26.80 60.45
CA GLY C 10 82.24 -27.04 61.53
C GLY C 10 81.84 -28.48 61.68
N THR C 11 80.58 -28.78 61.38
CA THR C 11 80.04 -30.12 61.58
C THR C 11 80.85 -31.15 60.79
N ARG C 12 81.19 -32.24 61.46
CA ARG C 12 81.99 -33.31 60.88
C ARG C 12 81.11 -34.52 60.55
N PHE C 13 81.67 -35.42 59.74
CA PHE C 13 80.96 -36.58 59.22
C PHE C 13 81.92 -37.76 59.18
N GLN C 14 81.36 -38.96 59.06
CA GLN C 14 82.12 -40.20 59.06
C GLN C 14 81.93 -40.91 57.74
N THR C 15 83.03 -41.18 57.03
CA THR C 15 82.99 -41.76 55.70
C THR C 15 83.94 -42.95 55.60
N TRP C 16 83.50 -43.98 54.90
CA TRP C 16 84.36 -45.09 54.57
C TRP C 16 85.23 -44.75 53.35
N GLN C 17 86.39 -45.40 53.27
CA GLN C 17 87.32 -45.13 52.17
C GLN C 17 86.71 -45.55 50.83
N ASP C 18 86.08 -46.72 50.78
CA ASP C 18 85.52 -47.19 49.51
C ASP C 18 84.39 -46.29 49.03
N THR C 19 83.54 -45.83 49.93
CA THR C 19 82.43 -44.96 49.53
C THR C 19 82.93 -43.62 49.01
N LEU C 20 83.89 -43.02 49.73
CA LEU C 20 84.36 -41.69 49.35
C LEU C 20 85.30 -41.73 48.15
N GLU C 21 86.03 -42.83 47.96
CA GLU C 21 87.03 -42.91 46.91
C GLU C 21 86.63 -43.88 45.79
N ARG C 22 85.33 -44.03 45.55
CA ARG C 22 84.87 -44.86 44.45
C ARG C 22 84.68 -44.07 43.16
N TYR C 23 84.84 -42.76 43.19
CA TYR C 23 84.69 -41.89 42.02
C TYR C 23 85.97 -41.07 41.87
N PRO C 24 87.05 -41.70 41.38
CA PRO C 24 88.34 -40.98 41.29
C PRO C 24 88.32 -39.79 40.36
N ASP C 25 87.36 -39.71 39.43
CA ASP C 25 87.32 -38.59 38.50
C ASP C 25 87.13 -37.26 39.23
N THR C 26 86.24 -37.24 40.22
CA THR C 26 86.02 -36.04 41.01
C THR C 26 87.18 -35.84 41.99
N LEU C 27 87.34 -34.60 42.44
CA LEU C 27 88.42 -34.28 43.38
C LEU C 27 88.28 -35.06 44.69
N LEU C 28 87.05 -35.38 45.08
CA LEU C 28 86.85 -36.15 46.31
C LEU C 28 87.45 -37.54 46.21
N GLY C 29 87.28 -38.19 45.05
CA GLY C 29 87.82 -39.53 44.87
C GLY C 29 89.29 -39.59 44.52
N SER C 30 89.94 -38.44 44.33
CA SER C 30 91.35 -38.39 44.00
C SER C 30 92.17 -38.31 45.29
N SER C 31 93.46 -38.02 45.15
CA SER C 31 94.35 -37.87 46.31
C SER C 31 94.38 -36.46 46.86
N GLU C 32 93.70 -35.50 46.21
CA GLU C 32 93.71 -34.13 46.67
C GLU C 32 93.07 -33.97 48.04
N ARG C 33 92.28 -34.96 48.49
CA ARG C 33 91.77 -34.94 49.85
C ARG C 33 92.91 -34.92 50.86
N ASP C 34 94.03 -35.60 50.56
CA ASP C 34 95.19 -35.54 51.43
C ASP C 34 95.75 -34.14 51.52
N PHE C 35 95.54 -33.32 50.48
CA PHE C 35 95.88 -31.91 50.58
C PHE C 35 95.03 -31.22 51.63
N PHE C 36 93.75 -31.54 51.70
CA PHE C 36 92.87 -31.00 52.72
C PHE C 36 92.95 -31.75 54.04
N TYR C 37 93.68 -32.87 54.07
CA TYR C 37 93.85 -33.63 55.30
C TYR C 37 94.75 -32.88 56.28
N HIS C 38 94.44 -33.01 57.57
CA HIS C 38 95.22 -32.40 58.65
C HIS C 38 95.62 -33.51 59.61
N PRO C 39 96.78 -34.14 59.38
CA PRO C 39 97.22 -35.20 60.30
C PRO C 39 97.48 -34.72 61.72
N GLU C 40 97.68 -33.42 61.92
CA GLU C 40 97.91 -32.90 63.26
C GLU C 40 96.69 -33.12 64.16
N THR C 41 95.50 -33.13 63.59
CA THR C 41 94.27 -33.35 64.36
C THR C 41 93.51 -34.60 63.92
N GLN C 42 94.07 -35.40 63.00
CA GLN C 42 93.41 -36.60 62.48
C GLN C 42 92.05 -36.25 61.86
N GLN C 43 91.99 -35.12 61.17
CA GLN C 43 90.76 -34.66 60.54
C GLN C 43 91.04 -34.23 59.11
N TYR C 44 90.03 -34.38 58.25
CA TYR C 44 90.08 -33.91 56.87
C TYR C 44 89.22 -32.66 56.79
N PHE C 45 89.86 -31.49 56.76
CA PHE C 45 89.17 -30.22 56.80
C PHE C 45 89.01 -29.67 55.38
N PHE C 46 87.77 -29.43 54.98
CA PHE C 46 87.48 -28.82 53.68
C PHE C 46 87.14 -27.35 53.75
N ASP C 47 86.55 -26.90 54.87
CA ASP C 47 86.20 -25.49 55.08
C ASP C 47 85.26 -24.98 53.98
N ARG C 48 84.07 -25.58 53.92
CA ARG C 48 83.05 -25.20 52.95
C ARG C 48 81.70 -25.16 53.65
N ASP C 49 80.63 -24.98 52.87
CA ASP C 49 79.30 -24.89 53.43
C ASP C 49 78.83 -26.26 53.90
N PRO C 50 78.47 -26.44 55.17
CA PRO C 50 78.11 -27.77 55.66
C PRO C 50 76.65 -28.14 55.46
N ASP C 51 76.10 -27.85 54.29
CA ASP C 51 74.79 -28.41 53.92
C ASP C 51 74.80 -29.05 52.55
N ILE C 52 75.50 -28.46 51.58
CA ILE C 52 75.62 -29.08 50.26
C ILE C 52 76.58 -30.26 50.32
N PHE C 53 77.61 -30.18 51.17
CA PHE C 53 78.48 -31.32 51.37
C PHE C 53 77.72 -32.53 51.87
N ARG C 54 76.67 -32.32 52.68
CA ARG C 54 75.82 -33.42 53.10
C ARG C 54 75.11 -34.06 51.91
N HIS C 55 74.65 -33.24 50.97
CA HIS C 55 74.04 -33.77 49.76
C HIS C 55 75.05 -34.57 48.94
N ILE C 56 76.29 -34.07 48.85
CA ILE C 56 77.33 -34.80 48.14
C ILE C 56 77.61 -36.14 48.83
N LEU C 57 77.59 -36.15 50.17
CA LEU C 57 77.75 -37.39 50.90
C LEU C 57 76.63 -38.38 50.61
N ASN C 58 75.39 -37.89 50.57
CA ASN C 58 74.27 -38.75 50.23
C ASN C 58 74.41 -39.28 48.80
N PHE C 59 74.89 -38.43 47.89
CA PHE C 59 75.10 -38.84 46.51
C PHE C 59 76.11 -39.97 46.43
N TYR C 60 77.26 -39.80 47.08
CA TYR C 60 78.26 -40.86 47.10
C TYR C 60 77.74 -42.11 47.81
N ARG C 61 76.83 -41.94 48.78
CA ARG C 61 76.21 -43.08 49.45
C ARG C 61 75.36 -43.89 48.49
N THR C 62 74.57 -43.20 47.66
CA THR C 62 73.59 -43.87 46.79
C THR C 62 73.95 -43.86 45.32
N GLY C 63 74.92 -43.03 44.91
CA GLY C 63 75.24 -42.88 43.50
C GLY C 63 74.43 -41.83 42.77
N LYS C 64 73.45 -41.22 43.44
CA LYS C 64 72.59 -40.22 42.82
C LYS C 64 72.45 -39.02 43.74
N LEU C 65 72.55 -37.83 43.17
CA LEU C 65 72.56 -36.58 43.93
C LEU C 65 71.21 -35.88 43.81
N HIS C 66 70.89 -35.09 44.84
CA HIS C 66 69.67 -34.30 44.87
C HIS C 66 70.00 -32.85 45.19
N TYR C 67 69.11 -31.95 44.79
CA TYR C 67 69.33 -30.52 44.89
C TYR C 67 68.48 -29.93 46.01
N PRO C 68 69.07 -29.28 47.00
CA PRO C 68 68.27 -28.65 48.06
C PRO C 68 67.37 -27.56 47.49
N ARG C 69 66.15 -27.50 48.02
CA ARG C 69 65.18 -26.51 47.54
C ARG C 69 65.34 -25.15 48.19
N HIS C 70 65.92 -25.08 49.37
CA HIS C 70 66.07 -23.82 50.10
C HIS C 70 67.49 -23.29 50.07
N GLU C 71 68.39 -23.90 49.31
CA GLU C 71 69.77 -23.46 49.21
C GLU C 71 70.05 -22.72 47.90
N CYS C 72 69.01 -22.47 47.10
CA CYS C 72 69.07 -21.76 45.82
C CYS C 72 70.13 -22.36 44.88
N ILE C 73 70.46 -21.63 43.82
CA ILE C 73 71.41 -22.13 42.83
C ILE C 73 72.73 -21.38 42.82
N SER C 74 72.72 -20.05 42.97
CA SER C 74 73.96 -19.29 43.01
C SER C 74 74.75 -19.55 44.28
N ALA C 75 74.19 -20.31 45.22
CA ALA C 75 74.96 -20.94 46.28
C ALA C 75 75.28 -22.40 45.98
N TYR C 76 74.40 -23.09 45.24
CA TYR C 76 74.67 -24.48 44.86
C TYR C 76 75.71 -24.55 43.74
N ASP C 77 75.66 -23.60 42.80
CA ASP C 77 76.59 -23.63 41.68
C ASP C 77 78.04 -23.47 42.14
N GLU C 78 78.28 -22.54 43.07
CA GLU C 78 79.64 -22.32 43.56
C GLU C 78 80.17 -23.56 44.28
N GLU C 79 79.33 -24.22 45.07
CA GLU C 79 79.77 -25.44 45.76
C GLU C 79 80.02 -26.58 44.79
N LEU C 80 79.16 -26.75 43.78
CA LEU C 80 79.36 -27.85 42.85
C LEU C 80 80.54 -27.58 41.92
N ALA C 81 80.89 -26.31 41.72
CA ALA C 81 82.08 -25.98 40.92
C ALA C 81 83.35 -26.16 41.75
N PHE C 82 83.34 -25.71 43.01
CA PHE C 82 84.50 -25.88 43.88
C PHE C 82 84.77 -27.35 44.15
N PHE C 83 83.73 -28.12 44.41
CA PHE C 83 83.88 -29.55 44.70
C PHE C 83 84.02 -30.40 43.44
N GLY C 84 83.82 -29.81 42.26
CA GLY C 84 84.03 -30.53 41.02
C GLY C 84 83.00 -31.60 40.70
N LEU C 85 81.80 -31.50 41.25
CA LEU C 85 80.77 -32.50 40.97
C LEU C 85 80.25 -32.35 39.54
N ILE C 86 79.65 -33.42 39.05
CA ILE C 86 79.07 -33.46 37.70
C ILE C 86 77.61 -33.04 37.81
N PRO C 87 77.19 -31.95 37.16
CA PRO C 87 75.82 -31.48 37.28
C PRO C 87 74.80 -32.23 36.43
N GLU C 88 75.16 -33.37 35.84
CA GLU C 88 74.27 -34.15 35.00
C GLU C 88 73.94 -35.51 35.58
N ILE C 89 74.14 -35.68 36.88
CA ILE C 89 73.84 -36.94 37.57
C ILE C 89 73.01 -36.62 38.80
N ILE C 90 72.49 -35.40 38.87
CA ILE C 90 71.79 -34.92 40.08
C ILE C 90 70.34 -35.34 39.94
N GLY C 91 70.07 -36.60 40.27
CA GLY C 91 68.71 -37.13 40.27
C GLY C 91 68.03 -37.08 38.90
N ASP C 92 66.73 -37.38 38.94
CA ASP C 92 65.88 -37.31 37.77
C ASP C 92 64.83 -36.21 37.92
N CYS C 93 64.01 -36.28 38.97
CA CYS C 93 63.11 -35.19 39.29
C CYS C 93 63.88 -33.97 39.78
N CYS C 94 64.87 -34.20 40.64
CA CYS C 94 65.70 -33.10 41.12
C CYS C 94 66.48 -32.45 39.99
N TYR C 95 66.90 -33.23 39.00
CA TYR C 95 67.57 -32.64 37.84
C TYR C 95 66.66 -31.67 37.12
N GLU C 96 65.40 -32.06 36.89
CA GLU C 96 64.46 -31.20 36.20
C GLU C 96 64.17 -29.93 36.99
N GLU C 97 63.87 -30.08 38.28
CA GLU C 97 63.54 -28.88 39.06
C GLU C 97 64.76 -27.97 39.22
N TYR C 98 65.96 -28.55 39.33
CA TYR C 98 67.17 -27.75 39.36
C TYR C 98 67.38 -26.99 38.05
N LYS C 99 67.14 -27.65 36.91
CA LYS C 99 67.27 -26.97 35.63
C LYS C 99 66.26 -25.85 35.50
N ASP C 100 65.02 -26.09 35.95
CA ASP C 100 63.99 -25.07 35.90
C ASP C 100 64.36 -23.88 36.78
N ARG C 101 64.87 -24.13 37.99
CA ARG C 101 65.26 -23.04 38.87
C ARG C 101 66.48 -22.29 38.33
N ARG C 102 67.41 -23.01 37.72
CA ARG C 102 68.55 -22.36 37.08
C ARG C 102 68.09 -21.43 35.97
N ARG C 103 67.15 -21.90 35.14
CA ARG C 103 66.57 -21.04 34.13
C ARG C 103 65.87 -19.83 34.74
N GLU C 104 65.08 -20.07 35.80
CA GLU C 104 64.30 -18.98 36.41
C GLU C 104 65.22 -17.90 36.96
N ASN C 105 66.32 -18.29 37.60
CA ASN C 105 67.29 -17.30 38.06
C ASN C 105 68.18 -16.81 36.93
N ALA C 106 68.11 -17.43 35.75
CA ALA C 106 69.03 -17.09 34.67
C ALA C 106 68.57 -15.92 33.81
N GLU C 107 67.27 -15.60 33.76
CA GLU C 107 66.84 -14.50 32.90
C GLU C 107 67.31 -13.15 33.39
N ARG C 108 67.83 -13.04 34.60
CA ARG C 108 68.20 -11.75 35.18
C ARG C 108 69.70 -11.48 35.11
N LEU C 109 70.46 -12.29 34.37
CA LEU C 109 71.89 -12.05 34.21
C LEU C 109 72.23 -11.28 32.94
N GLN C 110 71.26 -11.01 32.07
CA GLN C 110 71.51 -10.24 30.86
C GLN C 110 70.93 -8.84 30.88
N ASP C 111 69.81 -8.63 31.57
CA ASP C 111 69.23 -7.29 31.64
C ASP C 111 70.10 -6.35 32.45
N ASP C 112 70.64 -6.82 33.57
CA ASP C 112 71.59 -6.02 34.33
C ASP C 112 72.87 -5.80 33.53
N ALA C 113 73.23 -6.76 32.68
CA ALA C 113 74.32 -6.55 31.73
C ALA C 113 73.94 -5.52 30.68
N ASP C 114 72.67 -5.48 30.29
CA ASP C 114 72.19 -4.51 29.32
C ASP C 114 71.89 -3.14 29.92
N THR C 115 72.04 -3.01 31.24
CA THR C 115 71.85 -1.72 31.90
C THR C 115 72.67 -0.60 31.25
N ASP C 116 73.93 -0.89 30.91
CA ASP C 116 74.78 0.13 30.30
C ASP C 116 74.25 0.60 28.95
N THR C 117 73.45 -0.22 28.27
CA THR C 117 72.86 0.11 26.98
C THR C 117 73.93 0.58 25.99
N ALA C 118 73.84 1.85 25.58
CA ALA C 118 74.79 2.43 24.63
C ALA C 118 75.62 3.47 25.36
N GLY C 119 76.95 3.29 25.32
CA GLY C 119 77.86 4.26 25.90
C GLY C 119 78.85 4.76 24.87
N GLU C 120 78.38 4.94 23.64
CA GLU C 120 79.21 5.32 22.51
C GLU C 120 78.76 6.69 21.99
N SER C 121 79.74 7.52 21.64
CA SER C 121 79.47 8.86 21.13
C SER C 121 79.98 9.01 19.70
N ALA C 128 79.09 14.02 16.46
CA ALA C 128 79.00 12.61 16.11
C ALA C 128 77.56 12.21 15.81
N ARG C 129 77.34 11.67 14.60
CA ARG C 129 76.00 11.24 14.23
C ARG C 129 75.53 10.07 15.08
N GLN C 130 76.45 9.26 15.59
CA GLN C 130 76.08 8.19 16.51
C GLN C 130 75.48 8.74 17.79
N ARG C 131 76.07 9.81 18.32
CA ARG C 131 75.56 10.40 19.56
C ARG C 131 74.15 10.98 19.36
N VAL C 132 73.93 11.68 18.25
CA VAL C 132 72.60 12.24 18.01
C VAL C 132 71.60 11.13 17.71
N TRP C 133 72.04 10.05 17.07
CA TRP C 133 71.14 8.91 16.87
C TRP C 133 70.75 8.28 18.20
N ARG C 134 71.71 8.13 19.12
CA ARG C 134 71.40 7.60 20.44
C ARG C 134 70.44 8.52 21.18
N ALA C 135 70.64 9.83 21.06
CA ALA C 135 69.72 10.78 21.68
C ALA C 135 68.34 10.72 21.03
N PHE C 136 68.27 10.38 19.74
CA PHE C 136 67.00 10.39 19.03
C PHE C 136 66.18 9.14 19.33
N GLU C 137 66.77 7.96 19.10
CA GLU C 137 66.02 6.72 19.29
C GLU C 137 65.55 6.54 20.72
N ASN C 138 66.25 7.12 21.68
CA ASN C 138 65.82 7.15 23.08
C ASN C 138 65.44 8.58 23.42
N PRO C 139 64.16 8.93 23.44
CA PRO C 139 63.78 10.34 23.61
C PRO C 139 64.26 10.96 24.90
N HIS C 140 64.34 10.19 25.99
CA HIS C 140 64.66 10.74 27.31
C HIS C 140 66.17 10.99 27.43
N THR C 141 66.67 11.81 26.50
CA THR C 141 68.07 12.21 26.49
C THR C 141 68.25 13.72 26.64
N SER C 142 67.56 14.51 25.83
CA SER C 142 67.69 15.96 25.86
C SER C 142 66.37 16.60 25.43
N THR C 143 66.36 17.94 25.44
CA THR C 143 65.17 18.68 25.00
C THR C 143 64.87 18.40 23.53
N MET C 144 65.91 18.33 22.69
CA MET C 144 65.73 18.12 21.26
C MET C 144 64.91 16.86 20.98
N ALA C 145 65.32 15.74 21.56
CA ALA C 145 64.61 14.48 21.33
C ALA C 145 63.16 14.55 21.81
N LEU C 146 62.94 15.15 22.98
CA LEU C 146 61.58 15.34 23.46
C LEU C 146 60.76 16.18 22.49
N VAL C 147 61.36 17.24 21.95
CA VAL C 147 60.64 18.12 21.02
C VAL C 147 60.21 17.36 19.78
N PHE C 148 61.15 16.64 19.14
CA PHE C 148 60.78 15.87 17.96
C PHE C 148 59.76 14.78 18.28
N TYR C 149 59.93 14.07 19.40
CA TYR C 149 58.97 13.05 19.79
C TYR C 149 57.57 13.62 19.90
N TYR C 150 57.43 14.71 20.67
CA TYR C 150 56.13 15.31 20.90
C TYR C 150 55.52 15.83 19.60
N VAL C 151 56.32 16.53 18.78
CA VAL C 151 55.77 17.15 17.57
C VAL C 151 55.39 16.08 16.56
N THR C 152 56.19 15.02 16.45
CA THR C 152 55.84 13.94 15.53
C THR C 152 54.56 13.25 15.98
N GLY C 153 54.41 12.97 17.28
CA GLY C 153 53.17 12.40 17.75
C GLY C 153 51.97 13.30 17.47
N PHE C 154 52.14 14.60 17.70
CA PHE C 154 51.05 15.55 17.45
C PHE C 154 50.66 15.56 15.98
N PHE C 155 51.63 15.51 15.08
CA PHE C 155 51.32 15.56 13.65
C PHE C 155 50.73 14.24 13.16
N ILE C 156 51.16 13.11 13.73
CA ILE C 156 50.48 11.85 13.41
C ILE C 156 49.03 11.92 13.86
N ALA C 157 48.78 12.47 15.04
CA ALA C 157 47.42 12.62 15.53
C ALA C 157 46.59 13.50 14.60
N VAL C 158 47.14 14.63 14.15
CA VAL C 158 46.36 15.50 13.27
C VAL C 158 46.15 14.83 11.92
N SER C 159 47.12 14.07 11.42
CA SER C 159 46.93 13.38 10.15
C SER C 159 45.81 12.35 10.25
N VAL C 160 45.80 11.56 11.34
CA VAL C 160 44.78 10.52 11.45
C VAL C 160 43.41 11.14 11.69
N ILE C 161 43.34 12.22 12.47
CA ILE C 161 42.04 12.86 12.69
C ILE C 161 41.54 13.51 11.41
N ALA C 162 42.45 14.05 10.59
CA ALA C 162 42.05 14.58 9.30
C ALA C 162 41.52 13.49 8.39
N ASN C 163 42.19 12.33 8.37
CA ASN C 163 41.70 11.21 7.58
C ASN C 163 40.33 10.77 8.06
N VAL C 164 40.10 10.80 9.37
CA VAL C 164 38.77 10.49 9.92
C VAL C 164 37.75 11.49 9.42
N VAL C 165 38.07 12.78 9.51
CA VAL C 165 37.12 13.83 9.15
C VAL C 165 36.84 13.88 7.65
N GLU C 166 37.75 13.35 6.83
CA GLU C 166 37.67 13.46 5.37
C GLU C 166 36.28 13.22 4.79
N THR C 167 35.45 12.41 5.44
CA THR C 167 34.12 12.11 4.92
C THR C 167 33.03 12.60 5.87
N VAL C 168 33.36 13.49 6.79
CA VAL C 168 32.31 14.13 7.58
C VAL C 168 31.38 14.90 6.64
N PRO C 169 30.05 14.74 6.76
CA PRO C 169 29.15 15.36 5.76
C PRO C 169 29.33 16.87 5.62
N CYS C 170 29.58 17.58 6.72
CA CYS C 170 29.84 19.01 6.61
C CYS C 170 31.12 19.27 5.83
N GLY C 171 32.15 18.46 6.04
CA GLY C 171 33.41 18.56 5.34
C GLY C 171 33.51 17.74 4.07
N SER C 172 32.40 17.16 3.59
CA SER C 172 32.43 16.34 2.40
C SER C 172 31.38 16.80 1.40
N SER C 173 31.15 15.99 0.36
CA SER C 173 30.22 16.36 -0.70
C SER C 173 28.82 16.72 -0.19
N PRO C 174 28.18 15.94 0.70
CA PRO C 174 26.81 16.32 1.13
C PRO C 174 26.79 17.58 1.97
N GLY C 175 25.58 18.03 2.33
CA GLY C 175 25.40 19.22 3.12
C GLY C 175 25.32 20.50 2.33
N HIS C 176 25.70 20.49 1.06
CA HIS C 176 25.64 21.68 0.21
C HIS C 176 25.43 21.22 -1.23
N ILE C 177 24.17 21.23 -1.67
CA ILE C 177 23.84 20.87 -3.05
C ILE C 177 23.02 21.99 -3.67
N LYS C 178 22.33 22.77 -2.84
CA LYS C 178 21.49 23.84 -3.36
C LYS C 178 22.31 25.03 -3.82
N GLU C 179 23.41 25.35 -3.14
CA GLU C 179 24.24 26.50 -3.47
C GLU C 179 25.67 26.14 -3.82
N LEU C 180 26.24 25.10 -3.22
CA LEU C 180 27.62 24.70 -3.49
C LEU C 180 27.89 23.29 -2.97
N ARG C 185 32.07 24.55 4.21
CA ARG C 185 32.06 24.18 2.80
C ARG C 185 33.02 23.03 2.54
N TYR C 186 32.97 22.49 1.31
CA TYR C 186 33.81 21.35 0.93
C TYR C 186 35.24 21.83 0.67
N ALA C 187 35.92 22.18 1.75
CA ALA C 187 37.30 22.66 1.68
C ALA C 187 38.21 21.50 1.27
N VAL C 188 38.78 21.57 0.08
CA VAL C 188 39.73 20.55 -0.39
C VAL C 188 41.09 20.72 0.25
N ALA C 189 41.27 21.75 1.10
CA ALA C 189 42.56 22.01 1.72
C ALA C 189 43.04 20.83 2.55
N PHE C 190 42.13 19.93 2.96
CA PHE C 190 42.53 18.67 3.57
C PHE C 190 43.72 18.06 2.86
N PHE C 191 43.64 17.98 1.53
CA PHE C 191 44.74 17.48 0.71
C PHE C 191 46.08 18.04 1.17
N CYS C 192 46.19 19.36 1.17
CA CYS C 192 47.44 20.02 1.54
C CYS C 192 47.95 19.51 2.88
N LEU C 193 47.06 19.44 3.89
CA LEU C 193 47.46 18.94 5.20
C LEU C 193 48.13 17.59 5.08
N ASP C 194 47.45 16.65 4.40
CA ASP C 194 48.03 15.34 4.14
C ASP C 194 49.45 15.48 3.62
N THR C 195 49.61 16.26 2.53
CA THR C 195 50.92 16.42 1.92
C THR C 195 51.94 16.83 2.98
N ALA C 196 51.62 17.87 3.75
CA ALA C 196 52.56 18.34 4.76
C ALA C 196 52.96 17.21 5.68
N CYS C 197 51.97 16.54 6.26
CA CYS C 197 52.26 15.45 7.18
C CYS C 197 53.18 14.45 6.51
N VAL C 198 52.85 14.06 5.28
CA VAL C 198 53.63 13.04 4.60
C VAL C 198 55.08 13.47 4.51
N MET C 199 55.34 14.70 4.04
CA MET C 199 56.72 15.09 3.88
C MET C 199 57.41 15.15 5.23
N ILE C 200 56.69 15.63 6.26
CA ILE C 200 57.27 15.64 7.61
C ILE C 200 57.65 14.23 8.01
N PHE C 201 56.75 13.27 7.79
CA PHE C 201 57.07 11.89 8.09
C PHE C 201 58.32 11.45 7.33
N THR C 202 58.41 11.80 6.06
CA THR C 202 59.59 11.41 5.29
C THR C 202 60.84 12.02 5.91
N VAL C 203 60.76 13.27 6.36
CA VAL C 203 61.91 13.88 7.03
C VAL C 203 62.33 13.03 8.21
N GLU C 204 61.37 12.59 9.02
CA GLU C 204 61.63 11.61 10.06
C GLU C 204 62.47 10.47 9.50
N TYR C 205 61.92 9.76 8.52
CA TYR C 205 62.61 8.61 7.95
C TYR C 205 63.97 9.01 7.40
N LEU C 206 64.09 10.23 6.87
CA LEU C 206 65.38 10.66 6.33
C LEU C 206 66.46 10.62 7.40
N LEU C 207 66.15 11.14 8.59
CA LEU C 207 67.11 11.03 9.68
C LEU C 207 67.33 9.56 10.04
N ARG C 208 66.25 8.78 10.09
CA ARG C 208 66.39 7.34 10.28
C ARG C 208 67.22 6.71 9.18
N LEU C 209 67.19 7.30 7.98
CA LEU C 209 68.04 6.81 6.90
C LEU C 209 69.51 7.08 7.19
N ALA C 210 69.83 8.19 7.85
CA ALA C 210 71.21 8.59 8.09
C ALA C 210 71.70 8.24 9.48
N ALA C 211 70.88 8.47 10.51
CA ALA C 211 71.30 8.24 11.89
C ALA C 211 71.46 6.76 12.22
N ALA C 212 70.89 5.87 11.43
CA ALA C 212 70.97 4.44 11.73
C ALA C 212 72.41 3.96 11.61
N PRO C 213 72.98 3.35 12.66
CA PRO C 213 74.34 2.83 12.54
C PRO C 213 74.51 1.80 11.44
N SER C 214 73.48 0.99 11.18
CA SER C 214 73.48 0.03 10.09
C SER C 214 72.21 0.22 9.29
N ARG C 215 72.37 0.48 7.98
CA ARG C 215 71.22 0.70 7.12
C ARG C 215 70.38 -0.57 6.98
N TYR C 216 71.03 -1.69 6.64
CA TYR C 216 70.29 -2.93 6.42
C TYR C 216 69.63 -3.41 7.71
N ARG C 217 70.33 -3.30 8.84
CA ARG C 217 69.75 -3.74 10.10
C ARG C 217 68.52 -2.91 10.46
N PHE C 218 68.59 -1.60 10.25
CA PHE C 218 67.43 -0.75 10.52
C PHE C 218 66.28 -1.07 9.57
N VAL C 219 66.58 -1.28 8.29
CA VAL C 219 65.52 -1.58 7.32
C VAL C 219 64.85 -2.90 7.66
N ARG C 220 65.63 -3.89 8.12
CA ARG C 220 65.06 -5.18 8.49
C ARG C 220 64.07 -5.07 9.65
N SER C 221 64.21 -4.05 10.48
CA SER C 221 63.29 -3.88 11.61
C SER C 221 61.87 -3.63 11.13
N VAL C 222 60.90 -4.13 11.91
CA VAL C 222 59.50 -4.00 11.54
C VAL C 222 59.06 -2.54 11.57
N MET C 223 59.64 -1.73 12.45
CA MET C 223 59.28 -0.32 12.52
C MET C 223 59.57 0.37 11.20
N SER C 224 60.71 0.06 10.58
CA SER C 224 61.07 0.65 9.30
C SER C 224 60.08 0.25 8.21
N ILE C 225 59.68 -1.02 8.19
CA ILE C 225 58.76 -1.47 7.13
C ILE C 225 57.39 -0.84 7.31
N ILE C 226 56.94 -0.69 8.57
CA ILE C 226 55.69 0.01 8.82
C ILE C 226 55.79 1.46 8.35
N ASP C 227 56.89 2.12 8.70
CA ASP C 227 57.05 3.52 8.32
C ASP C 227 57.03 3.68 6.81
N VAL C 228 57.76 2.82 6.10
CA VAL C 228 57.85 2.97 4.65
C VAL C 228 56.52 2.63 3.99
N VAL C 229 55.83 1.60 4.47
CA VAL C 229 54.54 1.25 3.86
C VAL C 229 53.51 2.33 4.13
N ALA C 230 53.66 3.11 5.20
CA ALA C 230 52.79 4.26 5.38
C ALA C 230 53.24 5.47 4.57
N ILE C 231 54.52 5.54 4.21
CA ILE C 231 54.99 6.62 3.33
C ILE C 231 54.49 6.42 1.90
N LEU C 232 54.51 5.18 1.42
CA LEU C 232 54.18 4.91 0.01
C LEU C 232 52.88 5.52 -0.49
N PRO C 233 51.74 5.45 0.23
CA PRO C 233 50.46 5.84 -0.39
C PRO C 233 50.45 7.22 -1.02
N TYR C 234 51.06 8.22 -0.39
CA TYR C 234 51.06 9.57 -0.96
C TYR C 234 51.79 9.61 -2.29
N TYR C 235 52.98 9.01 -2.35
CA TYR C 235 53.76 9.03 -3.58
C TYR C 235 53.09 8.19 -4.67
N ILE C 236 52.50 7.06 -4.30
CA ILE C 236 51.79 6.24 -5.27
C ILE C 236 50.60 7.00 -5.84
N GLY C 237 49.87 7.74 -4.98
CA GLY C 237 48.79 8.57 -5.46
C GLY C 237 49.27 9.67 -6.39
N LEU C 238 50.42 10.28 -6.08
CA LEU C 238 50.99 11.28 -6.96
C LEU C 238 51.32 10.69 -8.32
N VAL C 239 51.93 9.50 -8.34
CA VAL C 239 52.27 8.85 -9.60
C VAL C 239 51.01 8.52 -10.38
N MET C 240 49.98 8.04 -9.69
CA MET C 240 48.72 7.71 -10.38
C MET C 240 48.09 8.96 -10.97
N THR C 241 48.07 10.06 -10.24
CA THR C 241 47.51 11.30 -10.77
C THR C 241 48.34 11.85 -11.91
N ASP C 242 49.65 11.60 -11.90
CA ASP C 242 50.51 12.10 -12.98
C ASP C 242 50.11 11.50 -14.32
N ASN C 243 49.78 10.21 -14.34
CA ASN C 243 49.36 9.51 -15.56
C ASN C 243 47.85 9.31 -15.48
N GLU C 244 47.09 10.26 -16.05
CA GLU C 244 45.64 10.27 -16.15
C GLU C 244 44.97 9.89 -14.84
N ASP C 245 43.78 9.30 -14.92
CA ASP C 245 43.03 8.91 -13.73
C ASP C 245 42.08 7.77 -14.09
N VAL C 246 42.18 6.67 -13.34
CA VAL C 246 41.34 5.50 -13.56
C VAL C 246 40.71 5.10 -12.24
N SER C 247 39.41 4.80 -12.28
CA SER C 247 38.73 4.31 -11.09
C SER C 247 39.25 2.94 -10.69
N GLY C 248 39.14 2.63 -9.40
CA GLY C 248 39.69 1.39 -8.90
C GLY C 248 40.52 1.55 -7.64
N ALA C 249 41.83 1.31 -7.76
CA ALA C 249 42.72 1.20 -6.61
C ALA C 249 42.91 2.49 -5.84
N PHE C 250 42.22 3.57 -6.24
CA PHE C 250 42.35 4.83 -5.49
C PHE C 250 41.72 4.71 -4.10
N VAL C 251 40.52 4.13 -4.01
CA VAL C 251 39.91 3.91 -2.70
C VAL C 251 40.75 2.93 -1.89
N THR C 252 41.33 1.93 -2.55
CA THR C 252 42.19 0.98 -1.85
C THR C 252 43.41 1.68 -1.28
N LEU C 253 44.02 2.58 -2.04
CA LEU C 253 45.17 3.33 -1.54
C LEU C 253 44.77 4.19 -0.36
N ARG C 254 43.60 4.83 -0.44
CA ARG C 254 43.09 5.57 0.70
C ARG C 254 42.87 4.66 1.90
N VAL C 255 42.53 3.39 1.67
CA VAL C 255 42.44 2.43 2.76
C VAL C 255 43.81 2.20 3.40
N PHE C 256 44.83 1.98 2.58
CA PHE C 256 46.17 1.85 3.16
C PHE C 256 46.62 3.12 3.88
N ARG C 257 46.06 4.28 3.54
CA ARG C 257 46.49 5.52 4.17
C ARG C 257 46.29 5.50 5.69
N VAL C 258 45.36 4.70 6.21
CA VAL C 258 45.05 4.76 7.63
C VAL C 258 46.16 4.15 8.49
N PHE C 259 47.04 3.33 7.91
CA PHE C 259 48.05 2.61 8.67
C PHE C 259 49.05 3.53 9.38
N ARG C 260 48.90 4.85 9.23
CA ARG C 260 49.79 5.80 9.88
C ARG C 260 49.65 5.83 11.40
N ILE C 261 48.63 5.16 11.95
CA ILE C 261 48.44 5.15 13.40
C ILE C 261 49.59 4.42 14.09
N PHE C 262 50.20 3.46 13.41
CA PHE C 262 51.15 2.55 14.05
C PHE C 262 52.42 3.23 14.55
N LYS C 263 52.68 4.47 14.15
CA LYS C 263 53.84 5.19 14.68
C LYS C 263 53.75 5.42 16.18
N PHE C 264 52.56 5.31 16.77
CA PHE C 264 52.42 5.44 18.22
C PHE C 264 53.07 4.30 18.98
N SER C 265 53.50 3.24 18.28
CA SER C 265 54.32 2.23 18.93
C SER C 265 55.55 2.85 19.57
N ARG C 266 56.12 3.89 18.94
CA ARG C 266 57.17 4.66 19.58
C ARG C 266 56.61 5.54 20.69
N HIS C 267 55.42 6.11 20.48
CA HIS C 267 54.79 6.96 21.48
C HIS C 267 53.96 6.13 22.46
N SER C 268 54.55 5.04 22.95
CA SER C 268 53.88 4.11 23.86
C SER C 268 54.85 2.98 24.18
N GLN C 269 54.53 2.25 25.25
CA GLN C 269 55.18 0.97 25.52
C GLN C 269 54.22 -0.21 25.41
N GLY C 270 52.92 0.02 25.40
CA GLY C 270 51.97 -1.08 25.32
C GLY C 270 51.82 -1.68 23.94
N LEU C 271 51.99 -0.88 22.89
CA LEU C 271 51.84 -1.41 21.54
C LEU C 271 52.93 -2.43 21.22
N ARG C 272 54.17 -2.12 21.56
CA ARG C 272 55.26 -3.04 21.24
C ARG C 272 55.21 -4.29 22.10
N ILE C 273 54.80 -4.16 23.36
CA ILE C 273 54.67 -5.35 24.20
C ILE C 273 53.50 -6.21 23.73
N LEU C 274 52.42 -5.59 23.26
CA LEU C 274 51.32 -6.35 22.67
C LEU C 274 51.79 -7.10 21.43
N GLY C 275 52.58 -6.43 20.58
CA GLY C 275 53.16 -7.12 19.44
C GLY C 275 54.05 -8.28 19.85
N TYR C 276 54.82 -8.09 20.91
CA TYR C 276 55.67 -9.17 21.43
C TYR C 276 54.81 -10.37 21.85
N THR C 277 53.73 -10.10 22.58
CA THR C 277 52.85 -11.18 23.04
C THR C 277 52.23 -11.92 21.86
N LEU C 278 51.74 -11.18 20.87
CA LEU C 278 51.16 -11.83 19.70
C LEU C 278 52.19 -12.66 18.94
N LYS C 279 53.41 -12.14 18.80
CA LYS C 279 54.45 -12.89 18.09
C LYS C 279 54.87 -14.12 18.86
N SER C 280 54.85 -14.07 20.19
CA SER C 280 55.27 -15.22 20.99
C SER C 280 54.24 -16.34 20.93
N CYS C 281 52.95 -15.99 20.94
CA CYS C 281 51.87 -16.97 20.95
C CYS C 281 51.34 -17.26 19.55
N ALA C 282 52.21 -17.22 18.54
CA ALA C 282 51.76 -17.45 17.17
C ALA C 282 51.17 -18.85 16.99
N SER C 283 51.74 -19.85 17.65
CA SER C 283 51.21 -21.21 17.53
C SER C 283 49.79 -21.29 18.09
N GLU C 284 49.55 -20.65 19.24
CA GLU C 284 48.21 -20.64 19.81
C GLU C 284 47.22 -19.89 18.94
N LEU C 285 47.65 -18.78 18.33
CA LEU C 285 46.78 -18.06 17.41
C LEU C 285 46.44 -18.91 16.19
N GLY C 286 47.43 -19.65 15.67
CA GLY C 286 47.16 -20.56 14.57
C GLY C 286 46.20 -21.66 14.94
N PHE C 287 46.33 -22.19 16.17
CA PHE C 287 45.38 -23.18 16.65
C PHE C 287 43.98 -22.59 16.76
N LEU C 288 43.89 -21.36 17.26
CA LEU C 288 42.60 -20.65 17.27
C LEU C 288 42.01 -20.61 15.87
N LEU C 289 42.81 -20.17 14.89
CA LEU C 289 42.29 -20.03 13.53
C LEU C 289 41.85 -21.37 12.96
N PHE C 290 42.66 -22.42 13.17
CA PHE C 290 42.33 -23.72 12.61
C PHE C 290 41.06 -24.29 13.23
N SER C 291 40.96 -24.25 14.56
CA SER C 291 39.76 -24.75 15.22
C SER C 291 38.53 -23.94 14.84
N LEU C 292 38.69 -22.61 14.71
CA LEU C 292 37.57 -21.77 14.32
C LEU C 292 37.11 -22.09 12.90
N THR C 293 38.05 -22.33 11.98
CA THR C 293 37.66 -22.70 10.63
C THR C 293 36.93 -24.05 10.62
N MET C 294 37.44 -25.02 11.38
CA MET C 294 36.74 -26.30 11.48
C MET C 294 35.30 -26.09 11.96
N ALA C 295 35.14 -25.35 13.06
CA ALA C 295 33.82 -25.18 13.64
C ALA C 295 32.89 -24.43 12.69
N ILE C 296 33.37 -23.36 12.07
CA ILE C 296 32.49 -22.58 11.19
C ILE C 296 32.08 -23.41 9.99
N ILE C 297 33.02 -24.17 9.41
CA ILE C 297 32.67 -24.99 8.25
C ILE C 297 31.62 -26.03 8.64
N ILE C 298 31.84 -26.74 9.75
CA ILE C 298 30.91 -27.79 10.14
C ILE C 298 29.53 -27.22 10.41
N PHE C 299 29.45 -26.18 11.25
CA PHE C 299 28.14 -25.66 11.63
C PHE C 299 27.44 -24.99 10.47
N ALA C 300 28.19 -24.29 9.60
CA ALA C 300 27.58 -23.67 8.44
C ALA C 300 27.01 -24.70 7.49
N THR C 301 27.75 -25.78 7.23
CA THR C 301 27.24 -26.84 6.37
C THR C 301 25.99 -27.47 6.96
N VAL C 302 26.02 -27.76 8.27
CA VAL C 302 24.85 -28.39 8.89
C VAL C 302 23.64 -27.47 8.80
N MET C 303 23.81 -26.18 9.11
CA MET C 303 22.67 -25.28 9.07
C MET C 303 22.15 -25.07 7.65
N PHE C 304 23.05 -24.99 6.67
CA PHE C 304 22.58 -24.84 5.30
C PHE C 304 21.78 -26.07 4.86
N TYR C 305 22.29 -27.26 5.16
CA TYR C 305 21.57 -28.45 4.75
C TYR C 305 20.30 -28.68 5.58
N ALA C 306 20.17 -28.04 6.73
CA ALA C 306 18.94 -28.13 7.51
C ALA C 306 18.03 -26.92 7.34
N GLU C 307 18.41 -25.95 6.50
CA GLU C 307 17.65 -24.73 6.33
C GLU C 307 17.54 -24.26 4.89
N LYS C 308 18.17 -24.97 3.94
CA LYS C 308 18.06 -24.54 2.54
C LYS C 308 16.63 -24.67 2.03
N GLY C 309 15.84 -25.54 2.64
CA GLY C 309 14.44 -25.68 2.28
C GLY C 309 13.54 -24.77 3.10
N SER C 310 13.18 -23.62 2.54
CA SER C 310 12.30 -22.68 3.20
C SER C 310 11.70 -21.75 2.15
N SER C 311 10.81 -20.86 2.60
CA SER C 311 10.15 -19.95 1.68
C SER C 311 11.16 -18.99 1.04
N ALA C 312 11.79 -18.14 1.84
CA ALA C 312 12.74 -17.16 1.37
C ALA C 312 13.97 -17.15 2.27
N SER C 313 14.50 -18.35 2.57
CA SER C 313 15.64 -18.46 3.47
C SER C 313 16.84 -17.69 2.95
N LYS C 314 17.46 -16.91 3.83
CA LYS C 314 18.64 -16.14 3.46
C LYS C 314 19.86 -17.02 3.24
N PHE C 315 19.80 -18.30 3.62
CA PHE C 315 20.90 -19.23 3.39
C PHE C 315 20.89 -19.65 1.92
N THR C 316 21.28 -18.69 1.07
CA THR C 316 21.33 -18.95 -0.37
C THR C 316 22.41 -19.96 -0.71
N SER C 317 23.60 -19.80 -0.12
CA SER C 317 24.72 -20.68 -0.41
C SER C 317 25.54 -20.87 0.87
N ILE C 318 26.57 -21.71 0.78
CA ILE C 318 27.41 -21.98 1.94
C ILE C 318 28.07 -20.72 2.49
N PRO C 319 28.58 -19.78 1.68
CA PRO C 319 29.15 -18.56 2.26
C PRO C 319 28.18 -17.77 3.12
N ALA C 320 26.89 -17.76 2.79
CA ALA C 320 25.92 -17.14 3.69
C ALA C 320 25.87 -17.87 5.02
N ALA C 321 25.98 -19.20 4.98
CA ALA C 321 26.05 -19.97 6.22
C ALA C 321 27.33 -19.67 6.98
N PHE C 322 28.44 -19.42 6.29
CA PHE C 322 29.65 -18.94 6.95
C PHE C 322 29.39 -17.62 7.67
N TRP C 323 28.71 -16.69 7.00
CA TRP C 323 28.41 -15.42 7.64
C TRP C 323 27.58 -15.62 8.90
N TYR C 324 26.51 -16.42 8.81
CA TYR C 324 25.68 -16.65 9.97
C TYR C 324 26.46 -17.34 11.09
N THR C 325 27.24 -18.36 10.74
CA THR C 325 27.95 -19.11 11.76
C THR C 325 28.98 -18.23 12.44
N ILE C 326 29.67 -17.38 11.68
CA ILE C 326 30.71 -16.58 12.32
C ILE C 326 30.09 -15.45 13.13
N VAL C 327 28.88 -15.01 12.79
CA VAL C 327 28.23 -14.04 13.66
C VAL C 327 27.61 -14.73 14.87
N THR C 328 27.45 -16.05 14.83
CA THR C 328 26.90 -16.76 15.99
C THR C 328 27.98 -17.21 16.96
N MET C 329 29.05 -17.83 16.46
CA MET C 329 30.11 -18.35 17.33
C MET C 329 30.73 -17.25 18.17
N THR C 330 30.71 -16.02 17.68
CA THR C 330 31.23 -14.88 18.42
C THR C 330 30.20 -14.25 19.33
N THR C 331 29.00 -14.85 19.43
CA THR C 331 27.91 -14.33 20.26
C THR C 331 27.59 -12.88 19.89
N LEU C 332 27.55 -12.60 18.60
CA LEU C 332 27.21 -11.26 18.12
C LEU C 332 25.72 -11.14 17.84
N GLY C 333 25.20 -11.98 16.94
CA GLY C 333 23.77 -12.04 16.70
C GLY C 333 23.18 -10.77 16.12
N TYR C 334 23.53 -10.44 14.87
CA TYR C 334 22.96 -9.25 14.25
C TYR C 334 21.46 -9.40 14.03
N GLY C 335 20.99 -10.62 13.80
CA GLY C 335 19.60 -10.86 13.49
C GLY C 335 19.26 -10.83 12.02
N ASP C 336 20.24 -10.58 11.15
CA ASP C 336 19.98 -10.60 9.72
C ASP C 336 19.52 -11.97 9.26
N MET C 337 20.18 -13.03 9.73
CA MET C 337 19.92 -14.39 9.29
C MET C 337 19.62 -15.24 10.52
N VAL C 338 18.42 -15.80 10.59
CA VAL C 338 18.03 -16.66 11.70
C VAL C 338 17.41 -17.93 11.15
N PRO C 339 17.57 -19.06 11.82
CA PRO C 339 16.94 -20.29 11.34
C PRO C 339 15.44 -20.29 11.56
N LYS C 340 14.75 -21.20 10.87
CA LYS C 340 13.31 -21.32 10.99
C LYS C 340 12.84 -22.75 11.19
N THR C 341 13.74 -23.73 11.18
CA THR C 341 13.40 -25.13 11.41
C THR C 341 14.00 -25.57 12.74
N ILE C 342 13.45 -26.67 13.28
CA ILE C 342 13.88 -27.15 14.59
C ILE C 342 15.36 -27.53 14.57
N ALA C 343 15.79 -28.23 13.53
CA ALA C 343 17.20 -28.56 13.39
C ALA C 343 18.04 -27.29 13.30
N GLY C 344 17.55 -26.30 12.56
CA GLY C 344 18.27 -25.03 12.48
C GLY C 344 18.45 -24.38 13.84
N LYS C 345 17.39 -24.32 14.63
CA LYS C 345 17.49 -23.69 15.94
C LYS C 345 18.42 -24.46 16.87
N ILE C 346 18.29 -25.79 16.92
CA ILE C 346 19.12 -26.55 17.84
C ILE C 346 20.60 -26.45 17.44
N PHE C 347 20.88 -26.52 16.14
CA PHE C 347 22.27 -26.43 15.71
C PHE C 347 22.81 -25.02 15.85
N GLY C 348 21.96 -24.00 15.75
CA GLY C 348 22.40 -22.65 16.05
C GLY C 348 22.79 -22.48 17.51
N SER C 349 21.99 -23.04 18.42
CA SER C 349 22.34 -22.98 19.84
C SER C 349 23.64 -23.73 20.13
N ILE C 350 23.78 -24.94 19.56
CA ILE C 350 25.01 -25.69 19.73
C ILE C 350 26.20 -24.93 19.16
N CYS C 351 25.99 -24.25 18.02
CA CYS C 351 27.04 -23.45 17.41
C CYS C 351 27.45 -22.30 18.31
N SER C 352 26.49 -21.64 18.94
CA SER C 352 26.82 -20.55 19.86
C SER C 352 27.63 -21.06 21.04
N LEU C 353 27.22 -22.20 21.62
CA LEU C 353 27.97 -22.76 22.74
C LEU C 353 29.39 -23.12 22.31
N SER C 354 29.52 -23.77 21.16
CA SER C 354 30.85 -24.17 20.70
C SER C 354 31.69 -22.95 20.35
N GLY C 355 31.08 -21.87 19.88
CA GLY C 355 31.83 -20.65 19.63
C GLY C 355 32.35 -20.03 20.90
N VAL C 356 31.52 -20.01 21.94
CA VAL C 356 32.01 -19.55 23.24
C VAL C 356 33.22 -20.38 23.66
N LEU C 357 33.10 -21.71 23.56
CA LEU C 357 34.19 -22.58 23.96
C LEU C 357 35.46 -22.32 23.15
N VAL C 358 35.33 -22.25 21.82
CA VAL C 358 36.48 -22.12 20.96
C VAL C 358 37.16 -20.77 21.17
N ILE C 359 36.39 -19.70 21.29
CA ILE C 359 36.98 -18.39 21.53
C ILE C 359 37.65 -18.33 22.89
N ALA C 360 37.07 -18.98 23.90
CA ALA C 360 37.66 -18.96 25.23
C ALA C 360 38.82 -19.93 25.38
N LEU C 361 39.04 -20.82 24.42
CA LEU C 361 40.14 -21.78 24.55
C LEU C 361 41.51 -21.13 24.67
N PRO C 362 41.95 -20.21 23.78
CA PRO C 362 43.34 -19.73 23.86
C PRO C 362 43.51 -18.39 24.58
N VAL C 363 42.41 -17.73 24.91
CA VAL C 363 42.50 -16.44 25.61
C VAL C 363 43.17 -16.57 26.98
N PRO C 364 43.06 -17.69 27.72
CA PRO C 364 43.83 -17.76 28.98
C PRO C 364 45.33 -17.69 28.75
N VAL C 365 45.86 -18.44 27.78
CA VAL C 365 47.30 -18.37 27.56
C VAL C 365 47.68 -17.02 26.98
N ILE C 366 46.83 -16.41 26.15
CA ILE C 366 47.13 -15.08 25.63
C ILE C 366 47.24 -14.07 26.78
N VAL C 367 46.25 -14.06 27.67
CA VAL C 367 46.27 -13.08 28.76
C VAL C 367 47.39 -13.39 29.75
N SER C 368 47.70 -14.67 29.95
CA SER C 368 48.79 -15.04 30.85
C SER C 368 50.13 -14.56 30.31
N ASN C 369 50.38 -14.79 29.02
CA ASN C 369 51.62 -14.32 28.41
C ASN C 369 51.70 -12.81 28.46
N PHE C 370 50.60 -12.12 28.14
CA PHE C 370 50.59 -10.67 28.21
C PHE C 370 50.90 -10.19 29.62
N SER C 371 50.27 -10.79 30.63
CA SER C 371 50.52 -10.37 32.00
C SER C 371 51.96 -10.62 32.39
N ARG C 372 52.51 -11.79 32.06
CA ARG C 372 53.88 -12.10 32.45
C ARG C 372 54.87 -11.12 31.82
N ILE C 373 54.71 -10.86 30.52
CA ILE C 373 55.60 -9.92 29.85
C ILE C 373 55.42 -8.52 30.42
N TYR C 374 54.19 -8.15 30.77
CA TYR C 374 53.97 -6.81 31.33
C TYR C 374 54.61 -6.68 32.70
N HIS C 375 54.49 -7.70 33.56
CA HIS C 375 55.17 -7.66 34.84
C HIS C 375 56.68 -7.49 34.64
N GLN C 376 57.28 -8.31 33.77
CA GLN C 376 58.73 -8.23 33.63
C GLN C 376 59.15 -6.86 33.06
N ASN C 377 58.42 -6.36 32.06
CA ASN C 377 58.80 -5.09 31.44
C ASN C 377 58.59 -3.92 32.40
N GLN C 378 57.51 -3.93 33.18
CA GLN C 378 57.25 -2.81 34.07
C GLN C 378 58.17 -2.86 35.29
N ARG C 379 58.54 -4.07 35.73
CA ARG C 379 59.46 -4.18 36.86
C ARG C 379 60.91 -3.99 36.45
N ALA C 380 61.20 -4.00 35.14
CA ALA C 380 62.55 -3.69 34.67
C ALA C 380 63.03 -2.35 35.23
N ASP C 381 62.23 -1.30 35.04
CA ASP C 381 62.60 0.02 35.55
C ASP C 381 62.72 0.02 37.07
N LYS C 382 61.82 -0.69 37.75
CA LYS C 382 61.82 -0.68 39.20
C LYS C 382 63.07 -1.33 39.78
N ARG C 383 63.43 -2.53 39.32
CA ARG C 383 64.62 -3.13 39.90
C ARG C 383 65.88 -2.46 39.38
N ARG C 384 65.81 -1.82 38.21
CA ARG C 384 66.92 -0.99 37.78
C ARG C 384 67.14 0.17 38.76
N ALA C 385 66.06 0.82 39.17
CA ALA C 385 66.17 1.93 40.12
C ALA C 385 66.70 1.46 41.46
N GLN C 386 66.23 0.31 41.95
CA GLN C 386 66.72 -0.14 43.25
C GLN C 386 68.15 -0.69 43.20
N LYS C 387 68.56 -1.31 42.08
CA LYS C 387 69.99 -1.60 41.90
C LYS C 387 70.82 -0.33 41.85
N LYS C 388 70.31 0.73 41.21
CA LYS C 388 71.08 1.98 41.18
C LYS C 388 71.20 2.56 42.59
N ALA C 389 70.11 2.52 43.37
CA ALA C 389 70.18 3.01 44.75
C ALA C 389 71.13 2.18 45.58
N ARG C 390 71.10 0.85 45.43
CA ARG C 390 72.02 -0.01 46.15
C ARG C 390 73.47 0.26 45.76
N LEU C 391 73.72 0.48 44.47
CA LEU C 391 75.07 0.78 44.01
C LEU C 391 75.56 2.11 44.59
N ALA C 392 74.69 3.11 44.64
CA ALA C 392 75.06 4.38 45.25
C ALA C 392 75.34 4.23 46.74
N ARG C 393 74.56 3.39 47.42
CA ARG C 393 74.69 3.26 48.88
C ARG C 393 75.87 2.40 49.29
N ILE C 394 76.23 1.38 48.49
CA ILE C 394 77.12 0.32 48.98
C ILE C 394 78.54 0.85 49.19
N ARG C 395 79.07 1.62 48.25
CA ARG C 395 80.48 2.01 48.31
C ARG C 395 80.75 3.07 49.37
N ALA C 396 79.72 3.63 50.00
CA ALA C 396 79.91 4.53 51.13
C ALA C 396 79.55 3.89 52.47
N ALA C 397 79.01 2.67 52.46
CA ALA C 397 78.58 2.00 53.68
C ALA C 397 79.66 1.10 54.28
N LYS C 398 80.81 0.97 53.63
CA LYS C 398 81.87 0.12 54.14
C LYS C 398 82.67 0.82 55.23
N ASP D 1 96.17 -20.00 58.80
CA ASP D 1 96.42 -19.67 60.20
C ASP D 1 95.90 -20.78 61.11
N ALA D 2 94.91 -20.44 61.94
CA ALA D 2 94.35 -21.38 62.89
C ALA D 2 92.84 -21.47 62.69
N LEU D 3 92.30 -22.66 62.91
CA LEU D 3 90.87 -22.93 62.79
C LEU D 3 90.27 -22.82 64.18
N ILE D 4 89.82 -21.62 64.53
CA ILE D 4 89.26 -21.38 65.86
C ILE D 4 87.94 -22.14 66.00
N VAL D 5 87.89 -23.05 66.97
CA VAL D 5 86.68 -23.81 67.23
C VAL D 5 85.75 -22.97 68.08
N LEU D 6 84.79 -22.31 67.43
CA LEU D 6 83.82 -21.46 68.13
C LEU D 6 82.41 -21.97 67.83
N ASN D 7 81.57 -21.95 68.85
CA ASN D 7 80.18 -22.36 68.72
C ASN D 7 79.25 -21.17 68.95
N VAL D 8 78.15 -21.16 68.22
CA VAL D 8 77.18 -20.06 68.27
C VAL D 8 75.84 -20.66 68.65
N SER D 9 75.55 -20.66 69.95
CA SER D 9 74.30 -21.17 70.51
C SER D 9 74.04 -22.60 70.01
N GLY D 10 75.03 -23.46 70.21
CA GLY D 10 74.93 -24.83 69.77
C GLY D 10 76.18 -25.37 69.09
N THR D 11 76.05 -25.78 67.84
CA THR D 11 77.15 -26.43 67.13
C THR D 11 78.30 -25.45 66.89
N ARG D 12 79.47 -26.01 66.61
CA ARG D 12 80.70 -25.25 66.46
C ARG D 12 81.09 -25.12 64.99
N PHE D 13 81.93 -24.12 64.72
CA PHE D 13 82.44 -23.88 63.38
C PHE D 13 83.89 -23.42 63.47
N GLN D 14 84.65 -23.70 62.41
CA GLN D 14 86.06 -23.34 62.33
C GLN D 14 86.36 -22.72 60.98
N THR D 15 87.13 -21.64 60.99
CA THR D 15 87.48 -20.94 59.75
C THR D 15 88.76 -20.15 60.00
N TRP D 16 89.52 -19.92 58.93
CA TRP D 16 90.83 -19.28 59.04
C TRP D 16 90.70 -17.84 59.55
N GLN D 17 91.75 -17.38 60.23
CA GLN D 17 91.74 -16.04 60.80
C GLN D 17 91.68 -14.96 59.72
N ASP D 18 92.49 -15.10 58.66
CA ASP D 18 92.51 -14.08 57.62
C ASP D 18 91.18 -14.01 56.89
N THR D 19 90.55 -15.16 56.65
CA THR D 19 89.23 -15.18 56.02
C THR D 19 88.21 -14.44 56.88
N LEU D 20 88.29 -14.60 58.20
CA LEU D 20 87.45 -13.80 59.09
C LEU D 20 87.79 -12.32 58.98
N GLU D 21 89.07 -12.00 58.82
CA GLU D 21 89.54 -10.61 58.83
C GLU D 21 89.41 -9.93 57.48
N ARG D 22 88.91 -10.62 56.45
CA ARG D 22 88.69 -9.97 55.16
C ARG D 22 87.69 -8.82 55.24
N TYR D 23 86.89 -8.76 56.31
CA TYR D 23 85.96 -7.67 56.54
C TYR D 23 86.27 -7.08 57.92
N PRO D 24 87.33 -6.27 58.01
CA PRO D 24 87.71 -5.72 59.33
C PRO D 24 86.73 -4.69 59.86
N ASP D 25 85.98 -4.01 59.01
CA ASP D 25 85.01 -3.02 59.48
C ASP D 25 83.80 -3.65 60.16
N THR D 26 83.62 -4.96 60.04
CA THR D 26 82.52 -5.64 60.70
C THR D 26 82.89 -6.00 62.14
N LEU D 27 81.92 -6.54 62.88
CA LEU D 27 82.15 -6.91 64.26
C LEU D 27 83.19 -8.01 64.37
N LEU D 28 83.13 -9.00 63.49
CA LEU D 28 84.08 -10.12 63.55
C LEU D 28 85.48 -9.69 63.16
N GLY D 29 85.60 -8.82 62.14
CA GLY D 29 86.91 -8.40 61.70
C GLY D 29 87.64 -7.55 62.72
N SER D 30 86.93 -6.66 63.40
CA SER D 30 87.55 -5.71 64.32
C SER D 30 87.88 -6.40 65.64
N SER D 31 88.25 -5.58 66.65
CA SER D 31 88.65 -6.11 67.94
C SER D 31 87.49 -6.72 68.73
N GLU D 32 86.25 -6.53 68.28
CA GLU D 32 85.11 -7.14 68.96
C GLU D 32 85.20 -8.66 68.98
N ARG D 33 85.93 -9.26 68.03
CA ARG D 33 86.19 -10.70 68.11
C ARG D 33 86.99 -11.04 69.36
N ASP D 34 87.98 -10.21 69.70
CA ASP D 34 88.71 -10.40 70.95
C ASP D 34 87.79 -10.18 72.15
N PHE D 35 86.80 -9.29 72.03
CA PHE D 35 85.84 -9.11 73.10
C PHE D 35 84.99 -10.34 73.31
N PHE D 36 84.73 -11.11 72.25
CA PHE D 36 84.02 -12.37 72.35
C PHE D 36 84.95 -13.56 72.55
N TYR D 37 86.27 -13.32 72.62
CA TYR D 37 87.20 -14.40 72.87
C TYR D 37 87.04 -14.95 74.29
N HIS D 38 87.07 -16.26 74.42
CA HIS D 38 86.94 -16.95 75.70
C HIS D 38 88.15 -17.86 75.87
N PRO D 39 89.25 -17.33 76.43
CA PRO D 39 90.46 -18.16 76.59
C PRO D 39 90.26 -19.36 77.50
N GLU D 40 89.27 -19.33 78.39
CA GLU D 40 89.01 -20.49 79.24
C GLU D 40 88.50 -21.67 78.44
N THR D 41 87.78 -21.41 77.35
CA THR D 41 87.22 -22.46 76.51
C THR D 41 87.68 -22.41 75.06
N GLN D 42 88.51 -21.42 74.70
CA GLN D 42 89.07 -21.30 73.35
C GLN D 42 87.98 -21.26 72.28
N GLN D 43 86.97 -20.42 72.50
CA GLN D 43 85.88 -20.26 71.56
C GLN D 43 85.43 -18.81 71.53
N TYR D 44 84.55 -18.50 70.59
CA TYR D 44 83.99 -17.16 70.42
C TYR D 44 82.47 -17.29 70.41
N PHE D 45 81.85 -17.12 71.58
CA PHE D 45 80.41 -17.27 71.70
C PHE D 45 79.70 -15.99 71.30
N PHE D 46 78.78 -16.10 70.35
CA PHE D 46 78.00 -14.95 69.88
C PHE D 46 76.59 -14.91 70.43
N ASP D 47 76.12 -15.98 71.06
CA ASP D 47 74.73 -16.11 71.52
C ASP D 47 73.75 -15.93 70.36
N ARG D 48 74.14 -16.36 69.17
CA ARG D 48 73.32 -16.26 67.98
C ARG D 48 73.08 -17.65 67.40
N ASP D 49 71.94 -17.80 66.73
CA ASP D 49 71.57 -19.11 66.21
C ASP D 49 72.55 -19.55 65.13
N PRO D 50 72.93 -20.84 65.09
CA PRO D 50 73.90 -21.29 64.09
C PRO D 50 73.38 -21.22 62.66
N ASP D 51 72.06 -21.24 62.46
CA ASP D 51 71.52 -21.25 61.10
C ASP D 51 71.91 -19.99 60.35
N ILE D 52 71.66 -18.83 60.93
CA ILE D 52 72.02 -17.58 60.28
C ILE D 52 73.53 -17.40 60.28
N PHE D 53 74.21 -17.93 61.32
CA PHE D 53 75.66 -17.88 61.35
C PHE D 53 76.27 -18.62 60.17
N ARG D 54 75.59 -19.65 59.66
CA ARG D 54 76.09 -20.33 58.47
C ARG D 54 76.14 -19.39 57.27
N HIS D 55 75.07 -18.61 57.06
CA HIS D 55 75.08 -17.65 55.97
C HIS D 55 76.09 -16.53 56.22
N ILE D 56 76.27 -16.14 57.48
CA ILE D 56 77.26 -15.12 57.81
C ILE D 56 78.66 -15.61 57.48
N LEU D 57 78.96 -16.87 57.83
CA LEU D 57 80.26 -17.44 57.50
C LEU D 57 80.43 -17.61 55.99
N ASN D 58 79.35 -17.94 55.28
CA ASN D 58 79.40 -17.98 53.83
C ASN D 58 79.74 -16.60 53.25
N PHE D 59 79.17 -15.55 53.84
CA PHE D 59 79.54 -14.19 53.44
C PHE D 59 81.02 -13.92 53.70
N TYR D 60 81.51 -14.29 54.87
CA TYR D 60 82.94 -14.09 55.14
C TYR D 60 83.82 -15.00 54.30
N ARG D 61 83.24 -16.00 53.63
CA ARG D 61 84.02 -16.86 52.75
C ARG D 61 84.35 -16.15 51.44
N THR D 62 83.41 -15.39 50.90
CA THR D 62 83.52 -14.82 49.56
C THR D 62 83.01 -13.38 49.62
N GLY D 63 82.71 -12.82 48.45
CA GLY D 63 82.11 -11.50 48.38
C GLY D 63 80.61 -11.46 48.32
N LYS D 64 79.92 -12.59 48.51
CA LYS D 64 78.49 -12.66 48.28
C LYS D 64 77.83 -13.51 49.37
N LEU D 65 76.60 -13.13 49.72
CA LEU D 65 75.81 -13.82 50.72
C LEU D 65 74.46 -14.18 50.12
N HIS D 66 73.80 -15.20 50.69
CA HIS D 66 72.52 -15.66 50.19
C HIS D 66 71.52 -15.79 51.33
N TYR D 67 70.26 -15.48 51.02
CA TYR D 67 69.17 -15.48 51.98
C TYR D 67 68.22 -16.65 51.70
N PRO D 68 68.08 -17.60 52.62
CA PRO D 68 67.14 -18.70 52.40
C PRO D 68 65.69 -18.22 52.35
N ARG D 69 64.87 -18.94 51.60
CA ARG D 69 63.49 -18.53 51.37
C ARG D 69 62.54 -18.89 52.50
N HIS D 70 62.93 -19.75 53.43
CA HIS D 70 61.99 -20.29 54.41
C HIS D 70 61.95 -19.50 55.72
N GLU D 71 63.10 -19.18 56.30
CA GLU D 71 63.14 -18.53 57.60
C GLU D 71 62.67 -17.09 57.51
N CYS D 72 62.08 -16.61 58.60
CA CYS D 72 61.48 -15.28 58.64
C CYS D 72 62.54 -14.19 58.51
N ILE D 73 62.12 -13.04 57.96
CA ILE D 73 63.08 -11.96 57.71
C ILE D 73 63.48 -11.25 58.99
N SER D 74 62.62 -11.26 60.01
CA SER D 74 62.87 -10.49 61.21
C SER D 74 64.12 -10.96 61.92
N ALA D 75 64.22 -12.26 62.17
CA ALA D 75 65.41 -12.80 62.81
C ALA D 75 66.64 -12.56 61.95
N TYR D 76 66.47 -12.58 60.63
CA TYR D 76 67.62 -12.39 59.74
C TYR D 76 68.16 -10.97 59.84
N ASP D 77 67.26 -9.97 59.83
CA ASP D 77 67.73 -8.60 59.96
C ASP D 77 68.24 -8.32 61.37
N GLU D 78 67.68 -8.99 62.38
CA GLU D 78 68.23 -8.88 63.73
C GLU D 78 69.68 -9.39 63.77
N GLU D 79 69.94 -10.53 63.14
CA GLU D 79 71.29 -11.06 63.08
C GLU D 79 72.21 -10.14 62.28
N LEU D 80 71.69 -9.55 61.21
CA LEU D 80 72.48 -8.59 60.44
C LEU D 80 72.88 -7.39 61.29
N ALA D 81 71.94 -6.90 62.10
CA ALA D 81 72.24 -5.76 62.96
C ALA D 81 73.24 -6.12 64.05
N PHE D 82 73.06 -7.29 64.68
CA PHE D 82 73.96 -7.66 65.77
C PHE D 82 75.39 -7.90 65.28
N PHE D 83 75.56 -8.51 64.10
CA PHE D 83 76.88 -8.73 63.54
C PHE D 83 77.46 -7.48 62.89
N GLY D 84 76.70 -6.40 62.80
CA GLY D 84 77.16 -5.22 62.11
C GLY D 84 77.35 -5.42 60.62
N LEU D 85 76.45 -6.16 59.98
CA LEU D 85 76.54 -6.46 58.56
C LEU D 85 75.56 -5.59 57.79
N ILE D 86 76.03 -5.05 56.67
CA ILE D 86 75.21 -4.15 55.85
C ILE D 86 74.17 -4.97 55.11
N PRO D 87 72.94 -4.45 54.90
CA PRO D 87 71.90 -5.28 54.26
C PRO D 87 71.88 -5.21 52.75
N GLU D 88 72.62 -4.28 52.12
CA GLU D 88 72.64 -4.17 50.67
C GLU D 88 73.81 -4.94 50.05
N ILE D 89 74.23 -6.02 50.69
CA ILE D 89 75.31 -6.88 50.22
C ILE D 89 74.86 -8.33 50.08
N ILE D 90 73.57 -8.59 50.26
CA ILE D 90 73.09 -9.98 50.38
C ILE D 90 72.75 -10.44 48.97
N GLY D 91 73.79 -10.84 48.23
CA GLY D 91 73.65 -11.28 46.86
C GLY D 91 72.92 -10.30 45.98
N ASP D 92 72.42 -10.79 44.85
CA ASP D 92 71.57 -10.00 43.97
C ASP D 92 70.18 -10.61 43.80
N CYS D 93 70.10 -11.89 43.41
CA CYS D 93 68.80 -12.56 43.34
C CYS D 93 68.19 -12.72 44.73
N CYS D 94 69.00 -13.21 45.68
CA CYS D 94 68.53 -13.29 47.05
C CYS D 94 68.26 -11.89 47.61
N TYR D 95 68.98 -10.88 47.12
CA TYR D 95 68.71 -9.52 47.54
C TYR D 95 67.29 -9.09 47.16
N GLU D 96 66.90 -9.31 45.90
CA GLU D 96 65.56 -8.90 45.48
C GLU D 96 64.49 -9.77 46.11
N GLU D 97 64.80 -11.05 46.35
CA GLU D 97 63.82 -11.90 47.03
C GLU D 97 63.60 -11.43 48.46
N TYR D 98 64.68 -11.09 49.17
CA TYR D 98 64.56 -10.48 50.49
C TYR D 98 63.81 -9.15 50.41
N LYS D 99 64.03 -8.39 49.33
CA LYS D 99 63.36 -7.11 49.18
C LYS D 99 61.85 -7.29 49.09
N ASP D 100 61.39 -8.22 48.25
CA ASP D 100 59.96 -8.41 48.12
C ASP D 100 59.36 -9.01 49.40
N ARG D 101 60.09 -9.93 50.04
CA ARG D 101 59.62 -10.47 51.31
C ARG D 101 59.52 -9.37 52.36
N ARG D 102 60.47 -8.45 52.38
CA ARG D 102 60.49 -7.38 53.37
C ARG D 102 59.38 -6.36 53.12
N ARG D 103 59.12 -6.00 51.86
CA ARG D 103 58.01 -5.08 51.61
C ARG D 103 56.68 -5.76 51.93
N GLU D 104 56.60 -7.08 51.69
CA GLU D 104 55.41 -7.81 52.10
C GLU D 104 55.21 -7.77 53.61
N ASN D 105 56.27 -7.98 54.38
CA ASN D 105 56.12 -8.00 55.83
C ASN D 105 55.98 -6.61 56.42
N ALA D 106 56.48 -5.58 55.72
CA ALA D 106 56.20 -4.21 56.12
C ALA D 106 54.77 -3.79 55.78
N GLU D 107 54.20 -4.38 54.72
CA GLU D 107 52.82 -4.10 54.36
C GLU D 107 51.87 -4.59 55.46
N ARG D 108 52.15 -5.74 56.05
CA ARG D 108 51.33 -6.26 57.14
C ARG D 108 51.69 -5.63 58.49
N LEU D 109 52.69 -4.75 58.54
CA LEU D 109 53.09 -4.08 59.76
C LEU D 109 52.64 -2.62 59.82
N GLN D 110 52.44 -1.97 58.68
CA GLN D 110 52.07 -0.56 58.68
C GLN D 110 50.71 -0.35 59.33
N ASP D 111 49.76 -1.24 59.07
CA ASP D 111 48.43 -1.14 59.67
C ASP D 111 48.37 -1.74 61.05
N ASP D 112 49.44 -2.37 61.52
CA ASP D 112 49.45 -2.93 62.87
C ASP D 112 49.36 -1.85 63.95
N ALA D 113 49.69 -0.60 63.60
CA ALA D 113 49.63 0.52 64.53
C ALA D 113 48.23 1.12 64.64
N ASP D 114 47.19 0.38 64.25
CA ASP D 114 45.81 0.86 64.34
C ASP D 114 45.39 0.80 65.81
N THR D 115 45.87 1.77 66.58
CA THR D 115 45.60 1.87 68.01
C THR D 115 45.02 3.21 68.43
N ASP D 116 45.21 4.28 67.63
CA ASP D 116 44.69 5.58 67.99
C ASP D 116 43.16 5.60 68.06
N THR D 117 42.49 4.67 67.39
CA THR D 117 41.04 4.58 67.44
C THR D 117 40.62 3.76 68.67
N ALA D 118 40.92 4.32 69.83
CA ALA D 118 40.64 3.68 71.11
C ALA D 118 39.90 4.64 72.03
N GLY D 119 39.55 4.15 73.21
CA GLY D 119 38.84 4.96 74.19
C GLY D 119 39.73 5.96 74.90
N THR D 125 31.97 12.38 71.38
CA THR D 125 31.34 13.40 72.22
C THR D 125 31.97 13.45 73.61
N MET D 126 33.23 13.01 73.71
CA MET D 126 33.93 12.98 74.98
C MET D 126 35.14 13.91 75.04
N THR D 127 35.77 14.22 73.91
CA THR D 127 36.94 15.10 73.89
C THR D 127 36.63 16.48 73.38
N ALA D 128 36.04 16.60 72.19
CA ALA D 128 35.73 17.89 71.60
C ALA D 128 34.70 17.68 70.50
N ARG D 129 34.48 18.72 69.69
CA ARG D 129 33.59 18.59 68.54
C ARG D 129 34.14 17.59 67.53
N GLN D 130 35.46 17.59 67.33
CA GLN D 130 36.09 16.60 66.47
C GLN D 130 35.88 15.18 66.98
N ARG D 131 35.67 15.01 68.30
CA ARG D 131 35.43 13.69 68.84
C ARG D 131 34.10 13.13 68.35
N VAL D 132 33.02 13.92 68.43
CA VAL D 132 31.74 13.46 67.89
C VAL D 132 31.81 13.38 66.38
N TRP D 133 32.64 14.22 65.74
CA TRP D 133 32.84 14.10 64.30
C TRP D 133 33.36 12.71 63.94
N ARG D 134 34.44 12.29 64.60
CA ARG D 134 34.95 10.93 64.39
C ARG D 134 33.93 9.89 64.82
N ALA D 135 33.10 10.21 65.81
CA ALA D 135 32.09 9.27 66.28
C ALA D 135 31.09 8.93 65.17
N PHE D 136 30.61 9.94 64.44
CA PHE D 136 29.70 9.58 63.36
C PHE D 136 30.42 9.33 62.03
N GLU D 137 31.73 9.56 61.97
CA GLU D 137 32.49 9.11 60.80
C GLU D 137 32.48 7.59 60.70
N ASN D 138 32.63 6.90 61.82
CA ASN D 138 32.48 5.45 61.87
C ASN D 138 31.08 5.14 62.35
N PRO D 139 30.20 4.60 61.50
CA PRO D 139 28.80 4.38 61.88
C PRO D 139 28.56 3.11 62.69
N HIS D 140 29.48 2.85 63.63
CA HIS D 140 29.24 1.77 64.59
C HIS D 140 29.73 2.13 66.00
N THR D 141 30.23 3.35 66.21
CA THR D 141 30.74 3.72 67.53
C THR D 141 29.62 3.99 68.52
N SER D 142 28.60 4.74 68.10
CA SER D 142 27.50 5.14 68.96
C SER D 142 26.17 4.87 68.27
N THR D 143 25.10 4.87 69.06
CA THR D 143 23.76 4.70 68.50
C THR D 143 23.38 5.86 67.60
N MET D 144 23.85 7.07 67.90
CA MET D 144 23.54 8.23 67.06
C MET D 144 24.19 8.10 65.69
N ALA D 145 25.43 7.60 65.65
CA ALA D 145 26.13 7.44 64.38
C ALA D 145 25.40 6.47 63.47
N LEU D 146 25.02 5.31 63.99
CA LEU D 146 24.36 4.29 63.17
C LEU D 146 23.00 4.76 62.69
N VAL D 147 22.20 5.36 63.59
CA VAL D 147 20.88 5.82 63.19
C VAL D 147 20.99 6.91 62.14
N PHE D 148 21.93 7.85 62.32
CA PHE D 148 22.13 8.91 61.34
C PHE D 148 22.56 8.33 60.00
N TYR D 149 23.49 7.39 60.02
CA TYR D 149 23.98 6.78 58.78
C TYR D 149 22.86 6.07 58.02
N TYR D 150 22.11 5.22 58.71
CA TYR D 150 21.08 4.46 58.01
C TYR D 150 19.90 5.35 57.60
N VAL D 151 19.57 6.37 58.39
CA VAL D 151 18.46 7.23 58.03
C VAL D 151 18.82 8.11 56.82
N THR D 152 20.07 8.60 56.75
CA THR D 152 20.46 9.36 55.58
C THR D 152 20.59 8.44 54.36
N GLY D 153 20.93 7.17 54.57
CA GLY D 153 20.88 6.22 53.47
C GLY D 153 19.48 6.03 52.93
N PHE D 154 18.49 5.92 53.83
CA PHE D 154 17.11 5.81 53.38
C PHE D 154 16.67 7.08 52.65
N PHE D 155 17.10 8.25 53.14
CA PHE D 155 16.79 9.49 52.45
C PHE D 155 17.39 9.54 51.06
N ILE D 156 18.63 9.08 50.91
CA ILE D 156 19.26 9.01 49.59
C ILE D 156 18.46 8.08 48.69
N ALA D 157 18.06 6.93 49.22
CA ALA D 157 17.32 5.95 48.43
C ALA D 157 15.99 6.51 47.96
N VAL D 158 15.24 7.16 48.86
CA VAL D 158 13.94 7.70 48.46
C VAL D 158 14.13 8.87 47.49
N SER D 159 15.20 9.65 47.64
CA SER D 159 15.49 10.69 46.66
C SER D 159 15.72 10.10 45.28
N VAL D 160 16.51 9.03 45.20
CA VAL D 160 16.78 8.40 43.91
C VAL D 160 15.51 7.80 43.33
N ILE D 161 14.66 7.23 44.18
CA ILE D 161 13.39 6.67 43.70
C ILE D 161 12.50 7.78 43.13
N ALA D 162 12.46 8.93 43.81
CA ALA D 162 11.72 10.06 43.27
C ALA D 162 12.30 10.50 41.94
N ASN D 163 13.63 10.54 41.85
CA ASN D 163 14.29 10.94 40.62
C ASN D 163 13.92 10.03 39.46
N VAL D 164 13.88 8.72 39.70
CA VAL D 164 13.55 7.79 38.62
C VAL D 164 12.06 7.83 38.28
N VAL D 165 11.19 8.00 39.29
CA VAL D 165 9.76 7.94 39.03
C VAL D 165 9.23 9.25 38.48
N GLU D 166 10.01 10.33 38.53
CA GLU D 166 9.46 11.61 38.08
C GLU D 166 9.29 11.70 36.56
N THR D 167 9.36 10.61 35.79
CA THR D 167 9.17 10.69 34.35
C THR D 167 8.13 9.70 33.83
N VAL D 168 7.78 8.67 34.59
CA VAL D 168 6.79 7.69 34.13
C VAL D 168 5.46 8.40 33.86
N PRO D 169 4.74 8.09 32.75
CA PRO D 169 3.49 8.79 32.43
C PRO D 169 2.30 8.35 33.28
N CYS D 170 2.52 8.23 34.59
CA CYS D 170 1.44 8.00 35.55
C CYS D 170 1.55 8.86 36.80
N GLY D 171 2.73 9.40 37.13
CA GLY D 171 2.89 10.20 38.33
C GLY D 171 3.45 11.58 38.07
N SER D 172 4.16 11.75 36.95
CA SER D 172 4.70 13.06 36.63
C SER D 172 4.61 13.40 35.14
N SER D 173 3.85 12.64 34.37
CA SER D 173 3.62 12.95 32.97
C SER D 173 2.15 12.66 32.66
N PRO D 174 1.56 13.37 31.70
CA PRO D 174 0.13 13.20 31.43
C PRO D 174 -0.22 11.84 30.86
N GLY D 175 -0.88 11.01 31.66
CA GLY D 175 -1.45 9.78 31.16
C GLY D 175 -2.93 9.97 30.89
N HIS D 176 -3.40 11.19 31.08
CA HIS D 176 -4.80 11.56 30.86
C HIS D 176 -4.82 12.91 30.15
N ILE D 177 -5.29 12.91 28.89
CA ILE D 177 -5.26 14.11 28.09
C ILE D 177 -6.33 15.12 28.51
N LYS D 178 -7.41 14.68 29.17
CA LYS D 178 -8.49 15.57 29.53
C LYS D 178 -9.00 15.41 30.96
N GLU D 179 -8.56 14.38 31.68
CA GLU D 179 -9.03 14.16 33.05
C GLU D 179 -8.28 15.08 34.00
N LEU D 180 -8.46 14.86 35.30
CA LEU D 180 -7.79 15.69 36.31
C LEU D 180 -6.31 15.34 36.40
N ARG D 185 -1.52 11.49 38.99
CA ARG D 185 -1.70 12.91 38.71
C ARG D 185 -0.35 13.61 38.58
N TYR D 186 -0.32 14.71 37.82
CA TYR D 186 0.90 15.47 37.62
C TYR D 186 1.21 16.34 38.83
N ALA D 187 1.39 15.70 39.99
CA ALA D 187 1.70 16.43 41.21
C ALA D 187 3.12 16.98 41.15
N VAL D 188 3.27 18.27 41.44
CA VAL D 188 4.58 18.90 41.51
C VAL D 188 5.11 18.69 42.92
N ALA D 189 4.38 17.89 43.71
CA ALA D 189 4.80 17.58 45.07
C ALA D 189 6.19 16.94 45.11
N PHE D 190 6.61 16.27 44.03
CA PHE D 190 7.98 15.78 43.94
C PHE D 190 8.97 16.90 44.25
N PHE D 191 8.78 18.05 43.62
CA PHE D 191 9.53 19.26 43.96
C PHE D 191 9.63 19.43 45.46
N CYS D 192 8.48 19.50 46.14
CA CYS D 192 8.48 19.59 47.59
C CYS D 192 9.28 18.44 48.19
N LEU D 193 8.95 17.22 47.80
CA LEU D 193 9.73 16.06 48.22
C LEU D 193 11.20 16.27 47.90
N ASP D 194 11.49 16.70 46.66
CA ASP D 194 12.86 17.00 46.29
C ASP D 194 13.46 18.00 47.26
N THR D 195 12.76 19.12 47.50
CA THR D 195 13.24 20.07 48.49
C THR D 195 13.38 19.41 49.85
N ALA D 196 12.38 18.61 50.23
CA ALA D 196 12.46 17.88 51.48
C ALA D 196 13.74 17.08 51.57
N CYS D 197 14.16 16.50 50.45
CA CYS D 197 15.45 15.82 50.42
C CYS D 197 16.61 16.82 50.40
N VAL D 198 16.55 17.81 49.50
CA VAL D 198 17.73 18.63 49.22
C VAL D 198 18.21 19.32 50.47
N MET D 199 17.30 19.98 51.19
CA MET D 199 17.67 20.62 52.45
C MET D 199 18.40 19.64 53.36
N ILE D 200 17.79 18.47 53.57
CA ILE D 200 18.42 17.46 54.43
C ILE D 200 19.81 17.15 53.91
N PHE D 201 19.94 16.93 52.60
CA PHE D 201 21.26 16.67 52.02
C PHE D 201 22.25 17.75 52.39
N THR D 202 21.89 19.01 52.14
CA THR D 202 22.79 20.11 52.46
C THR D 202 23.20 20.04 53.92
N VAL D 203 22.25 19.67 54.78
CA VAL D 203 22.52 19.51 56.20
C VAL D 203 23.80 18.71 56.42
N GLU D 204 23.84 17.48 55.89
CA GLU D 204 25.01 16.65 56.17
C GLU D 204 26.29 17.35 55.75
N TYR D 205 26.27 17.98 54.57
CA TYR D 205 27.48 18.65 54.12
C TYR D 205 27.92 19.69 55.12
N LEU D 206 26.98 20.52 55.60
CA LEU D 206 27.32 21.48 56.63
C LEU D 206 27.79 20.77 57.89
N LEU D 207 27.12 19.68 58.26
CA LEU D 207 27.60 18.87 59.38
C LEU D 207 29.02 18.40 59.12
N ARG D 208 29.31 17.96 57.90
CA ARG D 208 30.68 17.58 57.57
C ARG D 208 31.62 18.76 57.73
N LEU D 209 31.17 19.95 57.34
CA LEU D 209 31.96 21.16 57.58
C LEU D 209 31.74 21.74 58.97
N ALA D 210 30.79 21.20 59.74
CA ALA D 210 30.61 21.65 61.11
C ALA D 210 31.83 21.32 61.96
N ALA D 211 32.40 20.13 61.77
CA ALA D 211 33.53 19.65 62.55
C ALA D 211 34.59 19.03 61.66
N ALA D 212 34.94 19.72 60.58
CA ALA D 212 36.00 19.23 59.69
C ALA D 212 37.36 19.55 60.29
N PRO D 213 38.18 18.56 60.62
CA PRO D 213 39.50 18.85 61.19
C PRO D 213 40.40 19.67 60.28
N SER D 214 40.29 19.45 58.96
CA SER D 214 41.07 20.21 57.98
C SER D 214 40.13 20.58 56.84
N ARG D 215 39.74 21.86 56.77
CA ARG D 215 38.83 22.29 55.72
C ARG D 215 39.44 22.10 54.34
N TYR D 216 40.73 22.43 54.18
CA TYR D 216 41.36 22.33 52.88
C TYR D 216 41.42 20.90 52.39
N ARG D 217 41.91 19.99 53.24
CA ARG D 217 42.00 18.59 52.86
C ARG D 217 40.63 17.98 52.62
N PHE D 218 39.65 18.31 53.47
CA PHE D 218 38.31 17.76 53.30
C PHE D 218 37.69 18.22 51.99
N VAL D 219 37.83 19.52 51.66
CA VAL D 219 37.34 20.00 50.37
C VAL D 219 38.07 19.31 49.23
N ARG D 220 39.37 19.07 49.40
CA ARG D 220 40.16 18.39 48.38
C ARG D 220 39.72 16.93 48.18
N SER D 221 38.98 16.36 49.13
CA SER D 221 38.60 14.96 49.04
C SER D 221 37.59 14.73 47.92
N VAL D 222 37.68 13.57 47.28
CA VAL D 222 36.74 13.22 46.21
C VAL D 222 35.34 13.02 46.78
N MET D 223 35.22 12.51 47.99
CA MET D 223 33.91 12.34 48.61
C MET D 223 33.19 13.67 48.74
N SER D 224 33.91 14.69 49.20
CA SER D 224 33.31 16.01 49.39
C SER D 224 32.88 16.62 48.06
N ILE D 225 33.72 16.51 47.02
CA ILE D 225 33.34 17.09 45.74
C ILE D 225 32.18 16.31 45.12
N ILE D 226 32.10 15.01 45.39
CA ILE D 226 30.93 14.24 44.98
C ILE D 226 29.68 14.80 45.66
N ASP D 227 29.77 15.08 46.96
CA ASP D 227 28.64 15.67 47.66
C ASP D 227 28.25 17.02 47.08
N VAL D 228 29.26 17.84 46.75
CA VAL D 228 28.99 19.16 46.17
C VAL D 228 28.28 19.02 44.83
N VAL D 229 28.77 18.13 43.98
CA VAL D 229 28.14 17.93 42.68
C VAL D 229 26.75 17.34 42.83
N ALA D 230 26.50 16.61 43.93
CA ALA D 230 25.16 16.09 44.18
C ALA D 230 24.20 17.19 44.58
N ILE D 231 24.62 18.08 45.48
CA ILE D 231 23.71 19.09 46.01
C ILE D 231 23.60 20.35 45.13
N LEU D 232 24.61 20.63 44.32
CA LEU D 232 24.61 21.86 43.53
C LEU D 232 23.49 21.99 42.50
N PRO D 233 23.14 20.95 41.71
CA PRO D 233 22.24 21.20 40.57
C PRO D 233 20.91 21.82 40.94
N TYR D 234 20.32 21.45 42.07
CA TYR D 234 19.08 22.10 42.48
C TYR D 234 19.30 23.58 42.79
N TYR D 235 20.42 23.91 43.43
CA TYR D 235 20.72 25.31 43.70
C TYR D 235 20.89 26.10 42.40
N ILE D 236 21.60 25.52 41.44
CA ILE D 236 21.77 26.19 40.14
C ILE D 236 20.42 26.37 39.46
N GLY D 237 19.57 25.34 39.52
CA GLY D 237 18.27 25.44 38.89
C GLY D 237 17.38 26.50 39.53
N LEU D 238 17.41 26.59 40.86
CA LEU D 238 16.57 27.59 41.52
C LEU D 238 17.11 29.00 41.27
N VAL D 239 18.43 29.17 41.20
CA VAL D 239 18.99 30.46 40.83
C VAL D 239 18.57 30.82 39.40
N MET D 240 18.62 29.85 38.49
CA MET D 240 18.20 30.10 37.12
C MET D 240 16.74 30.50 37.04
N THR D 241 15.87 29.82 37.80
CA THR D 241 14.47 30.21 37.86
C THR D 241 14.31 31.60 38.44
N ASP D 242 15.14 31.97 39.41
CA ASP D 242 15.16 33.34 39.92
C ASP D 242 15.57 34.32 38.82
N ASN D 243 16.36 33.86 37.85
CA ASN D 243 16.78 34.67 36.71
C ASN D 243 16.08 34.22 35.43
N GLU D 244 14.79 33.92 35.54
CA GLU D 244 13.86 33.50 34.48
C GLU D 244 14.29 32.23 33.75
N ASP D 245 13.38 31.63 33.00
CA ASP D 245 13.53 30.26 32.52
C ASP D 245 13.88 30.27 31.03
N VAL D 246 14.93 29.51 30.69
CA VAL D 246 15.36 29.33 29.30
C VAL D 246 15.49 27.83 29.04
N SER D 247 14.92 27.37 27.93
CA SER D 247 15.06 25.98 27.56
C SER D 247 16.50 25.67 27.18
N GLY D 248 16.86 24.39 27.26
CA GLY D 248 18.24 24.00 27.05
C GLY D 248 18.84 23.24 28.20
N ALA D 249 19.75 23.88 28.92
CA ALA D 249 20.54 23.24 29.97
C ALA D 249 19.71 22.79 31.17
N PHE D 250 18.39 22.97 31.13
CA PHE D 250 17.54 22.49 32.23
C PHE D 250 17.62 20.97 32.36
N VAL D 251 17.58 20.25 31.23
CA VAL D 251 17.73 18.80 31.28
C VAL D 251 19.11 18.43 31.78
N THR D 252 20.13 19.20 31.39
CA THR D 252 21.49 18.93 31.86
C THR D 252 21.58 19.06 33.37
N LEU D 253 20.97 20.11 33.93
CA LEU D 253 20.95 20.26 35.38
C LEU D 253 20.16 19.15 36.04
N ARG D 254 19.09 18.69 35.39
CA ARG D 254 18.33 17.56 35.93
C ARG D 254 19.13 16.26 35.89
N VAL D 255 20.10 16.14 34.99
CA VAL D 255 20.85 14.89 34.87
C VAL D 255 21.58 14.57 36.16
N PHE D 256 22.26 15.56 36.76
CA PHE D 256 23.08 15.31 37.94
C PHE D 256 22.26 14.80 39.13
N ARG D 257 20.94 14.82 39.04
CA ARG D 257 20.11 14.20 40.06
C ARG D 257 20.39 12.71 40.22
N VAL D 258 20.96 12.06 39.20
CA VAL D 258 21.38 10.67 39.34
C VAL D 258 22.86 10.52 39.66
N PHE D 259 23.70 11.52 39.34
CA PHE D 259 25.02 11.58 39.94
C PHE D 259 24.92 11.74 41.45
N ARG D 260 23.78 12.21 41.93
CA ARG D 260 23.51 12.22 43.38
C ARG D 260 23.60 10.83 43.99
N ILE D 261 23.62 9.76 43.18
CA ILE D 261 23.62 8.40 43.71
C ILE D 261 24.91 8.11 44.47
N PHE D 262 26.04 8.67 44.01
CA PHE D 262 27.34 8.34 44.56
C PHE D 262 27.47 8.68 46.04
N LYS D 263 26.45 9.31 46.61
CA LYS D 263 26.36 9.41 48.07
C LYS D 263 26.28 8.04 48.72
N PHE D 264 25.88 7.01 47.97
CA PHE D 264 25.84 5.64 48.48
C PHE D 264 27.22 5.09 48.78
N SER D 265 28.30 5.77 48.33
CA SER D 265 29.64 5.28 48.60
C SER D 265 29.92 5.19 50.10
N ARG D 266 29.27 6.03 50.90
CA ARG D 266 29.32 5.84 52.35
C ARG D 266 28.69 4.51 52.75
N HIS D 267 27.55 4.17 52.14
CA HIS D 267 26.83 2.94 52.48
C HIS D 267 27.26 1.78 51.59
N SER D 268 28.57 1.57 51.46
CA SER D 268 29.11 0.51 50.64
C SER D 268 30.61 0.42 50.85
N GLN D 269 31.13 -0.81 50.84
CA GLN D 269 32.57 -1.04 50.85
C GLN D 269 33.13 -1.35 49.47
N GLY D 270 32.31 -1.94 48.60
CA GLY D 270 32.79 -2.28 47.26
C GLY D 270 33.13 -1.05 46.42
N LEU D 271 32.36 0.02 46.59
CA LEU D 271 32.59 1.22 45.78
C LEU D 271 33.95 1.85 46.08
N ARG D 272 34.32 1.92 47.37
CA ARG D 272 35.62 2.49 47.73
C ARG D 272 36.76 1.64 47.20
N ILE D 273 36.62 0.31 47.26
CA ILE D 273 37.64 -0.58 46.73
C ILE D 273 37.76 -0.43 45.22
N LEU D 274 36.61 -0.30 44.54
CA LEU D 274 36.63 -0.08 43.10
C LEU D 274 37.32 1.23 42.76
N GLY D 275 37.05 2.29 43.52
CA GLY D 275 37.74 3.55 43.30
C GLY D 275 39.24 3.42 43.51
N TYR D 276 39.64 2.70 44.57
CA TYR D 276 41.06 2.50 44.82
C TYR D 276 41.73 1.76 43.67
N THR D 277 41.10 0.70 43.17
CA THR D 277 41.73 -0.08 42.11
C THR D 277 41.70 0.65 40.78
N LEU D 278 40.70 1.49 40.54
CA LEU D 278 40.70 2.33 39.35
C LEU D 278 41.80 3.37 39.41
N LYS D 279 42.02 3.95 40.60
CA LYS D 279 43.13 4.90 40.76
C LYS D 279 44.47 4.21 40.56
N SER D 280 44.61 2.99 41.08
CA SER D 280 45.87 2.27 40.94
C SER D 280 46.12 1.85 39.50
N CYS D 281 45.07 1.50 38.76
CA CYS D 281 45.19 0.98 37.40
C CYS D 281 44.90 2.05 36.36
N ALA D 282 45.33 3.29 36.60
CA ALA D 282 45.11 4.35 35.62
C ALA D 282 45.83 4.07 34.31
N SER D 283 47.05 3.54 34.39
CA SER D 283 47.80 3.24 33.17
C SER D 283 47.12 2.17 32.34
N GLU D 284 46.60 1.13 33.00
CA GLU D 284 45.89 0.08 32.28
C GLU D 284 44.65 0.61 31.59
N LEU D 285 43.89 1.48 32.28
CA LEU D 285 42.70 2.06 31.66
C LEU D 285 43.07 2.97 30.50
N GLY D 286 44.14 3.74 30.64
CA GLY D 286 44.58 4.58 29.54
C GLY D 286 45.00 3.78 28.32
N PHE D 287 45.72 2.68 28.55
CA PHE D 287 46.10 1.82 27.43
C PHE D 287 44.87 1.14 26.82
N LEU D 288 43.91 0.75 27.65
CA LEU D 288 42.65 0.24 27.14
C LEU D 288 42.01 1.24 26.19
N LEU D 289 41.89 2.49 26.64
CA LEU D 289 41.28 3.52 25.82
C LEU D 289 42.05 3.72 24.52
N PHE D 290 43.38 3.75 24.60
CA PHE D 290 44.19 4.02 23.42
C PHE D 290 44.04 2.91 22.40
N SER D 291 44.21 1.65 22.84
CA SER D 291 44.10 0.53 21.92
C SER D 291 42.69 0.41 21.37
N LEU D 292 41.68 0.67 22.20
CA LEU D 292 40.30 0.62 21.72
C LEU D 292 40.06 1.66 20.64
N THR D 293 40.52 2.90 20.85
CA THR D 293 40.34 3.93 19.85
C THR D 293 41.08 3.58 18.55
N MET D 294 42.29 3.04 18.67
CA MET D 294 43.03 2.63 17.48
C MET D 294 42.27 1.57 16.69
N ALA D 295 41.74 0.57 17.40
CA ALA D 295 40.96 -0.47 16.73
C ALA D 295 39.70 0.11 16.11
N ILE D 296 39.02 1.03 16.82
CA ILE D 296 37.83 1.66 16.28
C ILE D 296 38.16 2.35 14.97
N ILE D 297 39.22 3.16 14.96
CA ILE D 297 39.56 3.92 13.76
C ILE D 297 39.89 2.99 12.61
N ILE D 298 40.75 1.99 12.86
CA ILE D 298 41.19 1.13 11.77
C ILE D 298 40.02 0.35 11.18
N PHE D 299 39.25 -0.32 12.03
CA PHE D 299 38.18 -1.17 11.53
C PHE D 299 37.06 -0.34 10.94
N ALA D 300 36.78 0.83 11.51
CA ALA D 300 35.74 1.69 10.96
C ALA D 300 36.14 2.21 9.58
N THR D 301 37.39 2.63 9.41
CA THR D 301 37.84 3.07 8.09
C THR D 301 37.74 1.94 7.08
N VAL D 302 38.19 0.74 7.45
CA VAL D 302 38.16 -0.38 6.53
C VAL D 302 36.72 -0.71 6.16
N MET D 303 35.82 -0.71 7.14
CA MET D 303 34.41 -1.01 6.89
C MET D 303 33.77 0.03 5.99
N PHE D 304 33.95 1.31 6.32
CA PHE D 304 33.28 2.38 5.58
C PHE D 304 33.77 2.45 4.14
N TYR D 305 35.09 2.41 3.95
CA TYR D 305 35.62 2.49 2.58
C TYR D 305 35.26 1.27 1.76
N ALA D 306 34.89 0.16 2.39
CA ALA D 306 34.40 -1.01 1.69
C ALA D 306 32.88 -1.04 1.57
N GLU D 307 32.18 -0.04 2.09
CA GLU D 307 30.72 -0.04 2.07
C GLU D 307 30.14 1.31 1.68
N LYS D 308 30.93 2.16 1.01
CA LYS D 308 30.42 3.45 0.58
C LYS D 308 29.26 3.30 -0.39
N GLY D 309 29.39 2.38 -1.35
CA GLY D 309 28.38 2.20 -2.37
C GLY D 309 27.57 0.92 -2.22
N SER D 310 26.28 1.07 -1.99
CA SER D 310 25.35 -0.05 -1.91
C SER D 310 23.95 0.48 -2.18
N SER D 311 22.97 -0.43 -2.22
CA SER D 311 21.61 -0.04 -2.53
C SER D 311 21.05 0.89 -1.46
N ALA D 312 21.16 0.49 -0.20
CA ALA D 312 20.65 1.27 0.93
C ALA D 312 21.64 1.26 2.07
N SER D 313 22.92 1.47 1.75
CA SER D 313 23.97 1.42 2.76
C SER D 313 23.75 2.48 3.83
N LYS D 314 23.83 2.06 5.10
CA LYS D 314 23.70 2.98 6.21
C LYS D 314 25.02 3.61 6.62
N PHE D 315 26.14 3.17 6.05
CA PHE D 315 27.43 3.75 6.37
C PHE D 315 27.58 5.10 5.69
N THR D 316 26.94 6.13 6.25
CA THR D 316 27.00 7.45 5.65
C THR D 316 28.41 8.02 5.70
N SER D 317 29.09 7.88 6.83
CA SER D 317 30.39 8.51 7.03
C SER D 317 31.18 7.72 8.06
N ILE D 318 32.34 8.27 8.43
CA ILE D 318 33.19 7.60 9.42
C ILE D 318 32.51 7.45 10.77
N PRO D 319 31.82 8.44 11.33
CA PRO D 319 31.15 8.21 12.63
C PRO D 319 30.16 7.06 12.63
N ALA D 320 29.44 6.84 11.53
CA ALA D 320 28.58 5.66 11.45
C ALA D 320 29.40 4.39 11.53
N ALA D 321 30.57 4.38 10.90
CA ALA D 321 31.46 3.23 11.01
C ALA D 321 32.01 3.09 12.42
N PHE D 322 32.21 4.20 13.13
CA PHE D 322 32.57 4.12 14.54
C PHE D 322 31.48 3.42 15.35
N TRP D 323 30.22 3.80 15.09
CA TRP D 323 29.10 3.16 15.78
C TRP D 323 29.07 1.67 15.48
N TYR D 324 29.23 1.30 14.22
CA TYR D 324 29.22 -0.12 13.87
C TYR D 324 30.39 -0.85 14.53
N THR D 325 31.58 -0.26 14.51
CA THR D 325 32.74 -0.94 15.05
C THR D 325 32.63 -1.10 16.57
N ILE D 326 32.03 -0.12 17.25
CA ILE D 326 31.89 -0.24 18.70
C ILE D 326 30.71 -1.12 19.10
N VAL D 327 29.72 -1.32 18.22
CA VAL D 327 28.68 -2.27 18.54
C VAL D 327 29.09 -3.69 18.13
N THR D 328 30.12 -3.80 17.29
CA THR D 328 30.58 -5.13 16.87
C THR D 328 31.68 -5.67 17.79
N MET D 329 32.64 -4.83 18.18
CA MET D 329 33.74 -5.31 19.02
C MET D 329 33.25 -5.73 20.40
N THR D 330 32.21 -5.09 20.90
CA THR D 330 31.69 -5.38 22.23
C THR D 330 30.77 -6.60 22.22
N THR D 331 30.64 -7.25 21.06
CA THR D 331 29.77 -8.41 20.88
C THR D 331 28.33 -8.06 21.26
N LEU D 332 27.91 -6.85 20.91
CA LEU D 332 26.56 -6.38 21.18
C LEU D 332 25.64 -6.72 20.02
N GLY D 333 25.95 -6.22 18.84
CA GLY D 333 25.22 -6.58 17.63
C GLY D 333 23.75 -6.21 17.64
N TYR D 334 23.47 -4.91 17.65
CA TYR D 334 22.08 -4.46 17.62
C TYR D 334 21.40 -4.87 16.33
N GLY D 335 22.07 -4.70 15.20
CA GLY D 335 21.50 -4.99 13.91
C GLY D 335 20.98 -3.79 13.14
N ASP D 336 21.20 -2.58 13.65
CA ASP D 336 20.72 -1.38 12.96
C ASP D 336 21.45 -1.21 11.62
N MET D 337 22.77 -1.27 11.63
CA MET D 337 23.58 -1.20 10.41
C MET D 337 24.41 -2.48 10.31
N VAL D 338 24.35 -3.12 9.14
CA VAL D 338 25.01 -4.40 8.95
C VAL D 338 25.80 -4.40 7.64
N PRO D 339 26.89 -5.15 7.55
CA PRO D 339 27.62 -5.25 6.29
C PRO D 339 26.83 -6.01 5.24
N LYS D 340 27.15 -5.74 3.97
CA LYS D 340 26.43 -6.37 2.87
C LYS D 340 27.38 -7.05 1.90
N THR D 341 28.55 -6.47 1.67
CA THR D 341 29.51 -7.03 0.72
C THR D 341 30.41 -8.05 1.40
N ILE D 342 31.02 -8.90 0.57
CA ILE D 342 31.84 -10.00 1.08
C ILE D 342 33.01 -9.47 1.89
N ALA D 343 33.70 -8.45 1.37
CA ALA D 343 34.75 -7.81 2.15
C ALA D 343 34.21 -7.23 3.43
N GLY D 344 33.02 -6.62 3.36
CA GLY D 344 32.40 -6.10 4.57
C GLY D 344 32.14 -7.16 5.61
N LYS D 345 31.62 -8.32 5.18
CA LYS D 345 31.36 -9.41 6.13
C LYS D 345 32.65 -9.93 6.74
N ILE D 346 33.69 -10.13 5.90
CA ILE D 346 34.96 -10.63 6.41
C ILE D 346 35.55 -9.67 7.43
N PHE D 347 35.52 -8.37 7.12
CA PHE D 347 36.11 -7.40 8.02
C PHE D 347 35.26 -7.22 9.27
N GLY D 348 33.95 -7.39 9.18
CA GLY D 348 33.13 -7.40 10.38
C GLY D 348 33.45 -8.57 11.29
N SER D 349 33.67 -9.75 10.70
CA SER D 349 34.07 -10.91 11.49
C SER D 349 35.40 -10.68 12.20
N ILE D 350 36.40 -10.22 11.45
CA ILE D 350 37.70 -9.99 12.08
C ILE D 350 37.60 -8.87 13.11
N CYS D 351 36.73 -7.89 12.87
CA CYS D 351 36.50 -6.83 13.86
C CYS D 351 35.91 -7.40 15.14
N SER D 352 34.95 -8.31 15.02
CA SER D 352 34.35 -8.92 16.20
C SER D 352 35.39 -9.70 17.01
N LEU D 353 36.20 -10.51 16.33
CA LEU D 353 37.22 -11.28 17.05
C LEU D 353 38.25 -10.36 17.70
N SER D 354 38.72 -9.36 16.96
CA SER D 354 39.70 -8.43 17.51
C SER D 354 39.11 -7.64 18.68
N GLY D 355 37.82 -7.31 18.62
CA GLY D 355 37.20 -6.62 19.73
C GLY D 355 37.09 -7.49 20.96
N VAL D 356 36.77 -8.78 20.77
CA VAL D 356 36.81 -9.71 21.90
C VAL D 356 38.19 -9.68 22.54
N LEU D 357 39.23 -9.77 21.71
CA LEU D 357 40.60 -9.75 22.24
C LEU D 357 40.90 -8.46 22.99
N VAL D 358 40.59 -7.32 22.37
CA VAL D 358 40.94 -6.02 22.96
C VAL D 358 40.18 -5.81 24.26
N ILE D 359 38.89 -6.12 24.28
CA ILE D 359 38.09 -5.97 25.49
C ILE D 359 38.64 -6.87 26.59
N ALA D 360 39.02 -8.10 26.25
CA ALA D 360 39.50 -9.03 27.26
C ALA D 360 40.95 -8.81 27.63
N LEU D 361 41.67 -7.89 26.98
CA LEU D 361 43.06 -7.66 27.39
C LEU D 361 43.17 -7.01 28.78
N PRO D 362 42.59 -5.83 29.05
CA PRO D 362 42.78 -5.24 30.39
C PRO D 362 41.79 -5.68 31.46
N VAL D 363 40.71 -6.36 31.10
CA VAL D 363 39.70 -6.73 32.09
C VAL D 363 40.24 -7.70 33.14
N PRO D 364 40.94 -8.79 32.78
CA PRO D 364 41.54 -9.62 33.83
C PRO D 364 42.51 -8.86 34.71
N VAL D 365 43.27 -7.90 34.17
CA VAL D 365 44.18 -7.12 35.01
C VAL D 365 43.39 -6.31 36.03
N ILE D 366 42.33 -5.63 35.58
CA ILE D 366 41.48 -4.87 36.50
C ILE D 366 40.88 -5.79 37.54
N VAL D 367 40.39 -6.95 37.11
CA VAL D 367 39.75 -7.91 38.02
C VAL D 367 40.74 -8.41 39.06
N SER D 368 41.95 -8.75 38.62
CA SER D 368 42.96 -9.24 39.56
C SER D 368 43.34 -8.17 40.57
N ASN D 369 43.49 -6.92 40.12
CA ASN D 369 43.81 -5.85 41.05
C ASN D 369 42.70 -5.64 42.07
N PHE D 370 41.45 -5.64 41.61
CA PHE D 370 40.33 -5.51 42.55
C PHE D 370 40.31 -6.66 43.54
N SER D 371 40.52 -7.89 43.05
CA SER D 371 40.48 -9.06 43.92
C SER D 371 41.59 -9.01 44.97
N ARG D 372 42.81 -8.63 44.56
CA ARG D 372 43.91 -8.59 45.52
C ARG D 372 43.72 -7.47 46.52
N ILE D 373 43.17 -6.33 46.10
CA ILE D 373 42.90 -5.25 47.05
C ILE D 373 41.84 -5.69 48.06
N TYR D 374 40.78 -6.33 47.59
CA TYR D 374 39.76 -6.83 48.50
C TYR D 374 40.33 -7.86 49.46
N HIS D 375 41.16 -8.77 48.94
CA HIS D 375 41.73 -9.81 49.79
C HIS D 375 42.68 -9.24 50.82
N GLN D 376 43.50 -8.24 50.46
CA GLN D 376 44.40 -7.66 51.44
C GLN D 376 43.63 -6.86 52.49
N ASN D 377 42.54 -6.20 52.09
CA ASN D 377 41.71 -5.50 53.05
C ASN D 377 41.09 -6.49 54.05
N GLN D 378 40.55 -7.60 53.54
CA GLN D 378 39.98 -8.61 54.42
C GLN D 378 41.03 -9.21 55.34
N ARG D 379 42.23 -9.50 54.79
CA ARG D 379 43.30 -10.03 55.62
C ARG D 379 43.68 -9.04 56.70
N ALA D 380 43.74 -7.74 56.36
CA ALA D 380 44.12 -6.73 57.34
C ALA D 380 43.10 -6.66 58.47
N ASP D 381 41.81 -6.60 58.14
CA ASP D 381 40.82 -6.47 59.22
C ASP D 381 40.75 -7.75 60.05
N LYS D 382 40.87 -8.91 59.40
CA LYS D 382 40.86 -10.17 60.14
C LYS D 382 42.06 -10.28 61.07
N ARG D 383 43.24 -9.86 60.63
CA ARG D 383 44.41 -9.95 61.51
C ARG D 383 44.37 -8.89 62.59
N ARG D 384 43.73 -7.74 62.33
CA ARG D 384 43.50 -6.78 63.41
C ARG D 384 42.60 -7.39 64.49
N ALA D 385 41.53 -8.05 64.07
CA ALA D 385 40.66 -8.72 65.04
C ALA D 385 41.40 -9.82 65.79
N GLN D 386 42.23 -10.60 65.07
CA GLN D 386 42.93 -11.70 65.70
C GLN D 386 44.02 -11.19 66.65
N LYS D 387 44.64 -10.06 66.36
CA LYS D 387 45.62 -9.50 67.29
C LYS D 387 44.94 -8.88 68.50
N LYS D 388 43.75 -8.30 68.34
CA LYS D 388 42.98 -7.88 69.50
C LYS D 388 42.62 -9.07 70.37
N ALA D 389 42.21 -10.18 69.76
CA ALA D 389 41.92 -11.40 70.51
C ALA D 389 43.16 -11.93 71.20
N ARG D 390 44.31 -11.86 70.53
CA ARG D 390 45.56 -12.30 71.13
C ARG D 390 45.91 -11.45 72.35
N LEU D 391 45.72 -10.13 72.26
CA LEU D 391 45.94 -9.28 73.42
C LEU D 391 44.98 -9.62 74.54
N ALA D 392 43.71 -9.87 74.21
CA ALA D 392 42.73 -10.21 75.23
C ALA D 392 43.11 -11.50 75.95
N ARG D 393 43.53 -12.52 75.21
CA ARG D 393 43.88 -13.79 75.85
C ARG D 393 45.22 -13.73 76.56
N ILE D 394 46.14 -12.86 76.11
CA ILE D 394 47.41 -12.74 76.82
C ILE D 394 47.22 -11.96 78.11
N ARG D 395 46.23 -11.07 78.18
CA ARG D 395 45.87 -10.43 79.44
C ARG D 395 44.98 -11.32 80.30
N ALA D 396 44.29 -12.28 79.70
CA ALA D 396 43.47 -13.22 80.47
C ALA D 396 44.31 -14.19 81.30
N ALA D 397 45.57 -14.40 80.94
CA ALA D 397 46.44 -15.32 81.66
C ALA D 397 47.90 -14.88 81.59
N TRP E 1 60.81 20.72 34.28
CA TRP E 1 60.94 20.79 32.83
C TRP E 1 60.29 22.06 32.29
N LYS E 2 59.25 21.87 31.47
CA LYS E 2 58.39 22.89 30.90
C LYS E 2 59.10 23.74 29.84
N GLY E 3 60.41 23.61 29.69
CA GLY E 3 61.10 24.25 28.59
C GLY E 3 60.82 23.48 27.30
N ILE E 4 60.78 22.16 27.44
CA ILE E 4 60.38 21.30 26.33
C ILE E 4 58.97 21.68 25.86
N ALA E 5 58.07 21.88 26.81
CA ALA E 5 56.69 22.20 26.47
C ALA E 5 56.59 23.54 25.73
N ILE E 6 57.31 24.56 26.21
CA ILE E 6 57.19 25.87 25.59
C ILE E 6 57.84 25.87 24.20
N ALA E 7 58.99 25.21 24.06
CA ALA E 7 59.58 25.08 22.73
C ALA E 7 58.65 24.34 21.79
N LEU E 8 58.03 23.26 22.27
CA LEU E 8 57.09 22.50 21.47
C LEU E 8 55.93 23.36 21.01
N LEU E 9 55.29 24.07 21.94
CA LEU E 9 54.13 24.87 21.56
C LEU E 9 54.51 26.01 20.62
N VAL E 10 55.72 26.56 20.77
CA VAL E 10 56.19 27.57 19.82
C VAL E 10 56.29 26.97 18.42
N ILE E 11 56.89 25.78 18.31
CA ILE E 11 57.03 25.14 17.01
C ILE E 11 55.66 24.80 16.42
N LEU E 12 54.74 24.35 17.27
CA LEU E 12 53.37 24.10 16.81
C LEU E 12 52.70 25.36 16.30
N VAL E 13 52.89 26.49 17.00
CA VAL E 13 52.30 27.74 16.54
C VAL E 13 52.87 28.12 15.18
N ILE E 14 54.19 27.98 15.01
CA ILE E 14 54.82 28.31 13.73
C ILE E 14 54.26 27.42 12.62
N CYS E 15 54.19 26.12 12.87
CA CYS E 15 53.71 25.18 11.85
C CYS E 15 52.25 25.42 11.53
N SER E 16 51.44 25.73 12.54
CA SER E 16 50.02 26.04 12.31
C SER E 16 49.87 27.30 11.48
N LEU E 17 50.67 28.33 11.75
CA LEU E 17 50.62 29.54 10.93
C LEU E 17 51.01 29.24 9.50
N ILE E 18 52.05 28.42 9.30
CA ILE E 18 52.48 28.07 7.95
C ILE E 18 51.36 27.33 7.21
N VAL E 19 50.77 26.33 7.88
CA VAL E 19 49.77 25.50 7.20
C VAL E 19 48.50 26.30 6.92
N THR E 20 48.13 27.21 7.83
CA THR E 20 46.94 28.01 7.57
C THR E 20 47.20 29.05 6.49
N SER E 21 48.42 29.57 6.38
CA SER E 21 48.75 30.43 5.26
C SER E 21 48.65 29.68 3.94
N VAL E 22 49.15 28.44 3.92
CA VAL E 22 49.02 27.62 2.71
C VAL E 22 47.55 27.36 2.41
N ILE E 23 46.76 27.10 3.43
CA ILE E 23 45.33 26.85 3.25
C ILE E 23 44.63 28.08 2.66
N LEU E 24 45.05 29.27 3.10
CA LEU E 24 44.44 30.49 2.58
C LEU E 24 44.87 30.75 1.13
N LEU E 25 46.15 30.55 0.82
CA LEU E 25 46.67 31.01 -0.47
C LEU E 25 46.44 30.00 -1.58
N THR E 26 46.54 28.70 -1.28
CA THR E 26 46.52 27.68 -2.33
C THR E 26 45.22 27.61 -3.13
N PRO E 27 44.04 27.54 -2.52
CA PRO E 27 42.84 27.19 -3.30
C PRO E 27 42.29 28.39 -4.07
N ALA E 28 41.37 28.09 -4.99
CA ALA E 28 40.72 29.10 -5.80
C ALA E 28 39.42 29.59 -5.17
N GLU E 29 38.46 28.69 -4.99
CA GLU E 29 37.16 28.96 -4.37
C GLU E 29 36.33 29.97 -5.18
N ASP E 30 36.83 30.41 -6.33
CA ASP E 30 36.17 31.42 -7.15
C ASP E 30 35.29 30.72 -8.18
N ASN E 31 34.05 30.43 -7.80
CA ASN E 31 33.05 29.91 -8.71
C ASN E 31 32.27 31.01 -9.40
N SER E 32 32.59 32.28 -9.13
CA SER E 32 31.91 33.45 -9.69
C SER E 32 30.44 33.35 -9.29
N LEU E 33 29.50 33.39 -10.23
CA LEU E 33 28.08 33.30 -9.91
C LEU E 33 27.37 32.62 -11.07
N SER E 34 26.35 31.82 -10.72
CA SER E 34 25.56 31.13 -11.72
C SER E 34 24.08 31.42 -11.55
N GLN E 35 23.24 30.73 -12.32
CA GLN E 35 21.78 30.85 -12.26
C GLN E 35 21.31 32.22 -12.76
N LYS E 36 20.13 32.26 -13.37
CA LYS E 36 19.52 33.50 -13.82
C LYS E 36 18.30 33.81 -12.97
N LYS E 37 18.10 35.09 -12.68
CA LYS E 37 17.02 35.50 -11.79
C LYS E 37 15.66 35.19 -12.41
N LYS E 38 14.70 34.86 -11.56
CA LYS E 38 13.37 34.45 -12.00
C LYS E 38 12.57 35.68 -12.44
N VAL E 39 11.29 35.49 -12.75
CA VAL E 39 10.45 36.53 -13.33
C VAL E 39 9.54 37.10 -12.24
N THR E 40 9.51 38.43 -12.16
CA THR E 40 8.66 39.13 -11.21
C THR E 40 7.85 40.18 -11.96
N VAL E 41 6.75 40.62 -11.35
CA VAL E 41 5.76 41.44 -12.06
C VAL E 41 6.35 42.73 -12.61
N GLU E 42 7.37 43.28 -11.95
CA GLU E 42 7.98 44.51 -12.45
C GLU E 42 8.61 44.32 -13.82
N ASP E 43 9.05 43.09 -14.14
CA ASP E 43 9.62 42.83 -15.45
C ASP E 43 8.60 43.02 -16.56
N LEU E 44 7.33 42.68 -16.30
CA LEU E 44 6.32 42.71 -17.35
C LEU E 44 6.11 44.12 -17.89
N PHE E 45 6.02 45.09 -17.00
CA PHE E 45 5.68 46.46 -17.40
C PHE E 45 6.92 47.30 -17.72
N SER E 46 8.11 46.70 -17.65
CA SER E 46 9.31 47.39 -18.11
C SER E 46 9.32 47.45 -19.64
N GLU E 47 10.14 48.37 -20.16
CA GLU E 47 10.28 48.53 -21.60
C GLU E 47 10.90 47.31 -22.27
N ASP E 48 11.49 46.41 -21.49
CA ASP E 48 12.21 45.27 -22.06
C ASP E 48 11.28 44.36 -22.86
N PHE E 49 10.08 44.12 -22.37
CA PHE E 49 9.17 43.14 -23.00
C PHE E 49 8.24 43.77 -24.03
N LYS E 50 8.36 45.06 -24.30
CA LYS E 50 7.48 45.69 -25.27
C LYS E 50 7.70 45.12 -26.67
N ILE E 51 6.60 44.79 -27.34
CA ILE E 51 6.64 44.23 -28.69
C ILE E 51 6.45 45.41 -29.64
N HIS E 52 7.55 46.04 -30.04
CA HIS E 52 7.52 47.16 -30.96
C HIS E 52 7.32 46.62 -32.38
N ASP E 53 6.05 46.36 -32.71
CA ASP E 53 5.70 45.79 -34.00
C ASP E 53 5.26 46.89 -34.95
N PRO E 54 6.01 47.18 -36.02
CA PRO E 54 5.57 48.21 -36.97
C PRO E 54 4.23 47.89 -37.62
N GLU E 55 3.97 46.62 -37.92
CA GLU E 55 2.74 46.19 -38.61
C GLU E 55 2.57 46.96 -39.93
N ALA E 56 3.53 46.75 -40.83
CA ALA E 56 3.53 47.46 -42.10
C ALA E 56 2.36 47.01 -42.98
N LYS E 57 1.89 47.95 -43.80
CA LYS E 57 0.78 47.72 -44.73
C LYS E 57 1.26 47.89 -46.15
N TRP E 58 0.93 46.94 -47.02
CA TRP E 58 1.36 46.94 -48.41
C TRP E 58 0.66 48.06 -49.17
N ILE E 59 1.37 49.17 -49.39
CA ILE E 59 0.81 50.27 -50.16
C ILE E 59 0.60 49.84 -51.62
N SER E 60 1.61 49.24 -52.21
CA SER E 60 1.57 48.85 -53.61
C SER E 60 2.26 47.49 -53.73
N ASP E 61 2.60 47.11 -54.96
CA ASP E 61 3.16 45.79 -55.21
C ASP E 61 4.54 45.60 -54.59
N THR E 62 5.26 46.68 -54.31
CA THR E 62 6.65 46.56 -53.87
C THR E 62 7.00 47.55 -52.75
N GLU E 63 6.03 47.92 -51.92
CA GLU E 63 6.30 48.83 -50.81
C GLU E 63 5.31 48.60 -49.69
N PHE E 64 5.76 48.81 -48.46
CA PHE E 64 4.93 48.66 -47.28
C PHE E 64 5.15 49.86 -46.34
N ILE E 65 4.16 50.08 -45.48
CA ILE E 65 4.11 51.32 -44.68
C ILE E 65 5.35 51.42 -43.78
N TYR E 66 5.66 50.36 -43.04
CA TYR E 66 6.77 50.34 -42.08
C TYR E 66 6.59 51.44 -41.04
N ARG E 67 5.58 51.24 -40.20
CA ARG E 67 5.31 52.15 -39.10
C ARG E 67 6.45 52.11 -38.07
N GLU E 68 6.30 52.91 -37.02
CA GLU E 68 7.37 53.06 -36.04
C GLU E 68 7.73 51.74 -35.39
N GLN E 69 9.03 51.49 -35.26
CA GLN E 69 9.55 50.45 -34.39
C GLN E 69 10.37 51.01 -33.25
N LYS E 70 11.23 51.99 -33.51
CA LYS E 70 11.96 52.71 -32.47
C LYS E 70 12.05 54.19 -32.83
N GLY E 71 10.93 54.77 -33.26
CA GLY E 71 10.94 56.18 -33.62
C GLY E 71 10.30 56.55 -34.93
N THR E 72 11.10 57.06 -35.86
CA THR E 72 10.59 57.66 -37.08
C THR E 72 9.80 56.66 -37.94
N VAL E 73 8.98 57.21 -38.83
CA VAL E 73 8.16 56.43 -39.75
C VAL E 73 8.81 56.52 -41.12
N ARG E 74 9.29 55.37 -41.61
CA ARG E 74 10.05 55.27 -42.85
C ARG E 74 9.31 54.40 -43.84
N LEU E 75 9.55 54.63 -45.13
CA LEU E 75 8.93 53.85 -46.20
C LEU E 75 10.00 53.02 -46.89
N TRP E 76 9.77 51.73 -46.99
CA TRP E 76 10.68 50.79 -47.63
C TRP E 76 10.31 50.56 -49.09
N ASN E 77 11.28 50.04 -49.84
CA ASN E 77 11.06 49.57 -51.20
C ASN E 77 11.63 48.16 -51.31
N VAL E 78 10.79 47.23 -51.76
CA VAL E 78 11.17 45.82 -51.78
C VAL E 78 12.23 45.54 -52.85
N GLU E 79 12.38 46.42 -53.85
CA GLU E 79 13.26 46.17 -54.98
C GLU E 79 14.69 45.88 -54.52
N THR E 80 15.36 46.86 -53.93
CA THR E 80 16.67 46.61 -53.30
C THR E 80 16.79 47.51 -52.07
N ASN E 81 16.32 47.01 -50.93
CA ASN E 81 16.58 47.56 -49.60
C ASN E 81 16.64 49.09 -49.59
N THR E 82 15.63 49.71 -50.21
CA THR E 82 15.57 51.16 -50.32
C THR E 82 14.57 51.71 -49.31
N SER E 83 15.03 52.66 -48.49
CA SER E 83 14.23 53.21 -47.41
C SER E 83 14.09 54.72 -47.60
N THR E 84 12.87 55.22 -47.43
CA THR E 84 12.59 56.66 -47.50
C THR E 84 11.80 57.07 -46.27
N VAL E 85 12.29 58.07 -45.56
CA VAL E 85 11.61 58.54 -44.35
C VAL E 85 10.47 59.46 -44.77
N LEU E 86 9.24 59.08 -44.41
CA LEU E 86 8.08 59.94 -44.63
C LEU E 86 7.77 60.82 -43.44
N ILE E 87 7.90 60.33 -42.21
CA ILE E 87 7.68 61.12 -41.01
C ILE E 87 8.91 60.96 -40.13
N GLU E 88 9.43 62.07 -39.61
CA GLU E 88 10.58 62.01 -38.71
C GLU E 88 10.10 61.65 -37.31
N GLY E 89 10.99 61.79 -36.32
CA GLY E 89 10.62 61.51 -34.94
C GLY E 89 9.90 62.67 -34.29
N LYS E 90 9.16 63.44 -35.09
CA LYS E 90 8.44 64.61 -34.60
C LYS E 90 7.14 64.27 -33.91
N LYS E 91 6.71 63.01 -33.95
CA LYS E 91 5.49 62.63 -33.24
C LYS E 91 5.63 62.82 -31.74
N ILE E 92 6.85 62.70 -31.21
CA ILE E 92 7.08 62.96 -29.79
C ILE E 92 6.78 64.41 -29.46
N GLU E 93 7.23 65.33 -30.30
CA GLU E 93 6.98 66.76 -30.09
C GLU E 93 5.66 67.21 -30.69
N SER E 94 4.95 66.35 -31.40
CA SER E 94 3.63 66.68 -31.92
C SER E 94 2.52 66.30 -30.94
N LEU E 95 2.68 66.75 -29.70
CA LEU E 95 1.75 66.45 -28.61
C LEU E 95 1.51 64.95 -28.45
N ARG E 96 2.55 64.16 -28.74
CA ARG E 96 2.54 62.70 -28.61
C ARG E 96 1.34 62.10 -29.34
N ALA E 97 1.42 62.22 -30.68
CA ALA E 97 0.41 61.61 -31.55
C ALA E 97 0.29 60.13 -31.27
N ILE E 98 -0.90 59.68 -30.86
CA ILE E 98 -1.07 58.29 -30.43
C ILE E 98 -1.08 57.36 -31.63
N ARG E 99 -1.88 57.68 -32.66
CA ARG E 99 -1.99 56.82 -33.83
C ARG E 99 -1.87 57.68 -35.09
N TYR E 100 -1.04 57.24 -36.03
CA TYR E 100 -0.79 58.01 -37.24
C TYR E 100 -1.18 57.20 -38.48
N GLU E 101 -1.79 57.89 -39.43
CA GLU E 101 -2.10 57.35 -40.75
C GLU E 101 -1.51 58.26 -41.80
N ILE E 102 -1.43 57.75 -43.03
CA ILE E 102 -0.93 58.55 -44.15
C ILE E 102 -2.01 58.60 -45.22
N SER E 103 -1.98 59.69 -45.99
CA SER E 103 -2.90 59.82 -47.10
C SER E 103 -2.58 58.77 -48.17
N PRO E 104 -3.60 58.22 -48.83
CA PRO E 104 -3.35 57.17 -49.83
C PRO E 104 -2.47 57.63 -50.98
N ASP E 105 -2.49 58.91 -51.32
CA ASP E 105 -1.59 59.46 -52.32
C ASP E 105 -0.23 59.82 -51.74
N ARG E 106 0.01 59.47 -50.47
CA ARG E 106 1.31 59.71 -49.81
C ARG E 106 1.67 61.19 -49.81
N GLU E 107 0.69 62.05 -49.52
CA GLU E 107 0.90 63.48 -49.57
C GLU E 107 0.46 64.19 -48.29
N TYR E 108 -0.28 63.54 -47.39
CA TYR E 108 -0.64 64.12 -46.11
C TYR E 108 -0.55 63.05 -45.03
N ALA E 109 -0.35 63.49 -43.79
CA ALA E 109 -0.25 62.60 -42.65
C ALA E 109 -1.22 63.04 -41.57
N LEU E 110 -2.00 62.11 -41.04
CA LEU E 110 -3.03 62.38 -40.03
C LEU E 110 -2.59 61.81 -38.69
N PHE E 111 -2.66 62.64 -37.65
CA PHE E 111 -2.30 62.25 -36.30
C PHE E 111 -3.53 62.29 -35.40
N SER E 112 -3.76 61.21 -34.67
CA SER E 112 -4.82 61.14 -33.68
C SER E 112 -4.17 61.06 -32.31
N TYR E 113 -4.41 62.07 -31.48
CA TYR E 113 -3.80 62.19 -30.17
C TYR E 113 -4.86 62.61 -29.16
N ASN E 114 -4.48 62.55 -27.88
CA ASN E 114 -5.37 62.87 -26.76
C ASN E 114 -6.63 62.02 -26.83
N VAL E 115 -6.42 60.71 -26.77
CA VAL E 115 -7.50 59.73 -26.89
C VAL E 115 -8.05 59.41 -25.51
N GLU E 116 -9.38 59.37 -25.41
CA GLU E 116 -10.08 59.00 -24.18
C GLU E 116 -10.97 57.82 -24.50
N PRO E 117 -10.42 56.60 -24.52
CA PRO E 117 -11.21 55.44 -24.94
C PRO E 117 -12.40 55.21 -24.02
N ILE E 118 -13.52 54.81 -24.63
CA ILE E 118 -14.72 54.49 -23.87
C ILE E 118 -15.20 53.05 -24.08
N TYR E 119 -14.79 52.39 -25.17
CA TYR E 119 -15.01 50.97 -25.34
C TYR E 119 -13.69 50.35 -25.78
N GLN E 120 -13.73 49.09 -26.22
CA GLN E 120 -12.50 48.42 -26.65
C GLN E 120 -11.85 49.14 -27.82
N HIS E 121 -12.65 49.53 -28.83
CA HIS E 121 -12.15 50.31 -29.96
C HIS E 121 -13.10 51.48 -30.16
N SER E 122 -12.91 52.54 -29.38
CA SER E 122 -13.66 53.77 -29.50
C SER E 122 -12.74 54.96 -29.28
N TYR E 123 -11.56 54.91 -29.90
CA TYR E 123 -10.49 55.84 -29.56
C TYR E 123 -10.81 57.25 -30.05
N THR E 124 -11.83 57.87 -29.47
CA THR E 124 -12.15 59.26 -29.79
C THR E 124 -11.07 60.19 -29.28
N GLY E 125 -10.75 61.20 -30.07
CA GLY E 125 -9.71 62.14 -29.70
C GLY E 125 -9.62 63.34 -30.62
N TYR E 126 -8.40 63.83 -30.86
CA TYR E 126 -8.14 64.99 -31.68
C TYR E 126 -7.33 64.57 -32.90
N TYR E 127 -7.78 65.00 -34.08
CA TYR E 127 -7.16 64.65 -35.35
C TYR E 127 -6.56 65.90 -35.98
N VAL E 128 -5.28 65.81 -36.34
CA VAL E 128 -4.53 66.92 -36.92
C VAL E 128 -3.83 66.43 -38.18
N LEU E 129 -4.00 67.16 -39.28
CA LEU E 129 -3.33 66.85 -40.53
C LEU E 129 -2.01 67.61 -40.63
N SER E 130 -1.11 67.10 -41.46
CA SER E 130 0.19 67.74 -41.64
C SER E 130 0.75 67.35 -43.01
N LYS E 131 1.60 68.22 -43.53
CA LYS E 131 2.23 67.98 -44.83
C LYS E 131 3.10 66.73 -44.77
N ILE E 132 3.24 66.06 -45.91
CA ILE E 132 3.93 64.76 -45.93
C ILE E 132 5.39 64.86 -45.48
N PRO E 133 6.21 65.85 -45.94
CA PRO E 133 7.60 65.86 -45.47
C PRO E 133 7.69 66.14 -43.98
N HIS E 134 7.18 67.30 -43.57
CA HIS E 134 7.04 67.73 -42.18
C HIS E 134 6.42 69.12 -42.19
N GLY E 135 6.10 69.61 -41.00
CA GLY E 135 5.74 71.00 -40.83
C GLY E 135 4.27 71.29 -41.08
N ASP E 136 3.83 72.45 -40.58
CA ASP E 136 2.50 73.02 -40.75
C ASP E 136 1.40 72.08 -40.26
N PRO E 137 1.31 71.81 -38.96
CA PRO E 137 0.15 71.08 -38.45
C PRO E 137 -1.12 71.92 -38.57
N GLN E 138 -2.25 71.23 -38.75
CA GLN E 138 -3.55 71.89 -38.87
C GLN E 138 -4.59 70.99 -38.22
N SER E 139 -5.25 71.49 -37.18
CA SER E 139 -6.24 70.69 -36.45
C SER E 139 -7.51 70.57 -37.28
N LEU E 140 -7.90 69.34 -37.60
CA LEU E 140 -9.14 69.10 -38.33
C LEU E 140 -10.32 69.61 -37.51
N ASP E 141 -11.21 70.33 -38.16
CA ASP E 141 -12.31 70.98 -37.48
C ASP E 141 -13.64 70.66 -38.14
N PRO E 142 -14.72 70.60 -37.37
CA PRO E 142 -16.05 70.50 -37.96
C PRO E 142 -16.49 71.85 -38.51
N PRO E 143 -17.49 71.88 -39.38
CA PRO E 143 -17.90 73.15 -39.99
C PRO E 143 -18.36 74.17 -38.95
N GLU E 144 -17.85 75.38 -39.09
CA GLU E 144 -18.23 76.53 -38.26
C GLU E 144 -17.95 76.30 -36.77
N VAL E 145 -17.03 75.40 -36.43
CA VAL E 145 -16.68 75.12 -35.05
C VAL E 145 -15.16 75.06 -34.96
N SER E 146 -14.64 75.40 -33.77
CA SER E 146 -13.22 75.33 -33.50
C SER E 146 -12.83 73.87 -33.20
N ASN E 147 -11.62 73.68 -32.66
CA ASN E 147 -11.15 72.34 -32.35
C ASN E 147 -12.12 71.61 -31.42
N ALA E 148 -12.42 70.36 -31.73
CA ALA E 148 -13.35 69.57 -30.95
C ALA E 148 -12.96 68.09 -31.08
N LYS E 149 -13.36 67.32 -30.07
CA LYS E 149 -13.06 65.89 -30.06
C LYS E 149 -13.77 65.19 -31.22
N LEU E 150 -13.10 64.22 -31.82
CA LEU E 150 -13.58 63.55 -33.02
C LEU E 150 -13.77 62.06 -32.73
N GLN E 151 -14.89 61.51 -33.18
CA GLN E 151 -15.14 60.08 -33.00
C GLN E 151 -14.26 59.25 -33.93
N TYR E 152 -14.18 59.65 -35.20
CA TYR E 152 -13.40 58.92 -36.20
C TYR E 152 -13.30 59.77 -37.46
N ALA E 153 -12.11 59.75 -38.08
CA ALA E 153 -11.92 60.40 -39.37
C ALA E 153 -11.57 59.40 -40.46
N GLY E 154 -10.49 58.63 -40.29
CA GLY E 154 -10.08 57.68 -41.32
C GLY E 154 -9.48 58.35 -42.54
N TRP E 155 -9.23 57.52 -43.56
CA TRP E 155 -8.68 57.97 -44.82
C TRP E 155 -9.40 57.27 -45.96
N GLY E 156 -9.38 57.89 -47.14
CA GLY E 156 -9.90 57.28 -48.33
C GLY E 156 -8.90 56.34 -48.97
N PRO E 157 -9.34 55.67 -50.04
CA PRO E 157 -8.43 54.78 -50.77
C PRO E 157 -7.56 55.50 -51.79
N LYS E 158 -7.93 56.69 -52.23
CA LYS E 158 -7.18 57.42 -53.24
C LYS E 158 -7.29 58.91 -52.98
N GLY E 159 -6.30 59.66 -53.47
CA GLY E 159 -6.31 61.10 -53.38
C GLY E 159 -6.10 61.61 -51.96
N GLN E 160 -6.38 62.90 -51.79
CA GLN E 160 -6.33 63.55 -50.50
C GLN E 160 -7.72 63.71 -49.88
N GLN E 161 -8.75 63.16 -50.52
CA GLN E 161 -10.10 63.23 -49.97
C GLN E 161 -10.17 62.49 -48.64
N LEU E 162 -10.97 63.03 -47.72
CA LEU E 162 -11.08 62.43 -46.40
C LEU E 162 -12.48 62.68 -45.85
N ILE E 163 -12.84 61.91 -44.82
CA ILE E 163 -14.07 62.12 -44.08
C ILE E 163 -13.72 62.22 -42.60
N PHE E 164 -14.67 62.73 -41.82
CA PHE E 164 -14.51 62.74 -40.38
C PHE E 164 -15.89 62.75 -39.73
N ILE E 165 -16.04 61.97 -38.66
CA ILE E 165 -17.31 61.81 -37.96
C ILE E 165 -17.23 62.59 -36.66
N PHE E 166 -18.07 63.61 -36.55
CA PHE E 166 -18.20 64.43 -35.35
C PHE E 166 -19.65 64.41 -34.90
N GLU E 167 -19.87 64.14 -33.61
CA GLU E 167 -21.20 63.97 -33.01
C GLU E 167 -22.13 63.18 -33.93
N ASN E 168 -21.64 62.03 -34.38
CA ASN E 168 -22.40 61.10 -35.23
C ASN E 168 -22.83 61.76 -36.54
N ASN E 169 -21.96 62.57 -37.12
CA ASN E 169 -22.22 63.23 -38.38
C ASN E 169 -20.96 63.17 -39.24
N ILE E 170 -21.10 62.64 -40.45
CA ILE E 170 -19.95 62.48 -41.35
C ILE E 170 -19.85 63.72 -42.22
N TYR E 171 -18.67 64.34 -42.23
CA TYR E 171 -18.38 65.47 -43.09
C TYR E 171 -17.16 65.13 -43.94
N TYR E 172 -17.27 65.38 -45.25
CA TYR E 172 -16.28 64.93 -46.22
C TYR E 172 -15.66 66.13 -46.91
N CYS E 173 -14.37 65.99 -47.25
CA CYS E 173 -13.62 67.01 -47.96
C CYS E 173 -12.86 66.32 -49.10
N ALA E 174 -13.29 66.58 -50.34
CA ALA E 174 -12.53 66.09 -51.49
C ALA E 174 -11.14 66.72 -51.54
N HIS E 175 -11.06 68.01 -51.28
CA HIS E 175 -9.79 68.72 -51.16
C HIS E 175 -9.50 68.99 -49.69
N VAL E 176 -8.26 68.78 -49.29
CA VAL E 176 -7.86 69.09 -47.92
C VAL E 176 -7.99 70.59 -47.66
N GLY E 177 -7.59 71.41 -48.64
CA GLY E 177 -7.78 72.85 -48.50
C GLY E 177 -9.23 73.26 -48.42
N LYS E 178 -10.12 72.51 -49.07
CA LYS E 178 -11.54 72.78 -48.99
C LYS E 178 -12.05 72.53 -47.57
N GLN E 179 -12.89 73.43 -47.08
CA GLN E 179 -13.44 73.31 -45.74
C GLN E 179 -14.47 72.17 -45.69
N ALA E 180 -14.84 71.81 -44.46
CA ALA E 180 -15.79 70.73 -44.26
C ALA E 180 -17.17 71.12 -44.78
N ILE E 181 -17.86 70.15 -45.39
CA ILE E 181 -19.21 70.34 -45.90
C ILE E 181 -20.11 69.25 -45.34
N ARG E 182 -21.40 69.54 -45.28
CA ARG E 182 -22.36 68.60 -44.74
C ARG E 182 -22.66 67.49 -45.75
N VAL E 183 -22.48 66.25 -45.32
CA VAL E 183 -22.76 65.08 -46.15
C VAL E 183 -23.93 64.26 -45.60
N VAL E 184 -24.01 64.12 -44.29
CA VAL E 184 -25.14 63.45 -43.64
C VAL E 184 -25.29 64.03 -42.24
N SER E 185 -26.54 64.23 -41.82
CA SER E 185 -26.84 64.84 -40.53
C SER E 185 -27.88 64.08 -39.74
N THR E 186 -28.36 62.93 -40.24
CA THR E 186 -29.37 62.17 -39.53
C THR E 186 -28.87 61.62 -38.20
N GLY E 187 -27.55 61.52 -38.02
CA GLY E 187 -27.03 60.96 -36.79
C GLY E 187 -27.34 61.82 -35.59
N LYS E 188 -27.54 61.15 -34.45
CA LYS E 188 -27.87 61.79 -33.20
C LYS E 188 -27.04 61.16 -32.09
N GLU E 189 -26.69 61.97 -31.09
CA GLU E 189 -25.79 61.53 -30.03
C GLU E 189 -26.33 60.31 -29.28
N GLY E 190 -25.67 59.17 -29.46
CA GLY E 190 -25.99 57.96 -28.72
C GLY E 190 -27.19 57.19 -29.22
N VAL E 191 -27.95 57.72 -30.17
CA VAL E 191 -29.15 57.07 -30.67
C VAL E 191 -29.07 56.75 -32.16
N ILE E 192 -28.60 57.70 -32.96
CA ILE E 192 -28.48 57.50 -34.40
C ILE E 192 -27.01 57.58 -34.78
N TYR E 193 -26.50 56.52 -35.38
CA TYR E 193 -25.10 56.44 -35.79
C TYR E 193 -24.99 56.51 -37.31
N ASN E 194 -23.77 56.73 -37.78
CA ASN E 194 -23.50 56.76 -39.23
C ASN E 194 -22.02 56.42 -39.43
N GLY E 195 -21.75 55.19 -39.87
CA GLY E 195 -20.40 54.73 -40.07
C GLY E 195 -19.70 54.24 -38.82
N LEU E 196 -20.38 54.22 -37.68
CA LEU E 196 -19.83 53.72 -36.44
C LEU E 196 -20.75 52.64 -35.87
N SER E 197 -20.27 51.95 -34.84
CA SER E 197 -20.99 50.87 -34.21
C SER E 197 -21.25 51.18 -32.74
N ASP E 198 -22.46 50.90 -32.28
CA ASP E 198 -22.77 51.00 -30.87
C ASP E 198 -22.15 49.81 -30.15
N TRP E 199 -22.38 49.71 -28.83
CA TRP E 199 -21.74 48.68 -28.03
C TRP E 199 -21.97 47.29 -28.61
N LEU E 200 -23.23 46.94 -28.86
CA LEU E 200 -23.57 45.61 -29.35
C LEU E 200 -22.90 45.34 -30.69
N TYR E 201 -22.95 46.32 -31.59
CA TYR E 201 -22.29 46.15 -32.88
C TYR E 201 -20.78 46.33 -32.77
N GLU E 202 -20.30 47.05 -31.75
CA GLU E 202 -18.87 47.27 -31.66
C GLU E 202 -18.13 46.02 -31.20
N GLU E 203 -18.64 45.32 -30.18
CA GLU E 203 -17.84 44.22 -29.64
C GLU E 203 -18.46 42.84 -29.79
N GLU E 204 -19.77 42.73 -30.02
CA GLU E 204 -20.42 41.43 -29.99
C GLU E 204 -20.36 40.70 -31.33
N ILE E 205 -20.90 41.30 -32.39
CA ILE E 205 -21.07 40.64 -33.67
C ILE E 205 -20.10 41.17 -34.73
N LEU E 206 -20.07 42.49 -34.93
CA LEU E 206 -19.14 43.06 -35.89
C LEU E 206 -17.71 43.07 -35.35
N LYS E 207 -17.55 43.02 -34.03
CA LYS E 207 -16.26 42.90 -33.37
C LYS E 207 -15.32 44.07 -33.65
N THR E 208 -15.88 45.20 -34.09
CA THR E 208 -15.09 46.40 -34.34
C THR E 208 -16.04 47.58 -34.47
N HIS E 209 -15.48 48.79 -34.40
CA HIS E 209 -16.25 50.01 -34.57
C HIS E 209 -16.28 50.50 -36.00
N ILE E 210 -15.68 49.76 -36.93
CA ILE E 210 -15.66 50.16 -38.34
C ILE E 210 -17.00 49.75 -38.95
N ALA E 211 -17.84 50.74 -39.25
CA ALA E 211 -19.14 50.50 -39.85
C ALA E 211 -19.33 51.27 -41.14
N HIS E 212 -18.24 51.77 -41.73
CA HIS E 212 -18.29 52.47 -42.99
C HIS E 212 -17.26 51.87 -43.95
N TRP E 213 -17.65 51.74 -45.22
CA TRP E 213 -16.81 51.14 -46.24
C TRP E 213 -16.60 52.13 -47.38
N TRP E 214 -15.34 52.31 -47.75
CA TRP E 214 -14.97 53.17 -48.87
C TRP E 214 -15.10 52.41 -50.18
N SER E 215 -15.56 53.09 -51.21
CA SER E 215 -15.57 52.50 -52.55
C SER E 215 -14.12 52.33 -53.04
N PRO E 216 -13.87 51.29 -53.85
CA PRO E 216 -12.50 51.08 -54.35
C PRO E 216 -11.94 52.25 -55.12
N ASP E 217 -12.79 52.99 -55.84
CA ASP E 217 -12.35 54.17 -56.58
C ASP E 217 -12.46 55.45 -55.76
N GLY E 218 -12.92 55.37 -54.51
CA GLY E 218 -13.11 56.56 -53.71
C GLY E 218 -14.20 57.48 -54.21
N THR E 219 -15.35 56.91 -54.60
CA THR E 219 -16.46 57.68 -55.15
C THR E 219 -17.67 57.74 -54.23
N ARG E 220 -18.00 56.64 -53.55
CA ARG E 220 -19.16 56.58 -52.68
C ARG E 220 -18.80 55.84 -51.40
N LEU E 221 -19.52 56.16 -50.33
CA LEU E 221 -19.34 55.54 -49.02
C LEU E 221 -20.59 54.76 -48.65
N ALA E 222 -20.38 53.56 -48.11
CA ALA E 222 -21.48 52.71 -47.64
C ALA E 222 -21.38 52.58 -46.13
N TYR E 223 -22.35 53.17 -45.42
CA TYR E 223 -22.31 53.20 -43.96
C TYR E 223 -23.59 52.61 -43.39
N ALA E 224 -23.48 52.04 -42.20
CA ALA E 224 -24.62 51.50 -41.48
C ALA E 224 -25.07 52.52 -40.45
N ALA E 225 -26.37 52.83 -40.44
CA ALA E 225 -26.97 53.74 -39.49
C ALA E 225 -27.73 52.92 -38.44
N ILE E 226 -27.42 53.17 -37.17
CA ILE E 226 -27.97 52.42 -36.05
C ILE E 226 -28.98 53.30 -35.32
N ASN E 227 -30.20 52.79 -35.17
CA ASN E 227 -31.27 53.47 -34.47
C ASN E 227 -31.48 52.79 -33.13
N ASP E 228 -31.36 53.57 -32.04
CA ASP E 228 -31.51 53.07 -30.68
C ASP E 228 -32.72 53.69 -29.97
N SER E 229 -33.67 54.23 -30.72
CA SER E 229 -34.80 54.91 -30.10
C SER E 229 -35.63 53.94 -29.26
N ARG E 230 -35.88 52.75 -29.77
CA ARG E 230 -36.61 51.72 -29.02
C ARG E 230 -35.69 50.77 -28.27
N VAL E 231 -34.39 51.00 -28.32
CA VAL E 231 -33.44 50.16 -27.57
C VAL E 231 -33.48 50.57 -26.10
N PRO E 232 -33.65 49.63 -25.18
CA PRO E 232 -33.70 50.00 -23.75
C PRO E 232 -32.39 50.60 -23.30
N ILE E 233 -32.48 51.49 -22.31
CA ILE E 233 -31.35 52.28 -21.84
C ILE E 233 -31.04 51.87 -20.41
N MET E 234 -29.76 51.61 -20.13
CA MET E 234 -29.29 51.26 -18.80
C MET E 234 -28.20 52.23 -18.39
N GLU E 235 -28.17 52.57 -17.10
CA GLU E 235 -27.22 53.51 -16.56
C GLU E 235 -26.24 52.79 -15.65
N LEU E 236 -24.99 53.26 -15.65
CA LEU E 236 -23.93 52.73 -14.81
C LEU E 236 -23.56 53.75 -13.73
N PRO E 237 -23.45 53.32 -12.47
CA PRO E 237 -23.22 54.28 -11.38
C PRO E 237 -21.86 54.94 -11.47
N THR E 238 -21.81 56.17 -10.98
CA THR E 238 -20.58 56.93 -10.86
C THR E 238 -20.33 57.19 -9.38
N TYR E 239 -19.13 56.84 -8.91
CA TYR E 239 -18.79 56.94 -7.50
C TYR E 239 -17.67 57.92 -7.22
N THR E 240 -17.20 58.67 -8.22
CA THR E 240 -16.05 59.54 -8.05
C THR E 240 -16.23 60.94 -8.63
N GLY E 241 -17.22 61.14 -9.51
CA GLY E 241 -17.38 62.39 -10.24
C GLY E 241 -17.25 63.67 -9.44
N SER E 242 -18.17 63.91 -8.50
CA SER E 242 -18.20 65.16 -7.76
C SER E 242 -18.94 64.93 -6.45
N ILE E 243 -19.34 66.03 -5.80
CA ILE E 243 -20.12 65.95 -4.58
C ILE E 243 -21.44 65.24 -4.83
N TYR E 244 -21.98 65.35 -6.04
CA TYR E 244 -23.24 64.73 -6.43
C TYR E 244 -23.05 63.99 -7.74
N PRO E 245 -22.35 62.85 -7.71
CA PRO E 245 -22.11 62.11 -8.96
C PRO E 245 -23.41 61.58 -9.54
N THR E 246 -23.47 61.58 -10.87
CA THR E 246 -24.65 61.14 -11.60
C THR E 246 -24.30 59.94 -12.47
N VAL E 247 -25.29 59.07 -12.66
CA VAL E 247 -25.06 57.86 -13.42
C VAL E 247 -24.82 58.20 -14.89
N LYS E 248 -24.18 57.25 -15.60
CA LYS E 248 -23.92 57.42 -17.02
C LYS E 248 -24.88 56.52 -17.79
N PRO E 249 -25.84 57.07 -18.51
CA PRO E 249 -26.80 56.22 -19.24
C PRO E 249 -26.39 55.95 -20.67
N TYR E 250 -26.57 54.71 -21.13
CA TYR E 250 -26.33 54.36 -22.52
C TYR E 250 -27.21 53.19 -22.89
N HIS E 251 -27.40 53.00 -24.20
CA HIS E 251 -28.33 52.00 -24.71
C HIS E 251 -27.65 50.64 -24.71
N TYR E 252 -28.05 49.79 -23.77
CA TYR E 252 -27.47 48.45 -23.61
C TYR E 252 -28.58 47.43 -23.79
N PRO E 253 -28.74 46.86 -24.99
CA PRO E 253 -29.81 45.87 -25.19
C PRO E 253 -29.55 44.57 -24.44
N LYS E 254 -30.35 44.32 -23.41
CA LYS E 254 -30.24 43.09 -22.64
C LYS E 254 -30.90 41.94 -23.37
N ALA E 255 -30.93 40.78 -22.74
CA ALA E 255 -31.61 39.62 -23.32
C ALA E 255 -33.11 39.86 -23.36
N GLY E 256 -33.73 39.43 -24.45
CA GLY E 256 -35.17 39.61 -24.60
C GLY E 256 -35.60 41.04 -24.83
N SER E 257 -34.73 41.87 -25.38
CA SER E 257 -35.04 43.27 -25.66
C SER E 257 -34.99 43.51 -27.17
N GLU E 258 -35.24 44.75 -27.55
CA GLU E 258 -35.29 45.13 -28.96
C GLU E 258 -33.89 45.55 -29.42
N ASN E 259 -33.34 44.79 -30.37
CA ASN E 259 -32.04 45.10 -30.91
C ASN E 259 -32.11 46.38 -31.74
N PRO E 260 -30.98 47.08 -31.88
CA PRO E 260 -30.99 48.34 -32.65
C PRO E 260 -31.36 48.11 -34.10
N SER E 261 -32.01 49.12 -34.69
CA SER E 261 -32.46 49.06 -36.08
C SER E 261 -31.34 49.54 -36.98
N ILE E 262 -30.78 48.63 -37.78
CA ILE E 262 -29.63 48.94 -38.63
C ILE E 262 -30.12 49.10 -40.06
N SER E 263 -29.76 50.22 -40.69
CA SER E 263 -30.12 50.50 -42.07
C SER E 263 -28.87 50.87 -42.85
N LEU E 264 -28.60 50.15 -43.93
CA LEU E 264 -27.43 50.44 -44.75
C LEU E 264 -27.74 51.54 -45.74
N HIS E 265 -26.75 52.43 -45.96
CA HIS E 265 -26.94 53.59 -46.81
C HIS E 265 -25.68 53.82 -47.64
N VAL E 266 -25.86 54.42 -48.82
CA VAL E 266 -24.75 54.77 -49.70
C VAL E 266 -24.89 56.25 -50.06
N ILE E 267 -23.79 57.00 -49.92
CA ILE E 267 -23.76 58.41 -50.31
C ILE E 267 -22.54 58.67 -51.17
N GLY E 268 -22.77 59.37 -52.29
CA GLY E 268 -21.68 59.77 -53.16
C GLY E 268 -20.92 60.97 -52.63
N LEU E 269 -19.73 61.17 -53.19
CA LEU E 269 -18.83 62.23 -52.74
C LEU E 269 -18.89 63.49 -53.60
N ASN E 270 -19.79 63.54 -54.59
CA ASN E 270 -19.88 64.68 -55.47
C ASN E 270 -21.34 64.97 -55.80
N GLY E 271 -21.60 66.21 -56.20
CA GLY E 271 -22.91 66.64 -56.61
C GLY E 271 -23.91 66.69 -55.47
N PRO E 272 -25.16 66.35 -55.75
CA PRO E 272 -26.19 66.34 -54.70
C PRO E 272 -25.91 65.34 -53.59
N THR E 273 -25.14 64.28 -53.86
CA THR E 273 -24.82 63.25 -52.88
C THR E 273 -26.09 62.67 -52.27
N HIS E 274 -27.08 62.38 -53.12
CA HIS E 274 -28.33 61.82 -52.66
C HIS E 274 -28.11 60.44 -52.04
N ASP E 275 -28.69 60.23 -50.87
CA ASP E 275 -28.52 58.98 -50.15
C ASP E 275 -29.46 57.92 -50.73
N LEU E 276 -28.94 56.70 -50.86
CA LEU E 276 -29.73 55.56 -51.30
C LEU E 276 -29.49 54.40 -50.34
N GLU E 277 -30.58 53.81 -49.84
CA GLU E 277 -30.48 52.68 -48.93
C GLU E 277 -30.68 51.37 -49.69
N MET E 278 -30.11 50.32 -49.13
CA MET E 278 -30.19 48.98 -49.71
C MET E 278 -31.25 48.17 -48.97
N MET E 279 -32.22 47.64 -49.72
CA MET E 279 -33.33 46.92 -49.13
C MET E 279 -32.93 45.47 -48.87
N PRO E 280 -32.99 45.00 -47.62
CA PRO E 280 -32.65 43.60 -47.35
C PRO E 280 -33.71 42.66 -47.89
N PRO E 281 -33.42 41.37 -47.96
CA PRO E 281 -34.46 40.39 -48.31
C PRO E 281 -35.60 40.42 -47.29
N ASP E 282 -36.69 39.74 -47.63
CA ASP E 282 -37.92 39.81 -46.86
C ASP E 282 -38.48 38.42 -46.59
N ASP E 283 -37.62 37.51 -46.14
CA ASP E 283 -38.11 36.22 -45.68
C ASP E 283 -38.88 36.39 -44.38
N PRO E 284 -39.87 35.53 -44.12
CA PRO E 284 -40.69 35.69 -42.90
C PRO E 284 -39.93 35.48 -41.61
N ARG E 285 -38.75 34.83 -41.65
CA ARG E 285 -38.02 34.52 -40.44
C ARG E 285 -36.73 35.33 -40.29
N MET E 286 -36.63 36.48 -40.96
CA MET E 286 -35.44 37.31 -40.83
C MET E 286 -35.77 38.80 -40.78
N ARG E 287 -37.01 39.18 -40.47
CA ARG E 287 -37.38 40.59 -40.46
C ARG E 287 -36.55 41.38 -39.46
N GLU E 288 -36.13 40.75 -38.37
CA GLU E 288 -35.18 41.34 -37.43
C GLU E 288 -33.81 40.76 -37.74
N TYR E 289 -32.83 41.63 -37.99
CA TYR E 289 -31.62 41.22 -38.66
C TYR E 289 -30.41 41.97 -38.10
N TYR E 290 -29.24 41.41 -38.35
CA TYR E 290 -27.95 42.04 -38.12
C TYR E 290 -27.18 42.06 -39.44
N ILE E 291 -26.54 43.19 -39.73
CA ILE E 291 -25.63 43.28 -40.87
C ILE E 291 -24.25 42.88 -40.35
N THR E 292 -24.01 41.57 -40.30
CA THR E 292 -22.77 41.06 -39.73
C THR E 292 -21.54 41.35 -40.59
N MET E 293 -21.72 41.68 -41.86
CA MET E 293 -20.60 41.86 -42.77
C MET E 293 -21.10 42.46 -44.08
N VAL E 294 -20.25 43.26 -44.71
CA VAL E 294 -20.55 43.85 -46.01
C VAL E 294 -19.23 44.20 -46.68
N LYS E 295 -19.16 43.96 -47.98
CA LYS E 295 -17.92 44.17 -48.73
C LYS E 295 -18.25 44.58 -50.16
N TRP E 296 -17.52 45.57 -50.68
CA TRP E 296 -17.69 46.03 -52.05
C TRP E 296 -17.32 44.91 -53.02
N ALA E 297 -18.30 44.46 -53.81
CA ALA E 297 -17.97 43.61 -54.94
C ALA E 297 -17.18 44.38 -55.99
N THR E 298 -17.66 45.58 -56.33
CA THR E 298 -16.98 46.49 -57.25
C THR E 298 -17.14 47.91 -56.71
N SER E 299 -16.86 48.89 -57.55
CA SER E 299 -17.02 50.29 -57.16
C SER E 299 -18.48 50.70 -56.98
N THR E 300 -19.42 49.91 -57.50
CA THR E 300 -20.84 50.22 -57.35
C THR E 300 -21.69 49.03 -56.93
N LYS E 301 -21.18 47.80 -57.02
CA LYS E 301 -21.88 46.63 -56.53
C LYS E 301 -21.25 46.18 -55.22
N VAL E 302 -22.09 45.87 -54.24
CA VAL E 302 -21.65 45.56 -52.89
C VAL E 302 -22.28 44.26 -52.42
N ALA E 303 -21.52 43.47 -51.66
CA ALA E 303 -21.98 42.21 -51.11
C ALA E 303 -22.24 42.39 -49.62
N VAL E 304 -23.46 42.08 -49.20
CA VAL E 304 -23.92 42.32 -47.83
C VAL E 304 -24.47 41.04 -47.25
N THR E 305 -24.21 40.82 -45.97
CA THR E 305 -24.67 39.64 -45.25
C THR E 305 -25.75 40.05 -44.25
N TRP E 306 -26.81 39.25 -44.16
CA TRP E 306 -27.91 39.51 -43.25
C TRP E 306 -28.14 38.26 -42.40
N LEU E 307 -28.03 38.42 -41.08
CA LEU E 307 -28.24 37.31 -40.14
C LEU E 307 -29.51 37.57 -39.36
N ASN E 308 -30.44 36.62 -39.38
CA ASN E 308 -31.74 36.84 -38.75
C ASN E 308 -31.58 37.02 -37.24
N ARG E 309 -32.69 37.42 -36.59
CA ARG E 309 -32.65 37.64 -35.14
C ARG E 309 -32.33 36.34 -34.40
N ALA E 310 -32.93 35.23 -34.83
CA ALA E 310 -32.56 33.93 -34.29
C ALA E 310 -31.18 33.48 -34.75
N GLN E 311 -30.50 34.30 -35.57
CA GLN E 311 -29.13 34.06 -36.03
C GLN E 311 -28.92 32.64 -36.53
N ASN E 312 -29.97 32.04 -37.09
CA ASN E 312 -29.88 30.72 -37.69
C ASN E 312 -29.96 30.75 -39.21
N VAL E 313 -30.22 31.91 -39.82
CA VAL E 313 -30.28 32.06 -41.27
C VAL E 313 -29.49 33.28 -41.67
N SER E 314 -28.53 33.10 -42.58
CA SER E 314 -27.66 34.17 -43.06
C SER E 314 -27.73 34.23 -44.57
N ILE E 315 -28.23 35.33 -45.11
CA ILE E 315 -28.40 35.53 -46.55
C ILE E 315 -27.31 36.47 -47.03
N LEU E 316 -26.55 36.05 -48.04
CA LEU E 316 -25.55 36.88 -48.69
C LEU E 316 -26.12 37.37 -50.01
N THR E 317 -25.94 38.68 -50.27
CA THR E 317 -26.71 39.40 -51.28
C THR E 317 -25.83 40.40 -52.01
N LEU E 318 -26.11 40.61 -53.30
CA LEU E 318 -25.54 41.73 -54.05
C LEU E 318 -26.53 42.86 -54.15
N CYS E 319 -26.02 44.09 -54.07
CA CYS E 319 -26.83 45.30 -54.23
C CYS E 319 -26.07 46.29 -55.09
N ASP E 320 -26.80 47.13 -55.81
CA ASP E 320 -26.23 48.17 -56.64
C ASP E 320 -26.65 49.53 -56.09
N ALA E 321 -25.67 50.42 -55.93
CA ALA E 321 -25.93 51.73 -55.31
C ALA E 321 -26.70 52.67 -56.21
N THR E 322 -26.72 52.43 -57.53
CA THR E 322 -27.40 53.33 -58.44
C THR E 322 -28.90 53.36 -58.17
N THR E 323 -29.49 52.20 -57.90
CA THR E 323 -30.92 52.10 -57.63
C THR E 323 -31.26 51.58 -56.24
N GLY E 324 -30.32 50.97 -55.53
CA GLY E 324 -30.52 50.57 -54.15
C GLY E 324 -31.21 49.24 -53.94
N VAL E 325 -31.57 48.52 -55.01
CA VAL E 325 -32.20 47.21 -54.84
C VAL E 325 -31.11 46.17 -54.59
N CYS E 326 -31.48 45.10 -53.88
CA CYS E 326 -30.55 44.04 -53.53
C CYS E 326 -30.98 42.75 -54.21
N THR E 327 -30.06 42.13 -54.94
CA THR E 327 -30.31 40.88 -55.65
C THR E 327 -29.79 39.73 -54.80
N LYS E 328 -30.70 38.91 -54.28
CA LYS E 328 -30.33 37.81 -53.39
C LYS E 328 -29.40 36.84 -54.12
N LYS E 329 -28.37 36.38 -53.40
CA LYS E 329 -27.39 35.45 -53.95
C LYS E 329 -27.50 34.07 -53.32
N HIS E 330 -27.39 33.97 -52.00
CA HIS E 330 -27.39 32.65 -51.39
C HIS E 330 -27.81 32.76 -49.94
N GLU E 331 -28.13 31.61 -49.34
CA GLU E 331 -28.54 31.50 -47.96
C GLU E 331 -27.80 30.35 -47.30
N ASP E 332 -27.46 30.52 -46.02
CA ASP E 332 -26.75 29.50 -45.25
C ASP E 332 -27.42 29.37 -43.90
N GLU E 333 -27.61 28.12 -43.46
CA GLU E 333 -28.21 27.84 -42.16
C GLU E 333 -27.53 26.62 -41.57
N SER E 334 -28.01 26.20 -40.40
CA SER E 334 -27.47 25.03 -39.72
C SER E 334 -28.51 24.55 -38.71
N GLU E 335 -28.18 23.46 -38.03
CA GLU E 335 -29.09 22.91 -37.03
C GLU E 335 -29.09 23.73 -35.74
N ALA E 336 -28.02 24.47 -35.46
CA ALA E 336 -27.95 25.27 -34.24
C ALA E 336 -27.84 26.76 -34.51
N TRP E 337 -26.85 27.20 -35.28
CA TRP E 337 -26.62 28.63 -35.48
C TRP E 337 -25.62 28.82 -36.61
N LEU E 338 -25.34 30.09 -36.91
CA LEU E 338 -24.33 30.50 -37.86
C LEU E 338 -23.06 30.92 -37.13
N HIS E 339 -21.94 30.86 -37.85
CA HIS E 339 -20.64 31.14 -37.27
C HIS E 339 -19.75 31.81 -38.31
N ARG E 340 -18.71 32.49 -37.82
CA ARG E 340 -17.72 33.18 -38.66
C ARG E 340 -18.41 34.21 -39.57
N GLN E 341 -18.97 35.22 -38.90
CA GLN E 341 -19.79 36.23 -39.55
C GLN E 341 -19.00 37.40 -40.13
N ASN E 342 -17.67 37.40 -39.98
CA ASN E 342 -16.86 38.52 -40.45
C ASN E 342 -15.74 38.07 -41.39
N GLU E 343 -15.94 37.01 -42.15
CA GLU E 343 -14.96 36.61 -43.16
C GLU E 343 -15.33 37.25 -44.49
N GLU E 344 -14.60 38.29 -44.87
CA GLU E 344 -14.89 39.03 -46.09
C GLU E 344 -14.40 38.27 -47.31
N PRO E 345 -15.26 37.91 -48.25
CA PRO E 345 -14.79 37.23 -49.46
C PRO E 345 -13.98 38.16 -50.34
N VAL E 346 -13.10 37.57 -51.15
CA VAL E 346 -12.24 38.33 -52.05
C VAL E 346 -12.93 38.42 -53.40
N PHE E 347 -13.18 39.65 -53.86
CA PHE E 347 -13.79 39.90 -55.16
C PHE E 347 -12.71 40.33 -56.14
N SER E 348 -12.63 39.64 -57.28
CA SER E 348 -11.57 39.87 -58.24
C SER E 348 -11.73 41.23 -58.92
N LYS E 349 -10.74 41.56 -59.76
CA LYS E 349 -10.77 42.83 -60.48
C LYS E 349 -11.96 42.90 -61.44
N ASP E 350 -12.27 41.79 -62.11
CA ASP E 350 -13.39 41.74 -63.03
C ASP E 350 -14.69 41.35 -62.35
N GLY E 351 -14.71 41.27 -61.02
CA GLY E 351 -15.89 40.84 -60.32
C GLY E 351 -16.22 39.38 -60.48
N ARG E 352 -15.21 38.55 -60.74
CA ARG E 352 -15.41 37.14 -61.02
C ARG E 352 -15.68 36.41 -59.70
N LYS E 353 -15.63 35.08 -59.72
CA LYS E 353 -16.05 34.24 -58.60
C LYS E 353 -15.39 34.64 -57.29
N PHE E 354 -16.19 35.12 -56.35
CA PHE E 354 -15.72 35.36 -55.00
C PHE E 354 -15.61 34.03 -54.25
N PHE E 355 -14.77 34.04 -53.22
CA PHE E 355 -14.32 32.84 -52.53
C PHE E 355 -14.69 33.01 -51.05
N PHE E 356 -15.89 32.56 -50.70
CA PHE E 356 -16.43 32.78 -49.35
C PHE E 356 -16.44 31.48 -48.57
N ILE E 357 -15.86 31.50 -47.38
CA ILE E 357 -15.82 30.31 -46.55
C ILE E 357 -17.20 30.05 -45.97
N ARG E 358 -17.64 28.79 -46.01
CA ARG E 358 -18.94 28.42 -45.47
C ARG E 358 -18.88 26.96 -45.05
N ALA E 359 -20.00 26.49 -44.48
CA ALA E 359 -20.07 25.16 -43.87
C ALA E 359 -20.37 24.12 -44.94
N ILE E 360 -19.36 23.34 -45.32
CA ILE E 360 -19.56 22.16 -46.14
C ILE E 360 -19.57 20.95 -45.20
N PRO E 361 -20.30 19.88 -45.52
CA PRO E 361 -20.44 18.77 -44.55
C PRO E 361 -19.12 18.18 -44.07
N GLN E 362 -18.13 18.05 -44.95
CA GLN E 362 -16.79 17.57 -44.59
C GLN E 362 -16.86 16.24 -43.83
N GLY E 363 -17.75 15.36 -44.29
CA GLY E 363 -17.87 14.05 -43.66
C GLY E 363 -18.34 14.17 -42.22
N GLY E 364 -17.80 13.29 -41.37
CA GLY E 364 -18.15 13.28 -39.97
C GLY E 364 -17.53 14.43 -39.20
N ARG E 365 -17.80 14.44 -37.89
CA ARG E 365 -17.33 15.48 -36.98
C ARG E 365 -17.79 16.86 -37.41
N GLY E 366 -19.03 16.94 -37.89
CA GLY E 366 -19.65 18.22 -38.18
C GLY E 366 -19.23 18.79 -39.52
N LYS E 367 -19.93 19.86 -39.90
CA LYS E 367 -19.71 20.52 -41.19
C LYS E 367 -18.61 21.56 -41.03
N PHE E 368 -17.40 21.20 -41.46
CA PHE E 368 -16.27 22.12 -41.36
C PHE E 368 -16.47 23.32 -42.28
N TYR E 369 -15.59 24.31 -42.13
CA TYR E 369 -15.69 25.58 -42.83
C TYR E 369 -14.62 25.63 -43.91
N HIS E 370 -15.06 25.61 -45.17
CA HIS E 370 -14.15 25.60 -46.31
C HIS E 370 -14.62 26.61 -47.35
N ILE E 371 -13.69 27.00 -48.21
CA ILE E 371 -13.96 28.03 -49.21
C ILE E 371 -15.00 27.52 -50.21
N THR E 372 -15.85 28.44 -50.68
CA THR E 372 -16.86 28.16 -51.68
C THR E 372 -16.73 29.18 -52.79
N VAL E 373 -16.69 28.69 -54.03
CA VAL E 373 -16.54 29.52 -55.21
C VAL E 373 -17.92 29.92 -55.71
N SER E 374 -18.12 31.20 -56.02
CA SER E 374 -19.37 31.64 -56.60
C SER E 374 -19.12 32.70 -57.66
N SER E 375 -19.73 32.52 -58.83
CA SER E 375 -19.50 33.43 -59.95
C SER E 375 -20.16 34.78 -59.70
N SER E 376 -19.95 35.70 -60.64
CA SER E 376 -20.54 37.04 -60.53
C SER E 376 -22.07 36.96 -60.59
N GLN E 377 -22.59 36.22 -61.57
CA GLN E 377 -24.03 36.04 -61.75
C GLN E 377 -24.35 34.57 -61.90
N PRO E 378 -24.30 33.82 -60.80
CA PRO E 378 -24.66 32.40 -60.87
C PRO E 378 -26.12 32.20 -61.25
N ASN E 379 -26.39 31.12 -61.97
CA ASN E 379 -27.75 30.82 -62.39
C ASN E 379 -28.60 30.48 -61.17
N SER E 380 -29.85 30.96 -61.19
CA SER E 380 -30.76 30.67 -60.08
C SER E 380 -31.09 29.18 -60.00
N SER E 381 -31.01 28.47 -61.12
CA SER E 381 -31.26 27.03 -61.10
C SER E 381 -30.24 26.30 -60.24
N ASN E 382 -28.96 26.62 -60.42
CA ASN E 382 -27.89 26.00 -59.66
C ASN E 382 -26.66 26.89 -59.69
N ASP E 383 -26.03 27.05 -58.53
CA ASP E 383 -24.82 27.85 -58.43
C ASP E 383 -23.59 26.95 -58.64
N ASN E 384 -22.41 27.57 -58.60
CA ASN E 384 -21.15 26.87 -58.82
C ASN E 384 -20.38 26.64 -57.53
N ILE E 385 -21.07 26.30 -56.44
CA ILE E 385 -20.41 26.09 -55.16
C ILE E 385 -19.35 25.01 -55.30
N GLN E 386 -18.12 25.35 -54.91
CA GLN E 386 -16.99 24.46 -55.06
C GLN E 386 -16.07 24.60 -53.86
N SER E 387 -15.73 23.47 -53.23
CA SER E 387 -14.87 23.46 -52.05
C SER E 387 -13.41 23.43 -52.51
N ILE E 388 -12.79 24.62 -52.56
CA ILE E 388 -11.37 24.70 -52.91
C ILE E 388 -10.53 23.96 -51.88
N THR E 389 -10.79 24.20 -50.60
CA THR E 389 -10.08 23.52 -49.52
C THR E 389 -10.94 22.38 -48.98
N SER E 390 -10.26 21.34 -48.47
CA SER E 390 -10.96 20.19 -47.92
C SER E 390 -10.00 19.44 -47.01
N GLY E 391 -10.47 19.14 -45.80
CA GLY E 391 -9.67 18.39 -44.86
C GLY E 391 -10.24 18.52 -43.45
N ASP E 392 -9.47 17.97 -42.50
CA ASP E 392 -9.84 18.03 -41.09
C ASP E 392 -9.35 19.33 -40.45
N TRP E 393 -9.80 20.43 -41.04
CA TRP E 393 -9.40 21.78 -40.64
C TRP E 393 -10.31 22.78 -41.33
N ASP E 394 -10.06 24.06 -41.07
CA ASP E 394 -10.79 25.16 -41.69
C ASP E 394 -9.79 26.20 -42.15
N VAL E 395 -10.29 27.33 -42.62
CA VAL E 395 -9.47 28.47 -43.02
C VAL E 395 -9.76 29.62 -42.07
N THR E 396 -8.73 30.06 -41.33
CA THR E 396 -8.92 31.19 -40.42
C THR E 396 -9.23 32.47 -41.19
N LYS E 397 -8.51 32.72 -42.28
CA LYS E 397 -8.79 33.88 -43.11
C LYS E 397 -8.21 33.67 -44.49
N ILE E 398 -8.79 34.35 -45.47
CA ILE E 398 -8.36 34.27 -46.87
C ILE E 398 -7.71 35.60 -47.24
N LEU E 399 -6.48 35.54 -47.72
CA LEU E 399 -5.72 36.75 -47.99
C LEU E 399 -6.09 37.35 -49.35
N ALA E 400 -5.81 36.62 -50.43
CA ALA E 400 -6.08 37.10 -51.78
C ALA E 400 -5.88 35.97 -52.77
N TYR E 401 -6.55 36.08 -53.91
CA TYR E 401 -6.41 35.11 -54.99
C TYR E 401 -5.68 35.76 -56.16
N ASP E 402 -4.64 35.08 -56.66
CA ASP E 402 -3.83 35.58 -57.76
C ASP E 402 -4.67 35.53 -59.04
N GLU E 403 -5.15 36.71 -59.48
CA GLU E 403 -5.96 36.77 -60.69
C GLU E 403 -5.18 36.36 -61.92
N LYS E 404 -3.86 36.58 -61.91
CA LYS E 404 -3.01 36.20 -63.04
C LYS E 404 -2.41 34.81 -62.80
N GLY E 405 -3.29 33.85 -62.63
CA GLY E 405 -2.90 32.48 -62.36
C GLY E 405 -3.89 31.83 -61.42
N ASN E 406 -3.42 30.78 -60.75
CA ASN E 406 -4.22 30.03 -59.77
C ASN E 406 -3.42 29.94 -58.47
N LYS E 407 -3.51 30.97 -57.65
CA LYS E 407 -2.80 31.00 -56.35
C LYS E 407 -3.64 31.81 -55.38
N ILE E 408 -4.46 31.12 -54.58
CA ILE E 408 -5.23 31.75 -53.51
C ILE E 408 -4.45 31.54 -52.21
N TYR E 409 -4.11 32.64 -51.55
CA TYR E 409 -3.32 32.62 -50.33
C TYR E 409 -4.24 32.78 -49.12
N PHE E 410 -4.01 31.97 -48.09
CA PHE E 410 -4.87 32.01 -46.92
C PHE E 410 -4.13 31.48 -45.69
N LEU E 411 -4.53 31.99 -44.53
CA LEU E 411 -4.08 31.46 -43.25
C LEU E 411 -5.11 30.47 -42.75
N SER E 412 -4.65 29.25 -42.44
CA SER E 412 -5.55 28.16 -42.09
C SER E 412 -4.88 27.26 -41.06
N THR E 413 -5.62 26.26 -40.61
CA THR E 413 -5.16 25.32 -39.58
C THR E 413 -4.91 23.93 -40.14
N GLU E 414 -4.28 23.84 -41.32
CA GLU E 414 -4.11 22.55 -41.99
C GLU E 414 -3.38 21.54 -41.12
N ASP E 415 -2.44 22.00 -40.30
CA ASP E 415 -1.69 21.07 -39.46
C ASP E 415 -2.45 20.72 -38.19
N LEU E 416 -2.71 21.70 -37.33
CA LEU E 416 -3.44 21.51 -36.09
C LEU E 416 -4.39 22.68 -35.88
N PRO E 417 -5.50 22.47 -35.17
CA PRO E 417 -6.39 23.60 -34.85
C PRO E 417 -5.73 24.65 -33.96
N ARG E 418 -4.70 24.30 -33.21
CA ARG E 418 -4.02 25.23 -32.32
C ARG E 418 -2.86 25.94 -32.97
N ARG E 419 -2.57 25.66 -34.23
CA ARG E 419 -1.51 26.34 -34.97
C ARG E 419 -2.08 26.90 -36.27
N ARG E 420 -1.57 28.07 -36.66
CA ARG E 420 -2.01 28.76 -37.86
C ARG E 420 -0.86 28.89 -38.84
N GLN E 421 -1.11 28.49 -40.08
CA GLN E 421 -0.11 28.35 -41.13
C GLN E 421 -0.57 29.05 -42.40
N LEU E 422 0.38 29.61 -43.13
CA LEU E 422 0.09 30.17 -44.44
C LEU E 422 0.11 29.07 -45.49
N TYR E 423 -0.81 29.16 -46.45
CA TYR E 423 -0.90 28.17 -47.51
C TYR E 423 -1.46 28.80 -48.77
N SER E 424 -1.20 28.15 -49.89
CA SER E 424 -1.69 28.59 -51.20
C SER E 424 -2.35 27.41 -51.90
N ALA E 425 -3.54 27.63 -52.42
CA ALA E 425 -4.27 26.62 -53.19
C ALA E 425 -4.45 27.08 -54.63
N ASN E 426 -4.83 26.13 -55.47
CA ASN E 426 -5.07 26.39 -56.89
C ASN E 426 -6.57 26.41 -57.14
N THR E 427 -7.04 27.48 -57.79
CA THR E 427 -8.47 27.67 -58.01
C THR E 427 -9.00 26.83 -59.17
N VAL E 428 -8.13 26.14 -59.89
CA VAL E 428 -8.55 25.24 -60.95
C VAL E 428 -8.54 23.83 -60.36
N GLY E 429 -9.09 22.88 -61.13
CA GLY E 429 -9.29 21.52 -60.65
C GLY E 429 -8.11 20.84 -59.99
N ASN E 430 -6.92 21.44 -60.10
CA ASN E 430 -5.76 20.94 -59.37
C ASN E 430 -6.02 20.93 -57.86
N PHE E 431 -6.48 22.06 -57.32
CA PHE E 431 -6.78 22.20 -55.89
C PHE E 431 -5.59 21.77 -55.02
N ASN E 432 -4.40 22.25 -55.40
CA ASN E 432 -3.16 21.87 -54.73
C ASN E 432 -2.85 22.88 -53.63
N ARG E 433 -3.02 22.46 -52.38
CA ARG E 433 -2.70 23.30 -51.22
C ARG E 433 -1.21 23.16 -50.92
N GLN E 434 -0.41 23.93 -51.64
CA GLN E 434 1.05 23.88 -51.50
C GLN E 434 1.49 24.62 -50.25
N CYS E 435 2.62 24.20 -49.69
CA CYS E 435 3.29 24.96 -48.63
C CYS E 435 3.93 26.22 -49.19
N LEU E 436 3.57 27.36 -48.61
CA LEU E 436 4.36 28.58 -48.71
C LEU E 436 5.10 28.86 -47.42
N SER E 437 4.41 28.82 -46.28
CA SER E 437 5.09 28.88 -44.99
C SER E 437 5.40 27.48 -44.47
N CYS E 438 4.36 26.69 -44.19
CA CYS E 438 4.44 25.25 -43.94
C CYS E 438 5.68 24.89 -43.11
N ASP E 439 5.83 25.64 -42.00
CA ASP E 439 6.97 25.52 -41.11
C ASP E 439 8.31 25.80 -41.82
N LEU E 440 8.44 27.02 -42.32
CA LEU E 440 9.72 27.46 -42.87
C LEU E 440 10.66 28.01 -41.81
N VAL E 441 10.20 28.17 -40.57
CA VAL E 441 11.02 28.60 -39.44
C VAL E 441 10.91 27.56 -38.35
N GLU E 442 12.05 27.16 -37.79
CA GLU E 442 12.09 26.03 -36.86
C GLU E 442 11.31 26.32 -35.58
N ASN E 443 11.38 27.55 -35.06
CA ASN E 443 10.92 27.82 -33.71
C ASN E 443 9.43 28.11 -33.65
N CYS E 444 8.95 29.08 -34.44
CA CYS E 444 7.62 29.63 -34.20
C CYS E 444 6.52 28.63 -34.58
N THR E 445 6.51 28.18 -35.83
CA THR E 445 5.44 27.34 -36.40
C THR E 445 4.08 28.01 -36.30
N TYR E 446 4.04 29.28 -35.92
CA TYR E 446 2.84 30.10 -35.89
C TYR E 446 3.03 31.18 -36.94
N PHE E 447 1.96 31.55 -37.64
CA PHE E 447 2.12 32.41 -38.81
C PHE E 447 0.93 33.33 -38.99
N SER E 448 1.21 34.47 -39.63
CA SER E 448 0.19 35.41 -40.07
C SER E 448 0.78 36.21 -41.22
N ALA E 449 0.14 36.16 -42.39
CA ALA E 449 0.69 36.74 -43.60
C ALA E 449 -0.23 37.80 -44.18
N SER E 450 0.38 38.79 -44.84
CA SER E 450 -0.35 39.87 -45.49
C SER E 450 0.31 40.17 -46.82
N PHE E 451 -0.46 40.07 -47.90
CA PHE E 451 0.06 40.22 -49.25
C PHE E 451 -0.23 41.63 -49.80
N SER E 452 0.26 41.86 -51.02
CA SER E 452 0.16 43.17 -51.67
C SER E 452 -0.90 43.13 -52.77
N HIS E 453 -0.98 44.21 -53.55
CA HIS E 453 -1.97 44.30 -54.61
C HIS E 453 -1.75 43.24 -55.69
N SER E 454 -0.49 42.94 -56.01
CA SER E 454 -0.18 41.82 -56.89
C SER E 454 0.15 40.54 -56.12
N MET E 455 0.20 40.61 -54.79
CA MET E 455 0.52 39.46 -53.94
C MET E 455 1.84 38.79 -54.34
N ASP E 456 2.74 39.55 -54.97
CA ASP E 456 4.09 39.03 -55.21
C ASP E 456 4.92 39.04 -53.94
N PHE E 457 4.81 40.09 -53.14
CA PHE E 457 5.57 40.26 -51.91
C PHE E 457 4.61 40.35 -50.72
N PHE E 458 4.92 39.62 -49.66
CA PHE E 458 4.07 39.55 -48.50
C PHE E 458 4.89 39.60 -47.22
N LEU E 459 4.26 40.09 -46.15
CA LEU E 459 4.87 40.14 -44.83
C LEU E 459 4.37 38.96 -44.00
N LEU E 460 5.28 38.35 -43.24
CA LEU E 460 5.00 37.18 -42.42
C LEU E 460 5.38 37.46 -40.98
N LYS E 461 4.55 36.96 -40.06
CA LYS E 461 4.79 37.14 -38.62
C LYS E 461 4.63 35.80 -37.91
N CYS E 462 5.60 35.46 -37.07
CA CYS E 462 5.54 34.21 -36.33
C CYS E 462 4.66 34.31 -35.09
N GLU E 463 5.06 35.16 -34.13
CA GLU E 463 4.30 35.40 -32.91
C GLU E 463 4.10 34.11 -32.10
N GLY E 464 5.22 33.55 -31.63
CA GLY E 464 5.18 32.48 -30.66
C GLY E 464 5.34 31.10 -31.23
N PRO E 465 5.68 30.11 -30.37
CA PRO E 465 5.96 30.28 -28.94
C PRO E 465 7.29 30.95 -28.66
N GLY E 466 8.08 31.14 -29.71
CA GLY E 466 9.33 31.86 -29.59
C GLY E 466 9.11 33.36 -29.66
N VAL E 467 10.22 34.08 -29.67
CA VAL E 467 10.15 35.55 -29.81
C VAL E 467 9.51 35.88 -31.15
N PRO E 468 8.53 36.78 -31.21
CA PRO E 468 7.85 37.05 -32.48
C PRO E 468 8.81 37.57 -33.54
N MET E 469 8.52 37.20 -34.79
CA MET E 469 9.32 37.59 -35.93
C MET E 469 8.45 38.39 -36.89
N VAL E 470 9.07 39.37 -37.55
CA VAL E 470 8.42 40.13 -38.61
C VAL E 470 9.37 40.12 -39.80
N THR E 471 8.91 39.54 -40.91
CA THR E 471 9.80 39.25 -42.03
C THR E 471 9.12 39.62 -43.35
N VAL E 472 9.93 39.99 -44.33
CA VAL E 472 9.49 40.19 -45.70
C VAL E 472 9.77 38.91 -46.48
N HIS E 473 8.89 38.59 -47.43
CA HIS E 473 9.04 37.38 -48.22
C HIS E 473 8.35 37.58 -49.56
N ASN E 474 8.62 36.69 -50.51
CA ASN E 474 7.98 36.72 -51.80
C ASN E 474 7.36 35.36 -52.12
N THR E 475 6.28 35.39 -52.90
CA THR E 475 5.64 34.16 -53.35
C THR E 475 6.34 33.52 -54.54
N THR E 476 7.31 34.22 -55.14
CA THR E 476 8.02 33.68 -56.29
C THR E 476 9.19 32.79 -55.84
N ASP E 477 10.11 33.35 -55.05
CA ASP E 477 11.29 32.63 -54.60
C ASP E 477 11.18 32.11 -53.18
N LYS E 478 10.25 32.62 -52.39
CA LYS E 478 10.12 32.25 -50.96
C LYS E 478 11.44 32.48 -50.23
N LYS E 479 12.12 33.58 -50.58
CA LYS E 479 13.41 33.93 -50.00
C LYS E 479 13.24 35.04 -48.97
N LYS E 480 14.09 35.00 -47.95
CA LYS E 480 14.07 35.98 -46.87
C LYS E 480 15.14 37.02 -47.16
N MET E 481 14.72 38.17 -47.70
CA MET E 481 15.66 39.25 -47.96
C MET E 481 16.22 39.83 -46.67
N PHE E 482 15.34 40.14 -45.72
CA PHE E 482 15.74 40.69 -44.43
C PHE E 482 14.56 40.60 -43.48
N ASP E 483 14.86 40.64 -42.18
CA ASP E 483 13.84 40.63 -41.15
C ASP E 483 13.40 42.06 -40.86
N LEU E 484 12.09 42.30 -40.93
CA LEU E 484 11.59 43.65 -40.74
C LEU E 484 11.65 44.05 -39.27
N GLU E 485 11.35 43.11 -38.38
CA GLU E 485 11.47 43.34 -36.94
C GLU E 485 11.73 42.01 -36.26
N THR E 486 12.71 41.98 -35.36
CA THR E 486 13.12 40.74 -34.70
C THR E 486 12.83 40.71 -33.21
N ASN E 487 12.39 41.82 -32.62
CA ASN E 487 12.22 41.92 -31.16
C ASN E 487 13.50 41.51 -30.43
N GLU E 488 14.61 42.13 -30.85
CA GLU E 488 15.92 41.78 -30.29
C GLU E 488 15.94 41.97 -28.78
N HIS E 489 15.28 43.01 -28.28
CA HIS E 489 15.16 43.16 -26.83
C HIS E 489 14.43 41.98 -26.22
N VAL E 490 13.33 41.54 -26.85
CA VAL E 490 12.65 40.34 -26.39
C VAL E 490 13.53 39.10 -26.60
N LYS E 491 14.31 39.08 -27.68
CA LYS E 491 15.19 37.95 -27.93
C LYS E 491 16.19 37.76 -26.80
N LYS E 492 16.78 38.85 -26.31
CA LYS E 492 17.71 38.72 -25.19
C LYS E 492 16.97 38.53 -23.87
N ALA E 493 15.79 39.12 -23.72
CA ALA E 493 15.04 38.98 -22.46
C ALA E 493 14.58 37.55 -22.23
N ILE E 494 14.21 36.85 -23.30
CA ILE E 494 13.72 35.48 -23.15
C ILE E 494 14.79 34.56 -22.60
N ASN E 495 16.07 34.93 -22.76
CA ASN E 495 17.16 34.19 -22.15
C ASN E 495 17.70 34.86 -20.89
N ASP E 496 17.31 36.11 -20.63
CA ASP E 496 17.77 36.79 -19.42
C ASP E 496 17.26 36.10 -18.16
N ARG E 497 15.99 35.67 -18.17
CA ARG E 497 15.35 35.11 -16.99
C ARG E 497 14.99 33.64 -17.22
N GLN E 498 14.42 33.03 -16.20
CA GLN E 498 14.04 31.62 -16.23
C GLN E 498 12.62 31.50 -16.74
N MET E 499 12.46 31.46 -18.06
CA MET E 499 11.14 31.37 -18.65
C MET E 499 10.54 30.00 -18.38
N PRO E 500 9.24 29.93 -18.11
CA PRO E 500 8.60 28.63 -17.88
C PRO E 500 8.67 27.74 -19.11
N LYS E 501 8.86 26.44 -18.87
CA LYS E 501 8.83 25.46 -19.94
C LYS E 501 7.38 25.03 -20.21
N VAL E 502 7.05 24.89 -21.48
CA VAL E 502 5.69 24.59 -21.92
C VAL E 502 5.58 23.11 -22.23
N GLU E 503 4.41 22.54 -21.95
CA GLU E 503 4.11 21.15 -22.23
C GLU E 503 2.71 21.07 -22.83
N TYR E 504 2.46 20.00 -23.58
CA TYR E 504 1.17 19.78 -24.19
C TYR E 504 0.75 18.34 -24.00
N ARG E 505 -0.56 18.13 -23.81
CA ARG E 505 -1.11 16.80 -23.59
C ARG E 505 -2.53 16.79 -24.12
N ASP E 506 -2.71 16.25 -25.32
CA ASP E 506 -4.04 16.14 -25.90
C ASP E 506 -4.91 15.18 -25.08
N ILE E 507 -6.18 15.52 -24.96
CA ILE E 507 -7.14 14.71 -24.23
C ILE E 507 -8.24 14.30 -25.20
N GLU E 508 -8.90 13.19 -24.89
CA GLU E 508 -10.01 12.70 -25.71
C GLU E 508 -11.13 12.24 -24.79
N ILE E 509 -12.34 12.78 -25.02
CA ILE E 509 -13.52 12.40 -24.25
C ILE E 509 -14.65 12.10 -25.23
N ASP E 510 -15.25 10.92 -25.09
CA ASP E 510 -16.31 10.44 -26.00
C ASP E 510 -15.70 10.44 -27.41
N ASP E 511 -16.31 11.08 -28.40
CA ASP E 511 -15.75 11.21 -29.73
C ASP E 511 -15.21 12.60 -29.98
N TYR E 512 -14.63 13.23 -28.96
CA TYR E 512 -14.16 14.60 -29.04
C TYR E 512 -12.70 14.69 -28.63
N ASN E 513 -11.94 15.48 -29.37
CA ASN E 513 -10.52 15.73 -29.09
C ASN E 513 -10.35 17.15 -28.56
N LEU E 514 -9.49 17.29 -27.55
CA LEU E 514 -9.38 18.52 -26.77
C LEU E 514 -7.92 18.83 -26.46
N PRO E 515 -7.34 19.85 -27.09
CA PRO E 515 -5.97 20.24 -26.76
C PRO E 515 -5.86 20.80 -25.34
N MET E 516 -4.65 20.72 -24.80
CA MET E 516 -4.42 21.14 -23.42
C MET E 516 -2.96 21.53 -23.27
N GLN E 517 -2.71 22.59 -22.50
CA GLN E 517 -1.40 23.20 -22.35
C GLN E 517 -1.04 23.32 -20.87
N ILE E 518 0.25 23.20 -20.57
CA ILE E 518 0.77 23.23 -19.21
C ILE E 518 2.02 24.11 -19.20
N LEU E 519 2.23 24.79 -18.07
CA LEU E 519 3.48 25.51 -17.86
C LEU E 519 4.15 25.02 -16.58
N LYS E 520 5.47 25.03 -16.59
CA LYS E 520 6.28 24.63 -15.44
C LYS E 520 7.40 25.64 -15.24
N PRO E 521 7.91 25.77 -14.01
CA PRO E 521 8.94 26.79 -13.74
C PRO E 521 10.29 26.50 -14.37
N ALA E 522 10.45 25.34 -15.02
CA ALA E 522 11.65 24.96 -15.77
C ALA E 522 12.83 24.65 -14.86
N THR E 523 12.67 24.85 -13.56
CA THR E 523 13.64 24.45 -12.55
C THR E 523 13.00 23.46 -11.58
N PHE E 524 12.20 22.54 -12.12
CA PHE E 524 11.43 21.63 -11.30
C PHE E 524 12.31 20.61 -10.60
N THR E 525 11.98 20.32 -9.34
CA THR E 525 12.61 19.27 -8.56
C THR E 525 11.55 18.29 -8.08
N ASP E 526 11.84 17.00 -8.24
CA ASP E 526 10.82 15.99 -7.96
C ASP E 526 10.44 15.95 -6.49
N THR E 527 11.36 16.31 -5.60
CA THR E 527 11.05 16.30 -4.16
C THR E 527 9.98 17.31 -3.81
N THR E 528 10.07 18.52 -4.38
CA THR E 528 9.11 19.57 -4.06
C THR E 528 7.78 19.33 -4.76
N HIS E 529 6.70 19.71 -4.09
CA HIS E 529 5.35 19.66 -4.65
C HIS E 529 4.94 21.06 -5.08
N TYR E 530 4.35 21.15 -6.28
CA TYR E 530 3.89 22.44 -6.80
C TYR E 530 2.38 22.44 -6.95
N PRO E 531 1.72 23.53 -6.57
CA PRO E 531 0.25 23.58 -6.65
C PRO E 531 -0.23 23.76 -8.08
N LEU E 532 -1.53 23.53 -8.26
CA LEU E 532 -2.17 23.57 -9.56
C LEU E 532 -3.05 24.83 -9.67
N LEU E 533 -2.94 25.51 -10.81
CA LEU E 533 -3.80 26.63 -11.14
C LEU E 533 -4.44 26.37 -12.50
N LEU E 534 -5.76 26.53 -12.57
CA LEU E 534 -6.53 26.23 -13.78
C LEU E 534 -7.17 27.51 -14.29
N VAL E 535 -6.81 27.90 -15.52
CA VAL E 535 -7.34 29.09 -16.15
C VAL E 535 -8.17 28.67 -17.37
N VAL E 536 -9.40 29.14 -17.44
CA VAL E 536 -10.29 28.85 -18.57
C VAL E 536 -11.05 30.11 -18.97
N ASP E 537 -11.43 30.16 -20.24
CA ASP E 537 -12.34 31.17 -20.76
C ASP E 537 -13.65 30.55 -21.21
N GLY E 538 -13.59 29.56 -22.10
CA GLY E 538 -14.75 28.79 -22.49
C GLY E 538 -15.74 29.50 -23.40
N THR E 539 -15.47 30.74 -23.78
CA THR E 539 -16.40 31.47 -24.63
C THR E 539 -16.39 30.89 -26.05
N PRO E 540 -17.55 30.90 -26.72
CA PRO E 540 -17.60 30.39 -28.09
C PRO E 540 -16.72 31.19 -29.03
N GLY E 541 -16.17 30.51 -30.03
CA GLY E 541 -15.27 31.14 -30.96
C GLY E 541 -13.95 31.58 -30.34
N SER E 542 -13.36 30.74 -29.50
CA SER E 542 -12.12 31.05 -28.83
C SER E 542 -11.26 29.80 -28.74
N GLN E 543 -9.99 30.00 -28.40
CA GLN E 543 -9.03 28.89 -28.30
C GLN E 543 -8.03 29.26 -27.19
N SER E 544 -8.32 28.77 -25.98
CA SER E 544 -7.45 29.07 -24.84
C SER E 544 -6.12 28.34 -24.96
N VAL E 545 -6.13 27.11 -25.48
CA VAL E 545 -4.90 26.31 -25.63
C VAL E 545 -4.30 26.70 -26.97
N ALA E 546 -3.42 27.69 -26.95
CA ALA E 546 -2.71 28.14 -28.13
C ALA E 546 -1.24 28.32 -27.81
N GLU E 547 -0.40 28.18 -28.83
CA GLU E 547 1.05 28.31 -28.68
C GLU E 547 1.51 29.76 -28.71
N LYS E 548 0.62 30.71 -28.52
CA LYS E 548 0.98 32.11 -28.62
C LYS E 548 1.94 32.50 -27.51
N PHE E 549 2.94 33.31 -27.87
CA PHE E 549 3.89 33.84 -26.89
C PHE E 549 3.28 35.02 -26.17
N GLU E 550 3.37 35.01 -24.84
CA GLU E 550 2.77 36.06 -24.05
C GLU E 550 3.40 36.06 -22.66
N VAL E 551 3.46 37.24 -22.06
CA VAL E 551 3.87 37.42 -20.67
C VAL E 551 2.71 38.02 -19.90
N SER E 552 2.34 37.36 -18.81
CA SER E 552 1.17 37.77 -18.03
C SER E 552 1.42 37.37 -16.58
N TRP E 553 0.36 37.41 -15.76
CA TRP E 553 0.48 37.01 -14.37
C TRP E 553 0.81 35.53 -14.26
N GLU E 554 0.35 34.72 -15.22
CA GLU E 554 0.57 33.28 -15.16
C GLU E 554 2.05 32.96 -15.20
N THR E 555 2.79 33.54 -16.16
CA THR E 555 4.21 33.25 -16.28
C THR E 555 4.98 33.73 -15.06
N VAL E 556 4.66 34.92 -14.56
CA VAL E 556 5.35 35.47 -13.39
C VAL E 556 5.11 34.56 -12.18
N MET E 557 3.85 34.15 -11.98
CA MET E 557 3.53 33.29 -10.85
C MET E 557 4.23 31.93 -10.96
N VAL E 558 4.22 31.34 -12.16
CA VAL E 558 4.87 30.05 -12.36
C VAL E 558 6.37 30.16 -12.09
N SER E 559 6.99 31.24 -12.58
CA SER E 559 8.43 31.41 -12.39
C SER E 559 8.78 31.62 -10.93
N SER E 560 8.10 32.55 -10.26
CA SER E 560 8.51 32.97 -8.92
C SER E 560 7.87 32.12 -7.83
N HIS E 561 6.53 32.12 -7.77
CA HIS E 561 5.84 31.50 -6.65
C HIS E 561 5.89 29.98 -6.68
N GLY E 562 6.38 29.38 -7.75
CA GLY E 562 6.50 27.94 -7.82
C GLY E 562 5.17 27.22 -7.91
N ALA E 563 4.47 27.41 -9.03
CA ALA E 563 3.21 26.73 -9.27
C ALA E 563 3.11 26.43 -10.76
N VAL E 564 2.27 25.45 -11.09
CA VAL E 564 2.06 25.03 -12.47
C VAL E 564 0.65 25.41 -12.88
N VAL E 565 0.51 25.98 -14.08
CA VAL E 565 -0.77 26.40 -14.61
C VAL E 565 -1.14 25.50 -15.78
N VAL E 566 -2.41 25.12 -15.86
CA VAL E 566 -2.93 24.23 -16.87
C VAL E 566 -4.15 24.87 -17.52
N LYS E 567 -4.21 24.84 -18.85
CA LYS E 567 -5.35 25.31 -19.61
C LYS E 567 -5.85 24.18 -20.47
N CYS E 568 -7.15 23.87 -20.40
CA CYS E 568 -7.73 22.82 -21.22
C CYS E 568 -8.90 23.38 -22.00
N ASP E 569 -8.84 23.28 -23.33
CA ASP E 569 -9.95 23.69 -24.17
C ASP E 569 -11.08 22.68 -24.04
N GLY E 570 -12.31 23.18 -23.90
CA GLY E 570 -13.48 22.34 -23.73
C GLY E 570 -14.40 22.37 -24.94
N ARG E 571 -15.56 21.76 -24.77
CA ARG E 571 -16.55 21.70 -25.83
C ARG E 571 -17.13 23.10 -26.09
N GLY E 572 -17.46 23.37 -27.34
CA GLY E 572 -18.02 24.64 -27.75
C GLY E 572 -17.02 25.59 -28.38
N SER E 573 -15.73 25.36 -28.19
CA SER E 573 -14.73 26.20 -28.83
C SER E 573 -14.66 25.91 -30.33
N GLY E 574 -14.38 26.95 -31.10
CA GLY E 574 -14.30 26.83 -32.54
C GLY E 574 -12.93 26.36 -33.00
N PHE E 575 -12.80 26.31 -34.33
CA PHE E 575 -11.60 25.93 -35.07
C PHE E 575 -11.23 24.46 -34.92
N GLN E 576 -11.93 23.70 -34.10
CA GLN E 576 -11.61 22.31 -33.80
C GLN E 576 -12.77 21.39 -34.15
N GLY E 577 -13.55 21.78 -35.15
CA GLY E 577 -14.70 21.01 -35.56
C GLY E 577 -16.03 21.67 -35.22
N THR E 578 -16.87 21.84 -36.24
CA THR E 578 -18.14 22.55 -36.05
C THR E 578 -19.13 21.70 -35.25
N LYS E 579 -18.99 20.37 -35.29
CA LYS E 579 -19.80 19.51 -34.42
C LYS E 579 -19.46 19.77 -32.95
N LEU E 580 -18.17 19.96 -32.64
CA LEU E 580 -17.76 20.30 -31.29
C LEU E 580 -18.00 21.78 -30.99
N LEU E 581 -18.73 22.49 -31.86
CA LEU E 581 -19.17 23.87 -31.64
C LEU E 581 -20.67 23.97 -31.39
N HIS E 582 -21.49 23.35 -32.23
CA HIS E 582 -22.94 23.50 -32.13
C HIS E 582 -23.57 22.71 -30.97
N GLU E 583 -22.85 21.76 -30.37
CA GLU E 583 -23.44 20.91 -29.35
C GLU E 583 -23.73 21.64 -28.05
N VAL E 584 -23.26 22.88 -27.89
CA VAL E 584 -23.47 23.64 -26.68
C VAL E 584 -24.69 24.56 -26.78
N ARG E 585 -25.57 24.31 -27.75
CA ARG E 585 -26.79 25.10 -27.87
C ARG E 585 -27.66 24.88 -26.64
N ARG E 586 -27.93 25.96 -25.90
CA ARG E 586 -28.69 25.99 -24.66
C ARG E 586 -28.01 25.24 -23.53
N ARG E 587 -26.81 24.69 -23.75
CA ARG E 587 -26.06 23.95 -22.75
C ARG E 587 -24.65 24.52 -22.63
N LEU E 588 -24.58 25.85 -22.52
CA LEU E 588 -23.29 26.53 -22.46
C LEU E 588 -22.74 26.45 -21.04
N GLY E 589 -21.55 25.86 -20.90
CA GLY E 589 -20.86 25.84 -19.63
C GLY E 589 -20.61 24.47 -19.03
N LEU E 590 -21.62 23.60 -19.09
CA LEU E 590 -21.52 22.30 -18.41
C LEU E 590 -20.50 21.39 -19.08
N LEU E 591 -20.48 21.38 -20.41
CA LEU E 591 -19.62 20.44 -21.14
C LEU E 591 -18.14 20.77 -20.92
N GLU E 592 -17.77 22.03 -21.10
CA GLU E 592 -16.35 22.38 -20.95
C GLU E 592 -15.91 22.32 -19.49
N GLU E 593 -16.82 22.54 -18.54
CA GLU E 593 -16.41 22.36 -17.14
C GLU E 593 -16.28 20.90 -16.77
N LYS E 594 -17.09 20.03 -17.37
CA LYS E 594 -16.85 18.59 -17.24
C LYS E 594 -15.48 18.23 -17.81
N ASP E 595 -15.12 18.81 -18.95
CA ASP E 595 -13.80 18.57 -19.53
C ASP E 595 -12.69 19.05 -18.61
N GLN E 596 -12.87 20.23 -18.01
CA GLN E 596 -11.87 20.74 -17.07
C GLN E 596 -11.75 19.85 -15.84
N MET E 597 -12.88 19.36 -15.32
CA MET E 597 -12.84 18.47 -14.17
C MET E 597 -12.12 17.17 -14.52
N GLU E 598 -12.39 16.64 -15.71
CA GLU E 598 -11.67 15.45 -16.17
C GLU E 598 -10.17 15.73 -16.28
N ALA E 599 -9.82 16.92 -16.79
CA ALA E 599 -8.40 17.28 -16.88
C ALA E 599 -7.75 17.33 -15.51
N VAL E 600 -8.47 17.87 -14.51
CA VAL E 600 -7.95 17.89 -13.15
C VAL E 600 -7.75 16.47 -12.65
N ARG E 601 -8.77 15.62 -12.83
CA ARG E 601 -8.66 14.23 -12.39
C ARG E 601 -7.57 13.47 -13.14
N THR E 602 -7.26 13.86 -14.37
CA THR E 602 -6.13 13.29 -15.10
C THR E 602 -4.84 14.07 -14.87
N MET E 603 -4.88 15.13 -14.05
CA MET E 603 -3.69 15.82 -13.58
C MET E 603 -3.38 15.56 -12.12
N LEU E 604 -4.37 15.18 -11.32
CA LEU E 604 -4.14 14.86 -9.92
C LEU E 604 -3.37 13.56 -9.73
N LYS E 605 -3.23 12.75 -10.79
CA LYS E 605 -2.51 11.49 -10.68
C LYS E 605 -1.01 11.66 -10.59
N GLU E 606 -0.48 12.84 -10.91
CA GLU E 606 0.96 13.04 -10.90
C GLU E 606 1.51 12.91 -9.49
N GLN E 607 2.64 12.20 -9.37
CA GLN E 607 3.29 12.00 -8.08
C GLN E 607 3.89 13.28 -7.54
N TYR E 608 4.14 14.28 -8.39
CA TYR E 608 4.79 15.52 -8.00
C TYR E 608 3.80 16.63 -7.68
N ILE E 609 2.50 16.36 -7.74
CA ILE E 609 1.49 17.38 -7.49
C ILE E 609 0.62 16.93 -6.33
N ASP E 610 0.07 17.91 -5.61
CA ASP E 610 -0.73 17.66 -4.42
C ASP E 610 -2.17 18.10 -4.66
N ARG E 611 -3.10 17.40 -4.01
CA ARG E 611 -4.52 17.69 -4.15
C ARG E 611 -4.99 18.82 -3.25
N THR E 612 -4.20 19.24 -2.27
CA THR E 612 -4.65 20.24 -1.31
C THR E 612 -4.74 21.62 -1.95
N ARG E 613 -3.71 22.03 -2.69
CA ARG E 613 -3.62 23.38 -3.24
C ARG E 613 -3.98 23.34 -4.72
N VAL E 614 -5.27 23.50 -5.01
CA VAL E 614 -5.78 23.57 -6.36
C VAL E 614 -6.64 24.82 -6.48
N ALA E 615 -6.35 25.67 -7.46
CA ALA E 615 -7.02 26.96 -7.60
C ALA E 615 -7.53 27.13 -9.03
N VAL E 616 -8.55 27.97 -9.16
CA VAL E 616 -9.18 28.25 -10.45
C VAL E 616 -9.19 29.76 -10.67
N PHE E 617 -9.20 30.14 -11.95
CA PHE E 617 -9.27 31.54 -12.34
C PHE E 617 -10.20 31.65 -13.55
N GLY E 618 -10.81 32.81 -13.70
CA GLY E 618 -11.65 33.07 -14.85
C GLY E 618 -11.90 34.56 -15.02
N LYS E 619 -12.36 34.91 -16.22
CA LYS E 619 -12.70 36.30 -16.51
C LYS E 619 -13.77 36.32 -17.58
N ASP E 620 -14.53 37.41 -17.61
CA ASP E 620 -15.67 37.56 -18.50
C ASP E 620 -16.59 36.36 -18.40
N TYR E 621 -16.83 35.68 -19.52
CA TYR E 621 -17.66 34.47 -19.49
C TYR E 621 -17.04 33.41 -18.60
N GLY E 622 -15.70 33.30 -18.63
CA GLY E 622 -15.02 32.38 -17.75
C GLY E 622 -15.25 32.66 -16.28
N GLY E 623 -15.67 33.88 -15.95
CA GLY E 623 -16.06 34.16 -14.58
C GLY E 623 -17.17 33.24 -14.10
N TYR E 624 -18.10 32.89 -15.00
CA TYR E 624 -19.06 31.85 -14.69
C TYR E 624 -18.35 30.53 -14.42
N LEU E 625 -17.48 30.11 -15.35
CA LEU E 625 -16.83 28.82 -15.22
C LEU E 625 -16.00 28.74 -13.95
N SER E 626 -15.24 29.79 -13.64
CA SER E 626 -14.42 29.81 -12.44
C SER E 626 -15.27 29.70 -11.18
N THR E 627 -16.57 29.94 -11.27
CA THR E 627 -17.48 29.74 -10.15
C THR E 627 -18.29 28.46 -10.26
N TYR E 628 -18.42 27.90 -11.45
CA TYR E 628 -19.28 26.75 -11.67
C TYR E 628 -18.53 25.42 -11.58
N ILE E 629 -17.24 25.46 -11.25
CA ILE E 629 -16.41 24.26 -11.24
C ILE E 629 -15.99 24.01 -9.79
N LEU E 630 -16.88 24.30 -8.85
CA LEU E 630 -16.60 24.12 -7.42
C LEU E 630 -17.69 23.28 -6.77
N PRO E 631 -17.81 21.99 -7.13
CA PRO E 631 -18.70 21.10 -6.37
C PRO E 631 -17.95 20.39 -5.25
N ALA E 632 -18.63 19.52 -4.53
CA ALA E 632 -18.00 18.63 -3.56
C ALA E 632 -18.25 17.20 -4.03
N LYS E 633 -17.29 16.65 -4.77
CA LYS E 633 -17.43 15.32 -5.37
C LYS E 633 -17.75 14.27 -4.32
N GLY E 634 -18.84 13.54 -4.53
CA GLY E 634 -19.25 12.54 -3.56
C GLY E 634 -19.49 13.15 -2.19
N GLU E 635 -18.88 12.54 -1.18
CA GLU E 635 -18.91 13.07 0.17
C GLU E 635 -17.52 13.22 0.77
N ASN E 636 -16.58 12.35 0.41
CA ASN E 636 -15.23 12.39 0.95
C ASN E 636 -14.28 13.21 0.07
N GLN E 637 -14.29 12.97 -1.24
CA GLN E 637 -13.40 13.68 -2.17
C GLN E 637 -13.95 15.10 -2.39
N GLY E 638 -13.90 15.89 -1.33
CA GLY E 638 -14.28 17.28 -1.38
C GLY E 638 -13.09 18.19 -1.57
N GLN E 639 -13.31 19.47 -1.28
CA GLN E 639 -12.26 20.49 -1.35
C GLN E 639 -11.61 20.50 -2.73
N THR E 640 -12.45 20.56 -3.76
CA THR E 640 -11.95 20.54 -5.13
C THR E 640 -11.05 21.74 -5.41
N PHE E 641 -11.45 22.93 -4.95
CA PHE E 641 -10.66 24.14 -5.12
C PHE E 641 -10.56 24.85 -3.78
N THR E 642 -9.34 25.00 -3.28
CA THR E 642 -9.14 25.69 -2.01
C THR E 642 -9.44 27.17 -2.14
N CYS E 643 -8.72 27.87 -3.02
CA CYS E 643 -8.93 29.28 -3.27
C CYS E 643 -9.39 29.46 -4.71
N GLY E 644 -10.51 30.15 -4.89
CA GLY E 644 -11.05 30.43 -6.21
C GLY E 644 -11.13 31.93 -6.44
N SER E 645 -10.93 32.33 -7.69
CA SER E 645 -11.02 33.73 -8.07
C SER E 645 -11.63 33.85 -9.45
N ALA E 646 -12.22 35.01 -9.72
CA ALA E 646 -12.83 35.28 -11.02
C ALA E 646 -12.89 36.79 -11.21
N LEU E 647 -13.01 37.19 -12.47
CA LEU E 647 -13.10 38.60 -12.85
C LEU E 647 -14.39 38.83 -13.62
N SER E 648 -15.17 39.81 -13.19
CA SER E 648 -16.46 40.17 -13.76
C SER E 648 -17.31 38.92 -14.09
N PRO E 649 -17.57 38.07 -13.10
CA PRO E 649 -18.31 36.84 -13.39
C PRO E 649 -19.74 37.13 -13.81
N ILE E 650 -20.28 36.23 -14.64
CA ILE E 650 -21.66 36.30 -15.10
C ILE E 650 -22.40 35.09 -14.55
N THR E 651 -23.55 35.34 -13.91
CA THR E 651 -24.36 34.27 -13.35
C THR E 651 -25.77 34.23 -13.92
N ASP E 652 -26.35 35.37 -14.29
CA ASP E 652 -27.69 35.43 -14.85
C ASP E 652 -27.56 35.92 -16.29
N PHE E 653 -27.58 34.99 -17.23
CA PHE E 653 -27.36 35.34 -18.64
C PHE E 653 -28.48 36.21 -19.19
N LYS E 654 -29.66 36.21 -18.58
CA LYS E 654 -30.73 37.10 -19.04
C LYS E 654 -30.42 38.56 -18.76
N LEU E 655 -29.49 38.84 -17.85
CA LEU E 655 -29.01 40.19 -17.59
C LEU E 655 -27.87 40.58 -18.52
N TYR E 656 -27.67 39.84 -19.61
CA TYR E 656 -26.57 40.07 -20.54
C TYR E 656 -27.15 40.38 -21.92
N ALA E 657 -26.27 40.54 -22.90
CA ALA E 657 -26.68 40.93 -24.24
C ALA E 657 -27.63 39.90 -24.85
N SER E 658 -28.60 40.39 -25.62
CA SER E 658 -29.47 39.50 -26.37
C SER E 658 -28.70 38.72 -27.42
N ALA E 659 -27.74 39.37 -28.08
CA ALA E 659 -26.97 38.73 -29.15
C ALA E 659 -26.10 37.59 -28.64
N PHE E 660 -25.91 37.47 -27.33
CA PHE E 660 -25.19 36.36 -26.73
C PHE E 660 -26.11 35.38 -26.01
N SER E 661 -27.10 35.87 -25.28
CA SER E 661 -28.03 34.97 -24.60
C SER E 661 -28.88 34.20 -25.61
N GLU E 662 -29.50 34.91 -26.55
CA GLU E 662 -30.36 34.26 -27.52
C GLU E 662 -29.57 33.38 -28.49
N ARG E 663 -28.35 33.79 -28.82
CA ARG E 663 -27.58 33.08 -29.85
C ARG E 663 -27.25 31.66 -29.41
N TYR E 664 -26.89 31.47 -28.14
CA TYR E 664 -26.44 30.16 -27.67
C TYR E 664 -27.39 29.49 -26.68
N LEU E 665 -28.03 30.25 -25.80
CA LEU E 665 -28.94 29.67 -24.81
C LEU E 665 -30.39 29.66 -25.26
N GLY E 666 -30.67 30.10 -26.48
CA GLY E 666 -32.03 30.14 -26.97
C GLY E 666 -32.64 31.54 -26.82
N LEU E 667 -33.60 31.83 -27.70
CA LEU E 667 -34.22 33.15 -27.73
C LEU E 667 -34.88 33.46 -26.40
N HIS E 668 -34.62 34.67 -25.89
CA HIS E 668 -35.17 35.09 -24.60
C HIS E 668 -36.58 35.60 -24.77
N GLY E 669 -37.29 35.69 -23.64
CA GLY E 669 -38.68 36.09 -23.62
C GLY E 669 -39.66 34.94 -23.77
N LEU E 670 -39.19 33.78 -24.21
CA LEU E 670 -40.01 32.59 -24.36
C LEU E 670 -39.96 31.69 -23.14
N ASP E 671 -39.20 32.06 -22.11
CA ASP E 671 -38.95 31.22 -20.95
C ASP E 671 -38.39 29.86 -21.38
N ASN E 672 -37.21 29.93 -22.01
CA ASN E 672 -36.55 28.77 -22.58
C ASN E 672 -36.14 27.75 -21.53
N ARG E 673 -36.15 28.14 -20.24
CA ARG E 673 -35.74 27.34 -19.09
C ARG E 673 -34.23 27.10 -19.06
N ALA E 674 -33.50 27.52 -20.08
CA ALA E 674 -32.04 27.59 -19.99
C ALA E 674 -31.59 28.82 -19.22
N TYR E 675 -32.45 29.82 -19.08
CA TYR E 675 -32.16 31.01 -18.30
C TYR E 675 -32.41 30.79 -16.81
N GLU E 676 -32.97 29.64 -16.43
CA GLU E 676 -33.11 29.26 -15.04
C GLU E 676 -32.22 28.10 -14.64
N MET E 677 -31.52 27.48 -15.59
CA MET E 677 -30.60 26.39 -15.30
C MET E 677 -29.14 26.74 -15.57
N THR E 678 -28.87 27.87 -16.23
CA THR E 678 -27.51 28.34 -16.44
C THR E 678 -27.12 29.42 -15.43
N LYS E 679 -27.65 29.35 -14.22
CA LYS E 679 -27.33 30.28 -13.14
C LYS E 679 -26.55 29.53 -12.07
N VAL E 680 -25.28 29.92 -11.90
CA VAL E 680 -24.43 29.29 -10.90
C VAL E 680 -24.86 29.62 -9.48
N ALA E 681 -25.84 30.51 -9.32
CA ALA E 681 -26.31 30.86 -7.99
C ALA E 681 -26.84 29.63 -7.25
N HIS E 682 -27.58 28.78 -7.94
CA HIS E 682 -28.03 27.52 -7.33
C HIS E 682 -26.87 26.56 -7.14
N ARG E 683 -25.80 26.69 -7.92
CA ARG E 683 -24.62 25.83 -7.78
C ARG E 683 -23.62 26.37 -6.77
N VAL E 684 -23.44 27.69 -6.71
CA VAL E 684 -22.53 28.29 -5.74
C VAL E 684 -23.10 28.28 -4.33
N SER E 685 -24.30 27.72 -4.15
CA SER E 685 -24.96 27.78 -2.85
C SER E 685 -24.18 27.01 -1.79
N ALA E 686 -23.65 25.82 -2.13
CA ALA E 686 -23.07 24.97 -1.10
C ALA E 686 -21.85 25.61 -0.44
N LEU E 687 -20.72 25.70 -1.16
CA LEU E 687 -19.54 26.47 -0.78
C LEU E 687 -19.31 26.55 0.73
N GLU E 688 -19.32 25.40 1.41
CA GLU E 688 -19.43 25.38 2.86
C GLU E 688 -18.28 26.12 3.52
N GLU E 689 -17.04 25.83 3.14
CA GLU E 689 -15.89 26.43 3.79
C GLU E 689 -14.87 27.05 2.85
N GLN E 690 -14.97 26.81 1.54
CA GLN E 690 -13.98 27.32 0.61
C GLN E 690 -14.13 28.83 0.45
N GLN E 691 -13.09 29.57 0.83
CA GLN E 691 -13.11 31.02 0.64
C GLN E 691 -12.91 31.35 -0.83
N PHE E 692 -13.45 32.49 -1.24
CA PHE E 692 -13.52 32.83 -2.66
C PHE E 692 -13.34 34.33 -2.82
N LEU E 693 -12.96 34.75 -4.02
CA LEU E 693 -12.66 36.14 -4.30
C LEU E 693 -13.37 36.58 -5.58
N ILE E 694 -13.79 37.85 -5.60
CA ILE E 694 -14.38 38.48 -6.78
C ILE E 694 -13.64 39.78 -7.02
N ILE E 695 -13.27 40.04 -8.26
CA ILE E 695 -12.68 41.32 -8.64
C ILE E 695 -13.48 41.86 -9.82
N HIS E 696 -13.92 43.11 -9.70
CA HIS E 696 -14.82 43.68 -10.69
C HIS E 696 -14.80 45.20 -10.66
N PRO E 697 -14.48 45.86 -11.76
CA PRO E 697 -14.60 47.32 -11.80
C PRO E 697 -16.05 47.77 -11.70
N THR E 698 -16.24 48.97 -11.16
CA THR E 698 -17.58 49.48 -10.94
C THR E 698 -18.28 49.82 -12.25
N ALA E 699 -17.58 50.50 -13.16
CA ALA E 699 -18.17 51.02 -14.39
C ALA E 699 -18.10 50.02 -15.53
N ASP E 700 -18.07 48.72 -15.23
CA ASP E 700 -17.96 47.70 -16.27
C ASP E 700 -19.12 47.77 -17.24
N GLU E 701 -18.81 47.67 -18.54
CA GLU E 701 -19.83 47.62 -19.57
C GLU E 701 -19.89 46.29 -20.31
N LYS E 702 -18.84 45.47 -20.24
CA LYS E 702 -18.89 44.15 -20.85
C LYS E 702 -19.87 43.25 -20.11
N ILE E 703 -19.60 42.97 -18.84
CA ILE E 703 -20.53 42.27 -17.96
C ILE E 703 -20.84 43.23 -16.82
N HIS E 704 -22.08 43.70 -16.77
CA HIS E 704 -22.44 44.75 -15.84
C HIS E 704 -22.27 44.28 -14.39
N PHE E 705 -21.86 45.22 -13.53
CA PHE E 705 -21.57 44.90 -12.14
C PHE E 705 -22.78 44.30 -11.43
N GLN E 706 -23.98 44.56 -11.93
CA GLN E 706 -25.18 43.95 -11.39
C GLN E 706 -25.04 42.43 -11.31
N HIS E 707 -24.45 41.83 -12.34
CA HIS E 707 -24.24 40.38 -12.35
C HIS E 707 -23.53 39.92 -11.08
N THR E 708 -22.53 40.68 -10.63
CA THR E 708 -21.86 40.35 -9.37
C THR E 708 -22.79 40.55 -8.19
N ALA E 709 -23.47 41.70 -8.14
CA ALA E 709 -24.22 42.07 -6.94
C ALA E 709 -25.29 41.04 -6.61
N GLU E 710 -26.10 40.66 -7.62
CA GLU E 710 -27.07 39.61 -7.43
C GLU E 710 -26.41 38.34 -6.89
N LEU E 711 -25.30 37.94 -7.51
CA LEU E 711 -24.54 36.79 -7.04
C LEU E 711 -24.19 36.96 -5.57
N ILE E 712 -23.74 38.16 -5.19
CA ILE E 712 -23.39 38.42 -3.79
C ILE E 712 -24.56 38.10 -2.89
N THR E 713 -25.76 38.54 -3.29
CA THR E 713 -26.95 38.26 -2.48
C THR E 713 -27.11 36.77 -2.25
N GLN E 714 -26.92 35.96 -3.29
CA GLN E 714 -27.00 34.51 -3.14
C GLN E 714 -25.99 34.03 -2.10
N LEU E 715 -24.77 34.55 -2.15
CA LEU E 715 -23.78 34.19 -1.15
C LEU E 715 -24.26 34.54 0.26
N ILE E 716 -24.92 35.70 0.40
CA ILE E 716 -25.49 36.06 1.69
C ILE E 716 -26.51 35.01 2.11
N ARG E 717 -27.35 34.57 1.17
CA ARG E 717 -28.25 33.46 1.46
C ARG E 717 -27.49 32.15 1.60
N GLY E 718 -26.37 32.00 0.86
CA GLY E 718 -25.58 30.80 0.96
C GLY E 718 -24.73 30.71 2.21
N LYS E 719 -24.47 31.85 2.86
CA LYS E 719 -23.63 31.92 4.06
C LYS E 719 -22.27 31.28 3.82
N ALA E 720 -21.62 31.72 2.74
CA ALA E 720 -20.32 31.22 2.34
C ALA E 720 -19.31 32.35 2.36
N ASN E 721 -18.10 32.04 2.85
CA ASN E 721 -17.04 33.04 2.92
C ASN E 721 -16.67 33.52 1.52
N TYR E 722 -16.40 34.82 1.41
CA TYR E 722 -15.95 35.38 0.14
C TYR E 722 -15.20 36.66 0.42
N SER E 723 -14.43 37.10 -0.57
CA SER E 723 -13.79 38.41 -0.58
C SER E 723 -14.28 39.18 -1.80
N LEU E 724 -13.76 40.38 -1.97
CA LEU E 724 -14.17 41.22 -3.08
C LEU E 724 -13.23 42.40 -3.20
N GLN E 725 -13.06 42.87 -4.44
CA GLN E 725 -12.34 44.11 -4.73
C GLN E 725 -13.10 44.85 -5.81
N ILE E 726 -12.92 46.17 -5.84
CA ILE E 726 -13.59 47.01 -6.83
C ILE E 726 -12.60 48.01 -7.40
N TYR E 727 -12.98 48.57 -8.55
CA TYR E 727 -12.26 49.68 -9.17
C TYR E 727 -13.30 50.73 -9.55
N PRO E 728 -13.45 51.78 -8.77
CA PRO E 728 -14.55 52.73 -8.99
C PRO E 728 -14.36 53.50 -10.29
N ASP E 729 -15.42 53.53 -11.10
CA ASP E 729 -15.47 54.31 -12.34
C ASP E 729 -14.33 53.92 -13.28
N GLU E 730 -14.18 52.62 -13.50
CA GLU E 730 -13.16 52.09 -14.41
C GLU E 730 -13.82 51.17 -15.41
N SER E 731 -13.39 51.27 -16.67
CA SER E 731 -13.93 50.43 -17.72
C SER E 731 -13.42 48.99 -17.56
N HIS E 732 -13.88 48.12 -18.46
CA HIS E 732 -13.54 46.71 -18.40
C HIS E 732 -12.27 46.35 -19.15
N TYR E 733 -11.71 47.26 -19.94
CA TYR E 733 -10.60 46.93 -20.82
C TYR E 733 -9.26 47.43 -20.31
N PHE E 734 -9.22 48.10 -19.16
CA PHE E 734 -7.99 48.44 -18.46
C PHE E 734 -7.04 49.23 -19.36
N THR E 735 -7.48 50.42 -19.76
CA THR E 735 -6.67 51.24 -20.65
C THR E 735 -5.36 51.67 -20.01
N SER E 736 -5.40 52.06 -18.73
CA SER E 736 -4.21 52.57 -18.06
C SER E 736 -3.29 51.44 -17.64
N SER E 737 -1.99 51.76 -17.59
CA SER E 737 -0.99 50.76 -17.19
C SER E 737 -1.00 50.53 -15.68
N SER E 738 -1.18 51.60 -14.90
CA SER E 738 -1.14 51.47 -13.44
C SER E 738 -2.24 50.55 -12.94
N LEU E 739 -3.45 50.70 -13.49
CA LEU E 739 -4.56 49.84 -13.10
C LEU E 739 -4.27 48.39 -13.44
N LYS E 740 -3.71 48.14 -14.63
CA LYS E 740 -3.43 46.77 -15.06
C LYS E 740 -2.37 46.13 -14.16
N GLN E 741 -1.30 46.88 -13.85
CA GLN E 741 -0.26 46.31 -12.98
C GLN E 741 -0.77 46.14 -11.55
N HIS E 742 -1.69 47.01 -11.11
CA HIS E 742 -2.30 46.81 -9.80
C HIS E 742 -3.11 45.52 -9.76
N LEU E 743 -3.87 45.25 -10.82
CA LEU E 743 -4.60 43.99 -10.89
C LEU E 743 -3.66 42.80 -10.90
N TYR E 744 -2.56 42.89 -11.67
CA TYR E 744 -1.59 41.80 -11.68
C TYR E 744 -0.99 41.57 -10.31
N ARG E 745 -0.66 42.63 -9.59
CA ARG E 745 -0.15 42.48 -8.23
C ARG E 745 -1.20 41.85 -7.32
N SER E 746 -2.45 42.30 -7.44
CA SER E 746 -3.49 41.85 -6.52
C SER E 746 -3.80 40.37 -6.69
N ILE E 747 -3.85 39.89 -7.94
CA ILE E 747 -4.19 38.48 -8.15
C ILE E 747 -3.13 37.56 -7.56
N ILE E 748 -1.85 37.87 -7.79
CA ILE E 748 -0.79 37.03 -7.25
C ILE E 748 -0.70 37.18 -5.73
N ASN E 749 -0.97 38.38 -5.19
CA ASN E 749 -0.98 38.55 -3.75
C ASN E 749 -2.08 37.72 -3.10
N PHE E 750 -3.23 37.61 -3.75
CA PHE E 750 -4.27 36.73 -3.24
C PHE E 750 -3.86 35.26 -3.34
N PHE E 751 -3.25 34.87 -4.46
CA PHE E 751 -2.92 33.46 -4.67
C PHE E 751 -1.80 32.97 -3.76
N VAL E 752 -0.81 33.82 -3.48
CA VAL E 752 0.35 33.37 -2.72
C VAL E 752 -0.04 32.95 -1.32
N GLU E 753 -1.00 33.63 -0.69
CA GLU E 753 -1.44 33.25 0.64
C GLU E 753 -2.27 31.97 0.62
N CYS E 754 -3.11 31.78 -0.39
CA CYS E 754 -3.93 30.58 -0.43
C CYS E 754 -3.13 29.35 -0.84
N PHE E 755 -1.96 29.51 -1.44
CA PHE E 755 -1.11 28.36 -1.71
C PHE E 755 -0.10 28.08 -0.59
N ARG E 756 0.63 29.10 -0.14
CA ARG E 756 1.72 28.86 0.79
C ARG E 756 1.21 28.27 2.09
N ILE E 757 1.94 27.30 2.62
CA ILE E 757 1.59 26.66 3.89
C ILE E 757 2.76 26.77 4.86
N TRP F 1 20.40 -4.84 69.04
CA TRP F 1 20.73 -4.03 67.88
C TRP F 1 19.51 -3.77 67.02
N LYS F 2 18.33 -4.14 67.53
CA LYS F 2 17.08 -3.98 66.81
C LYS F 2 16.27 -2.78 67.28
N GLY F 3 16.30 -2.47 68.59
CA GLY F 3 15.58 -1.32 69.09
C GLY F 3 16.07 -0.01 68.52
N ILE F 4 17.38 0.08 68.25
CA ILE F 4 17.93 1.26 67.60
C ILE F 4 17.32 1.40 66.20
N ALA F 5 17.17 0.29 65.50
CA ALA F 5 16.48 0.33 64.21
C ALA F 5 15.02 0.74 64.37
N ILE F 6 14.39 0.38 65.49
CA ILE F 6 13.02 0.81 65.72
C ILE F 6 12.94 2.32 65.93
N ALA F 7 13.90 2.88 66.67
CA ALA F 7 13.97 4.34 66.81
C ALA F 7 14.20 5.00 65.47
N LEU F 8 15.05 4.40 64.64
CA LEU F 8 15.26 4.92 63.29
C LEU F 8 13.98 4.88 62.48
N LEU F 9 13.22 3.79 62.60
CA LEU F 9 11.96 3.68 61.88
C LEU F 9 10.96 4.75 62.34
N VAL F 10 10.90 4.99 63.65
CA VAL F 10 9.92 5.99 64.13
C VAL F 10 10.33 7.39 63.70
N ILE F 11 11.64 7.70 63.72
CA ILE F 11 12.04 9.04 63.28
C ILE F 11 11.83 9.20 61.77
N LEU F 12 12.08 8.13 61.00
CA LEU F 12 11.86 8.25 59.55
C LEU F 12 10.38 8.37 59.23
N VAL F 13 9.52 7.67 59.98
CA VAL F 13 8.10 7.79 59.69
C VAL F 13 7.58 9.14 60.14
N ILE F 14 8.17 9.73 61.19
CA ILE F 14 7.85 11.11 61.54
C ILE F 14 8.20 12.04 60.40
N CYS F 15 9.39 11.87 59.83
CA CYS F 15 9.81 12.70 58.70
C CYS F 15 8.89 12.49 57.50
N SER F 16 8.50 11.24 57.23
CA SER F 16 7.64 10.94 56.09
C SER F 16 6.25 11.53 56.28
N LEU F 17 5.73 11.50 57.51
CA LEU F 17 4.43 12.13 57.77
C LEU F 17 4.53 13.65 57.64
N ILE F 18 5.67 14.23 58.03
CA ILE F 18 5.87 15.66 57.79
C ILE F 18 5.86 15.95 56.29
N VAL F 19 6.51 15.09 55.51
CA VAL F 19 6.54 15.28 54.05
C VAL F 19 5.13 15.17 53.47
N THR F 20 4.36 14.17 53.92
CA THR F 20 3.00 14.03 53.41
C THR F 20 2.13 15.23 53.81
N SER F 21 2.31 15.72 55.04
CA SER F 21 1.54 16.88 55.48
C SER F 21 1.87 18.11 54.65
N VAL F 22 3.16 18.35 54.37
CA VAL F 22 3.50 19.51 53.56
C VAL F 22 3.05 19.30 52.12
N ILE F 23 3.01 18.05 51.65
CA ILE F 23 2.52 17.75 50.31
C ILE F 23 1.04 18.10 50.20
N LEU F 24 0.26 17.81 51.24
CA LEU F 24 -1.15 18.18 51.23
C LEU F 24 -1.37 19.64 51.58
N LEU F 25 -0.37 20.30 52.18
CA LEU F 25 -0.56 21.66 52.67
C LEU F 25 -0.17 22.71 51.63
N THR F 26 1.09 22.69 51.18
CA THR F 26 1.60 23.78 50.34
C THR F 26 0.85 23.93 49.03
N PRO F 27 0.66 22.88 48.20
CA PRO F 27 -0.13 23.07 46.96
C PRO F 27 -1.64 22.94 47.20
N ALA F 28 -2.26 24.06 47.57
CA ALA F 28 -3.71 24.12 47.72
C ALA F 28 -4.35 24.40 46.35
N GLU F 29 -4.34 23.37 45.51
CA GLU F 29 -4.84 23.54 44.14
C GLU F 29 -6.37 23.55 44.14
N ASP F 30 -6.92 24.14 43.07
CA ASP F 30 -8.36 24.09 42.83
C ASP F 30 -8.57 24.34 41.35
N ASN F 31 -9.16 23.37 40.64
CA ASN F 31 -9.34 23.49 39.20
C ASN F 31 -10.51 24.40 38.87
N SER F 32 -11.70 24.09 39.41
CA SER F 32 -12.91 24.87 39.17
C SER F 32 -13.20 24.98 37.68
N LEU F 33 -13.49 23.82 37.09
CA LEU F 33 -13.65 23.73 35.63
C LEU F 33 -14.71 24.69 35.13
N SER F 34 -15.91 24.65 35.72
CA SER F 34 -17.04 25.50 35.31
C SER F 34 -17.29 25.38 33.81
N GLN F 35 -17.36 24.13 33.33
CA GLN F 35 -17.42 23.87 31.90
C GLN F 35 -18.79 24.22 31.34
N LYS F 36 -18.96 25.48 30.93
CA LYS F 36 -20.16 25.94 30.25
C LYS F 36 -19.77 26.43 28.86
N LYS F 37 -20.61 26.12 27.88
CA LYS F 37 -20.27 26.40 26.49
C LYS F 37 -20.13 27.89 26.25
N LYS F 38 -19.09 28.27 25.50
CA LYS F 38 -18.85 29.66 25.16
C LYS F 38 -19.97 30.20 24.27
N VAL F 39 -20.18 31.51 24.35
CA VAL F 39 -21.23 32.16 23.58
C VAL F 39 -20.93 32.03 22.09
N THR F 40 -21.89 31.52 21.34
CA THR F 40 -21.73 31.31 19.91
C THR F 40 -22.37 32.47 19.12
N VAL F 41 -22.31 32.36 17.79
CA VAL F 41 -22.80 33.44 16.94
C VAL F 41 -24.32 33.55 17.04
N GLU F 42 -25.02 32.42 17.07
CA GLU F 42 -26.49 32.45 17.07
C GLU F 42 -27.07 32.89 18.41
N ASP F 43 -26.26 32.91 19.47
CA ASP F 43 -26.78 33.19 20.81
C ASP F 43 -27.42 34.56 20.88
N LEU F 44 -26.83 35.56 20.23
CA LEU F 44 -27.40 36.89 20.24
C LEU F 44 -28.81 36.90 19.67
N PHE F 45 -29.12 35.99 18.76
CA PHE F 45 -30.44 35.89 18.17
C PHE F 45 -31.25 34.73 18.73
N SER F 46 -30.73 34.03 19.73
CA SER F 46 -31.50 33.00 20.41
C SER F 46 -32.57 33.66 21.29
N GLU F 47 -33.69 32.95 21.45
CA GLU F 47 -34.80 33.49 22.24
C GLU F 47 -34.43 33.69 23.70
N ASP F 48 -33.42 32.97 24.20
CA ASP F 48 -33.03 33.10 25.59
C ASP F 48 -32.52 34.50 25.89
N PHE F 49 -31.72 35.06 24.98
CA PHE F 49 -31.18 36.41 25.15
C PHE F 49 -32.11 37.50 24.65
N LYS F 50 -33.31 37.14 24.19
CA LYS F 50 -34.24 38.12 23.65
C LYS F 50 -34.83 38.99 24.75
N ILE F 51 -34.18 40.10 25.06
CA ILE F 51 -34.66 40.99 26.12
C ILE F 51 -36.02 41.53 25.74
N HIS F 52 -36.96 41.50 26.69
CA HIS F 52 -38.30 42.03 26.50
C HIS F 52 -38.47 43.27 27.38
N ASP F 53 -38.95 44.35 26.76
CA ASP F 53 -39.22 45.59 27.47
C ASP F 53 -40.69 45.93 27.34
N PRO F 54 -41.46 45.97 28.43
CA PRO F 54 -42.88 46.35 28.31
C PRO F 54 -43.08 47.75 27.72
N GLU F 55 -42.19 48.68 28.04
CA GLU F 55 -42.29 50.07 27.58
C GLU F 55 -43.67 50.63 27.92
N ALA F 56 -43.93 50.73 29.22
CA ALA F 56 -45.21 51.18 29.72
C ALA F 56 -45.23 52.70 29.87
N LYS F 57 -46.39 53.29 29.60
CA LYS F 57 -46.59 54.74 29.69
C LYS F 57 -47.86 54.95 30.51
N TRP F 58 -47.79 55.87 31.47
CA TRP F 58 -48.89 56.06 32.41
C TRP F 58 -50.17 56.52 31.70
N ILE F 59 -51.15 55.63 31.59
CA ILE F 59 -52.47 56.03 31.12
C ILE F 59 -53.08 57.06 32.06
N SER F 60 -53.07 56.75 33.36
CA SER F 60 -53.41 57.71 34.39
C SER F 60 -52.32 57.67 35.45
N ASP F 61 -52.52 58.38 36.56
CA ASP F 61 -51.57 58.32 37.66
C ASP F 61 -51.72 57.06 38.50
N THR F 62 -52.54 56.09 38.07
CA THR F 62 -52.70 54.82 38.77
C THR F 62 -52.55 53.61 37.85
N GLU F 63 -52.15 53.80 36.59
CA GLU F 63 -52.02 52.69 35.67
C GLU F 63 -51.15 53.11 34.49
N PHE F 64 -50.66 52.11 33.75
CA PHE F 64 -49.85 52.32 32.56
C PHE F 64 -50.34 51.43 31.43
N ILE F 65 -49.85 51.69 30.22
CA ILE F 65 -50.36 51.01 29.03
C ILE F 65 -50.07 49.51 29.10
N TYR F 66 -48.91 49.12 29.61
CA TYR F 66 -48.55 47.73 29.84
C TYR F 66 -48.62 46.92 28.53
N ARG F 67 -47.68 47.22 27.64
CA ARG F 67 -47.66 46.62 26.31
C ARG F 67 -47.31 45.13 26.44
N GLU F 68 -47.14 44.45 25.29
CA GLU F 68 -46.97 43.00 25.24
C GLU F 68 -45.94 42.50 26.25
N GLN F 69 -46.38 41.54 27.08
CA GLN F 69 -45.46 40.80 27.94
C GLN F 69 -45.01 39.51 27.27
N LYS F 70 -45.96 38.62 26.95
CA LYS F 70 -45.73 37.39 26.22
C LYS F 70 -46.88 37.13 25.26
N GLY F 71 -47.31 38.17 24.55
CA GLY F 71 -48.52 38.08 23.74
C GLY F 71 -49.56 39.12 24.08
N THR F 72 -50.67 38.68 24.69
CA THR F 72 -51.79 39.57 24.95
C THR F 72 -51.38 40.74 25.85
N VAL F 73 -52.02 41.88 25.61
CA VAL F 73 -51.73 43.13 26.32
C VAL F 73 -52.80 43.35 27.38
N ARG F 74 -52.38 43.43 28.64
CA ARG F 74 -53.26 43.72 29.76
C ARG F 74 -53.06 45.16 30.22
N LEU F 75 -53.79 45.52 31.28
CA LEU F 75 -53.66 46.83 31.91
C LEU F 75 -53.56 46.61 33.41
N TRP F 76 -52.37 46.76 33.97
CA TRP F 76 -52.11 46.49 35.37
C TRP F 76 -52.37 47.76 36.17
N ASN F 77 -53.46 47.74 36.94
CA ASN F 77 -53.76 48.85 37.84
C ASN F 77 -52.74 48.88 38.97
N VAL F 78 -52.02 50.00 39.09
CA VAL F 78 -50.97 50.14 40.08
C VAL F 78 -51.52 50.10 41.51
N GLU F 79 -52.81 50.34 41.70
CA GLU F 79 -53.40 50.34 43.03
C GLU F 79 -53.25 48.99 43.71
N THR F 80 -53.90 47.95 43.18
CA THR F 80 -53.81 46.62 43.79
C THR F 80 -54.01 45.56 42.69
N ASN F 81 -52.90 45.10 42.13
CA ASN F 81 -52.80 43.85 41.37
C ASN F 81 -54.04 43.56 40.51
N THR F 82 -54.37 44.52 39.66
CA THR F 82 -55.54 44.41 38.79
C THR F 82 -55.11 44.52 37.34
N SER F 83 -55.09 43.39 36.63
CA SER F 83 -54.71 43.33 35.22
C SER F 83 -55.96 43.07 34.40
N THR F 84 -56.33 44.03 33.56
CA THR F 84 -57.48 43.91 32.68
C THR F 84 -57.00 43.73 31.25
N VAL F 85 -57.48 42.67 30.59
CA VAL F 85 -57.05 42.35 29.23
C VAL F 85 -57.67 43.38 28.29
N LEU F 86 -56.85 44.31 27.79
CA LEU F 86 -57.31 45.27 26.80
C LEU F 86 -57.17 44.74 25.38
N ILE F 87 -56.03 44.13 25.07
CA ILE F 87 -55.81 43.52 23.76
C ILE F 87 -55.59 42.03 23.99
N GLU F 88 -56.30 41.20 23.24
CA GLU F 88 -56.18 39.76 23.36
C GLU F 88 -55.19 39.24 22.33
N GLY F 89 -55.12 37.93 22.18
CA GLY F 89 -54.25 37.33 21.18
C GLY F 89 -54.78 37.48 19.78
N LYS F 90 -55.02 38.74 19.37
CA LYS F 90 -55.54 39.05 18.06
C LYS F 90 -54.55 39.75 17.14
N LYS F 91 -53.48 40.33 17.70
CA LYS F 91 -52.46 40.97 16.88
C LYS F 91 -51.76 39.95 15.99
N ILE F 92 -51.69 38.70 16.42
CA ILE F 92 -51.07 37.65 15.59
C ILE F 92 -51.90 37.43 14.34
N GLU F 93 -53.22 37.49 14.46
CA GLU F 93 -54.09 37.25 13.31
C GLU F 93 -54.06 38.41 12.33
N SER F 94 -53.91 39.64 12.81
CA SER F 94 -53.96 40.81 11.94
C SER F 94 -52.66 41.02 11.20
N LEU F 95 -52.20 39.99 10.48
CA LEU F 95 -50.97 40.06 9.70
C LEU F 95 -49.77 40.45 10.56
N ARG F 96 -49.82 40.10 11.84
CA ARG F 96 -48.80 40.47 12.81
C ARG F 96 -48.52 41.97 12.76
N ALA F 97 -49.54 42.73 13.18
CA ALA F 97 -49.43 44.18 13.26
C ALA F 97 -48.21 44.57 14.08
N ILE F 98 -47.23 45.20 13.44
CA ILE F 98 -45.96 45.48 14.12
C ILE F 98 -46.18 46.46 15.26
N ARG F 99 -47.01 47.48 15.06
CA ARG F 99 -47.27 48.48 16.08
C ARG F 99 -48.76 48.51 16.40
N TYR F 100 -49.07 48.72 17.68
CA TYR F 100 -50.45 48.91 18.12
C TYR F 100 -50.50 50.09 19.07
N GLU F 101 -51.64 50.78 19.07
CA GLU F 101 -51.82 51.90 19.98
C GLU F 101 -53.29 52.00 20.34
N ILE F 102 -53.56 52.64 21.49
CA ILE F 102 -54.89 52.78 22.02
C ILE F 102 -55.22 54.26 22.15
N SER F 103 -56.42 54.63 21.72
CA SER F 103 -56.87 56.01 21.82
C SER F 103 -57.09 56.39 23.29
N PRO F 104 -57.08 57.70 23.59
CA PRO F 104 -57.27 58.12 24.99
C PRO F 104 -58.61 57.70 25.58
N ASP F 105 -59.61 57.38 24.77
CA ASP F 105 -60.86 56.85 25.30
C ASP F 105 -60.80 55.36 25.58
N ARG F 106 -59.71 54.69 25.19
CA ARG F 106 -59.54 53.26 25.40
C ARG F 106 -60.66 52.45 24.75
N GLU F 107 -61.14 52.92 23.60
CA GLU F 107 -62.27 52.30 22.92
C GLU F 107 -61.96 51.87 21.51
N TYR F 108 -61.18 52.64 20.75
CA TYR F 108 -60.80 52.28 19.40
C TYR F 108 -59.28 52.31 19.28
N ALA F 109 -58.71 51.31 18.62
CA ALA F 109 -57.27 51.11 18.59
C ALA F 109 -56.75 51.14 17.16
N LEU F 110 -55.45 51.39 17.04
CA LEU F 110 -54.76 51.39 15.76
C LEU F 110 -53.80 50.21 15.70
N PHE F 111 -53.92 49.41 14.64
CA PHE F 111 -53.08 48.24 14.38
C PHE F 111 -52.38 48.46 13.04
N SER F 112 -51.08 48.72 13.07
CA SER F 112 -50.31 48.97 11.87
C SER F 112 -49.32 47.84 11.66
N TYR F 113 -49.41 47.19 10.50
CA TYR F 113 -48.43 46.21 10.04
C TYR F 113 -47.68 46.77 8.84
N ASN F 114 -46.83 45.95 8.24
CA ASN F 114 -45.97 46.39 7.16
C ASN F 114 -45.96 45.38 6.02
N VAL F 115 -45.84 45.90 4.81
CA VAL F 115 -45.54 45.11 3.62
C VAL F 115 -44.28 45.68 2.98
N GLU F 116 -43.30 44.82 2.70
CA GLU F 116 -41.93 45.24 2.43
C GLU F 116 -41.48 46.13 3.58
N PRO F 117 -41.30 45.58 4.77
CA PRO F 117 -41.08 46.43 5.95
C PRO F 117 -39.74 47.11 5.96
N ILE F 118 -39.72 48.41 5.69
CA ILE F 118 -38.54 49.24 5.87
C ILE F 118 -38.83 50.17 7.04
N TYR F 119 -38.09 49.98 8.13
CA TYR F 119 -38.24 50.87 9.29
C TYR F 119 -36.85 50.98 9.94
N GLN F 120 -36.12 52.00 9.52
CA GLN F 120 -34.88 52.39 10.17
C GLN F 120 -35.17 53.54 11.12
N HIS F 121 -35.78 54.59 10.58
CA HIS F 121 -36.57 55.55 11.33
C HIS F 121 -37.83 55.92 10.54
N SER F 122 -38.15 55.13 9.51
CA SER F 122 -39.17 55.51 8.52
C SER F 122 -40.58 55.25 9.04
N TYR F 123 -40.84 54.04 9.55
CA TYR F 123 -42.14 53.65 10.11
C TYR F 123 -43.23 53.67 9.04
N THR F 124 -42.94 53.13 7.86
CA THR F 124 -43.95 53.03 6.82
C THR F 124 -44.78 51.76 6.99
N GLY F 125 -45.82 51.63 6.18
CA GLY F 125 -46.65 50.45 6.15
C GLY F 125 -48.11 50.80 6.16
N TYR F 126 -48.95 49.78 6.29
CA TYR F 126 -50.39 49.96 6.34
C TYR F 126 -50.83 50.37 7.75
N TYR F 127 -52.08 50.83 7.84
CA TYR F 127 -52.70 51.14 9.12
C TYR F 127 -54.13 50.59 9.12
N VAL F 128 -54.58 50.18 10.30
CA VAL F 128 -55.87 49.52 10.46
C VAL F 128 -56.53 50.05 11.73
N LEU F 129 -57.84 50.23 11.68
CA LEU F 129 -58.63 50.62 12.85
C LEU F 129 -59.35 49.39 13.39
N SER F 130 -59.24 49.18 14.71
CA SER F 130 -59.80 48.00 15.35
C SER F 130 -60.55 48.39 16.61
N LYS F 131 -61.31 47.44 17.14
CA LYS F 131 -62.17 47.68 18.29
C LYS F 131 -61.53 47.14 19.56
N ILE F 132 -61.83 47.79 20.69
CA ILE F 132 -61.26 47.35 21.97
C ILE F 132 -61.68 45.95 22.37
N PRO F 133 -62.97 45.51 22.22
CA PRO F 133 -63.33 44.18 22.76
C PRO F 133 -62.54 43.05 22.13
N HIS F 134 -62.64 42.89 20.81
CA HIS F 134 -61.95 41.82 20.11
C HIS F 134 -62.07 42.03 18.61
N GLY F 135 -60.99 41.72 17.90
CA GLY F 135 -61.01 41.66 16.45
C GLY F 135 -61.46 42.97 15.81
N ASP F 136 -62.39 42.83 14.86
CA ASP F 136 -62.96 43.94 14.09
C ASP F 136 -61.89 44.80 13.41
N PRO F 137 -61.09 44.24 12.51
CA PRO F 137 -60.14 45.07 11.77
C PRO F 137 -60.83 45.94 10.74
N GLN F 138 -60.22 47.09 10.46
CA GLN F 138 -60.75 48.00 9.45
C GLN F 138 -59.61 48.87 8.95
N SER F 139 -59.33 48.80 7.65
CA SER F 139 -58.18 49.49 7.07
C SER F 139 -58.38 50.99 7.13
N LEU F 140 -57.59 51.67 7.98
CA LEU F 140 -57.60 53.13 8.01
C LEU F 140 -57.02 53.64 6.70
N ASP F 141 -57.86 54.27 5.88
CA ASP F 141 -57.47 54.66 4.54
C ASP F 141 -57.76 56.13 4.31
N PRO F 142 -57.02 56.77 3.41
CA PRO F 142 -57.35 58.14 3.02
C PRO F 142 -58.67 58.18 2.28
N PRO F 143 -59.37 59.32 2.28
CA PRO F 143 -60.70 59.37 1.66
C PRO F 143 -60.63 59.07 0.18
N GLU F 144 -61.67 58.39 -0.32
CA GLU F 144 -61.82 57.97 -1.70
C GLU F 144 -60.70 57.05 -2.18
N VAL F 145 -59.95 56.47 -1.24
CA VAL F 145 -58.84 55.57 -1.56
C VAL F 145 -58.97 54.33 -0.69
N SER F 146 -58.71 53.16 -1.29
CA SER F 146 -58.81 51.89 -0.58
C SER F 146 -57.57 51.69 0.29
N ASN F 147 -57.39 50.46 0.79
CA ASN F 147 -56.26 50.16 1.65
C ASN F 147 -54.94 50.48 0.96
N ALA F 148 -54.09 51.24 1.63
CA ALA F 148 -52.82 51.68 1.08
C ALA F 148 -51.90 52.04 2.22
N LYS F 149 -50.61 52.20 1.89
CA LYS F 149 -49.61 52.51 2.90
C LYS F 149 -49.83 53.92 3.46
N LEU F 150 -49.69 54.03 4.78
CA LEU F 150 -49.79 55.31 5.47
C LEU F 150 -48.51 55.57 6.26
N GLN F 151 -48.07 56.82 6.27
CA GLN F 151 -46.78 57.15 6.87
C GLN F 151 -46.83 57.05 8.39
N TYR F 152 -47.85 57.63 9.02
CA TYR F 152 -47.94 57.65 10.47
C TYR F 152 -49.32 58.13 10.86
N ALA F 153 -49.88 57.58 11.94
CA ALA F 153 -51.21 57.94 12.40
C ALA F 153 -51.20 58.62 13.75
N GLY F 154 -50.67 57.97 14.79
CA GLY F 154 -50.68 58.54 16.12
C GLY F 154 -52.08 58.62 16.70
N TRP F 155 -52.18 59.35 17.82
CA TRP F 155 -53.45 59.55 18.51
C TRP F 155 -53.53 60.97 19.03
N GLY F 156 -54.75 61.46 19.19
CA GLY F 156 -54.98 62.76 19.76
C GLY F 156 -54.97 62.71 21.27
N PRO F 157 -55.02 63.89 21.89
CA PRO F 157 -55.00 63.95 23.36
C PRO F 157 -56.33 63.61 24.02
N LYS F 158 -57.45 63.76 23.32
CA LYS F 158 -58.77 63.60 23.92
C LYS F 158 -59.60 62.61 23.12
N GLY F 159 -60.24 61.68 23.84
CA GLY F 159 -61.23 60.80 23.24
C GLY F 159 -60.69 59.82 22.22
N GLN F 160 -61.07 60.01 20.95
CA GLN F 160 -60.68 59.09 19.89
C GLN F 160 -60.26 59.83 18.62
N GLN F 161 -60.02 61.13 18.69
CA GLN F 161 -59.59 61.87 17.52
C GLN F 161 -58.19 61.45 17.12
N LEU F 162 -57.99 61.28 15.81
CA LEU F 162 -56.72 60.81 15.27
C LEU F 162 -56.40 61.58 14.00
N ILE F 163 -55.18 61.35 13.49
CA ILE F 163 -54.79 61.83 12.18
C ILE F 163 -54.04 60.71 11.47
N PHE F 164 -53.73 60.95 10.20
CA PHE F 164 -52.84 60.08 9.44
C PHE F 164 -52.18 60.90 8.35
N ILE F 165 -51.10 60.35 7.80
CA ILE F 165 -50.27 61.06 6.84
C ILE F 165 -50.17 60.20 5.58
N PHE F 166 -50.80 60.66 4.50
CA PHE F 166 -50.76 59.99 3.21
C PHE F 166 -50.00 60.88 2.24
N GLU F 167 -48.97 60.32 1.60
CA GLU F 167 -48.07 61.02 0.69
C GLU F 167 -47.78 62.45 1.16
N ASN F 168 -47.32 62.53 2.41
CA ASN F 168 -46.95 63.81 3.04
C ASN F 168 -48.14 64.78 3.06
N ASN F 169 -49.28 64.30 3.56
CA ASN F 169 -50.45 65.14 3.75
C ASN F 169 -51.16 64.71 5.03
N ILE F 170 -51.46 65.67 5.89
CA ILE F 170 -52.07 65.42 7.19
C ILE F 170 -53.58 65.44 7.03
N TYR F 171 -54.22 64.30 7.27
CA TYR F 171 -55.67 64.20 7.28
C TYR F 171 -56.12 63.88 8.70
N TYR F 172 -57.24 64.47 9.10
CA TYR F 172 -57.72 64.37 10.48
C TYR F 172 -59.08 63.68 10.52
N CYS F 173 -59.32 62.97 11.61
CA CYS F 173 -60.59 62.26 11.83
C CYS F 173 -60.93 62.39 13.31
N ALA F 174 -61.88 63.28 13.63
CA ALA F 174 -62.33 63.41 15.00
C ALA F 174 -62.99 62.13 15.48
N HIS F 175 -63.81 61.51 14.64
CA HIS F 175 -64.41 60.22 14.91
C HIS F 175 -63.80 59.18 13.99
N VAL F 176 -63.70 57.95 14.48
CA VAL F 176 -63.09 56.87 13.71
C VAL F 176 -63.89 56.60 12.43
N GLY F 177 -65.21 56.56 12.55
CA GLY F 177 -66.06 56.41 11.37
C GLY F 177 -66.27 57.68 10.58
N LYS F 178 -65.81 58.81 11.10
CA LYS F 178 -65.95 60.09 10.39
C LYS F 178 -65.08 60.10 9.14
N GLN F 179 -65.62 60.65 8.05
CA GLN F 179 -64.86 60.81 6.83
C GLN F 179 -63.66 61.73 7.07
N ALA F 180 -62.52 61.37 6.50
CA ALA F 180 -61.30 62.14 6.70
C ALA F 180 -61.43 63.54 6.13
N ILE F 181 -60.93 64.53 6.86
CA ILE F 181 -61.03 65.92 6.47
C ILE F 181 -59.69 66.37 5.91
N ARG F 182 -59.75 67.32 4.98
CA ARG F 182 -58.56 67.83 4.29
C ARG F 182 -57.99 69.00 5.08
N VAL F 183 -57.25 68.65 6.15
CA VAL F 183 -56.62 69.68 6.98
C VAL F 183 -55.56 70.42 6.18
N VAL F 184 -54.65 69.68 5.54
CA VAL F 184 -53.58 70.27 4.74
C VAL F 184 -53.09 69.22 3.76
N SER F 185 -52.86 69.66 2.51
CA SER F 185 -52.40 68.76 1.47
C SER F 185 -51.33 69.36 0.58
N THR F 186 -50.71 70.48 0.98
CA THR F 186 -49.67 71.10 0.17
C THR F 186 -48.43 70.23 0.06
N GLY F 187 -48.30 69.20 0.88
CA GLY F 187 -47.15 68.33 0.82
C GLY F 187 -47.10 67.52 -0.46
N LYS F 188 -45.87 67.16 -0.84
CA LYS F 188 -45.63 66.36 -2.05
C LYS F 188 -44.76 65.17 -1.70
N GLU F 189 -44.83 64.15 -2.54
CA GLU F 189 -44.08 62.91 -2.32
C GLU F 189 -42.59 63.19 -2.48
N GLY F 190 -41.84 63.16 -1.39
CA GLY F 190 -40.41 63.33 -1.44
C GLY F 190 -39.93 64.74 -1.77
N VAL F 191 -40.83 65.72 -1.79
CA VAL F 191 -40.48 67.10 -2.09
C VAL F 191 -40.87 68.03 -0.95
N ILE F 192 -42.11 67.97 -0.49
CA ILE F 192 -42.60 68.79 0.60
C ILE F 192 -42.97 67.85 1.75
N TYR F 193 -42.39 68.08 2.91
CA TYR F 193 -42.57 67.20 4.07
C TYR F 193 -43.28 67.98 5.18
N ASN F 194 -44.57 67.73 5.35
CA ASN F 194 -45.32 68.28 6.46
C ASN F 194 -46.00 67.16 7.22
N GLY F 195 -45.93 67.24 8.56
CA GLY F 195 -46.34 66.16 9.41
C GLY F 195 -45.27 65.13 9.70
N LEU F 196 -44.18 65.15 8.93
CA LEU F 196 -43.04 64.28 9.15
C LEU F 196 -41.76 65.07 8.91
N SER F 197 -40.68 64.58 9.49
CA SER F 197 -39.36 65.20 9.31
C SER F 197 -38.66 64.58 8.11
N ASP F 198 -38.01 65.44 7.32
CA ASP F 198 -37.20 64.94 6.21
C ASP F 198 -35.97 64.23 6.75
N TRP F 199 -35.14 63.72 5.83
CA TRP F 199 -34.01 62.89 6.24
C TRP F 199 -33.05 63.64 7.15
N LEU F 200 -32.76 64.91 6.83
CA LEU F 200 -31.81 65.67 7.64
C LEU F 200 -32.32 65.84 9.06
N TYR F 201 -33.62 66.15 9.21
CA TYR F 201 -34.20 66.23 10.54
C TYR F 201 -34.39 64.85 11.15
N GLU F 202 -34.66 63.85 10.31
CA GLU F 202 -34.90 62.50 10.80
C GLU F 202 -33.62 61.83 11.31
N GLU F 203 -32.46 62.37 10.96
CA GLU F 203 -31.20 61.68 11.25
C GLU F 203 -30.15 62.53 11.94
N GLU F 204 -30.20 63.86 11.83
CA GLU F 204 -29.07 64.66 12.28
C GLU F 204 -29.38 65.68 13.37
N ILE F 205 -30.59 66.25 13.41
CA ILE F 205 -30.89 67.26 14.41
C ILE F 205 -32.08 66.85 15.28
N LEU F 206 -33.25 66.66 14.65
CA LEU F 206 -34.42 66.28 15.43
C LEU F 206 -34.32 64.85 15.93
N LYS F 207 -33.83 63.93 15.08
CA LYS F 207 -33.74 62.51 15.38
C LYS F 207 -35.08 61.90 15.76
N THR F 208 -36.18 62.50 15.28
CA THR F 208 -37.52 62.05 15.61
C THR F 208 -38.29 61.75 14.33
N HIS F 209 -39.14 60.73 14.40
CA HIS F 209 -39.97 60.37 13.26
C HIS F 209 -41.12 61.35 13.06
N ILE F 210 -41.68 61.87 14.14
CA ILE F 210 -42.86 62.72 14.09
C ILE F 210 -42.43 64.18 14.11
N ALA F 211 -43.11 65.00 13.31
CA ALA F 211 -42.83 66.42 13.21
C ALA F 211 -44.08 67.26 13.42
N HIS F 212 -45.04 66.73 14.18
CA HIS F 212 -46.23 67.48 14.56
C HIS F 212 -46.52 67.23 16.03
N TRP F 213 -47.08 68.24 16.68
CA TRP F 213 -47.32 68.21 18.12
C TRP F 213 -48.75 68.67 18.41
N TRP F 214 -49.49 67.85 19.14
CA TRP F 214 -50.86 68.17 19.52
C TRP F 214 -50.89 69.23 20.61
N SER F 215 -51.96 70.04 20.59
CA SER F 215 -52.18 71.00 21.64
C SER F 215 -52.63 70.29 22.92
N PRO F 216 -52.38 70.91 24.08
CA PRO F 216 -52.79 70.27 25.34
C PRO F 216 -54.28 70.00 25.44
N ASP F 217 -55.11 70.87 24.86
CA ASP F 217 -56.56 70.71 24.91
C ASP F 217 -57.12 69.82 23.81
N GLY F 218 -56.28 69.32 22.91
CA GLY F 218 -56.75 68.52 21.81
C GLY F 218 -57.60 69.30 20.82
N THR F 219 -57.19 70.52 20.50
CA THR F 219 -57.93 71.39 19.58
C THR F 219 -57.11 71.84 18.39
N ARG F 220 -55.80 72.03 18.54
CA ARG F 220 -54.95 72.53 17.47
C ARG F 220 -53.70 71.63 17.35
N LEU F 221 -52.96 71.84 16.26
CA LEU F 221 -51.72 71.13 16.00
C LEU F 221 -50.66 72.14 15.57
N ALA F 222 -49.41 71.88 15.99
CA ALA F 222 -48.26 72.62 15.52
C ALA F 222 -47.45 71.68 14.65
N TYR F 223 -47.35 71.99 13.36
CA TYR F 223 -46.70 71.11 12.39
C TYR F 223 -45.72 71.89 11.54
N ALA F 224 -44.64 71.24 11.15
CA ALA F 224 -43.56 71.86 10.38
C ALA F 224 -43.63 71.37 8.94
N ALA F 225 -43.59 72.32 8.01
CA ALA F 225 -43.54 72.03 6.58
C ALA F 225 -42.15 72.35 6.07
N ILE F 226 -41.54 71.37 5.39
CA ILE F 226 -40.18 71.47 4.89
C ILE F 226 -40.22 71.45 3.37
N ASN F 227 -39.68 72.48 2.76
CA ASN F 227 -39.44 72.51 1.32
C ASN F 227 -38.03 71.99 1.04
N ASP F 228 -37.96 71.02 0.14
CA ASP F 228 -36.71 70.38 -0.27
C ASP F 228 -36.35 70.63 -1.72
N SER F 229 -37.12 71.48 -2.42
CA SER F 229 -36.91 71.68 -3.84
C SER F 229 -35.53 72.26 -4.12
N ARG F 230 -35.09 73.22 -3.31
CA ARG F 230 -33.78 73.83 -3.47
C ARG F 230 -32.65 72.94 -2.96
N VAL F 231 -32.97 71.82 -2.32
CA VAL F 231 -31.93 70.93 -1.80
C VAL F 231 -31.36 70.11 -2.95
N PRO F 232 -30.04 70.04 -3.11
CA PRO F 232 -29.46 69.19 -4.14
C PRO F 232 -29.80 67.73 -3.89
N ILE F 233 -29.92 66.98 -4.99
CA ILE F 233 -30.49 65.63 -4.97
C ILE F 233 -29.39 64.61 -5.23
N MET F 234 -29.36 63.57 -4.41
CA MET F 234 -28.48 62.42 -4.58
C MET F 234 -29.28 61.22 -5.06
N GLU F 235 -28.65 60.43 -5.94
CA GLU F 235 -29.27 59.23 -6.50
C GLU F 235 -28.45 58.03 -6.05
N LEU F 236 -29.03 57.21 -5.18
CA LEU F 236 -28.38 56.01 -4.70
C LEU F 236 -28.49 54.89 -5.74
N PRO F 237 -27.36 54.28 -6.12
CA PRO F 237 -27.41 53.22 -7.12
C PRO F 237 -28.18 52.00 -6.64
N THR F 238 -28.78 51.28 -7.58
CA THR F 238 -29.52 50.07 -7.30
C THR F 238 -29.09 48.98 -8.26
N TYR F 239 -28.89 47.77 -7.73
CA TYR F 239 -28.50 46.63 -8.54
C TYR F 239 -29.52 45.50 -8.51
N THR F 240 -29.92 45.04 -7.32
CA THR F 240 -30.79 43.88 -7.16
C THR F 240 -32.20 44.13 -7.68
N GLY F 241 -32.60 45.40 -7.86
CA GLY F 241 -33.96 45.76 -8.20
C GLY F 241 -34.60 45.01 -9.35
N SER F 242 -34.10 45.21 -10.57
CA SER F 242 -34.73 44.63 -11.76
C SER F 242 -33.66 44.41 -12.82
N ILE F 243 -34.09 44.00 -14.01
CA ILE F 243 -33.16 43.81 -15.12
C ILE F 243 -32.62 45.15 -15.60
N TYR F 244 -33.37 46.23 -15.37
CA TYR F 244 -32.91 47.59 -15.67
C TYR F 244 -33.09 48.42 -14.40
N PRO F 245 -32.27 48.18 -13.38
CA PRO F 245 -32.47 48.88 -12.11
C PRO F 245 -32.28 50.38 -12.27
N THR F 246 -33.08 51.13 -11.51
CA THR F 246 -33.01 52.58 -11.51
C THR F 246 -32.56 53.08 -10.15
N VAL F 247 -31.81 54.18 -10.16
CA VAL F 247 -31.31 54.76 -8.93
C VAL F 247 -32.46 55.37 -8.13
N LYS F 248 -32.34 55.32 -6.80
CA LYS F 248 -33.33 55.93 -5.92
C LYS F 248 -32.94 57.38 -5.70
N PRO F 249 -33.71 58.35 -6.20
CA PRO F 249 -33.35 59.75 -5.99
C PRO F 249 -34.05 60.37 -4.79
N TYR F 250 -33.29 61.16 -4.04
CA TYR F 250 -33.87 61.91 -2.93
C TYR F 250 -32.93 63.04 -2.55
N HIS F 251 -33.45 64.00 -1.80
CA HIS F 251 -32.68 65.19 -1.43
C HIS F 251 -31.78 64.86 -0.24
N TYR F 252 -30.48 64.91 -0.46
CA TYR F 252 -29.48 64.59 0.57
C TYR F 252 -28.54 65.78 0.66
N PRO F 253 -28.78 66.72 1.58
CA PRO F 253 -27.92 67.89 1.69
C PRO F 253 -26.48 67.49 2.02
N LYS F 254 -25.54 68.28 1.51
CA LYS F 254 -24.12 68.06 1.75
C LYS F 254 -23.47 69.36 2.18
N ALA F 255 -22.18 69.27 2.54
CA ALA F 255 -21.46 70.44 3.00
C ALA F 255 -21.41 71.51 1.92
N GLY F 256 -21.73 72.75 2.30
CA GLY F 256 -21.74 73.85 1.37
C GLY F 256 -22.91 73.88 0.42
N SER F 257 -23.90 73.01 0.60
CA SER F 257 -25.07 72.95 -0.26
C SER F 257 -26.23 73.68 0.40
N GLU F 258 -27.41 73.58 -0.20
CA GLU F 258 -28.61 74.25 0.30
C GLU F 258 -29.30 73.35 1.31
N ASN F 259 -29.42 73.85 2.55
CA ASN F 259 -30.14 73.10 3.57
C ASN F 259 -31.63 73.14 3.29
N PRO F 260 -32.37 72.13 3.74
CA PRO F 260 -33.84 72.16 3.59
C PRO F 260 -34.44 73.35 4.32
N SER F 261 -35.47 73.94 3.72
CA SER F 261 -36.14 75.07 4.36
C SER F 261 -37.32 74.56 5.17
N ILE F 262 -37.51 75.12 6.36
CA ILE F 262 -38.55 74.67 7.28
C ILE F 262 -39.36 75.88 7.73
N SER F 263 -40.67 75.68 7.87
CA SER F 263 -41.56 76.70 8.42
C SER F 263 -42.57 76.02 9.32
N LEU F 264 -42.76 76.58 10.52
CA LEU F 264 -43.66 76.00 11.52
C LEU F 264 -44.99 76.72 11.47
N HIS F 265 -46.08 75.94 11.48
CA HIS F 265 -47.43 76.47 11.37
C HIS F 265 -48.31 75.84 12.44
N VAL F 266 -49.43 76.53 12.72
CA VAL F 266 -50.44 76.05 13.65
C VAL F 266 -51.76 75.97 12.92
N ILE F 267 -52.42 74.81 13.01
CA ILE F 267 -53.69 74.58 12.33
C ILE F 267 -54.64 73.88 13.28
N GLY F 268 -55.88 74.36 13.37
CA GLY F 268 -56.86 73.76 14.25
C GLY F 268 -57.36 72.42 13.72
N LEU F 269 -57.97 71.65 14.63
CA LEU F 269 -58.55 70.37 14.29
C LEU F 269 -59.98 70.47 13.81
N ASN F 270 -60.65 71.59 14.02
CA ASN F 270 -62.07 71.71 13.69
C ASN F 270 -62.36 73.14 13.22
N GLY F 271 -63.49 73.29 12.54
CA GLY F 271 -63.91 74.57 12.05
C GLY F 271 -63.09 75.04 10.85
N PRO F 272 -62.90 76.35 10.73
CA PRO F 272 -62.11 76.88 9.61
C PRO F 272 -60.68 76.36 9.57
N THR F 273 -60.09 76.10 10.74
CA THR F 273 -58.71 75.64 10.85
C THR F 273 -57.74 76.61 10.15
N HIS F 274 -57.72 77.84 10.68
CA HIS F 274 -56.89 78.88 10.09
C HIS F 274 -55.41 78.55 10.29
N ASP F 275 -54.63 78.70 9.22
CA ASP F 275 -53.21 78.43 9.27
C ASP F 275 -52.45 79.67 9.71
N LEU F 276 -51.67 79.54 10.78
CA LEU F 276 -50.85 80.62 11.30
C LEU F 276 -49.38 80.25 11.21
N GLU F 277 -48.58 81.15 10.68
CA GLU F 277 -47.14 80.95 10.54
C GLU F 277 -46.41 81.93 11.46
N MET F 278 -45.42 81.43 12.19
CA MET F 278 -44.74 82.20 13.23
C MET F 278 -43.47 82.84 12.69
N MET F 279 -43.25 84.09 13.06
CA MET F 279 -42.11 84.85 12.59
C MET F 279 -40.81 84.34 13.21
N PRO F 280 -39.82 83.94 12.42
CA PRO F 280 -38.49 83.66 12.97
C PRO F 280 -37.77 84.95 13.30
N PRO F 281 -36.78 84.91 14.20
CA PRO F 281 -36.04 86.14 14.53
C PRO F 281 -35.23 86.62 13.34
N ASP F 282 -35.01 87.93 13.30
CA ASP F 282 -34.30 88.59 12.22
C ASP F 282 -32.93 89.09 12.67
N ASP F 283 -32.25 88.31 13.51
CA ASP F 283 -30.94 88.69 13.98
C ASP F 283 -29.91 88.59 12.85
N PRO F 284 -28.85 89.39 12.90
CA PRO F 284 -27.78 89.25 11.90
C PRO F 284 -27.14 87.88 11.88
N ARG F 285 -27.14 87.18 13.03
CA ARG F 285 -26.61 85.83 13.13
C ARG F 285 -27.71 84.78 13.03
N MET F 286 -28.75 85.05 12.24
CA MET F 286 -29.91 84.18 12.12
C MET F 286 -30.31 84.02 10.66
N ARG F 287 -29.32 83.68 9.81
CA ARG F 287 -29.58 83.54 8.38
C ARG F 287 -30.65 82.49 8.10
N GLU F 288 -30.49 81.29 8.66
CA GLU F 288 -31.48 80.23 8.53
C GLU F 288 -31.52 79.44 9.83
N TYR F 289 -32.68 78.86 10.12
CA TYR F 289 -32.95 78.30 11.43
C TYR F 289 -33.23 76.81 11.35
N TYR F 290 -32.64 76.07 12.29
CA TYR F 290 -33.01 74.70 12.61
C TYR F 290 -33.97 74.75 13.79
N ILE F 291 -35.08 74.01 13.69
CA ILE F 291 -36.06 73.92 14.77
C ILE F 291 -35.62 72.76 15.65
N THR F 292 -34.78 73.06 16.64
CA THR F 292 -34.25 72.00 17.49
C THR F 292 -35.20 71.61 18.61
N MET F 293 -36.23 72.41 18.86
CA MET F 293 -37.23 72.11 19.88
C MET F 293 -38.47 72.95 19.66
N VAL F 294 -39.62 72.33 19.87
CA VAL F 294 -40.91 73.02 19.86
C VAL F 294 -41.90 72.23 20.71
N LYS F 295 -42.65 72.94 21.55
CA LYS F 295 -43.62 72.31 22.42
C LYS F 295 -44.68 73.34 22.80
N TRP F 296 -45.93 72.90 22.86
CA TRP F 296 -47.03 73.76 23.27
C TRP F 296 -46.84 74.24 24.71
N ALA F 297 -46.57 75.53 24.87
CA ALA F 297 -46.43 76.08 26.21
C ALA F 297 -47.74 75.98 26.98
N THR F 298 -48.85 76.35 26.34
CA THR F 298 -50.19 76.19 26.89
C THR F 298 -51.07 75.66 25.76
N SER F 299 -52.39 75.69 25.97
CA SER F 299 -53.31 75.36 24.90
C SER F 299 -53.27 76.36 23.76
N THR F 300 -52.66 77.53 23.98
CA THR F 300 -52.50 78.55 22.93
C THR F 300 -51.09 79.08 22.79
N LYS F 301 -50.22 78.87 23.76
CA LYS F 301 -48.84 79.32 23.70
C LYS F 301 -47.93 78.20 23.22
N VAL F 302 -46.70 78.58 22.84
CA VAL F 302 -45.74 77.62 22.31
C VAL F 302 -44.34 78.18 22.55
N ALA F 303 -43.38 77.28 22.72
CA ALA F 303 -41.97 77.62 22.88
C ALA F 303 -41.16 76.89 21.82
N VAL F 304 -40.29 77.62 21.13
CA VAL F 304 -39.53 77.08 20.00
C VAL F 304 -38.06 77.40 20.20
N THR F 305 -37.20 76.40 20.03
CA THR F 305 -35.76 76.61 20.01
C THR F 305 -35.30 76.71 18.56
N TRP F 306 -34.90 77.90 18.15
CA TRP F 306 -34.45 78.18 16.80
C TRP F 306 -32.94 78.40 16.83
N LEU F 307 -32.20 77.61 16.05
CA LEU F 307 -30.76 77.62 16.07
C LEU F 307 -30.25 78.09 14.71
N ASN F 308 -29.23 78.93 14.71
CA ASN F 308 -28.79 79.55 13.46
C ASN F 308 -28.22 78.49 12.50
N ARG F 309 -28.07 78.90 11.24
CA ARG F 309 -27.55 77.99 10.23
C ARG F 309 -26.14 77.52 10.56
N ALA F 310 -25.33 78.40 11.16
CA ALA F 310 -24.03 78.00 11.67
C ALA F 310 -24.14 77.10 12.89
N GLN F 311 -25.36 76.92 13.41
CA GLN F 311 -25.67 76.09 14.57
C GLN F 311 -24.62 76.24 15.67
N ASN F 312 -24.35 77.50 16.00
CA ASN F 312 -23.62 77.89 17.20
C ASN F 312 -24.30 79.03 17.94
N VAL F 313 -25.51 79.40 17.55
CA VAL F 313 -26.26 80.49 18.18
C VAL F 313 -27.70 80.03 18.35
N SER F 314 -28.12 79.84 19.59
CA SER F 314 -29.45 79.30 19.89
C SER F 314 -30.33 80.39 20.48
N ILE F 315 -31.60 80.39 20.09
CA ILE F 315 -32.58 81.35 20.59
C ILE F 315 -33.82 80.57 21.02
N LEU F 316 -34.16 80.66 22.29
CA LEU F 316 -35.42 80.10 22.78
C LEU F 316 -36.46 81.21 22.78
N THR F 317 -37.52 81.03 22.00
CA THR F 317 -38.51 82.06 21.75
C THR F 317 -39.89 81.56 22.18
N LEU F 318 -40.71 82.47 22.68
CA LEU F 318 -42.09 82.16 23.08
C LEU F 318 -43.04 82.85 22.12
N CYS F 319 -43.93 82.07 21.52
CA CYS F 319 -44.94 82.58 20.59
C CYS F 319 -46.32 82.14 21.06
N ASP F 320 -47.34 82.71 20.42
CA ASP F 320 -48.73 82.33 20.68
C ASP F 320 -49.26 81.64 19.44
N ALA F 321 -49.74 80.40 19.60
CA ALA F 321 -50.24 79.65 18.46
C ALA F 321 -51.45 80.31 17.82
N THR F 322 -52.37 80.83 18.65
CA THR F 322 -53.55 81.49 18.15
C THR F 322 -53.27 82.90 17.63
N THR F 323 -52.13 83.49 18.01
CA THR F 323 -51.76 84.84 17.59
C THR F 323 -50.59 84.88 16.63
N GLY F 324 -49.53 84.13 16.90
CA GLY F 324 -48.35 84.14 16.04
C GLY F 324 -47.30 85.15 16.42
N VAL F 325 -47.54 85.98 17.44
CA VAL F 325 -46.56 86.96 17.87
C VAL F 325 -45.46 86.26 18.65
N CYS F 326 -44.22 86.41 18.20
CA CYS F 326 -43.07 85.76 18.81
C CYS F 326 -42.21 86.79 19.51
N THR F 327 -41.83 86.49 20.76
CA THR F 327 -40.91 87.30 21.54
C THR F 327 -39.88 86.38 22.16
N LYS F 328 -38.61 86.77 22.07
CA LYS F 328 -37.54 85.95 22.60
C LYS F 328 -37.64 85.84 24.13
N LYS F 329 -37.44 84.63 24.64
CA LYS F 329 -37.34 84.45 26.08
C LYS F 329 -35.92 84.22 26.56
N HIS F 330 -35.04 83.68 25.71
CA HIS F 330 -33.64 83.54 26.10
C HIS F 330 -32.79 83.36 24.85
N GLU F 331 -31.50 83.67 24.99
CA GLU F 331 -30.54 83.54 23.89
C GLU F 331 -29.22 83.04 24.44
N ASP F 332 -28.60 82.09 23.73
CA ASP F 332 -27.31 81.54 24.09
C ASP F 332 -26.39 81.49 22.89
N GLU F 333 -25.08 81.61 23.16
CA GLU F 333 -24.06 81.58 22.13
C GLU F 333 -22.84 80.85 22.65
N SER F 334 -22.25 80.01 21.80
CA SER F 334 -21.01 79.32 22.10
C SER F 334 -20.04 79.52 20.94
N GLU F 335 -18.75 79.51 21.26
CA GLU F 335 -17.74 79.80 20.25
C GLU F 335 -17.74 78.76 19.14
N ALA F 336 -17.87 77.48 19.50
CA ALA F 336 -17.83 76.42 18.50
C ALA F 336 -19.24 76.00 18.06
N TRP F 337 -20.05 75.50 18.99
CA TRP F 337 -21.41 75.07 18.69
C TRP F 337 -22.11 74.79 20.02
N LEU F 338 -23.41 74.52 19.91
CA LEU F 338 -24.24 74.19 21.06
C LEU F 338 -24.60 72.70 21.03
N HIS F 339 -24.44 72.04 22.17
CA HIS F 339 -24.66 70.61 22.28
C HIS F 339 -26.04 70.32 22.87
N ARG F 340 -26.54 69.12 22.57
CA ARG F 340 -27.83 68.60 23.04
C ARG F 340 -28.93 69.67 23.00
N GLN F 341 -29.15 70.19 21.80
CA GLN F 341 -30.16 71.21 21.56
C GLN F 341 -31.58 70.67 21.54
N ASN F 342 -31.79 69.42 21.93
CA ASN F 342 -33.12 68.81 21.98
C ASN F 342 -33.66 68.73 23.40
N GLU F 343 -33.39 69.76 24.21
CA GLU F 343 -33.86 69.76 25.59
C GLU F 343 -35.38 69.82 25.63
N GLU F 344 -35.97 69.12 26.61
CA GLU F 344 -37.42 69.07 26.76
C GLU F 344 -37.84 69.94 27.94
N PRO F 345 -38.40 71.12 27.69
CA PRO F 345 -38.84 71.96 28.81
C PRO F 345 -40.16 71.48 29.41
N VAL F 346 -40.09 70.89 30.61
CA VAL F 346 -41.30 70.43 31.28
C VAL F 346 -42.04 71.63 31.85
N PHE F 347 -43.34 71.73 31.54
CA PHE F 347 -44.14 72.87 31.93
C PHE F 347 -45.17 72.46 32.97
N SER F 348 -45.81 73.47 33.56
CA SER F 348 -46.86 73.25 34.54
C SER F 348 -48.20 73.03 33.83
N LYS F 349 -49.27 72.90 34.62
CA LYS F 349 -50.59 72.68 34.05
C LYS F 349 -51.17 73.96 33.44
N ASP F 350 -50.76 75.13 33.94
CA ASP F 350 -51.30 76.40 33.48
C ASP F 350 -50.21 77.31 32.90
N GLY F 351 -49.10 76.73 32.45
CA GLY F 351 -48.03 77.53 31.88
C GLY F 351 -47.35 78.46 32.87
N ARG F 352 -47.23 78.05 34.12
CA ARG F 352 -46.55 78.86 35.14
C ARG F 352 -45.04 78.66 34.99
N LYS F 353 -44.28 79.10 36.00
CA LYS F 353 -42.83 78.94 35.96
C LYS F 353 -42.46 77.47 35.82
N PHE F 354 -41.51 77.20 34.92
CA PHE F 354 -41.16 75.85 34.50
C PHE F 354 -39.66 75.63 34.65
N PHE F 355 -39.22 74.46 34.18
CA PHE F 355 -37.83 74.02 34.30
C PHE F 355 -37.24 73.80 32.91
N PHE F 356 -35.93 73.95 32.80
CA PHE F 356 -35.22 73.79 31.54
C PHE F 356 -33.81 73.34 31.90
N ILE F 357 -33.00 73.02 30.89
CA ILE F 357 -31.62 72.61 31.12
C ILE F 357 -30.71 73.32 30.13
N ARG F 358 -29.58 73.84 30.63
CA ARG F 358 -28.66 74.58 29.78
C ARG F 358 -27.26 74.49 30.37
N ALA F 359 -26.27 74.87 29.56
CA ALA F 359 -24.86 74.80 29.94
C ALA F 359 -24.53 76.03 30.78
N ILE F 360 -24.76 75.93 32.08
CA ILE F 360 -24.38 76.99 33.02
C ILE F 360 -22.85 77.00 33.10
N PRO F 361 -22.23 78.16 33.38
CA PRO F 361 -20.75 78.22 33.32
C PRO F 361 -20.04 77.20 34.20
N GLN F 362 -20.56 76.94 35.40
CA GLN F 362 -20.01 75.93 36.31
C GLN F 362 -18.51 76.17 36.57
N GLY F 363 -18.07 77.41 36.49
CA GLY F 363 -16.68 77.72 36.70
C GLY F 363 -15.79 77.05 35.67
N GLY F 364 -14.64 76.55 36.14
CA GLY F 364 -13.69 75.90 35.27
C GLY F 364 -14.12 74.48 34.89
N ARG F 365 -13.28 73.84 34.09
CA ARG F 365 -13.50 72.48 33.61
C ARG F 365 -14.82 72.37 32.84
N GLY F 366 -15.05 73.37 31.97
CA GLY F 366 -16.18 73.33 31.07
C GLY F 366 -17.50 73.73 31.68
N LYS F 367 -18.34 74.41 30.88
CA LYS F 367 -19.67 74.81 31.33
C LYS F 367 -20.58 73.58 31.31
N PHE F 368 -20.73 72.97 32.48
CA PHE F 368 -21.56 71.78 32.60
C PHE F 368 -23.03 72.11 32.35
N TYR F 369 -23.77 71.10 31.92
CA TYR F 369 -25.20 71.25 31.63
C TYR F 369 -25.99 70.95 32.90
N HIS F 370 -26.67 71.97 33.43
CA HIS F 370 -27.43 71.87 34.65
C HIS F 370 -28.83 72.43 34.45
N ILE F 371 -29.67 72.18 35.45
CA ILE F 371 -31.06 72.64 35.40
C ILE F 371 -31.11 74.15 35.60
N THR F 372 -32.19 74.77 35.12
CA THR F 372 -32.40 76.20 35.21
C THR F 372 -33.89 76.47 35.30
N VAL F 373 -34.32 77.21 36.32
CA VAL F 373 -35.73 77.55 36.47
C VAL F 373 -36.02 78.81 35.66
N SER F 374 -37.16 78.80 34.98
CA SER F 374 -37.61 79.95 34.21
C SER F 374 -38.99 80.38 34.70
N SER F 375 -39.20 81.68 34.84
CA SER F 375 -40.51 82.16 35.23
C SER F 375 -41.50 82.00 34.09
N SER F 376 -42.79 82.09 34.42
CA SER F 376 -43.83 81.96 33.40
C SER F 376 -43.70 83.05 32.35
N GLN F 377 -43.48 84.29 32.77
CA GLN F 377 -43.30 85.44 31.88
C GLN F 377 -42.00 86.13 32.27
N PRO F 378 -40.87 85.72 31.69
CA PRO F 378 -39.59 86.36 32.02
C PRO F 378 -39.47 87.71 31.35
N ASN F 379 -39.27 88.75 32.15
CA ASN F 379 -39.18 90.11 31.63
C ASN F 379 -37.91 90.27 30.79
N SER F 380 -37.97 91.22 29.86
CA SER F 380 -36.81 91.51 29.02
C SER F 380 -35.67 92.13 29.82
N SER F 381 -35.95 92.65 31.03
CA SER F 381 -34.90 93.26 31.83
C SER F 381 -33.84 92.25 32.26
N ASN F 382 -34.27 91.06 32.68
CA ASN F 382 -33.33 90.04 33.15
C ASN F 382 -33.94 88.66 32.99
N ASP F 383 -33.06 87.65 33.05
CA ASP F 383 -33.50 86.27 32.99
C ASP F 383 -33.66 85.69 34.40
N ASN F 384 -34.23 84.48 34.46
CA ASN F 384 -34.45 83.78 35.71
C ASN F 384 -33.37 82.71 35.95
N ILE F 385 -32.16 82.93 35.45
CA ILE F 385 -31.13 81.90 35.50
C ILE F 385 -30.79 81.57 36.94
N GLN F 386 -31.03 80.32 37.33
CA GLN F 386 -30.69 79.83 38.66
C GLN F 386 -30.57 78.32 38.60
N SER F 387 -29.39 77.80 38.93
CA SER F 387 -29.15 76.36 38.85
C SER F 387 -29.78 75.68 40.06
N ILE F 388 -30.68 74.73 39.80
CA ILE F 388 -31.27 73.95 40.88
C ILE F 388 -30.19 73.16 41.60
N THR F 389 -29.29 72.54 40.84
CA THR F 389 -28.15 71.83 41.39
C THR F 389 -26.89 72.26 40.63
N SER F 390 -25.78 72.30 41.35
CA SER F 390 -24.50 72.71 40.79
C SER F 390 -23.42 71.70 41.14
N GLY F 391 -22.61 71.34 40.16
CA GLY F 391 -21.55 70.38 40.37
C GLY F 391 -20.88 70.02 39.07
N ASP F 392 -19.81 69.22 39.20
CA ASP F 392 -19.03 68.79 38.04
C ASP F 392 -19.67 67.55 37.42
N TRP F 393 -20.89 67.75 36.93
CA TRP F 393 -21.68 66.68 36.33
C TRP F 393 -22.78 67.31 35.48
N ASP F 394 -23.52 66.46 34.77
CA ASP F 394 -24.57 66.91 33.87
C ASP F 394 -25.84 66.10 34.10
N VAL F 395 -26.96 66.71 33.73
CA VAL F 395 -28.26 66.06 33.79
C VAL F 395 -28.56 65.49 32.42
N THR F 396 -28.56 64.16 32.30
CA THR F 396 -28.83 63.54 31.01
C THR F 396 -30.24 63.87 30.52
N LYS F 397 -31.21 63.85 31.43
CA LYS F 397 -32.58 64.19 31.04
C LYS F 397 -33.38 64.61 32.27
N ILE F 398 -34.29 65.55 32.07
CA ILE F 398 -35.25 65.93 33.10
C ILE F 398 -36.46 65.01 32.99
N LEU F 399 -36.84 64.38 34.10
CA LEU F 399 -37.82 63.30 34.04
C LEU F 399 -39.24 63.83 34.01
N ALA F 400 -39.69 64.49 35.08
CA ALA F 400 -41.07 64.94 35.19
C ALA F 400 -41.21 65.90 36.35
N TYR F 401 -42.20 66.79 36.25
CA TYR F 401 -42.44 67.80 37.27
C TYR F 401 -43.94 67.93 37.51
N ASP F 402 -44.31 68.06 38.78
CA ASP F 402 -45.69 68.35 39.16
C ASP F 402 -45.69 69.47 40.19
N GLU F 403 -46.75 70.28 40.15
CA GLU F 403 -46.79 71.51 40.94
C GLU F 403 -46.82 71.24 42.44
N LYS F 404 -47.51 70.18 42.86
CA LYS F 404 -47.66 69.92 44.29
C LYS F 404 -46.31 69.61 44.93
N GLY F 405 -46.08 70.15 46.12
CA GLY F 405 -44.85 69.91 46.84
C GLY F 405 -43.65 70.47 46.11
N ASN F 406 -42.52 69.78 46.28
CA ASN F 406 -41.26 70.18 45.64
C ASN F 406 -40.43 68.93 45.31
N LYS F 407 -40.64 68.41 44.10
CA LYS F 407 -39.99 67.17 43.67
C LYS F 407 -39.82 67.22 42.16
N ILE F 408 -38.61 67.56 41.71
CA ILE F 408 -38.22 67.43 40.31
C ILE F 408 -37.27 66.25 40.18
N TYR F 409 -37.61 65.30 39.33
CA TYR F 409 -36.82 64.10 39.14
C TYR F 409 -36.12 64.18 37.80
N PHE F 410 -34.95 63.54 37.72
CA PHE F 410 -34.10 63.68 36.54
C PHE F 410 -32.98 62.66 36.58
N LEU F 411 -32.67 62.10 35.41
CA LEU F 411 -31.57 61.16 35.25
C LEU F 411 -30.30 61.93 34.92
N SER F 412 -29.22 61.64 35.65
CA SER F 412 -27.99 62.40 35.51
C SER F 412 -26.79 61.50 35.72
N THR F 413 -25.62 62.04 35.37
CA THR F 413 -24.33 61.40 35.56
C THR F 413 -23.61 61.93 36.80
N GLU F 414 -24.36 62.33 37.83
CA GLU F 414 -23.75 62.93 39.01
C GLU F 414 -22.81 61.97 39.70
N ASP F 415 -23.23 60.70 39.85
CA ASP F 415 -22.41 59.74 40.58
C ASP F 415 -21.15 59.38 39.79
N LEU F 416 -21.30 59.07 38.50
CA LEU F 416 -20.18 58.57 37.73
C LEU F 416 -20.46 58.78 36.25
N PRO F 417 -19.44 59.04 35.42
CA PRO F 417 -19.69 59.19 33.98
C PRO F 417 -20.28 57.95 33.34
N ARG F 418 -19.93 56.76 33.81
CA ARG F 418 -20.35 55.52 33.19
C ARG F 418 -21.69 55.02 33.70
N ARG F 419 -22.34 55.74 34.61
CA ARG F 419 -23.61 55.31 35.19
C ARG F 419 -24.60 56.46 35.16
N ARG F 420 -25.85 56.16 34.83
CA ARG F 420 -26.93 57.13 34.82
C ARG F 420 -27.83 56.84 36.02
N GLN F 421 -27.89 57.78 36.96
CA GLN F 421 -28.60 57.60 38.21
C GLN F 421 -29.76 58.58 38.30
N LEU F 422 -30.80 58.17 39.01
CA LEU F 422 -31.96 59.02 39.24
C LEU F 422 -31.69 59.96 40.40
N TYR F 423 -32.16 61.20 40.28
CA TYR F 423 -32.01 62.19 41.34
C TYR F 423 -33.29 63.01 41.45
N SER F 424 -33.59 63.44 42.67
CA SER F 424 -34.75 64.28 42.94
C SER F 424 -34.30 65.51 43.71
N ALA F 425 -34.75 66.67 43.25
CA ALA F 425 -34.50 67.95 43.91
C ALA F 425 -35.84 68.59 44.25
N ASN F 426 -35.77 69.80 44.82
CA ASN F 426 -36.94 70.52 45.28
C ASN F 426 -37.02 71.87 44.60
N THR F 427 -38.19 72.20 44.06
CA THR F 427 -38.38 73.48 43.40
C THR F 427 -38.37 74.64 44.37
N VAL F 428 -38.67 74.39 45.66
CA VAL F 428 -38.56 75.43 46.67
C VAL F 428 -37.10 75.84 46.83
N GLY F 429 -36.90 77.06 47.35
CA GLY F 429 -35.58 77.63 47.50
C GLY F 429 -34.51 76.78 48.19
N ASN F 430 -34.92 75.71 48.87
CA ASN F 430 -33.94 74.83 49.51
C ASN F 430 -33.03 74.17 48.48
N PHE F 431 -33.60 73.70 47.37
CA PHE F 431 -32.85 73.10 46.27
C PHE F 431 -31.96 71.96 46.76
N ASN F 432 -32.58 70.97 47.39
CA ASN F 432 -31.87 69.84 47.96
C ASN F 432 -32.07 68.60 47.09
N ARG F 433 -30.95 67.99 46.69
CA ARG F 433 -30.96 66.81 45.84
C ARG F 433 -31.11 65.54 46.67
N GLN F 434 -31.81 64.56 46.12
CA GLN F 434 -32.07 63.30 46.81
C GLN F 434 -32.05 62.14 45.82
N CYS F 435 -31.31 61.09 46.17
CA CYS F 435 -31.36 59.83 45.43
C CYS F 435 -32.61 59.04 45.81
N LEU F 436 -33.04 58.17 44.91
CA LEU F 436 -34.19 57.30 45.14
C LEU F 436 -33.81 55.84 45.21
N SER F 437 -33.18 55.31 44.16
CA SER F 437 -32.85 53.89 44.10
C SER F 437 -31.49 53.61 44.75
N CYS F 438 -30.43 54.18 44.20
CA CYS F 438 -29.06 53.98 44.69
C CYS F 438 -28.77 52.49 44.91
N ASP F 439 -28.81 51.76 43.79
CA ASP F 439 -28.58 50.32 43.70
C ASP F 439 -29.80 49.53 44.17
N LEU F 440 -30.01 48.36 43.58
CA LEU F 440 -31.13 47.49 43.90
C LEU F 440 -30.69 46.04 43.71
N VAL F 441 -31.66 45.13 43.61
CA VAL F 441 -31.36 43.72 43.54
C VAL F 441 -30.51 43.40 42.31
N GLU F 442 -29.54 42.50 42.50
CA GLU F 442 -28.71 41.95 41.42
C GLU F 442 -27.88 43.04 40.73
N ASN F 443 -27.15 43.80 41.55
CA ASN F 443 -26.05 44.65 41.11
C ASN F 443 -26.49 45.75 40.15
N CYS F 444 -27.77 46.12 40.14
CA CYS F 444 -28.24 47.14 39.21
C CYS F 444 -27.71 48.51 39.60
N THR F 445 -27.06 49.18 38.64
CA THR F 445 -26.56 50.54 38.83
C THR F 445 -27.16 51.51 37.84
N TYR F 446 -27.18 51.16 36.55
CA TYR F 446 -27.80 52.00 35.53
C TYR F 446 -29.29 52.14 35.79
N PHE F 447 -29.80 53.36 35.65
CA PHE F 447 -31.19 53.65 35.94
C PHE F 447 -31.82 54.45 34.82
N SER F 448 -33.14 54.31 34.69
CA SER F 448 -33.94 55.23 33.87
C SER F 448 -35.39 55.08 34.30
N ALA F 449 -36.03 56.18 34.67
CA ALA F 449 -37.35 56.16 35.29
C ALA F 449 -38.30 57.09 34.55
N SER F 450 -39.59 57.01 34.95
CA SER F 450 -40.64 57.80 34.34
C SER F 450 -41.80 57.89 35.33
N PHE F 451 -42.20 59.11 35.70
CA PHE F 451 -43.20 59.34 36.72
C PHE F 451 -44.59 59.49 36.11
N SER F 452 -45.59 59.36 36.97
CA SER F 452 -46.99 59.44 36.56
C SER F 452 -47.44 60.91 36.54
N HIS F 453 -48.75 61.12 36.38
CA HIS F 453 -49.29 62.47 36.27
C HIS F 453 -49.12 63.27 37.56
N SER F 454 -49.33 62.65 38.72
CA SER F 454 -49.31 63.35 40.00
C SER F 454 -48.31 62.74 40.97
N MET F 455 -47.16 62.29 40.46
CA MET F 455 -46.07 61.72 41.25
C MET F 455 -46.48 60.46 42.02
N ASP F 456 -47.65 59.89 41.72
CA ASP F 456 -48.15 58.78 42.53
C ASP F 456 -47.21 57.58 42.49
N PHE F 457 -46.84 57.14 41.29
CA PHE F 457 -45.94 56.02 41.12
C PHE F 457 -45.09 56.26 39.88
N PHE F 458 -43.90 55.67 39.87
CA PHE F 458 -42.98 55.81 38.74
C PHE F 458 -42.41 54.46 38.33
N LEU F 459 -42.34 54.26 37.03
CA LEU F 459 -41.64 53.12 36.47
C LEU F 459 -40.14 53.36 36.50
N LEU F 460 -39.38 52.29 36.71
CA LEU F 460 -37.93 52.37 36.68
C LEU F 460 -37.40 51.09 36.06
N LYS F 461 -36.43 51.24 35.15
CA LYS F 461 -35.77 50.12 34.52
C LYS F 461 -34.27 50.30 34.59
N CYS F 462 -33.56 49.18 34.66
CA CYS F 462 -32.13 49.16 34.93
C CYS F 462 -31.29 49.21 33.65
N GLU F 463 -31.56 48.29 32.73
CA GLU F 463 -30.82 48.16 31.46
C GLU F 463 -29.31 48.17 31.68
N GLY F 464 -28.86 47.72 32.85
CA GLY F 464 -27.45 47.64 33.15
C GLY F 464 -27.17 47.79 34.63
N PRO F 465 -26.09 47.13 35.11
CA PRO F 465 -25.25 46.22 34.31
C PRO F 465 -25.82 44.81 34.26
N GLY F 466 -27.03 44.63 34.78
CA GLY F 466 -27.71 43.37 34.74
C GLY F 466 -28.90 43.39 33.78
N VAL F 467 -29.80 42.44 33.99
CA VAL F 467 -31.01 42.38 33.15
C VAL F 467 -31.82 43.65 33.37
N PRO F 468 -32.39 44.25 32.32
CA PRO F 468 -33.24 45.44 32.53
C PRO F 468 -34.39 45.12 33.48
N MET F 469 -34.38 45.79 34.64
CA MET F 469 -35.34 45.52 35.70
C MET F 469 -36.50 46.50 35.58
N VAL F 470 -37.38 46.23 34.61
CA VAL F 470 -38.60 46.99 34.44
C VAL F 470 -39.49 46.74 35.66
N THR F 471 -39.73 47.77 36.46
CA THR F 471 -40.38 47.60 37.74
C THR F 471 -41.15 48.87 38.07
N VAL F 472 -42.17 48.73 38.93
CA VAL F 472 -42.98 49.85 39.42
C VAL F 472 -42.51 50.20 40.82
N HIS F 473 -42.45 51.50 41.13
CA HIS F 473 -42.09 51.96 42.47
C HIS F 473 -43.03 53.09 42.88
N ASN F 474 -43.15 53.26 44.19
CA ASN F 474 -43.97 54.33 44.76
C ASN F 474 -43.06 55.42 45.33
N THR F 475 -43.51 56.67 45.18
CA THR F 475 -42.65 57.80 45.52
C THR F 475 -42.34 57.85 47.01
N THR F 476 -43.32 57.53 47.87
CA THR F 476 -43.13 57.69 49.31
C THR F 476 -42.38 56.51 49.92
N ASP F 477 -42.94 55.32 49.80
CA ASP F 477 -42.31 54.14 50.41
C ASP F 477 -41.08 53.67 49.65
N LYS F 478 -40.98 54.00 48.35
CA LYS F 478 -39.90 53.50 47.51
C LYS F 478 -39.81 51.97 47.57
N LYS F 479 -40.97 51.33 47.53
CA LYS F 479 -41.10 49.90 47.76
C LYS F 479 -41.37 49.18 46.45
N LYS F 480 -40.60 48.13 46.18
CA LYS F 480 -40.81 47.26 45.03
C LYS F 480 -41.98 46.32 45.38
N MET F 481 -43.19 46.84 45.22
CA MET F 481 -44.38 46.12 45.68
C MET F 481 -44.58 44.81 44.93
N PHE F 482 -44.37 44.81 43.62
CA PHE F 482 -44.48 43.59 42.84
C PHE F 482 -43.64 43.72 41.58
N ASP F 483 -43.05 42.60 41.16
CA ASP F 483 -42.20 42.60 39.99
C ASP F 483 -43.01 42.81 38.73
N LEU F 484 -42.51 43.65 37.83
CA LEU F 484 -43.16 43.90 36.54
C LEU F 484 -42.55 43.07 35.43
N GLU F 485 -41.23 43.03 35.33
CA GLU F 485 -40.54 42.20 34.34
C GLU F 485 -39.11 41.99 34.80
N THR F 486 -38.75 40.73 35.06
CA THR F 486 -37.42 40.37 35.52
C THR F 486 -36.60 39.62 34.49
N ASN F 487 -37.25 38.81 33.64
CA ASN F 487 -36.58 38.02 32.61
C ASN F 487 -35.54 37.07 33.24
N GLU F 488 -36.05 36.15 34.06
CA GLU F 488 -35.19 35.16 34.70
C GLU F 488 -34.49 34.27 33.68
N HIS F 489 -35.04 34.15 32.47
CA HIS F 489 -34.36 33.40 31.42
C HIS F 489 -33.03 34.06 31.06
N VAL F 490 -32.99 35.39 31.06
CA VAL F 490 -31.73 36.10 30.81
C VAL F 490 -30.73 35.80 31.93
N LYS F 491 -31.21 35.76 33.17
CA LYS F 491 -30.33 35.46 34.30
C LYS F 491 -29.76 34.06 34.19
N LYS F 492 -30.60 33.08 33.87
CA LYS F 492 -30.10 31.71 33.75
C LYS F 492 -29.21 31.55 32.53
N ALA F 493 -29.42 32.36 31.49
CA ALA F 493 -28.53 32.33 30.34
C ALA F 493 -27.16 32.89 30.69
N ILE F 494 -27.11 34.04 31.35
CA ILE F 494 -25.82 34.64 31.68
C ILE F 494 -25.09 33.81 32.74
N ASN F 495 -25.82 33.11 33.60
CA ASN F 495 -25.19 32.19 34.53
C ASN F 495 -24.88 30.83 33.92
N ASP F 496 -25.45 30.53 32.75
CA ASP F 496 -25.16 29.30 32.03
C ASP F 496 -24.22 29.51 30.86
N ARG F 497 -23.72 30.73 30.66
CA ARG F 497 -22.78 31.05 29.60
C ARG F 497 -21.63 31.85 30.19
N GLN F 498 -20.46 31.74 29.56
CA GLN F 498 -19.24 32.37 30.07
C GLN F 498 -19.33 33.87 29.83
N MET F 499 -20.02 34.55 30.75
CA MET F 499 -20.18 35.99 30.65
C MET F 499 -18.83 36.65 30.96
N PRO F 500 -18.27 37.44 30.04
CA PRO F 500 -16.90 37.93 30.23
C PRO F 500 -16.76 38.82 31.44
N LYS F 501 -15.62 38.70 32.13
CA LYS F 501 -15.31 39.59 33.24
C LYS F 501 -15.15 41.01 32.72
N VAL F 502 -15.79 41.96 33.41
CA VAL F 502 -15.76 43.37 33.03
C VAL F 502 -14.89 44.12 34.02
N GLU F 503 -13.90 44.85 33.52
CA GLU F 503 -12.99 45.61 34.36
C GLU F 503 -12.94 47.05 33.87
N TYR F 504 -12.73 47.97 34.80
CA TYR F 504 -12.63 49.39 34.51
C TYR F 504 -11.30 49.91 35.00
N ARG F 505 -10.67 50.78 34.21
CA ARG F 505 -9.38 51.35 34.58
C ARG F 505 -9.34 52.77 34.00
N ASP F 506 -9.73 53.74 34.83
CA ASP F 506 -9.71 55.13 34.41
C ASP F 506 -8.29 55.57 34.09
N ILE F 507 -8.13 56.26 32.97
CA ILE F 507 -6.82 56.77 32.55
C ILE F 507 -6.86 58.29 32.64
N GLU F 508 -5.71 58.92 32.42
CA GLU F 508 -5.66 60.37 32.41
C GLU F 508 -4.60 60.83 31.42
N ILE F 509 -4.95 61.85 30.63
CA ILE F 509 -4.05 62.43 29.65
C ILE F 509 -4.19 63.95 29.70
N ASP F 510 -3.06 64.65 29.67
CA ASP F 510 -3.01 66.11 29.73
C ASP F 510 -3.71 66.53 31.02
N ASP F 511 -4.80 67.27 30.98
CA ASP F 511 -5.53 67.66 32.18
C ASP F 511 -6.91 67.02 32.25
N TYR F 512 -7.12 65.91 31.55
CA TYR F 512 -8.44 65.29 31.46
C TYR F 512 -8.36 63.81 31.81
N ASN F 513 -9.25 63.38 32.70
CA ASN F 513 -9.42 61.96 33.00
C ASN F 513 -10.36 61.34 31.97
N LEU F 514 -9.99 60.17 31.47
CA LEU F 514 -10.72 59.50 30.41
C LEU F 514 -11.18 58.13 30.88
N PRO F 515 -12.47 57.82 30.78
CA PRO F 515 -12.95 56.49 31.18
C PRO F 515 -12.44 55.42 30.22
N MET F 516 -12.52 54.18 30.69
CA MET F 516 -12.03 53.04 29.93
C MET F 516 -12.76 51.79 30.40
N GLN F 517 -12.73 50.76 29.56
CA GLN F 517 -13.39 49.50 29.88
C GLN F 517 -12.64 48.38 29.17
N ILE F 518 -12.52 47.23 29.82
CA ILE F 518 -11.86 46.07 29.24
C ILE F 518 -12.64 44.82 29.62
N LEU F 519 -12.66 43.85 28.71
CA LEU F 519 -13.32 42.58 28.96
C LEU F 519 -12.29 41.46 28.94
N LYS F 520 -12.57 40.42 29.73
CA LYS F 520 -11.73 39.24 29.85
C LYS F 520 -12.58 37.99 29.69
N PRO F 521 -11.99 36.90 29.19
CA PRO F 521 -12.81 35.74 28.78
C PRO F 521 -13.42 34.95 29.93
N ALA F 522 -13.35 35.48 31.14
CA ALA F 522 -13.90 34.86 32.34
C ALA F 522 -13.18 33.56 32.69
N THR F 523 -12.17 33.21 31.89
CA THR F 523 -11.25 32.12 32.18
C THR F 523 -9.81 32.63 32.12
N PHE F 524 -9.65 33.92 32.35
CA PHE F 524 -8.36 34.59 32.16
C PHE F 524 -7.34 34.13 33.20
N THR F 525 -6.08 34.04 32.76
CA THR F 525 -4.96 33.77 33.63
C THR F 525 -3.89 34.81 33.38
N ASP F 526 -3.28 35.32 34.46
CA ASP F 526 -2.32 36.40 34.32
C ASP F 526 -1.08 35.95 33.56
N THR F 527 -0.71 34.67 33.65
CA THR F 527 0.47 34.19 32.96
C THR F 527 0.21 34.04 31.46
N THR F 528 -0.99 33.59 31.08
CA THR F 528 -1.29 33.31 29.68
C THR F 528 -1.51 34.61 28.93
N HIS F 529 -0.71 34.82 27.89
CA HIS F 529 -0.86 36.00 27.04
C HIS F 529 -2.10 35.85 26.16
N TYR F 530 -2.83 36.96 25.98
CA TYR F 530 -4.03 36.94 25.17
C TYR F 530 -4.00 38.04 24.12
N PRO F 531 -4.59 37.81 22.95
CA PRO F 531 -4.64 38.84 21.92
C PRO F 531 -5.56 39.98 22.32
N LEU F 532 -5.27 41.16 21.76
CA LEU F 532 -5.99 42.38 22.10
C LEU F 532 -6.86 42.83 20.94
N LEU F 533 -8.10 43.20 21.25
CA LEU F 533 -9.00 43.85 20.30
C LEU F 533 -9.43 45.18 20.88
N LEU F 534 -9.50 46.20 20.03
CA LEU F 534 -9.95 47.53 20.42
C LEU F 534 -11.25 47.85 19.70
N VAL F 535 -12.13 48.56 20.38
CA VAL F 535 -13.38 49.03 19.80
C VAL F 535 -13.40 50.55 19.92
N VAL F 536 -13.64 51.23 18.81
CA VAL F 536 -13.66 52.69 18.80
C VAL F 536 -14.95 53.16 18.15
N ASP F 537 -15.64 54.08 18.83
CA ASP F 537 -16.78 54.79 18.26
C ASP F 537 -16.51 56.27 18.14
N GLY F 538 -16.15 56.93 19.25
CA GLY F 538 -15.68 58.30 19.21
C GLY F 538 -16.62 59.29 18.57
N THR F 539 -17.91 59.00 18.57
CA THR F 539 -18.86 59.93 17.97
C THR F 539 -18.86 61.24 18.76
N PRO F 540 -18.64 62.39 18.11
CA PRO F 540 -18.61 63.65 18.86
C PRO F 540 -19.97 63.97 19.45
N GLY F 541 -20.05 63.96 20.78
CA GLY F 541 -21.31 64.11 21.47
C GLY F 541 -21.94 62.82 21.94
N SER F 542 -21.15 61.79 22.24
CA SER F 542 -21.68 60.52 22.70
C SER F 542 -20.61 59.82 23.53
N GLN F 543 -20.98 58.68 24.10
CA GLN F 543 -20.09 57.94 25.00
C GLN F 543 -20.19 56.45 24.68
N SER F 544 -19.04 55.76 24.77
CA SER F 544 -18.98 54.33 24.49
C SER F 544 -18.68 53.48 25.71
N VAL F 545 -18.18 54.08 26.80
CA VAL F 545 -17.89 53.36 28.04
C VAL F 545 -19.04 53.65 29.00
N ALA F 546 -19.96 52.70 29.13
CA ALA F 546 -21.09 52.84 30.03
C ALA F 546 -21.44 51.47 30.61
N GLU F 547 -22.07 51.47 31.78
CA GLU F 547 -22.44 50.24 32.46
C GLU F 547 -23.74 49.64 31.92
N LYS F 548 -24.23 50.09 30.78
CA LYS F 548 -25.40 49.48 30.18
C LYS F 548 -25.10 48.04 29.80
N PHE F 549 -26.05 47.15 30.08
CA PHE F 549 -25.90 45.74 29.73
C PHE F 549 -26.22 45.54 28.26
N GLU F 550 -25.25 45.00 27.50
CA GLU F 550 -25.45 44.75 26.08
C GLU F 550 -24.77 43.44 25.72
N VAL F 551 -25.36 42.75 24.74
CA VAL F 551 -24.79 41.53 24.17
C VAL F 551 -24.67 41.74 22.67
N SER F 552 -23.46 41.60 22.15
CA SER F 552 -23.20 41.89 20.75
C SER F 552 -21.93 41.14 20.33
N TRP F 553 -21.37 41.52 19.18
CA TRP F 553 -20.28 40.75 18.59
C TRP F 553 -19.04 40.72 19.48
N GLU F 554 -18.81 41.78 20.27
CA GLU F 554 -17.63 41.78 21.14
C GLU F 554 -17.77 40.78 22.27
N THR F 555 -19.00 40.55 22.75
CA THR F 555 -19.21 39.50 23.75
C THR F 555 -18.84 38.14 23.17
N VAL F 556 -19.24 37.86 21.93
CA VAL F 556 -18.88 36.61 21.29
C VAL F 556 -17.37 36.55 21.04
N MET F 557 -16.75 37.69 20.74
CA MET F 557 -15.31 37.74 20.55
C MET F 557 -14.58 37.34 21.83
N VAL F 558 -15.01 37.88 22.97
CA VAL F 558 -14.36 37.56 24.24
C VAL F 558 -14.67 36.13 24.66
N SER F 559 -15.87 35.63 24.35
CA SER F 559 -16.28 34.31 24.84
C SER F 559 -15.73 33.18 23.97
N SER F 560 -16.10 33.15 22.69
CA SER F 560 -15.71 32.06 21.80
C SER F 560 -14.25 32.11 21.39
N HIS F 561 -13.56 33.24 21.61
CA HIS F 561 -12.19 33.39 21.14
C HIS F 561 -11.23 33.93 22.18
N GLY F 562 -11.70 34.37 23.35
CA GLY F 562 -10.81 34.76 24.42
C GLY F 562 -9.89 35.92 24.08
N ALA F 563 -10.42 36.95 23.43
CA ALA F 563 -9.65 38.14 23.10
C ALA F 563 -10.13 39.29 23.97
N VAL F 564 -9.22 39.90 24.71
CA VAL F 564 -9.59 41.01 25.57
C VAL F 564 -9.91 42.23 24.71
N VAL F 565 -11.13 42.76 24.89
CA VAL F 565 -11.57 43.92 24.12
C VAL F 565 -11.48 45.15 25.00
N VAL F 566 -11.07 46.26 24.40
CA VAL F 566 -10.83 47.52 25.10
C VAL F 566 -11.68 48.60 24.45
N LYS F 567 -12.49 49.28 25.26
CA LYS F 567 -13.28 50.42 24.85
C LYS F 567 -12.77 51.66 25.56
N CYS F 568 -12.55 52.73 24.82
CA CYS F 568 -12.03 53.97 25.36
C CYS F 568 -12.84 55.14 24.84
N ASP F 569 -12.89 56.20 25.63
CA ASP F 569 -13.59 57.45 25.28
C ASP F 569 -12.62 58.60 25.53
N GLY F 570 -11.85 58.95 24.52
CA GLY F 570 -10.86 60.00 24.62
C GLY F 570 -11.46 61.39 24.54
N ARG F 571 -10.70 62.30 23.93
CA ARG F 571 -11.15 63.68 23.78
C ARG F 571 -12.40 63.74 22.92
N GLY F 572 -13.30 64.66 23.27
CA GLY F 572 -14.54 64.81 22.56
C GLY F 572 -15.67 63.91 23.00
N SER F 573 -15.46 63.11 24.04
CA SER F 573 -16.52 62.27 24.55
C SER F 573 -17.56 63.10 25.30
N GLY F 574 -18.83 62.70 25.19
CA GLY F 574 -19.90 63.46 25.78
C GLY F 574 -20.05 63.24 27.28
N PHE F 575 -20.83 64.13 27.90
CA PHE F 575 -21.15 64.06 29.33
C PHE F 575 -19.90 64.07 30.21
N GLN F 576 -18.83 64.72 29.75
CA GLN F 576 -17.61 64.80 30.54
C GLN F 576 -16.95 66.17 30.42
N GLY F 577 -17.75 67.22 30.21
CA GLY F 577 -17.15 68.55 30.15
C GLY F 577 -17.33 69.20 28.79
N THR F 578 -17.93 70.39 28.79
CA THR F 578 -18.18 71.10 27.55
C THR F 578 -16.88 71.50 26.86
N LYS F 579 -15.89 71.99 27.62
CA LYS F 579 -14.64 72.39 27.00
C LYS F 579 -13.86 71.20 26.47
N LEU F 580 -14.08 70.01 27.05
CA LEU F 580 -13.50 68.80 26.47
C LEU F 580 -14.19 68.43 25.16
N LEU F 581 -15.49 68.67 25.07
CA LEU F 581 -16.25 68.34 23.87
C LEU F 581 -15.85 69.21 22.68
N HIS F 582 -15.42 70.44 22.94
CA HIS F 582 -15.11 71.39 21.88
C HIS F 582 -13.64 71.35 21.46
N GLU F 583 -12.86 70.43 22.01
CA GLU F 583 -11.45 70.34 21.65
C GLU F 583 -11.26 70.00 20.18
N VAL F 584 -12.08 69.08 19.67
CA VAL F 584 -11.94 68.63 18.28
C VAL F 584 -12.61 69.56 17.28
N ARG F 585 -13.15 70.69 17.73
CA ARG F 585 -13.76 71.65 16.82
C ARG F 585 -12.72 72.12 15.80
N ARG F 586 -12.94 71.77 14.53
CA ARG F 586 -12.01 72.04 13.44
C ARG F 586 -10.63 71.43 13.70
N ARG F 587 -10.55 70.46 14.61
CA ARG F 587 -9.30 69.83 14.99
C ARG F 587 -9.48 68.32 15.11
N LEU F 588 -10.22 67.73 14.17
CA LEU F 588 -10.52 66.30 14.23
C LEU F 588 -9.28 65.47 13.92
N GLY F 589 -9.41 64.17 14.12
CA GLY F 589 -8.36 63.23 13.76
C GLY F 589 -7.27 63.05 14.80
N LEU F 590 -6.39 64.05 14.93
CA LEU F 590 -5.17 63.87 15.71
C LEU F 590 -5.46 63.63 17.19
N LEU F 591 -6.43 64.35 17.76
CA LEU F 591 -6.69 64.25 19.20
C LEU F 591 -7.22 62.86 19.56
N GLU F 592 -8.26 62.41 18.85
CA GLU F 592 -8.83 61.10 19.15
C GLU F 592 -7.86 59.97 18.80
N GLU F 593 -7.08 60.16 17.73
CA GLU F 593 -6.05 59.19 17.39
C GLU F 593 -5.03 59.06 18.50
N LYS F 594 -4.60 60.19 19.07
CA LYS F 594 -3.67 60.16 20.19
C LYS F 594 -4.29 59.48 21.40
N ASP F 595 -5.57 59.77 21.66
CA ASP F 595 -6.26 59.11 22.77
C ASP F 595 -6.23 57.60 22.61
N GLN F 596 -6.64 57.11 21.44
CA GLN F 596 -6.71 55.67 21.22
C GLN F 596 -5.34 55.02 21.25
N MET F 597 -4.33 55.64 20.63
CA MET F 597 -3.00 55.03 20.64
C MET F 597 -2.41 55.01 22.04
N GLU F 598 -2.63 56.07 22.83
CA GLU F 598 -2.15 56.05 24.21
C GLU F 598 -2.87 55.00 25.04
N ALA F 599 -4.18 54.82 24.80
CA ALA F 599 -4.90 53.78 25.53
C ALA F 599 -4.35 52.40 25.19
N VAL F 600 -4.15 52.10 23.91
CA VAL F 600 -3.64 50.78 23.55
C VAL F 600 -2.21 50.61 24.05
N ARG F 601 -1.40 51.67 24.02
CA ARG F 601 -0.04 51.59 24.56
C ARG F 601 -0.04 51.31 26.05
N THR F 602 -0.92 51.97 26.80
CA THR F 602 -1.07 51.66 28.22
C THR F 602 -1.52 50.22 28.43
N MET F 603 -2.29 49.67 27.49
CA MET F 603 -2.64 48.26 27.55
C MET F 603 -1.48 47.32 27.22
N LEU F 604 -0.53 47.76 26.38
CA LEU F 604 0.59 46.88 26.01
C LEU F 604 1.55 46.59 27.16
N LYS F 605 1.69 47.50 28.13
CA LYS F 605 2.69 47.28 29.17
C LYS F 605 2.36 46.10 30.08
N GLU F 606 1.12 45.60 30.03
CA GLU F 606 0.76 44.46 30.87
C GLU F 606 1.44 43.19 30.37
N GLN F 607 1.45 42.16 31.23
CA GLN F 607 2.14 40.92 30.96
C GLN F 607 1.22 39.82 30.42
N TYR F 608 -0.04 40.12 30.15
CA TYR F 608 -0.96 39.17 29.56
C TYR F 608 -1.36 39.56 28.14
N ILE F 609 -0.69 40.54 27.55
CA ILE F 609 -0.99 41.04 26.21
C ILE F 609 0.21 40.76 25.31
N ASP F 610 -0.06 40.14 24.16
CA ASP F 610 0.99 39.83 23.20
C ASP F 610 0.86 40.78 22.00
N ARG F 611 1.99 41.34 21.58
CA ARG F 611 2.01 42.29 20.47
C ARG F 611 1.72 41.63 19.13
N THR F 612 1.79 40.29 19.07
CA THR F 612 1.64 39.60 17.79
C THR F 612 0.25 39.78 17.20
N ARG F 613 -0.79 39.69 18.03
CA ARG F 613 -2.18 39.75 17.58
C ARG F 613 -2.89 40.89 18.30
N VAL F 614 -2.86 42.08 17.70
CA VAL F 614 -3.57 43.24 18.22
C VAL F 614 -4.35 43.86 17.07
N ALA F 615 -5.64 44.10 17.30
CA ALA F 615 -6.51 44.60 16.23
C ALA F 615 -7.43 45.71 16.70
N VAL F 616 -8.09 46.39 15.77
CA VAL F 616 -9.03 47.46 16.10
C VAL F 616 -10.28 47.28 15.25
N PHE F 617 -11.38 47.88 15.69
CA PHE F 617 -12.61 47.91 14.93
C PHE F 617 -13.34 49.22 15.22
N GLY F 618 -14.12 49.66 14.24
CA GLY F 618 -14.99 50.81 14.40
C GLY F 618 -16.13 50.73 13.42
N LYS F 619 -17.06 51.67 13.54
CA LYS F 619 -18.18 51.74 12.61
C LYS F 619 -18.75 53.16 12.66
N ASP F 620 -19.53 53.49 11.64
CA ASP F 620 -20.10 54.82 11.46
C ASP F 620 -18.96 55.82 11.52
N TYR F 621 -19.07 56.91 12.29
CA TYR F 621 -17.94 57.83 12.44
C TYR F 621 -16.72 57.11 12.97
N GLY F 622 -16.92 56.13 13.87
CA GLY F 622 -15.79 55.38 14.39
C GLY F 622 -15.02 54.67 13.31
N GLY F 623 -15.67 54.30 12.21
CA GLY F 623 -14.96 53.73 11.09
C GLY F 623 -13.85 54.65 10.61
N TYR F 624 -14.15 55.95 10.51
CA TYR F 624 -13.11 56.94 10.27
C TYR F 624 -11.94 56.72 11.22
N LEU F 625 -12.22 56.73 12.52
CA LEU F 625 -11.18 56.48 13.50
C LEU F 625 -10.57 55.11 13.29
N SER F 626 -11.40 54.11 12.98
CA SER F 626 -10.90 52.76 12.76
C SER F 626 -9.95 52.69 11.57
N THR F 627 -9.97 53.70 10.72
CA THR F 627 -8.99 53.83 9.65
C THR F 627 -7.87 54.80 9.98
N TYR F 628 -8.14 55.81 10.81
CA TYR F 628 -7.19 56.87 11.09
C TYR F 628 -6.06 56.44 12.03
N ILE F 629 -6.17 55.26 12.64
CA ILE F 629 -5.28 54.92 13.75
C ILE F 629 -4.39 53.72 13.40
N LEU F 630 -3.97 53.63 12.14
CA LEU F 630 -3.07 52.55 11.76
C LEU F 630 -1.68 53.06 11.35
N PRO F 631 -0.92 53.72 12.24
CA PRO F 631 0.43 54.13 11.89
C PRO F 631 1.48 53.11 12.33
N ALA F 632 2.74 53.38 12.05
CA ALA F 632 3.86 52.59 12.55
C ALA F 632 4.54 53.40 13.65
N LYS F 633 4.37 52.96 14.90
CA LYS F 633 4.97 53.67 16.02
C LYS F 633 6.48 53.64 15.94
N GLY F 634 7.10 54.82 16.00
CA GLY F 634 8.55 54.91 15.96
C GLY F 634 9.11 54.24 14.72
N GLU F 635 10.10 53.39 14.93
CA GLU F 635 10.65 52.55 13.87
C GLU F 635 10.58 51.07 14.18
N ASN F 636 10.86 50.68 15.42
CA ASN F 636 10.79 49.26 15.79
C ASN F 636 9.36 48.80 15.97
N GLN F 637 8.50 49.67 16.50
CA GLN F 637 7.10 49.30 16.80
C GLN F 637 6.19 49.60 15.61
N GLY F 638 6.54 49.05 14.46
CA GLY F 638 5.72 49.20 13.26
C GLY F 638 4.51 48.30 13.29
N GLN F 639 3.69 48.45 12.24
CA GLN F 639 2.44 47.69 12.05
C GLN F 639 1.68 47.55 13.37
N THR F 640 1.25 48.70 13.89
CA THR F 640 0.69 48.78 15.25
C THR F 640 -0.40 47.74 15.48
N PHE F 641 -1.26 47.51 14.47
CA PHE F 641 -2.28 46.48 14.53
C PHE F 641 -2.07 45.50 13.38
N THR F 642 -2.10 44.20 13.70
CA THR F 642 -1.95 43.19 12.65
C THR F 642 -3.09 43.24 11.66
N CYS F 643 -4.32 43.40 12.15
CA CYS F 643 -5.51 43.45 11.30
C CYS F 643 -6.41 44.58 11.75
N GLY F 644 -7.17 45.12 10.80
CA GLY F 644 -8.10 46.19 11.11
C GLY F 644 -9.27 46.15 10.14
N SER F 645 -10.34 46.82 10.54
CA SER F 645 -11.56 46.82 9.74
C SER F 645 -12.38 48.05 10.09
N ALA F 646 -13.38 48.32 9.25
CA ALA F 646 -14.30 49.43 9.47
C ALA F 646 -15.58 49.14 8.72
N LEU F 647 -16.71 49.42 9.35
CA LEU F 647 -18.03 49.20 8.77
C LEU F 647 -18.64 50.55 8.43
N SER F 648 -18.97 50.74 7.17
CA SER F 648 -19.51 52.00 6.67
C SER F 648 -18.65 53.19 7.09
N PRO F 649 -17.36 53.19 6.75
CA PRO F 649 -16.44 54.19 7.30
C PRO F 649 -16.58 55.53 6.58
N ILE F 650 -16.83 56.59 7.35
CA ILE F 650 -16.86 57.93 6.80
C ILE F 650 -15.42 58.42 6.59
N THR F 651 -15.15 58.95 5.40
CA THR F 651 -13.80 59.40 5.05
C THR F 651 -13.75 60.87 4.68
N ASP F 652 -14.68 61.35 3.87
CA ASP F 652 -14.69 62.73 3.42
C ASP F 652 -15.90 63.43 4.05
N PHE F 653 -15.64 64.54 4.73
CA PHE F 653 -16.71 65.30 5.36
C PHE F 653 -17.29 66.37 4.46
N LYS F 654 -16.60 66.73 3.37
CA LYS F 654 -17.24 67.52 2.32
C LYS F 654 -18.38 66.74 1.71
N LEU F 655 -18.18 65.43 1.52
CA LEU F 655 -19.13 64.57 0.85
C LEU F 655 -20.21 64.05 1.80
N TYR F 656 -20.36 64.66 2.97
CA TYR F 656 -21.29 64.24 3.99
C TYR F 656 -22.33 65.32 4.24
N ALA F 657 -23.32 64.98 5.06
CA ALA F 657 -24.44 65.88 5.34
C ALA F 657 -23.94 67.19 5.96
N SER F 658 -24.58 68.29 5.55
CA SER F 658 -24.16 69.61 6.00
C SER F 658 -24.33 69.77 7.51
N ALA F 659 -25.44 69.26 8.05
CA ALA F 659 -25.72 69.47 9.47
C ALA F 659 -24.64 68.87 10.35
N PHE F 660 -23.99 67.80 9.90
CA PHE F 660 -22.88 67.22 10.64
C PHE F 660 -21.55 67.88 10.30
N SER F 661 -21.36 68.24 9.03
CA SER F 661 -20.09 68.82 8.61
C SER F 661 -19.86 70.19 9.26
N GLU F 662 -20.86 71.07 9.16
CA GLU F 662 -20.73 72.42 9.70
C GLU F 662 -20.67 72.45 11.22
N ARG F 663 -21.15 71.39 11.88
CA ARG F 663 -21.13 71.36 13.35
C ARG F 663 -19.71 71.35 13.89
N TYR F 664 -18.79 70.66 13.23
CA TYR F 664 -17.44 70.52 13.72
C TYR F 664 -16.38 71.10 12.79
N LEU F 665 -16.75 71.54 11.59
CA LEU F 665 -15.81 72.12 10.66
C LEU F 665 -16.24 73.47 10.10
N GLY F 666 -17.38 74.00 10.52
CA GLY F 666 -17.84 75.29 10.07
C GLY F 666 -18.52 75.26 8.73
N LEU F 667 -19.10 76.40 8.35
CA LEU F 667 -19.78 76.51 7.08
C LEU F 667 -18.77 76.46 5.93
N HIS F 668 -19.16 75.80 4.85
CA HIS F 668 -18.30 75.63 3.69
C HIS F 668 -18.68 76.62 2.60
N GLY F 669 -18.00 76.52 1.46
CA GLY F 669 -18.23 77.39 0.33
C GLY F 669 -17.34 78.62 0.27
N LEU F 670 -16.55 78.88 1.30
CA LEU F 670 -15.66 80.03 1.33
C LEU F 670 -14.21 79.62 1.57
N ASP F 671 -13.86 78.36 1.33
CA ASP F 671 -12.51 77.83 1.53
C ASP F 671 -12.04 78.06 2.97
N ASN F 672 -12.78 77.43 3.90
CA ASN F 672 -12.45 77.56 5.32
C ASN F 672 -11.20 76.79 5.72
N ARG F 673 -10.66 75.95 4.83
CA ARG F 673 -9.47 75.16 5.11
C ARG F 673 -9.68 74.30 6.35
N ALA F 674 -10.86 73.66 6.43
CA ALA F 674 -11.19 72.79 7.53
C ALA F 674 -11.53 71.37 7.09
N TYR F 675 -11.41 71.07 5.80
CA TYR F 675 -11.71 69.74 5.28
C TYR F 675 -10.54 69.05 4.61
N GLU F 676 -9.50 69.79 4.21
CA GLU F 676 -8.37 69.18 3.51
C GLU F 676 -7.65 68.17 4.39
N MET F 677 -7.45 68.50 5.66
CA MET F 677 -6.74 67.60 6.57
C MET F 677 -7.63 66.50 7.10
N THR F 678 -8.95 66.63 6.97
CA THR F 678 -9.87 65.65 7.53
C THR F 678 -9.98 64.39 6.68
N LYS F 679 -9.54 64.43 5.42
CA LYS F 679 -9.59 63.25 4.58
C LYS F 679 -8.64 62.19 5.12
N VAL F 680 -9.12 60.94 5.17
CA VAL F 680 -8.35 59.84 5.74
C VAL F 680 -7.21 59.40 4.85
N ALA F 681 -7.18 59.87 3.59
CA ALA F 681 -6.12 59.48 2.66
C ALA F 681 -4.73 59.86 3.17
N HIS F 682 -4.64 60.84 4.07
CA HIS F 682 -3.35 61.24 4.61
C HIS F 682 -2.71 60.11 5.41
N ARG F 683 -3.50 59.38 6.19
CA ARG F 683 -2.98 58.37 7.11
C ARG F 683 -2.91 56.99 6.50
N VAL F 684 -3.75 56.68 5.52
CA VAL F 684 -3.84 55.33 4.97
C VAL F 684 -2.70 55.08 3.98
N SER F 685 -1.78 56.04 3.87
CA SER F 685 -0.69 55.91 2.91
C SER F 685 0.22 54.73 3.26
N ALA F 686 0.59 54.58 4.53
CA ALA F 686 1.59 53.59 4.90
C ALA F 686 1.13 52.16 4.63
N LEU F 687 0.14 51.69 5.40
CA LEU F 687 -0.43 50.35 5.27
C LEU F 687 0.64 49.29 4.96
N GLU F 688 1.60 49.19 5.88
CA GLU F 688 2.75 48.31 5.63
C GLU F 688 2.34 46.84 5.62
N GLU F 689 1.79 46.34 6.74
CA GLU F 689 1.41 44.95 6.83
C GLU F 689 0.03 44.74 7.46
N GLN F 690 -0.71 45.81 7.75
CA GLN F 690 -2.02 45.68 8.37
C GLN F 690 -3.00 45.03 7.40
N GLN F 691 -3.64 43.95 7.84
CA GLN F 691 -4.62 43.24 7.02
C GLN F 691 -5.94 43.99 7.12
N PHE F 692 -6.05 45.07 6.35
CA PHE F 692 -7.20 45.96 6.41
C PHE F 692 -8.42 45.31 5.76
N LEU F 693 -9.59 45.84 6.09
CA LEU F 693 -10.85 45.31 5.56
C LEU F 693 -11.91 46.40 5.64
N ILE F 694 -12.88 46.33 4.73
CA ILE F 694 -14.02 47.23 4.72
C ILE F 694 -15.28 46.40 4.51
N ILE F 695 -16.34 46.74 5.23
CA ILE F 695 -17.67 46.17 5.05
C ILE F 695 -18.64 47.31 4.82
N HIS F 696 -19.36 47.26 3.70
CA HIS F 696 -20.24 48.38 3.37
C HIS F 696 -21.51 47.89 2.69
N PRO F 697 -22.65 48.53 2.95
CA PRO F 697 -23.86 48.24 2.18
C PRO F 697 -24.01 49.17 0.99
N THR F 698 -24.48 48.60 -0.13
CA THR F 698 -24.52 49.35 -1.38
C THR F 698 -25.43 50.56 -1.28
N ALA F 699 -26.62 50.38 -0.70
CA ALA F 699 -27.66 51.42 -0.65
C ALA F 699 -27.68 52.13 0.69
N ASP F 700 -26.51 52.35 1.30
CA ASP F 700 -26.47 52.96 2.62
C ASP F 700 -26.94 54.41 2.53
N GLU F 701 -27.92 54.77 3.35
CA GLU F 701 -28.52 56.09 3.31
C GLU F 701 -27.87 57.08 4.26
N LYS F 702 -26.97 56.64 5.13
CA LYS F 702 -26.30 57.54 6.07
C LYS F 702 -24.89 57.90 5.60
N ILE F 703 -24.03 56.89 5.41
CA ILE F 703 -22.68 57.08 4.90
C ILE F 703 -22.66 56.53 3.49
N HIS F 704 -22.64 57.44 2.51
CA HIS F 704 -22.77 57.02 1.12
C HIS F 704 -21.65 56.08 0.71
N PHE F 705 -21.95 55.21 -0.26
CA PHE F 705 -20.94 54.33 -0.84
C PHE F 705 -19.79 55.12 -1.42
N GLN F 706 -20.02 56.38 -1.79
CA GLN F 706 -18.98 57.22 -2.37
C GLN F 706 -17.80 57.39 -1.43
N HIS F 707 -18.04 57.36 -0.11
CA HIS F 707 -16.95 57.44 0.85
C HIS F 707 -16.01 56.25 0.69
N THR F 708 -16.57 55.03 0.67
CA THR F 708 -15.75 53.84 0.47
C THR F 708 -15.12 53.84 -0.90
N ALA F 709 -15.81 54.37 -1.91
CA ALA F 709 -15.24 54.44 -3.25
C ALA F 709 -14.00 55.33 -3.27
N GLU F 710 -14.08 56.50 -2.64
CA GLU F 710 -12.93 57.39 -2.56
C GLU F 710 -11.79 56.75 -1.77
N LEU F 711 -12.14 56.05 -0.68
CA LEU F 711 -11.10 55.36 0.08
C LEU F 711 -10.43 54.30 -0.78
N ILE F 712 -11.19 53.56 -1.58
CA ILE F 712 -10.62 52.53 -2.43
C ILE F 712 -9.75 53.14 -3.50
N THR F 713 -10.17 54.26 -4.07
CA THR F 713 -9.34 54.95 -5.07
C THR F 713 -8.02 55.39 -4.47
N GLN F 714 -8.07 55.98 -3.27
CA GLN F 714 -6.84 56.41 -2.61
C GLN F 714 -5.95 55.21 -2.26
N LEU F 715 -6.56 54.09 -1.85
CA LEU F 715 -5.80 52.89 -1.56
C LEU F 715 -5.13 52.33 -2.81
N ILE F 716 -5.84 52.37 -3.94
CA ILE F 716 -5.26 51.92 -5.20
C ILE F 716 -4.08 52.81 -5.58
N ARG F 717 -4.23 54.13 -5.39
CA ARG F 717 -3.12 55.03 -5.65
C ARG F 717 -1.93 54.73 -4.73
N GLY F 718 -2.21 54.45 -3.46
CA GLY F 718 -1.17 54.08 -2.53
C GLY F 718 -0.71 52.64 -2.62
N LYS F 719 -1.44 51.79 -3.33
CA LYS F 719 -1.07 50.39 -3.57
C LYS F 719 -0.90 49.64 -2.25
N ALA F 720 -2.00 49.52 -1.52
CA ALA F 720 -2.04 48.80 -0.25
C ALA F 720 -2.85 47.51 -0.40
N ASN F 721 -2.87 46.73 0.68
CA ASN F 721 -3.58 45.47 0.73
C ASN F 721 -4.86 45.63 1.53
N TYR F 722 -5.97 45.12 0.99
CA TYR F 722 -7.27 45.22 1.65
C TYR F 722 -8.19 44.15 1.10
N SER F 723 -9.29 43.93 1.82
CA SER F 723 -10.39 43.12 1.35
C SER F 723 -11.69 43.87 1.58
N LEU F 724 -12.71 43.56 0.79
CA LEU F 724 -13.97 44.29 0.83
C LEU F 724 -15.13 43.31 0.85
N GLN F 725 -16.15 43.64 1.63
CA GLN F 725 -17.43 42.94 1.64
C GLN F 725 -18.53 43.95 1.39
N ILE F 726 -19.47 43.61 0.49
CA ILE F 726 -20.49 44.55 0.03
C ILE F 726 -21.85 43.90 0.18
N TYR F 727 -22.79 44.63 0.77
CA TYR F 727 -24.17 44.20 0.88
C TYR F 727 -24.98 44.80 -0.26
N PRO F 728 -25.54 43.99 -1.15
CA PRO F 728 -26.19 44.53 -2.36
C PRO F 728 -27.55 45.13 -2.05
N ASP F 729 -27.61 46.46 -2.10
CA ASP F 729 -28.87 47.21 -1.97
C ASP F 729 -29.56 46.90 -0.64
N GLU F 730 -28.88 47.26 0.46
CA GLU F 730 -29.42 47.14 1.80
C GLU F 730 -29.36 48.49 2.50
N SER F 731 -30.13 48.59 3.58
CA SER F 731 -30.22 49.84 4.34
C SER F 731 -29.02 49.95 5.27
N HIS F 732 -29.08 50.89 6.22
CA HIS F 732 -27.91 51.24 7.01
C HIS F 732 -27.77 50.41 8.29
N TYR F 733 -28.81 50.35 9.11
CA TYR F 733 -28.68 49.81 10.45
C TYR F 733 -28.99 48.31 10.54
N PHE F 734 -29.33 47.68 9.41
CA PHE F 734 -29.54 46.23 9.35
C PHE F 734 -30.65 45.79 10.31
N THR F 735 -31.87 46.25 10.02
CA THR F 735 -33.03 45.84 10.78
C THR F 735 -33.57 44.47 10.37
N SER F 736 -32.76 43.68 9.67
CA SER F 736 -33.09 42.30 9.33
C SER F 736 -32.23 41.36 10.16
N SER F 737 -32.87 40.36 10.76
CA SER F 737 -32.14 39.44 11.63
C SER F 737 -31.08 38.66 10.86
N SER F 738 -31.40 38.21 9.65
CA SER F 738 -30.44 37.49 8.84
C SER F 738 -29.24 38.38 8.49
N LEU F 739 -29.51 39.65 8.16
CA LEU F 739 -28.42 40.57 7.83
C LEU F 739 -27.49 40.78 9.02
N LYS F 740 -28.06 41.00 10.21
CA LYS F 740 -27.24 41.15 11.40
C LYS F 740 -26.44 39.89 11.69
N GLN F 741 -27.08 38.73 11.55
CA GLN F 741 -26.39 37.47 11.82
C GLN F 741 -25.21 37.29 10.86
N HIS F 742 -25.42 37.57 9.57
CA HIS F 742 -24.34 37.43 8.61
C HIS F 742 -23.23 38.44 8.87
N LEU F 743 -23.60 39.67 9.26
CA LEU F 743 -22.60 40.68 9.55
C LEU F 743 -21.73 40.29 10.73
N TYR F 744 -22.36 39.84 11.81
CA TYR F 744 -21.58 39.42 12.98
C TYR F 744 -20.74 38.20 12.66
N ARG F 745 -21.27 37.27 11.86
CA ARG F 745 -20.48 36.11 11.44
C ARG F 745 -19.27 36.56 10.63
N SER F 746 -19.45 37.50 9.72
CA SER F 746 -18.36 37.95 8.87
C SER F 746 -17.27 38.66 9.69
N ILE F 747 -17.67 39.51 10.63
CA ILE F 747 -16.67 40.21 11.42
C ILE F 747 -15.95 39.23 12.34
N ILE F 748 -16.68 38.27 12.92
CA ILE F 748 -16.07 37.26 13.77
C ILE F 748 -15.07 36.45 12.96
N ASN F 749 -15.45 36.08 11.73
CA ASN F 749 -14.52 35.39 10.84
C ASN F 749 -13.26 36.23 10.63
N PHE F 750 -13.41 37.40 10.01
CA PHE F 750 -12.24 38.22 9.70
C PHE F 750 -11.31 38.33 10.91
N PHE F 751 -11.89 38.52 12.10
CA PHE F 751 -11.04 38.64 13.28
C PHE F 751 -10.39 37.31 13.68
N VAL F 752 -11.06 36.18 13.46
CA VAL F 752 -10.45 34.92 13.87
C VAL F 752 -9.36 34.48 12.88
N GLU F 753 -9.58 34.64 11.57
CA GLU F 753 -8.50 34.39 10.63
C GLU F 753 -7.38 35.43 10.72
N CYS F 754 -7.64 36.62 11.29
CA CYS F 754 -6.52 37.52 11.52
C CYS F 754 -5.89 37.37 12.90
N PHE F 755 -6.49 36.56 13.78
CA PHE F 755 -5.89 36.23 15.07
C PHE F 755 -5.31 34.82 15.14
N ARG F 756 -5.49 34.01 14.10
CA ARG F 756 -4.98 32.65 14.14
C ARG F 756 -3.46 32.67 14.21
N ILE F 757 -2.90 31.82 15.07
CA ILE F 757 -1.46 31.76 15.27
C ILE F 757 -0.97 30.33 15.05
N ASP G 1 79.30 -15.32 86.13
CA ASP G 1 79.23 -15.53 84.68
C ASP G 1 79.49 -16.98 84.32
N ALA G 2 78.41 -17.75 84.20
CA ALA G 2 78.49 -19.17 83.86
C ALA G 2 77.39 -19.51 82.86
N LEU G 3 77.73 -20.40 81.92
CA LEU G 3 76.76 -20.89 80.94
C LEU G 3 76.83 -22.41 80.91
N ILE G 4 75.68 -23.05 80.73
CA ILE G 4 75.56 -24.50 80.81
C ILE G 4 75.36 -25.06 79.42
N VAL G 5 75.77 -26.32 79.26
CA VAL G 5 75.60 -27.07 78.02
C VAL G 5 74.44 -28.04 78.21
N LEU G 6 73.38 -27.86 77.42
CA LEU G 6 72.19 -28.69 77.50
C LEU G 6 71.95 -29.34 76.14
N ASN G 7 71.73 -30.65 76.14
CA ASN G 7 71.55 -31.41 74.91
C ASN G 7 70.12 -31.93 74.80
N VAL G 8 69.59 -31.92 73.59
CA VAL G 8 68.21 -32.32 73.33
C VAL G 8 68.24 -33.43 72.28
N SER G 9 68.31 -34.67 72.75
CA SER G 9 68.31 -35.87 71.91
C SER G 9 69.32 -35.74 70.76
N GLY G 10 70.56 -35.42 71.13
CA GLY G 10 71.58 -35.22 70.11
C GLY G 10 72.32 -33.91 70.24
N THR G 11 72.10 -33.01 69.28
CA THR G 11 72.84 -31.74 69.25
C THR G 11 72.60 -30.95 70.53
N ARG G 12 73.68 -30.43 71.09
CA ARG G 12 73.67 -29.68 72.32
C ARG G 12 73.85 -28.18 72.05
N PHE G 13 73.52 -27.38 73.07
CA PHE G 13 73.51 -25.93 72.96
C PHE G 13 74.03 -25.35 74.28
N GLN G 14 74.40 -24.07 74.23
CA GLN G 14 74.97 -23.38 75.37
C GLN G 14 74.07 -22.22 75.77
N THR G 15 73.61 -22.21 77.01
CA THR G 15 72.66 -21.22 77.49
C THR G 15 73.12 -20.61 78.81
N TRP G 16 72.90 -19.31 78.94
CA TRP G 16 73.13 -18.65 80.21
C TRP G 16 71.93 -18.85 81.14
N GLN G 17 72.20 -18.79 82.44
CA GLN G 17 71.14 -19.00 83.43
C GLN G 17 70.08 -17.91 83.34
N ASP G 18 70.50 -16.65 83.21
CA ASP G 18 69.52 -15.55 83.17
C ASP G 18 68.64 -15.64 81.94
N THR G 19 69.21 -15.98 80.79
CA THR G 19 68.42 -16.07 79.56
C THR G 19 67.41 -17.22 79.64
N LEU G 20 67.84 -18.39 80.12
CA LEU G 20 66.97 -19.55 80.15
C LEU G 20 65.95 -19.48 81.28
N GLU G 21 66.28 -18.81 82.39
CA GLU G 21 65.44 -18.78 83.57
C GLU G 21 64.81 -17.41 83.81
N ARG G 22 64.59 -16.63 82.75
CA ARG G 22 63.92 -15.35 82.88
C ARG G 22 62.41 -15.45 82.72
N TYR G 23 61.89 -16.62 82.37
CA TYR G 23 60.45 -16.85 82.19
C TYR G 23 60.04 -18.01 83.08
N PRO G 24 59.92 -17.78 84.39
CA PRO G 24 59.61 -18.89 85.30
C PRO G 24 58.26 -19.53 85.07
N ASP G 25 57.33 -18.84 84.38
CA ASP G 25 56.01 -19.42 84.15
C ASP G 25 56.10 -20.70 83.32
N THR G 26 56.93 -20.70 82.29
CA THR G 26 57.12 -21.89 81.47
C THR G 26 57.98 -22.90 82.23
N LEU G 27 57.87 -24.17 81.82
CA LEU G 27 58.64 -25.23 82.47
C LEU G 27 60.14 -25.01 82.31
N LEU G 28 60.57 -24.35 81.24
CA LEU G 28 61.99 -24.09 81.06
C LEU G 28 62.52 -23.16 82.14
N GLY G 29 61.75 -22.13 82.49
CA GLY G 29 62.18 -21.18 83.51
C GLY G 29 61.97 -21.63 84.94
N SER G 30 61.34 -22.78 85.14
CA SER G 30 61.11 -23.31 86.47
C SER G 30 62.28 -24.20 86.89
N SER G 31 62.12 -24.94 87.98
CA SER G 31 63.13 -25.86 88.47
C SER G 31 63.03 -27.24 87.85
N GLU G 32 62.00 -27.50 87.04
CA GLU G 32 61.83 -28.82 86.44
C GLU G 32 62.97 -29.17 85.49
N ARG G 33 63.75 -28.18 85.04
CA ARG G 33 64.94 -28.48 84.27
C ARG G 33 65.91 -29.35 85.05
N ASP G 34 65.99 -29.15 86.38
CA ASP G 34 66.81 -30.02 87.20
C ASP G 34 66.33 -31.45 87.18
N PHE G 35 65.03 -31.65 86.92
CA PHE G 35 64.53 -33.01 86.70
C PHE G 35 65.14 -33.60 85.44
N PHE G 36 65.26 -32.81 84.38
CA PHE G 36 65.92 -33.25 83.15
C PHE G 36 67.43 -33.14 83.21
N TYR G 37 67.97 -32.55 84.27
CA TYR G 37 69.41 -32.44 84.42
C TYR G 37 70.03 -33.80 84.73
N HIS G 38 71.23 -34.04 84.20
CA HIS G 38 71.99 -35.26 84.44
C HIS G 38 73.35 -34.88 84.99
N PRO G 39 73.48 -34.76 86.31
CA PRO G 39 74.79 -34.41 86.90
C PRO G 39 75.87 -35.43 86.63
N GLU G 40 75.51 -36.67 86.29
CA GLU G 40 76.52 -37.69 85.99
C GLU G 40 77.36 -37.32 84.77
N THR G 41 76.78 -36.59 83.83
CA THR G 41 77.49 -36.16 82.63
C THR G 41 77.59 -34.64 82.50
N GLN G 42 77.13 -33.88 83.51
CA GLN G 42 77.14 -32.42 83.47
C GLN G 42 76.36 -31.90 82.25
N GLN G 43 75.25 -32.56 81.94
CA GLN G 43 74.41 -32.18 80.81
C GLN G 43 72.95 -32.14 81.23
N TYR G 44 72.19 -31.26 80.57
CA TYR G 44 70.75 -31.17 80.75
C TYR G 44 70.09 -31.82 79.55
N PHE G 45 69.60 -33.04 79.71
CA PHE G 45 69.05 -33.81 78.61
C PHE G 45 67.53 -33.68 78.59
N PHE G 46 67.00 -33.21 77.47
CA PHE G 46 65.55 -33.10 77.28
C PHE G 46 64.97 -34.21 76.41
N ASP G 47 65.75 -34.74 75.47
CA ASP G 47 65.32 -35.83 74.59
C ASP G 47 64.06 -35.45 73.80
N ARG G 48 64.19 -34.42 72.96
CA ARG G 48 63.10 -33.95 72.13
C ARG G 48 63.65 -33.66 70.73
N ASP G 49 62.81 -33.07 69.88
CA ASP G 49 63.21 -32.78 68.50
C ASP G 49 64.18 -31.61 68.48
N PRO G 50 65.39 -31.78 67.93
CA PRO G 50 66.38 -30.71 67.98
C PRO G 50 66.27 -29.69 66.85
N ASP G 51 65.06 -29.28 66.51
CA ASP G 51 64.90 -28.12 65.62
C ASP G 51 63.94 -27.09 66.17
N ILE G 52 62.85 -27.52 66.81
CA ILE G 52 61.93 -26.58 67.44
C ILE G 52 62.53 -26.04 68.73
N PHE G 53 63.32 -26.85 69.43
CA PHE G 53 64.04 -26.36 70.60
C PHE G 53 64.97 -25.21 70.23
N ARG G 54 65.55 -25.24 69.03
CA ARG G 54 66.35 -24.12 68.57
C ARG G 54 65.51 -22.85 68.43
N HIS G 55 64.29 -22.99 67.93
CA HIS G 55 63.39 -21.85 67.84
C HIS G 55 63.04 -21.32 69.24
N ILE G 56 62.82 -22.23 70.19
CA ILE G 56 62.55 -21.80 71.57
C ILE G 56 63.75 -21.07 72.15
N LEU G 57 64.96 -21.54 71.83
CA LEU G 57 66.17 -20.86 72.26
C LEU G 57 66.26 -19.45 71.67
N ASN G 58 65.95 -19.32 70.39
CA ASN G 58 65.95 -17.99 69.77
C ASN G 58 64.89 -17.09 70.41
N PHE G 59 63.73 -17.67 70.74
CA PHE G 59 62.67 -16.92 71.40
C PHE G 59 63.14 -16.39 72.74
N TYR G 60 63.72 -17.26 73.57
CA TYR G 60 64.25 -16.81 74.85
C TYR G 60 65.39 -15.81 74.67
N ARG G 61 66.14 -15.92 73.58
CA ARG G 61 67.20 -14.96 73.28
C ARG G 61 66.62 -13.57 73.01
N THR G 62 65.54 -13.50 72.24
CA THR G 62 65.00 -12.22 71.81
C THR G 62 63.68 -11.84 72.45
N GLY G 63 63.00 -12.78 73.12
CA GLY G 63 61.70 -12.53 73.68
C GLY G 63 60.54 -12.80 72.73
N LYS G 64 60.83 -13.12 71.47
CA LYS G 64 59.80 -13.36 70.47
C LYS G 64 60.11 -14.63 69.70
N LEU G 65 59.09 -15.46 69.49
CA LEU G 65 59.24 -16.76 68.87
C LEU G 65 58.77 -16.73 67.43
N HIS G 66 59.33 -17.60 66.61
CA HIS G 66 58.95 -17.76 65.21
C HIS G 66 58.64 -19.22 64.92
N TYR G 67 57.84 -19.42 63.88
CA TYR G 67 57.32 -20.75 63.53
C TYR G 67 58.03 -21.28 62.29
N PRO G 68 58.69 -22.43 62.35
CA PRO G 68 59.33 -22.99 61.17
C PRO G 68 58.32 -23.30 60.08
N ARG G 69 58.69 -23.04 58.83
CA ARG G 69 57.80 -23.26 57.70
C ARG G 69 57.81 -24.69 57.20
N HIS G 70 58.88 -25.44 57.43
CA HIS G 70 59.01 -26.80 56.94
C HIS G 70 58.84 -27.85 58.04
N GLU G 71 58.47 -27.43 59.25
CA GLU G 71 58.25 -28.36 60.36
C GLU G 71 56.78 -28.61 60.63
N CYS G 72 55.89 -28.09 59.78
CA CYS G 72 54.44 -28.22 59.88
C CYS G 72 53.90 -27.84 61.25
N ILE G 73 52.66 -28.19 61.54
CA ILE G 73 52.02 -27.81 62.80
C ILE G 73 51.76 -29.00 63.71
N SER G 74 51.34 -30.14 63.19
CA SER G 74 51.11 -31.32 64.02
C SER G 74 52.42 -31.91 64.55
N ALA G 75 53.55 -31.39 64.09
CA ALA G 75 54.82 -31.58 64.79
C ALA G 75 55.19 -30.40 65.67
N TYR G 76 54.77 -29.19 65.30
CA TYR G 76 55.03 -28.02 66.14
C TYR G 76 54.10 -28.00 67.35
N ASP G 77 52.85 -28.41 67.18
CA ASP G 77 51.90 -28.37 68.29
C ASP G 77 52.33 -29.29 69.43
N GLU G 78 52.79 -30.50 69.09
CA GLU G 78 53.22 -31.43 70.13
C GLU G 78 54.42 -30.89 70.90
N GLU G 79 55.37 -30.28 70.20
CA GLU G 79 56.53 -29.72 70.88
C GLU G 79 56.16 -28.53 71.75
N LEU G 80 55.28 -27.66 71.25
CA LEU G 80 54.91 -26.49 72.06
C LEU G 80 54.02 -26.88 73.24
N ALA G 81 53.31 -28.01 73.13
CA ALA G 81 52.54 -28.50 74.27
C ALA G 81 53.42 -29.19 75.29
N PHE G 82 54.37 -30.02 74.83
CA PHE G 82 55.28 -30.69 75.74
C PHE G 82 56.18 -29.69 76.47
N PHE G 83 56.69 -28.70 75.74
CA PHE G 83 57.56 -27.69 76.35
C PHE G 83 56.78 -26.60 77.07
N GLY G 84 55.46 -26.56 76.94
CA GLY G 84 54.66 -25.60 77.67
C GLY G 84 54.76 -24.17 77.21
N LEU G 85 55.17 -23.93 75.97
CA LEU G 85 55.28 -22.56 75.47
C LEU G 85 53.89 -21.94 75.28
N ILE G 86 53.88 -20.62 75.21
CA ILE G 86 52.65 -19.85 75.01
C ILE G 86 52.49 -19.61 73.52
N PRO G 87 51.41 -20.10 72.89
CA PRO G 87 51.24 -19.94 71.44
C PRO G 87 50.73 -18.58 71.00
N GLU G 88 50.72 -17.58 71.87
CA GLU G 88 50.24 -16.25 71.54
C GLU G 88 51.33 -15.19 71.61
N ILE G 89 52.60 -15.61 71.55
CA ILE G 89 53.73 -14.69 71.59
C ILE G 89 54.67 -15.04 70.44
N ILE G 90 54.17 -15.85 69.51
CA ILE G 90 55.03 -16.40 68.43
C ILE G 90 54.99 -15.37 67.30
N GLY G 91 55.82 -14.34 67.44
CA GLY G 91 55.97 -13.33 66.41
C GLY G 91 54.69 -12.58 66.09
N ASP G 92 54.78 -11.78 65.03
CA ASP G 92 53.63 -11.06 64.50
C ASP G 92 53.24 -11.56 63.12
N CYS G 93 54.17 -11.54 62.17
CA CYS G 93 53.94 -12.18 60.88
C CYS G 93 53.90 -13.69 61.01
N CYS G 94 54.84 -14.24 61.80
CA CYS G 94 54.84 -15.68 62.05
C CYS G 94 53.58 -16.14 62.76
N TYR G 95 53.04 -15.31 63.67
CA TYR G 95 51.78 -15.66 64.31
C TYR G 95 50.67 -15.81 63.29
N GLU G 96 50.57 -14.87 62.36
CA GLU G 96 49.51 -14.93 61.35
C GLU G 96 49.68 -16.13 60.45
N GLU G 97 50.90 -16.36 59.93
CA GLU G 97 51.07 -17.49 59.02
C GLU G 97 50.89 -18.82 59.75
N TYR G 98 51.31 -18.90 61.01
CA TYR G 98 51.07 -20.10 61.80
C TYR G 98 49.57 -20.34 62.01
N LYS G 99 48.82 -19.27 62.31
CA LYS G 99 47.37 -19.43 62.47
C LYS G 99 46.72 -19.87 61.17
N ASP G 100 47.16 -19.31 60.04
CA ASP G 100 46.62 -19.70 58.76
C ASP G 100 46.92 -21.16 58.45
N ARG G 101 48.15 -21.60 58.72
CA ARG G 101 48.49 -23.01 58.48
C ARG G 101 47.76 -23.94 59.42
N ARG G 102 47.56 -23.52 60.68
CA ARG G 102 46.77 -24.30 61.61
C ARG G 102 45.35 -24.47 61.10
N ARG G 103 44.75 -23.39 60.62
CA ARG G 103 43.43 -23.48 60.01
C ARG G 103 43.44 -24.40 58.80
N GLU G 104 44.45 -24.26 57.93
CA GLU G 104 44.50 -25.04 56.69
C GLU G 104 44.57 -26.53 57.00
N ASN G 105 45.38 -26.91 58.00
CA ASN G 105 45.42 -28.31 58.40
C ASN G 105 44.25 -28.69 59.28
N ALA G 106 43.44 -27.72 59.71
CA ALA G 106 42.37 -27.99 60.65
C ALA G 106 41.07 -28.46 60.02
N GLU G 107 40.82 -28.14 58.74
CA GLU G 107 39.55 -28.56 58.14
C GLU G 107 39.44 -30.05 57.97
N ARG G 108 40.52 -30.81 58.12
CA ARG G 108 40.51 -32.24 57.85
C ARG G 108 40.41 -33.08 59.12
N LEU G 109 40.13 -32.47 60.27
CA LEU G 109 39.96 -33.21 61.51
C LEU G 109 38.50 -33.54 61.83
N GLN G 110 37.55 -33.02 61.05
CA GLN G 110 36.14 -33.32 61.27
C GLN G 110 35.54 -34.25 60.22
N ASP G 111 36.00 -34.19 58.98
CA ASP G 111 35.46 -35.08 57.96
C ASP G 111 35.84 -36.52 58.21
N ASP G 112 37.09 -36.77 58.61
CA ASP G 112 37.48 -38.12 59.02
C ASP G 112 36.73 -38.55 60.27
N ALA G 113 36.39 -37.61 61.14
CA ALA G 113 35.51 -37.90 62.26
C ALA G 113 34.10 -38.20 61.78
N ASP G 114 33.66 -37.55 60.70
CA ASP G 114 32.34 -37.79 60.14
C ASP G 114 32.29 -39.02 59.23
N THR G 115 33.44 -39.68 59.02
CA THR G 115 33.47 -40.90 58.22
C THR G 115 32.44 -41.93 58.70
N ASP G 116 32.34 -42.11 60.02
CA ASP G 116 31.40 -43.10 60.55
C ASP G 116 29.95 -42.77 60.21
N THR G 117 29.64 -41.50 59.95
CA THR G 117 28.30 -41.05 59.59
C THR G 117 27.26 -41.53 60.60
N ALA G 118 26.34 -42.39 60.16
CA ALA G 118 25.29 -42.93 61.02
C ALA G 118 25.55 -44.42 61.23
N GLY G 119 25.67 -44.82 62.49
CA GLY G 119 25.83 -46.22 62.84
C GLY G 119 24.74 -46.68 63.78
N GLU G 120 23.53 -46.17 63.56
CA GLU G 120 22.39 -46.44 64.43
C GLU G 120 21.31 -47.19 63.65
N SER G 121 20.69 -48.17 64.31
CA SER G 121 19.65 -48.96 63.69
C SER G 121 18.31 -48.79 64.42
N ALA G 128 13.20 -51.37 62.52
CA ALA G 128 13.49 -50.04 63.04
C ALA G 128 13.30 -48.98 61.95
N ARG G 129 12.44 -48.00 62.22
CA ARG G 129 12.21 -46.93 61.26
C ARG G 129 13.45 -46.08 61.07
N GLN G 130 14.31 -45.99 62.08
CA GLN G 130 15.57 -45.28 61.92
C GLN G 130 16.47 -45.95 60.90
N ARG G 131 16.52 -47.28 60.91
CA ARG G 131 17.35 -48.00 59.95
C ARG G 131 16.85 -47.81 58.52
N VAL G 132 15.54 -47.89 58.31
CA VAL G 132 15.01 -47.70 56.96
C VAL G 132 15.16 -46.24 56.53
N TRP G 133 15.06 -45.30 57.47
CA TRP G 133 15.32 -43.90 57.12
C TRP G 133 16.77 -43.70 56.70
N ARG G 134 17.71 -44.32 57.41
CA ARG G 134 19.12 -44.23 57.02
C ARG G 134 19.34 -44.85 55.65
N ALA G 135 18.68 -45.98 55.38
CA ALA G 135 18.79 -46.60 54.06
C ALA G 135 18.15 -45.73 52.99
N PHE G 136 17.13 -44.94 53.34
CA PHE G 136 16.41 -44.15 52.36
C PHE G 136 17.17 -42.87 52.01
N GLU G 137 17.50 -42.06 53.01
CA GLU G 137 18.16 -40.79 52.75
C GLU G 137 19.50 -40.96 52.07
N ASN G 138 20.16 -42.09 52.27
CA ASN G 138 21.39 -42.44 51.55
C ASN G 138 21.06 -43.58 50.61
N PRO G 139 20.86 -43.33 49.31
CA PRO G 139 20.39 -44.41 48.42
C PRO G 139 21.32 -45.60 48.33
N HIS G 140 22.63 -45.39 48.44
CA HIS G 140 23.61 -46.46 48.23
C HIS G 140 23.69 -47.36 49.47
N THR G 141 22.53 -47.91 49.84
CA THR G 141 22.43 -48.84 50.95
C THR G 141 21.94 -50.21 50.52
N SER G 142 20.82 -50.28 49.80
CA SER G 142 20.24 -51.54 49.38
C SER G 142 19.51 -51.36 48.06
N THR G 143 18.94 -52.46 47.56
CA THR G 143 18.16 -52.40 46.32
C THR G 143 16.94 -51.51 46.48
N MET G 144 16.27 -51.59 47.63
CA MET G 144 15.06 -50.81 47.87
C MET G 144 15.29 -49.32 47.66
N ALA G 145 16.32 -48.78 48.30
CA ALA G 145 16.61 -47.35 48.17
C ALA G 145 16.93 -46.97 46.74
N LEU G 146 17.72 -47.80 46.05
CA LEU G 146 18.00 -47.55 44.64
C LEU G 146 16.72 -47.54 43.82
N VAL G 147 15.82 -48.47 44.10
CA VAL G 147 14.57 -48.55 43.33
C VAL G 147 13.74 -47.29 43.51
N PHE G 148 13.53 -46.86 44.76
CA PHE G 148 12.77 -45.62 44.98
C PHE G 148 13.47 -44.42 44.38
N TYR G 149 14.79 -44.31 44.54
CA TYR G 149 15.53 -43.19 43.97
C TYR G 149 15.31 -43.11 42.47
N TYR G 150 15.53 -44.23 41.76
CA TYR G 150 15.40 -44.26 40.32
C TYR G 150 13.97 -43.96 39.88
N VAL G 151 12.98 -44.58 40.52
CA VAL G 151 11.60 -44.41 40.07
C VAL G 151 11.12 -43.00 40.35
N THR G 152 11.51 -42.42 41.49
CA THR G 152 11.14 -41.04 41.78
C THR G 152 11.76 -40.08 40.77
N GLY G 153 13.04 -40.27 40.44
CA GLY G 153 13.64 -39.44 39.42
C GLY G 153 12.94 -39.57 38.08
N PHE G 154 12.60 -40.80 37.70
CA PHE G 154 11.91 -41.03 36.43
C PHE G 154 10.56 -40.33 36.41
N PHE G 155 9.82 -40.38 37.51
CA PHE G 155 8.50 -39.77 37.52
C PHE G 155 8.58 -38.25 37.60
N ILE G 156 9.60 -37.70 38.26
CA ILE G 156 9.81 -36.25 38.19
C ILE G 156 10.11 -35.85 36.75
N ALA G 157 10.92 -36.65 36.06
CA ALA G 157 11.23 -36.35 34.66
C ALA G 157 9.97 -36.38 33.80
N VAL G 158 9.11 -37.39 34.00
CA VAL G 158 7.90 -37.45 33.17
C VAL G 158 6.96 -36.31 33.52
N SER G 159 6.88 -35.92 34.79
CA SER G 159 6.02 -34.81 35.17
C SER G 159 6.50 -33.51 34.51
N VAL G 160 7.80 -33.25 34.55
CA VAL G 160 8.30 -32.00 33.98
C VAL G 160 8.18 -32.02 32.46
N ILE G 161 8.42 -33.16 31.82
CA ILE G 161 8.28 -33.22 30.37
C ILE G 161 6.81 -33.07 29.97
N ALA G 162 5.90 -33.61 30.78
CA ALA G 162 4.47 -33.41 30.52
C ALA G 162 4.09 -31.94 30.64
N ASN G 163 4.60 -31.27 31.68
CA ASN G 163 4.35 -29.84 31.83
C ASN G 163 4.89 -29.06 30.63
N VAL G 164 6.05 -29.48 30.12
CA VAL G 164 6.61 -28.84 28.92
C VAL G 164 5.67 -29.05 27.73
N VAL G 165 5.22 -30.29 27.53
CA VAL G 165 4.39 -30.62 26.37
C VAL G 165 3.01 -30.00 26.45
N GLU G 166 2.54 -29.64 27.65
CA GLU G 166 1.18 -29.17 27.87
C GLU G 166 0.67 -28.17 26.83
N THR G 167 1.56 -27.38 26.23
CA THR G 167 1.14 -26.38 25.26
C THR G 167 1.73 -26.66 23.88
N VAL G 168 2.20 -27.87 23.63
CA VAL G 168 2.59 -28.24 22.27
C VAL G 168 1.36 -28.14 21.36
N PRO G 169 1.46 -27.48 20.20
CA PRO G 169 0.24 -27.25 19.39
C PRO G 169 -0.51 -28.52 19.03
N CYS G 170 0.18 -29.62 18.75
CA CYS G 170 -0.50 -30.88 18.48
C CYS G 170 -1.25 -31.35 19.72
N GLY G 171 -0.66 -31.20 20.90
CA GLY G 171 -1.27 -31.56 22.16
C GLY G 171 -2.06 -30.46 22.83
N SER G 172 -2.31 -29.34 22.16
CA SER G 172 -3.04 -28.24 22.76
C SER G 172 -4.19 -27.79 21.87
N SER G 173 -4.79 -26.65 22.20
CA SER G 173 -5.96 -26.18 21.46
C SER G 173 -5.73 -26.06 19.95
N PRO G 174 -4.62 -25.48 19.45
CA PRO G 174 -4.48 -25.35 17.99
C PRO G 174 -4.26 -26.70 17.31
N GLY G 175 -4.19 -26.69 15.98
CA GLY G 175 -3.99 -27.88 15.20
C GLY G 175 -5.26 -28.62 14.83
N HIS G 176 -6.39 -28.31 15.47
CA HIS G 176 -7.66 -28.96 15.18
C HIS G 176 -8.77 -27.96 15.48
N ILE G 177 -9.24 -27.27 14.44
CA ILE G 177 -10.35 -26.33 14.59
C ILE G 177 -11.44 -26.68 13.59
N LYS G 178 -11.06 -27.33 12.49
CA LYS G 178 -12.03 -27.66 11.45
C LYS G 178 -12.92 -28.83 11.87
N GLU G 179 -12.37 -29.81 12.58
CA GLU G 179 -13.12 -30.99 13.00
C GLU G 179 -13.20 -31.18 14.50
N LEU G 180 -12.18 -30.79 15.25
CA LEU G 180 -12.18 -30.95 16.70
C LEU G 180 -11.09 -30.09 17.35
N ARG G 185 -4.92 -35.54 19.02
CA ARG G 185 -6.04 -34.71 19.47
C ARG G 185 -5.73 -34.08 20.82
N TYR G 186 -6.61 -33.16 21.24
CA TYR G 186 -6.42 -32.43 22.51
C TYR G 186 -6.79 -33.35 23.68
N ALA G 187 -5.92 -34.33 23.92
CA ALA G 187 -6.12 -35.28 25.01
C ALA G 187 -5.94 -34.56 26.34
N VAL G 188 -7.01 -34.42 27.11
CA VAL G 188 -6.95 -33.82 28.44
C VAL G 188 -6.37 -34.78 29.46
N ALA G 189 -6.03 -36.00 29.06
CA ALA G 189 -5.51 -37.00 29.98
C ALA G 189 -4.24 -36.54 30.66
N PHE G 190 -3.53 -35.55 30.08
CA PHE G 190 -2.41 -34.90 30.75
C PHE G 190 -2.73 -34.65 32.22
N PHE G 191 -3.91 -34.06 32.48
CA PHE G 191 -4.37 -33.82 33.84
C PHE G 191 -4.12 -35.02 34.74
N CYS G 192 -4.68 -36.16 34.36
CA CYS G 192 -4.56 -37.38 35.16
C CYS G 192 -3.10 -37.66 35.50
N LEU G 193 -2.21 -37.59 34.50
CA LEU G 193 -0.80 -37.83 34.74
C LEU G 193 -0.29 -36.95 35.87
N ASP G 194 -0.54 -35.63 35.75
CA ASP G 194 -0.18 -34.70 36.81
C ASP G 194 -0.64 -35.24 38.16
N THR G 195 -1.93 -35.55 38.26
CA THR G 195 -2.49 -36.02 39.53
C THR G 195 -1.65 -37.19 40.06
N ALA G 196 -1.42 -38.19 39.22
CA ALA G 196 -0.66 -39.35 39.66
C ALA G 196 0.68 -38.92 40.22
N CYS G 197 1.44 -38.15 39.44
CA CYS G 197 2.75 -37.72 39.90
C CYS G 197 2.62 -37.03 41.24
N VAL G 198 1.66 -36.12 41.36
CA VAL G 198 1.52 -35.36 42.60
C VAL G 198 1.34 -36.31 43.77
N MET G 199 0.41 -37.26 43.66
CA MET G 199 0.16 -38.11 44.81
C MET G 199 1.40 -38.95 45.10
N ILE G 200 2.08 -39.42 44.04
CA ILE G 200 3.33 -40.16 44.25
C ILE G 200 4.31 -39.30 45.02
N PHE G 201 4.47 -38.04 44.60
CA PHE G 201 5.35 -37.15 45.34
C PHE G 201 4.93 -37.05 46.79
N THR G 202 3.63 -36.91 47.04
CA THR G 202 3.17 -36.81 48.42
C THR G 202 3.54 -38.07 49.19
N VAL G 203 3.40 -39.24 48.56
CA VAL G 203 3.81 -40.48 49.22
C VAL G 203 5.26 -40.38 49.64
N GLU G 204 6.13 -39.90 48.74
CA GLU G 204 7.50 -39.59 49.10
C GLU G 204 7.53 -38.80 50.41
N TYR G 205 6.91 -37.62 50.39
CA TYR G 205 6.93 -36.76 51.56
C TYR G 205 6.34 -37.46 52.77
N LEU G 206 5.34 -38.33 52.56
CA LEU G 206 4.74 -39.03 53.68
C LEU G 206 5.79 -39.86 54.42
N LEU G 207 6.62 -40.59 53.68
CA LEU G 207 7.71 -41.30 54.34
C LEU G 207 8.68 -40.32 54.99
N ARG G 208 8.99 -39.23 54.30
CA ARG G 208 9.79 -38.17 54.91
C ARG G 208 9.10 -37.60 56.14
N LEU G 209 7.77 -37.64 56.17
CA LEU G 209 7.05 -37.20 57.36
C LEU G 209 7.28 -38.15 58.53
N ALA G 210 7.41 -39.45 58.25
CA ALA G 210 7.54 -40.46 59.30
C ALA G 210 8.97 -40.89 59.55
N ALA G 211 9.76 -41.11 58.49
CA ALA G 211 11.12 -41.60 58.65
C ALA G 211 12.06 -40.56 59.26
N ALA G 212 11.70 -39.29 59.24
CA ALA G 212 12.58 -38.25 59.77
C ALA G 212 12.76 -38.42 61.27
N PRO G 213 13.99 -38.54 61.77
CA PRO G 213 14.18 -38.66 63.22
C PRO G 213 13.64 -37.47 64.00
N SER G 214 13.70 -36.27 63.41
CA SER G 214 13.13 -35.08 64.02
C SER G 214 12.25 -34.40 62.99
N ARG G 215 10.97 -34.21 63.34
CA ARG G 215 10.03 -33.58 62.41
C ARG G 215 10.39 -32.12 62.15
N TYR G 216 10.61 -31.35 63.22
CA TYR G 216 10.90 -29.93 63.06
C TYR G 216 12.23 -29.71 62.34
N ARG G 217 13.24 -30.52 62.68
CA ARG G 217 14.54 -30.37 62.02
C ARG G 217 14.44 -30.67 60.53
N PHE G 218 13.69 -31.70 60.16
CA PHE G 218 13.51 -32.01 58.75
C PHE G 218 12.73 -30.90 58.04
N VAL G 219 11.68 -30.39 58.67
CA VAL G 219 10.87 -29.34 58.06
C VAL G 219 11.71 -28.08 57.86
N ARG G 220 12.58 -27.76 58.81
CA ARG G 220 13.44 -26.59 58.69
C ARG G 220 14.39 -26.68 57.50
N SER G 221 14.71 -27.89 57.04
CA SER G 221 15.60 -28.05 55.91
C SER G 221 14.99 -27.47 54.64
N VAL G 222 15.85 -26.93 53.78
CA VAL G 222 15.39 -26.30 52.53
C VAL G 222 14.77 -27.34 51.61
N MET G 223 15.25 -28.58 51.63
CA MET G 223 14.68 -29.61 50.77
C MET G 223 13.21 -29.82 51.09
N SER G 224 12.85 -29.83 52.37
CA SER G 224 11.46 -30.00 52.77
C SER G 224 10.59 -28.85 52.27
N ILE G 225 11.10 -27.62 52.38
CA ILE G 225 10.28 -26.47 51.96
C ILE G 225 10.10 -26.48 50.45
N ILE G 226 11.15 -26.86 49.70
CA ILE G 226 11.01 -27.00 48.25
C ILE G 226 9.98 -28.07 47.92
N ASP G 227 10.06 -29.22 48.60
CA ASP G 227 9.14 -30.30 48.32
C ASP G 227 7.70 -29.87 48.59
N VAL G 228 7.46 -29.22 49.73
CA VAL G 228 6.09 -28.85 50.08
C VAL G 228 5.57 -27.76 49.15
N VAL G 229 6.42 -26.78 48.78
CA VAL G 229 5.94 -25.73 47.90
C VAL G 229 5.66 -26.28 46.51
N ALA G 230 6.31 -27.38 46.12
CA ALA G 230 5.94 -28.03 44.86
C ALA G 230 4.71 -28.92 45.02
N ILE G 231 4.43 -29.39 46.24
CA ILE G 231 3.20 -30.17 46.45
C ILE G 231 1.97 -29.27 46.40
N LEU G 232 2.06 -28.07 47.00
CA LEU G 232 0.88 -27.19 47.11
C LEU G 232 0.10 -26.96 45.83
N PRO G 233 0.72 -26.68 44.66
CA PRO G 233 -0.08 -26.23 43.51
C PRO G 233 -1.24 -27.14 43.13
N TYR G 234 -1.07 -28.45 43.17
CA TYR G 234 -2.15 -29.36 42.80
C TYR G 234 -3.34 -29.22 43.76
N TYR G 235 -3.06 -29.21 45.07
CA TYR G 235 -4.14 -29.11 46.04
C TYR G 235 -4.80 -27.73 46.00
N ILE G 236 -4.02 -26.68 45.78
CA ILE G 236 -4.59 -25.35 45.67
C ILE G 236 -5.48 -25.26 44.43
N GLY G 237 -5.07 -25.87 43.33
CA GLY G 237 -5.92 -25.92 42.16
C GLY G 237 -7.20 -26.70 42.40
N LEU G 238 -7.11 -27.80 43.14
CA LEU G 238 -8.30 -28.56 43.49
C LEU G 238 -9.26 -27.71 44.32
N VAL G 239 -8.74 -26.98 45.31
CA VAL G 239 -9.58 -26.13 46.14
C VAL G 239 -10.21 -25.03 45.30
N MET G 240 -9.44 -24.43 44.38
CA MET G 240 -9.99 -23.38 43.52
C MET G 240 -11.09 -23.92 42.63
N THR G 241 -10.90 -25.10 42.04
CA THR G 241 -11.94 -25.69 41.21
C THR G 241 -13.16 -26.09 42.01
N ASP G 242 -12.98 -26.44 43.29
CA ASP G 242 -14.11 -26.83 44.13
C ASP G 242 -15.09 -25.67 44.29
N ASN G 243 -14.57 -24.46 44.47
CA ASN G 243 -15.40 -23.26 44.62
C ASN G 243 -15.33 -22.47 43.31
N GLU G 244 -16.29 -22.73 42.42
CA GLU G 244 -16.46 -22.08 41.11
C GLU G 244 -15.15 -21.96 40.35
N ASP G 245 -15.03 -20.93 39.51
CA ASP G 245 -13.84 -20.73 38.71
C ASP G 245 -13.73 -19.25 38.35
N VAL G 246 -12.58 -18.65 38.67
CA VAL G 246 -12.33 -17.24 38.40
C VAL G 246 -10.99 -17.13 37.67
N SER G 247 -10.97 -16.31 36.62
CA SER G 247 -9.73 -16.05 35.91
C SER G 247 -8.75 -15.29 36.80
N GLY G 248 -7.46 -15.45 36.51
CA GLY G 248 -6.45 -14.84 37.35
C GLY G 248 -5.34 -15.79 37.75
N ALA G 249 -5.27 -16.10 39.04
CA ALA G 249 -4.14 -16.81 39.63
C ALA G 249 -3.99 -18.25 39.15
N PHE G 250 -4.83 -18.70 38.22
CA PHE G 250 -4.69 -20.07 37.72
C PHE G 250 -3.43 -20.21 36.88
N VAL G 251 -3.17 -19.26 35.97
CA VAL G 251 -1.92 -19.28 35.21
C VAL G 251 -0.72 -19.13 36.14
N THR G 252 -0.87 -18.30 37.18
CA THR G 252 0.22 -18.14 38.15
C THR G 252 0.51 -19.45 38.86
N LEU G 253 -0.53 -20.18 39.26
CA LEU G 253 -0.33 -21.47 39.91
C LEU G 253 0.35 -22.45 38.95
N ARG G 254 -0.08 -22.44 37.68
CA ARG G 254 0.61 -23.26 36.69
C ARG G 254 2.07 -22.86 36.57
N VAL G 255 2.38 -21.58 36.78
CA VAL G 255 3.78 -21.14 36.79
C VAL G 255 4.53 -21.76 37.96
N PHE G 256 3.94 -21.72 39.16
CA PHE G 256 4.59 -22.40 40.28
C PHE G 256 4.73 -23.90 40.05
N ARG G 257 3.89 -24.49 39.21
CA ARG G 257 3.96 -25.93 38.99
C ARG G 257 5.32 -26.39 38.48
N VAL G 258 6.08 -25.51 37.82
CA VAL G 258 7.33 -25.96 37.18
C VAL G 258 8.43 -26.24 38.21
N PHE G 259 8.30 -25.72 39.44
CA PHE G 259 9.35 -25.84 40.44
C PHE G 259 9.65 -27.28 40.84
N ARG G 260 8.95 -28.26 40.27
CA ARG G 260 9.17 -29.67 40.58
C ARG G 260 10.52 -30.17 40.09
N ILE G 261 11.24 -29.39 39.29
CA ILE G 261 12.55 -29.83 38.80
C ILE G 261 13.55 -29.97 39.94
N PHE G 262 13.37 -29.20 41.01
CA PHE G 262 14.39 -29.08 42.04
C PHE G 262 14.62 -30.36 42.83
N LYS G 263 13.75 -31.36 42.70
CA LYS G 263 13.99 -32.64 43.37
C LYS G 263 15.24 -33.34 42.87
N PHE G 264 15.74 -32.96 41.69
CA PHE G 264 16.99 -33.53 41.18
C PHE G 264 18.20 -33.15 42.01
N SER G 265 18.05 -32.20 42.95
CA SER G 265 19.11 -31.95 43.91
C SER G 265 19.49 -33.22 44.65
N ARG G 266 18.51 -34.08 44.93
CA ARG G 266 18.82 -35.41 45.45
C ARG G 266 19.41 -36.30 44.37
N HIS G 267 18.91 -36.19 43.14
CA HIS G 267 19.42 -36.99 42.03
C HIS G 267 20.61 -36.30 41.36
N SER G 268 21.56 -35.83 42.18
CA SER G 268 22.74 -35.10 41.71
C SER G 268 23.56 -34.70 42.92
N GLN G 269 24.82 -34.36 42.65
CA GLN G 269 25.65 -33.68 43.65
C GLN G 269 25.99 -32.26 43.24
N GLY G 270 25.82 -31.89 41.98
CA GLY G 270 26.16 -30.54 41.54
C GLY G 270 25.17 -29.47 41.95
N LEU G 271 23.89 -29.83 42.05
CA LEU G 271 22.89 -28.83 42.40
C LEU G 271 23.09 -28.33 43.83
N ARG G 272 23.33 -29.25 44.77
CA ARG G 272 23.49 -28.83 46.15
C ARG G 272 24.80 -28.09 46.36
N ILE G 273 25.87 -28.48 45.67
CA ILE G 273 27.12 -27.75 45.80
C ILE G 273 27.00 -26.37 45.17
N LEU G 274 26.25 -26.25 44.07
CA LEU G 274 25.99 -24.93 43.49
C LEU G 274 25.21 -24.06 44.47
N GLY G 275 24.20 -24.64 45.13
CA GLY G 275 23.50 -23.90 46.16
C GLY G 275 24.41 -23.47 47.29
N TYR G 276 25.33 -24.35 47.68
CA TYR G 276 26.31 -24.00 48.73
C TYR G 276 27.14 -22.81 48.29
N THR G 277 27.63 -22.83 47.05
CA THR G 277 28.47 -21.73 46.55
C THR G 277 27.68 -20.42 46.52
N LEU G 278 26.45 -20.46 46.04
CA LEU G 278 25.63 -19.24 46.02
C LEU G 278 25.36 -18.73 47.42
N LYS G 279 25.08 -19.62 48.37
CA LYS G 279 24.81 -19.19 49.74
C LYS G 279 26.06 -18.63 50.40
N SER G 280 27.23 -19.15 50.06
CA SER G 280 28.47 -18.67 50.67
C SER G 280 28.84 -17.28 50.17
N CYS G 281 28.63 -17.02 48.87
CA CYS G 281 29.00 -15.76 48.25
C CYS G 281 27.83 -14.78 48.20
N ALA G 282 26.95 -14.81 49.20
CA ALA G 282 25.79 -13.93 49.19
C ALA G 282 26.18 -12.46 49.21
N SER G 283 27.24 -12.11 49.94
CA SER G 283 27.69 -10.72 49.98
C SER G 283 28.14 -10.25 48.61
N GLU G 284 28.89 -11.10 47.89
CA GLU G 284 29.33 -10.74 46.55
C GLU G 284 28.17 -10.63 45.58
N LEU G 285 27.17 -11.50 45.71
CA LEU G 285 25.98 -11.39 44.86
C LEU G 285 25.23 -10.10 45.15
N GLY G 286 25.13 -9.72 46.43
CA GLY G 286 24.51 -8.45 46.77
C GLY G 286 25.27 -7.26 46.22
N PHE G 287 26.60 -7.33 46.25
CA PHE G 287 27.41 -6.28 45.64
C PHE G 287 27.18 -6.21 44.14
N LEU G 288 27.11 -7.37 43.49
CA LEU G 288 26.73 -7.41 42.07
C LEU G 288 25.42 -6.68 41.84
N LEU G 289 24.39 -7.02 42.62
CA LEU G 289 23.08 -6.42 42.41
C LEU G 289 23.12 -4.91 42.63
N PHE G 290 23.79 -4.47 43.70
CA PHE G 290 23.83 -3.05 44.01
C PHE G 290 24.56 -2.26 42.93
N SER G 291 25.73 -2.74 42.52
CA SER G 291 26.48 -2.06 41.47
C SER G 291 25.72 -2.06 40.15
N LEU G 292 25.05 -3.18 39.84
CA LEU G 292 24.28 -3.26 38.61
C LEU G 292 23.12 -2.28 38.63
N THR G 293 22.44 -2.15 39.77
CA THR G 293 21.35 -1.18 39.87
C THR G 293 21.88 0.25 39.70
N MET G 294 23.00 0.56 40.34
CA MET G 294 23.60 1.88 40.15
C MET G 294 23.87 2.14 38.68
N ALA G 295 24.54 1.21 38.01
CA ALA G 295 24.92 1.41 36.62
C ALA G 295 23.68 1.54 35.73
N ILE G 296 22.69 0.67 35.91
CA ILE G 296 21.52 0.72 35.04
C ILE G 296 20.77 2.02 35.24
N ILE G 297 20.62 2.47 36.49
CA ILE G 297 19.91 3.72 36.74
C ILE G 297 20.64 4.89 36.08
N ILE G 298 21.96 4.96 36.29
CA ILE G 298 22.71 6.09 35.75
C ILE G 298 22.64 6.11 34.23
N PHE G 299 22.94 4.98 33.58
CA PHE G 299 22.99 4.96 32.13
C PHE G 299 21.62 5.13 31.52
N ALA G 300 20.59 4.55 32.13
CA ALA G 300 19.23 4.72 31.62
C ALA G 300 18.78 6.17 31.70
N THR G 301 19.06 6.84 32.83
CA THR G 301 18.70 8.25 32.94
C THR G 301 19.44 9.09 31.92
N VAL G 302 20.74 8.84 31.74
CA VAL G 302 21.50 9.62 30.78
C VAL G 302 20.96 9.42 29.37
N MET G 303 20.70 8.17 28.99
CA MET G 303 20.22 7.93 27.63
C MET G 303 18.82 8.49 27.41
N PHE G 304 17.95 8.40 28.42
CA PHE G 304 16.62 8.98 28.25
C PHE G 304 16.71 10.49 28.07
N TYR G 305 17.52 11.15 28.90
CA TYR G 305 17.62 12.60 28.78
C TYR G 305 18.39 13.03 27.53
N ALA G 306 19.15 12.13 26.91
CA ALA G 306 19.83 12.44 25.66
C ALA G 306 19.10 11.89 24.44
N GLU G 307 17.95 11.24 24.63
CA GLU G 307 17.24 10.61 23.52
C GLU G 307 15.73 10.80 23.59
N LYS G 308 15.21 11.46 24.62
CA LYS G 308 13.76 11.66 24.69
C LYS G 308 13.27 12.57 23.56
N GLY G 309 14.15 13.40 23.02
CA GLY G 309 13.81 14.24 21.89
C GLY G 309 14.11 13.58 20.57
N SER G 310 13.10 12.99 19.95
CA SER G 310 13.25 12.34 18.66
C SER G 310 11.87 12.21 18.02
N SER G 311 11.84 11.69 16.79
CA SER G 311 10.59 11.55 16.07
C SER G 311 9.65 10.57 16.77
N ALA G 312 10.06 9.31 16.85
CA ALA G 312 9.26 8.26 17.46
C ALA G 312 10.13 7.39 18.36
N SER G 313 10.95 8.05 19.20
CA SER G 313 11.87 7.33 20.07
C SER G 313 11.13 6.37 20.99
N LYS G 314 11.63 5.14 21.06
CA LYS G 314 11.03 4.13 21.93
C LYS G 314 11.28 4.42 23.41
N PHE G 315 12.16 5.36 23.73
CA PHE G 315 12.42 5.75 25.12
C PHE G 315 11.26 6.63 25.60
N THR G 316 10.11 5.99 25.79
CA THR G 316 8.92 6.70 26.26
C THR G 316 9.10 7.21 27.69
N SER G 317 9.63 6.35 28.56
CA SER G 317 9.81 6.71 29.97
C SER G 317 11.09 6.05 30.48
N ILE G 318 11.43 6.34 31.73
CA ILE G 318 12.63 5.77 32.33
C ILE G 318 12.63 4.25 32.34
N PRO G 319 11.52 3.56 32.64
CA PRO G 319 11.56 2.08 32.58
C PRO G 319 11.95 1.53 31.22
N ALA G 320 11.57 2.19 30.13
CA ALA G 320 12.06 1.77 28.82
C ALA G 320 13.58 1.91 28.74
N ALA G 321 14.12 2.98 29.33
CA ALA G 321 15.56 3.13 29.39
C ALA G 321 16.20 2.05 30.26
N PHE G 322 15.53 1.63 31.33
CA PHE G 322 15.99 0.47 32.10
C PHE G 322 16.06 -0.77 31.22
N TRP G 323 15.02 -1.01 30.42
CA TRP G 323 15.04 -2.16 29.53
C TRP G 323 16.22 -2.10 28.58
N TYR G 324 16.41 -0.95 27.92
CA TYR G 324 17.52 -0.83 26.99
C TYR G 324 18.86 -1.00 27.69
N THR G 325 19.02 -0.36 28.85
CA THR G 325 20.30 -0.42 29.53
C THR G 325 20.60 -1.83 29.99
N ILE G 326 19.59 -2.55 30.48
CA ILE G 326 19.88 -3.89 30.97
C ILE G 326 20.10 -4.86 29.82
N VAL G 327 19.54 -4.58 28.64
CA VAL G 327 19.88 -5.43 27.51
C VAL G 327 21.22 -5.03 26.92
N THR G 328 21.74 -3.86 27.26
CA THR G 328 23.06 -3.46 26.77
C THR G 328 24.19 -3.91 27.68
N MET G 329 24.06 -3.66 28.99
CA MET G 329 25.12 -4.00 29.94
C MET G 329 25.45 -5.48 29.91
N THR G 330 24.48 -6.32 29.55
CA THR G 330 24.69 -7.75 29.44
C THR G 330 25.19 -8.17 28.06
N THR G 331 25.46 -7.19 27.18
CA THR G 331 25.93 -7.46 25.82
C THR G 331 24.97 -8.39 25.09
N LEU G 332 23.68 -8.13 25.24
CA LEU G 332 22.65 -8.91 24.55
C LEU G 332 22.27 -8.28 23.23
N GLY G 333 21.78 -7.03 23.27
CA GLY G 333 21.51 -6.29 22.06
C GLY G 333 20.42 -6.87 21.19
N TYR G 334 19.17 -6.84 21.67
CA TYR G 334 18.07 -7.34 20.86
C TYR G 334 17.85 -6.51 19.62
N GLY G 335 18.14 -5.21 19.68
CA GLY G 335 17.89 -4.31 18.59
C GLY G 335 16.53 -3.65 18.60
N ASP G 336 15.69 -3.96 19.60
CA ASP G 336 14.39 -3.31 19.70
C ASP G 336 14.53 -1.81 19.89
N MET G 337 15.44 -1.39 20.76
CA MET G 337 15.62 0.01 21.12
C MET G 337 17.08 0.39 20.89
N VAL G 338 17.31 1.34 19.99
CA VAL G 338 18.66 1.81 19.69
C VAL G 338 18.67 3.33 19.73
N PRO G 339 19.77 3.95 20.13
CA PRO G 339 19.82 5.42 20.12
C PRO G 339 19.95 5.97 18.71
N LYS G 340 19.67 7.27 18.58
CA LYS G 340 19.75 7.95 17.30
C LYS G 340 20.52 9.26 17.36
N THR G 341 20.97 9.69 18.53
CA THR G 341 21.76 10.90 18.68
C THR G 341 23.18 10.53 19.08
N ILE G 342 24.11 11.47 18.86
CA ILE G 342 25.52 11.21 19.13
C ILE G 342 25.74 10.89 20.60
N ALA G 343 25.13 11.67 21.49
CA ALA G 343 25.22 11.39 22.92
C ALA G 343 24.64 10.02 23.23
N GLY G 344 23.53 9.67 22.59
CA GLY G 344 22.96 8.35 22.79
C GLY G 344 23.91 7.24 22.42
N LYS G 345 24.54 7.36 21.25
CA LYS G 345 25.46 6.31 20.81
C LYS G 345 26.68 6.20 21.71
N ILE G 346 27.28 7.34 22.08
CA ILE G 346 28.49 7.29 22.90
C ILE G 346 28.16 6.72 24.29
N PHE G 347 27.03 7.13 24.87
CA PHE G 347 26.69 6.62 26.19
C PHE G 347 26.23 5.17 26.13
N GLY G 348 25.67 4.73 25.00
CA GLY G 348 25.38 3.31 24.84
C GLY G 348 26.65 2.47 24.80
N SER G 349 27.67 2.95 24.07
CA SER G 349 28.94 2.23 24.05
C SER G 349 29.59 2.19 25.43
N ILE G 350 29.60 3.33 26.12
CA ILE G 350 30.15 3.36 27.47
C ILE G 350 29.37 2.44 28.39
N CYS G 351 28.04 2.39 28.22
CA CYS G 351 27.21 1.50 29.01
C CYS G 351 27.55 0.04 28.76
N SER G 352 27.79 -0.33 27.51
CA SER G 352 28.17 -1.71 27.19
C SER G 352 29.50 -2.06 27.84
N LEU G 353 30.48 -1.15 27.75
CA LEU G 353 31.77 -1.42 28.38
C LEU G 353 31.63 -1.57 29.89
N SER G 354 30.87 -0.67 30.52
CA SER G 354 30.69 -0.73 31.97
C SER G 354 29.90 -1.97 32.36
N GLY G 355 28.98 -2.43 31.52
CA GLY G 355 28.27 -3.67 31.81
C GLY G 355 29.19 -4.87 31.77
N VAL G 356 30.07 -4.92 30.77
CA VAL G 356 31.08 -5.98 30.75
C VAL G 356 31.88 -5.96 32.04
N LEU G 357 32.35 -4.77 32.45
CA LEU G 357 33.14 -4.66 33.66
C LEU G 357 32.37 -5.13 34.89
N VAL G 358 31.13 -4.65 35.05
CA VAL G 358 30.36 -4.93 36.24
C VAL G 358 30.01 -6.41 36.32
N ILE G 359 29.63 -7.02 35.19
CA ILE G 359 29.30 -8.44 35.20
C ILE G 359 30.55 -9.27 35.48
N ALA G 360 31.70 -8.85 34.96
CA ALA G 360 32.93 -9.60 35.18
C ALA G 360 33.55 -9.35 36.54
N LEU G 361 33.07 -8.36 37.29
CA LEU G 361 33.65 -8.08 38.61
C LEU G 361 33.56 -9.25 39.58
N PRO G 362 32.39 -9.88 39.84
CA PRO G 362 32.33 -10.90 40.90
C PRO G 362 32.42 -12.34 40.40
N VAL G 363 32.38 -12.54 39.09
CA VAL G 363 32.47 -13.90 38.55
C VAL G 363 33.79 -14.58 38.88
N PRO G 364 34.94 -13.87 39.02
CA PRO G 364 36.14 -14.60 39.46
C PRO G 364 35.99 -15.22 40.84
N VAL G 365 35.46 -14.47 41.81
CA VAL G 365 35.31 -15.06 43.14
C VAL G 365 34.23 -16.13 43.12
N ILE G 366 33.17 -15.96 42.31
CA ILE G 366 32.16 -17.01 42.22
C ILE G 366 32.77 -18.31 41.69
N VAL G 367 33.51 -18.22 40.59
CA VAL G 367 34.07 -19.44 40.00
C VAL G 367 35.17 -20.02 40.89
N SER G 368 35.91 -19.17 41.60
CA SER G 368 36.93 -19.65 42.51
C SER G 368 36.32 -20.43 43.67
N ASN G 369 35.27 -19.87 44.28
CA ASN G 369 34.58 -20.57 45.36
C ASN G 369 33.98 -21.87 44.87
N PHE G 370 33.35 -21.85 43.70
CA PHE G 370 32.79 -23.07 43.15
C PHE G 370 33.87 -24.12 42.92
N SER G 371 35.00 -23.72 42.35
CA SER G 371 36.08 -24.67 42.11
C SER G 371 36.63 -25.23 43.41
N ARG G 372 36.85 -24.37 44.41
CA ARG G 372 37.40 -24.85 45.67
C ARG G 372 36.48 -25.85 46.34
N ILE G 373 35.18 -25.52 46.40
CA ILE G 373 34.23 -26.43 47.03
C ILE G 373 34.13 -27.72 46.22
N TYR G 374 34.22 -27.63 44.89
CA TYR G 374 34.14 -28.85 44.08
C TYR G 374 35.36 -29.73 44.30
N HIS G 375 36.55 -29.15 44.36
CA HIS G 375 37.74 -29.94 44.67
C HIS G 375 37.57 -30.65 46.02
N GLN G 376 37.17 -29.91 47.06
CA GLN G 376 37.08 -30.55 48.37
C GLN G 376 36.01 -31.65 48.38
N ASN G 377 34.85 -31.39 47.77
CA ASN G 377 33.77 -32.38 47.78
C ASN G 377 34.13 -33.60 46.95
N GLN G 378 34.78 -33.42 45.80
CA GLN G 378 35.10 -34.57 44.96
C GLN G 378 36.27 -35.35 45.52
N ARG G 379 37.20 -34.67 46.20
CA ARG G 379 38.31 -35.38 46.82
C ARG G 379 37.94 -36.02 48.15
N ALA G 380 36.78 -35.65 48.71
CA ALA G 380 36.30 -36.32 49.92
C ALA G 380 36.26 -37.83 49.73
N ASP G 381 35.59 -38.29 48.67
CA ASP G 381 35.51 -39.72 48.41
C ASP G 381 36.89 -40.33 48.17
N LYS G 382 37.76 -39.61 47.46
CA LYS G 382 39.06 -40.15 47.13
C LYS G 382 39.93 -40.36 48.37
N ARG G 383 40.05 -39.35 49.24
CA ARG G 383 40.90 -39.57 50.39
C ARG G 383 40.21 -40.47 51.40
N ARG G 384 38.87 -40.54 51.37
CA ARG G 384 38.19 -41.55 52.17
C ARG G 384 38.59 -42.96 51.73
N ALA G 385 38.63 -43.19 50.42
CA ALA G 385 39.01 -44.49 49.90
C ALA G 385 40.46 -44.83 50.24
N GLN G 386 41.36 -43.85 50.13
CA GLN G 386 42.75 -44.16 50.43
C GLN G 386 43.02 -44.29 51.94
N LYS G 387 42.30 -43.56 52.79
CA LYS G 387 42.34 -43.86 54.23
C LYS G 387 41.80 -45.25 54.53
N LYS G 388 40.74 -45.67 53.83
CA LYS G 388 40.23 -47.03 54.06
C LYS G 388 41.25 -48.07 53.64
N ALA G 389 41.91 -47.86 52.50
CA ALA G 389 42.95 -48.79 52.07
C ALA G 389 44.11 -48.82 53.04
N ARG G 390 44.54 -47.65 53.54
CA ARG G 390 45.61 -47.60 54.51
C ARG G 390 45.22 -48.30 55.81
N LEU G 391 43.97 -48.11 56.25
CA LEU G 391 43.50 -48.77 57.47
C LEU G 391 43.49 -50.29 57.29
N ALA G 392 43.06 -50.76 56.12
CA ALA G 392 43.10 -52.19 55.86
C ALA G 392 44.51 -52.73 55.83
N ARG G 393 45.45 -51.96 55.26
CA ARG G 393 46.82 -52.43 55.11
C ARG G 393 47.62 -52.37 56.40
N ILE G 394 47.36 -51.39 57.27
CA ILE G 394 48.30 -51.08 58.35
C ILE G 394 48.35 -52.20 59.39
N ARG G 395 47.19 -52.72 59.80
CA ARG G 395 47.16 -53.66 60.92
C ARG G 395 47.68 -55.04 60.54
N ALA G 396 47.95 -55.30 59.25
CA ALA G 396 48.60 -56.53 58.84
C ALA G 396 50.06 -56.34 58.45
N ALA G 397 50.54 -55.10 58.41
CA ALA G 397 51.91 -54.80 57.99
C ALA G 397 52.89 -54.74 59.15
N LYS G 398 52.43 -54.88 60.38
CA LYS G 398 53.30 -54.82 61.54
C LYS G 398 54.03 -56.15 61.75
N ASP H 1 66.88 -45.99 80.74
CA ASP H 1 68.02 -46.87 80.53
C ASP H 1 69.28 -46.07 80.25
N ALA H 2 69.84 -46.23 79.05
CA ALA H 2 71.07 -45.56 78.66
C ALA H 2 70.84 -44.77 77.38
N LEU H 3 71.51 -43.63 77.29
CA LEU H 3 71.44 -42.75 76.11
C LEU H 3 72.62 -43.09 75.22
N ILE H 4 72.40 -44.02 74.29
CA ILE H 4 73.47 -44.47 73.40
C ILE H 4 73.84 -43.33 72.46
N VAL H 5 75.11 -42.92 72.51
CA VAL H 5 75.60 -41.86 71.64
C VAL H 5 75.95 -42.47 70.30
N LEU H 6 75.04 -42.37 69.33
CA LEU H 6 75.25 -42.91 68.00
C LEU H 6 75.12 -41.78 66.98
N ASN H 7 75.99 -41.82 65.98
CA ASN H 7 75.97 -40.83 64.90
C ASN H 7 75.62 -41.50 63.58
N VAL H 8 74.90 -40.78 62.75
CA VAL H 8 74.41 -41.28 61.46
C VAL H 8 74.94 -40.36 60.38
N SER H 9 76.10 -40.71 59.82
CA SER H 9 76.75 -39.96 58.76
C SER H 9 76.90 -38.48 59.15
N GLY H 10 77.50 -38.27 60.33
CA GLY H 10 77.69 -36.93 60.84
C GLY H 10 77.36 -36.77 62.32
N THR H 11 76.41 -35.92 62.63
CA THR H 11 76.10 -35.60 64.02
C THR H 11 75.52 -36.80 64.75
N ARG H 12 75.58 -36.75 66.08
CA ARG H 12 75.19 -37.84 66.94
C ARG H 12 73.83 -37.57 67.58
N PHE H 13 73.20 -38.66 68.04
CA PHE H 13 71.91 -38.58 68.72
C PHE H 13 71.88 -39.62 69.84
N GLN H 14 71.09 -39.32 70.87
CA GLN H 14 70.95 -40.20 72.02
C GLN H 14 69.47 -40.34 72.37
N THR H 15 69.06 -41.57 72.68
CA THR H 15 67.67 -41.85 73.02
C THR H 15 67.62 -43.14 73.83
N TRP H 16 66.60 -43.26 74.68
CA TRP H 16 66.50 -44.39 75.60
C TRP H 16 66.33 -45.71 74.84
N GLN H 17 66.81 -46.79 75.46
CA GLN H 17 66.76 -48.10 74.84
C GLN H 17 65.32 -48.58 74.63
N ASP H 18 64.46 -48.42 75.65
CA ASP H 18 63.09 -48.89 75.54
C ASP H 18 62.33 -48.12 74.48
N THR H 19 62.57 -46.80 74.38
CA THR H 19 61.94 -46.00 73.34
C THR H 19 62.34 -46.49 71.95
N LEU H 20 63.60 -46.87 71.78
CA LEU H 20 64.02 -47.50 70.53
C LEU H 20 63.31 -48.83 70.32
N GLU H 21 63.10 -49.58 71.40
CA GLU H 21 62.54 -50.93 71.32
C GLU H 21 61.02 -50.95 71.26
N ARG H 22 60.36 -49.78 71.29
CA ARG H 22 58.91 -49.76 71.15
C ARG H 22 58.44 -50.31 69.81
N TYR H 23 59.33 -50.41 68.82
CA TYR H 23 59.02 -51.00 67.53
C TYR H 23 60.03 -52.12 67.29
N PRO H 24 59.83 -53.28 67.92
CA PRO H 24 60.80 -54.38 67.77
C PRO H 24 60.79 -55.01 66.38
N ASP H 25 59.68 -54.94 65.65
CA ASP H 25 59.64 -55.51 64.31
C ASP H 25 60.45 -54.73 63.29
N THR H 26 60.89 -53.52 63.63
CA THR H 26 61.72 -52.73 62.74
C THR H 26 63.19 -53.12 62.88
N LEU H 27 64.03 -52.53 62.03
CA LEU H 27 65.45 -52.83 62.06
C LEU H 27 66.08 -52.40 63.38
N LEU H 28 65.71 -51.23 63.88
CA LEU H 28 66.29 -50.73 65.13
C LEU H 28 65.83 -51.54 66.33
N GLY H 29 64.55 -51.94 66.35
CA GLY H 29 64.04 -52.69 67.48
C GLY H 29 64.64 -54.08 67.60
N SER H 30 64.83 -54.75 66.48
CA SER H 30 65.29 -56.14 66.48
C SER H 30 66.80 -56.20 66.73
N SER H 31 67.38 -57.40 66.53
CA SER H 31 68.79 -57.61 66.79
C SER H 31 69.70 -56.90 65.79
N GLU H 32 69.14 -56.35 64.71
CA GLU H 32 69.96 -55.62 63.74
C GLU H 32 70.63 -54.40 64.38
N ARG H 33 70.07 -53.88 65.47
CA ARG H 33 70.77 -52.82 66.21
C ARG H 33 72.09 -53.33 66.78
N ASP H 34 72.09 -54.56 67.29
CA ASP H 34 73.35 -55.18 67.72
C ASP H 34 74.29 -55.41 66.55
N PHE H 35 73.74 -55.67 65.36
CA PHE H 35 74.58 -55.81 64.18
C PHE H 35 75.25 -54.50 63.81
N PHE H 36 74.60 -53.37 64.10
CA PHE H 36 75.19 -52.06 63.90
C PHE H 36 75.93 -51.54 65.13
N TYR H 37 75.97 -52.33 66.21
CA TYR H 37 76.70 -51.93 67.40
C TYR H 37 78.20 -51.93 67.12
N HIS H 38 78.88 -50.89 67.60
CA HIS H 38 80.33 -50.74 67.45
C HIS H 38 80.94 -50.57 68.83
N PRO H 39 81.28 -51.68 69.51
CA PRO H 39 81.84 -51.57 70.86
C PRO H 39 83.17 -50.83 70.92
N GLU H 40 83.90 -50.75 69.81
CA GLU H 40 85.15 -50.00 69.80
C GLU H 40 84.90 -48.50 69.96
N THR H 41 83.77 -48.01 69.46
CA THR H 41 83.43 -46.60 69.52
C THR H 41 82.12 -46.31 70.25
N GLN H 42 81.42 -47.35 70.73
CA GLN H 42 80.18 -47.19 71.49
C GLN H 42 79.14 -46.37 70.74
N GLN H 43 78.92 -46.71 69.47
CA GLN H 43 77.95 -46.03 68.64
C GLN H 43 77.29 -47.04 67.70
N TYR H 44 76.25 -46.57 67.02
CA TYR H 44 75.49 -47.38 66.06
C TYR H 44 75.46 -46.62 64.73
N PHE H 45 76.40 -46.92 63.85
CA PHE H 45 76.50 -46.22 62.58
C PHE H 45 75.55 -46.83 61.56
N PHE H 46 74.69 -46.01 60.98
CA PHE H 46 73.74 -46.46 59.98
C PHE H 46 74.13 -46.08 58.55
N ASP H 47 75.14 -45.23 58.38
CA ASP H 47 75.53 -44.70 57.06
C ASP H 47 74.35 -44.01 56.38
N ARG H 48 73.48 -43.38 57.16
CA ARG H 48 72.32 -42.68 56.65
C ARG H 48 72.38 -41.22 57.08
N ASP H 49 71.78 -40.36 56.26
CA ASP H 49 71.85 -38.93 56.52
C ASP H 49 71.11 -38.59 57.81
N PRO H 50 71.64 -37.67 58.63
CA PRO H 50 70.98 -37.34 59.90
C PRO H 50 69.64 -36.66 59.73
N ASP H 51 69.39 -36.00 58.59
CA ASP H 51 68.15 -35.27 58.42
C ASP H 51 66.94 -36.20 58.48
N ILE H 52 66.97 -37.27 57.69
CA ILE H 52 65.86 -38.22 57.72
C ILE H 52 65.87 -39.01 59.01
N PHE H 53 67.07 -39.24 59.58
CA PHE H 53 67.16 -39.92 60.87
C PHE H 53 66.44 -39.14 61.96
N ARG H 54 66.38 -37.81 61.83
CA ARG H 54 65.62 -37.02 62.80
C ARG H 54 64.15 -37.38 62.78
N HIS H 55 63.56 -37.49 61.58
CA HIS H 55 62.16 -37.89 61.48
C HIS H 55 61.97 -39.34 61.93
N ILE H 56 62.96 -40.21 61.66
CA ILE H 56 62.87 -41.59 62.11
C ILE H 56 62.86 -41.66 63.63
N LEU H 57 63.72 -40.88 64.28
CA LEU H 57 63.74 -40.84 65.74
C LEU H 57 62.46 -40.21 66.29
N ASN H 58 61.91 -39.23 65.59
CA ASN H 58 60.61 -38.68 65.99
C ASN H 58 59.52 -39.74 65.93
N PHE H 59 59.58 -40.60 64.90
CA PHE H 59 58.65 -41.73 64.83
C PHE H 59 58.85 -42.69 66.00
N TYR H 60 60.10 -43.02 66.31
CA TYR H 60 60.33 -43.89 67.46
C TYR H 60 60.01 -43.21 68.78
N ARG H 61 59.80 -41.89 68.78
CA ARG H 61 59.42 -41.19 70.00
C ARG H 61 57.95 -41.43 70.33
N THR H 62 57.08 -41.47 69.33
CA THR H 62 55.64 -41.50 69.53
C THR H 62 55.05 -42.49 68.52
N GLY H 63 53.73 -42.40 68.31
CA GLY H 63 53.08 -43.21 67.31
C GLY H 63 52.91 -42.58 65.95
N LYS H 64 53.54 -41.42 65.70
CA LYS H 64 53.29 -40.66 64.49
C LYS H 64 54.60 -40.09 63.96
N LEU H 65 54.68 -40.00 62.63
CA LEU H 65 55.84 -39.45 61.94
C LEU H 65 55.38 -38.35 60.98
N HIS H 66 56.28 -37.45 60.65
CA HIS H 66 55.96 -36.34 59.76
C HIS H 66 56.99 -36.22 58.64
N TYR H 67 56.51 -35.82 57.46
CA TYR H 67 57.32 -35.71 56.26
C TYR H 67 57.51 -34.24 55.90
N PRO H 68 58.74 -33.72 55.91
CA PRO H 68 58.96 -32.32 55.51
C PRO H 68 58.63 -32.10 54.04
N ARG H 69 58.22 -30.87 53.74
CA ARG H 69 57.76 -30.53 52.39
C ARG H 69 58.88 -30.25 51.41
N HIS H 70 60.11 -30.03 51.86
CA HIS H 70 61.18 -29.56 50.98
C HIS H 70 62.01 -30.66 50.37
N GLU H 71 62.46 -31.63 51.16
CA GLU H 71 63.36 -32.66 50.66
C GLU H 71 62.64 -33.62 49.73
N CYS H 72 63.39 -34.17 48.77
CA CYS H 72 62.82 -35.02 47.73
C CYS H 72 62.30 -36.33 48.32
N ILE H 73 61.29 -36.90 47.65
CA ILE H 73 60.66 -38.11 48.18
C ILE H 73 61.52 -39.34 47.98
N SER H 74 62.41 -39.33 46.98
CA SER H 74 63.16 -40.53 46.65
C SER H 74 64.08 -40.93 47.79
N ALA H 75 64.87 -39.98 48.30
CA ALA H 75 65.75 -40.28 49.42
C ALA H 75 64.94 -40.69 50.64
N TYR H 76 63.74 -40.11 50.80
CA TYR H 76 62.92 -40.44 51.97
C TYR H 76 62.43 -41.88 51.92
N ASP H 77 61.94 -42.32 50.75
CA ASP H 77 61.50 -43.70 50.64
C ASP H 77 62.69 -44.67 50.68
N GLU H 78 63.85 -44.24 50.18
CA GLU H 78 65.06 -45.06 50.33
C GLU H 78 65.38 -45.27 51.81
N GLU H 79 65.32 -44.21 52.61
CA GLU H 79 65.57 -44.32 54.04
C GLU H 79 64.50 -45.18 54.72
N LEU H 80 63.25 -45.06 54.27
CA LEU H 80 62.19 -45.91 54.81
C LEU H 80 62.47 -47.38 54.54
N ALA H 81 62.94 -47.68 53.33
CA ALA H 81 63.25 -49.07 52.98
C ALA H 81 64.44 -49.60 53.77
N PHE H 82 65.50 -48.80 53.89
CA PHE H 82 66.69 -49.26 54.60
C PHE H 82 66.42 -49.49 56.08
N PHE H 83 65.63 -48.63 56.72
CA PHE H 83 65.30 -48.81 58.13
C PHE H 83 64.21 -49.85 58.34
N GLY H 84 63.62 -50.39 57.28
CA GLY H 84 62.51 -51.31 57.43
C GLY H 84 61.27 -50.68 58.01
N LEU H 85 60.96 -49.44 57.61
CA LEU H 85 59.81 -48.72 58.12
C LEU H 85 58.69 -48.74 57.10
N ILE H 86 57.47 -48.98 57.58
CA ILE H 86 56.31 -49.08 56.69
C ILE H 86 55.93 -47.68 56.22
N PRO H 87 55.45 -47.51 54.98
CA PRO H 87 55.17 -46.14 54.49
C PRO H 87 53.77 -45.64 54.78
N GLU H 88 52.85 -46.50 55.26
CA GLU H 88 51.50 -46.07 55.56
C GLU H 88 51.33 -45.70 57.04
N ILE H 89 52.40 -45.22 57.68
CA ILE H 89 52.39 -44.80 59.06
C ILE H 89 52.87 -43.36 59.22
N ILE H 90 53.07 -42.66 58.11
CA ILE H 90 53.75 -41.34 58.15
C ILE H 90 52.64 -40.30 58.34
N GLY H 91 52.21 -40.15 59.59
CA GLY H 91 51.16 -39.23 59.95
C GLY H 91 49.90 -39.41 59.12
N ASP H 92 49.06 -38.37 59.11
CA ASP H 92 47.88 -38.34 58.25
C ASP H 92 47.91 -37.18 57.26
N CYS H 93 48.10 -35.95 57.74
CA CYS H 93 48.25 -34.81 56.83
C CYS H 93 49.54 -34.93 56.02
N CYS H 94 50.65 -35.21 56.72
CA CYS H 94 51.90 -35.45 56.01
C CYS H 94 51.79 -36.69 55.13
N TYR H 95 50.96 -37.66 55.52
CA TYR H 95 50.74 -38.82 54.68
C TYR H 95 50.14 -38.43 53.33
N GLU H 96 49.08 -37.62 53.34
CA GLU H 96 48.44 -37.24 52.08
C GLU H 96 49.32 -36.29 51.29
N GLU H 97 50.11 -35.45 51.98
CA GLU H 97 51.03 -34.58 51.26
C GLU H 97 52.10 -35.40 50.55
N TYR H 98 52.66 -36.40 51.25
CA TYR H 98 53.58 -37.33 50.61
C TYR H 98 52.90 -38.08 49.47
N LYS H 99 51.63 -38.40 49.64
CA LYS H 99 50.90 -39.13 48.60
C LYS H 99 50.82 -38.30 47.32
N ASP H 100 50.43 -37.03 47.44
CA ASP H 100 50.31 -36.21 46.24
C ASP H 100 51.69 -35.93 45.64
N ARG H 101 52.70 -35.72 46.48
CA ARG H 101 54.05 -35.53 45.96
C ARG H 101 54.53 -36.79 45.23
N ARG H 102 54.20 -37.96 45.75
CA ARG H 102 54.64 -39.21 45.16
C ARG H 102 53.92 -39.49 43.84
N ARG H 103 52.61 -39.22 43.76
CA ARG H 103 51.94 -39.41 42.48
C ARG H 103 52.44 -38.40 41.45
N GLU H 104 52.78 -37.19 41.92
CA GLU H 104 53.39 -36.22 41.01
C GLU H 104 54.73 -36.72 40.47
N ASN H 105 55.58 -37.28 41.34
CA ASN H 105 56.89 -37.73 40.88
C ASN H 105 56.81 -39.04 40.11
N ALA H 106 55.77 -39.84 40.34
CA ALA H 106 55.54 -41.01 39.50
C ALA H 106 54.97 -40.62 38.14
N GLU H 107 54.23 -39.51 38.08
CA GLU H 107 53.72 -39.01 36.81
C GLU H 107 54.86 -38.60 35.88
N ARG H 108 55.90 -38.00 36.42
CA ARG H 108 57.06 -37.61 35.62
C ARG H 108 58.03 -38.77 35.41
N LEU H 109 57.75 -39.94 35.98
CA LEU H 109 58.59 -41.12 35.81
C LEU H 109 58.00 -42.15 34.86
N GLN H 110 56.68 -42.19 34.71
CA GLN H 110 56.06 -43.20 33.86
C GLN H 110 56.48 -43.03 32.40
N ASP H 111 56.57 -41.79 31.93
CA ASP H 111 57.00 -41.53 30.56
C ASP H 111 58.50 -41.51 30.40
N ASP H 112 59.26 -41.62 31.50
CA ASP H 112 60.71 -41.66 31.40
C ASP H 112 61.21 -42.91 30.68
N ALA H 113 60.39 -43.95 30.60
CA ALA H 113 60.74 -45.18 29.92
C ALA H 113 60.52 -45.13 28.41
N ASP H 114 60.42 -43.92 27.84
CA ASP H 114 60.22 -43.77 26.39
C ASP H 114 61.55 -44.08 25.70
N THR H 115 61.85 -45.37 25.61
CA THR H 115 63.09 -45.85 25.00
C THR H 115 62.86 -46.87 23.90
N ASP H 116 61.70 -47.55 23.86
CA ASP H 116 61.44 -48.53 22.83
C ASP H 116 61.42 -47.92 21.43
N THR H 117 61.17 -46.62 21.31
CA THR H 117 61.17 -45.94 20.03
C THR H 117 62.61 -45.53 19.67
N ALA H 118 63.43 -46.55 19.47
CA ALA H 118 64.85 -46.37 19.16
C ALA H 118 65.22 -47.18 17.94
N GLY H 119 66.47 -47.06 17.53
CA GLY H 119 66.98 -47.79 16.37
C GLY H 119 67.24 -49.25 16.64
N THR H 125 60.90 -49.97 8.09
CA THR H 125 61.19 -50.84 6.97
C THR H 125 62.45 -51.66 7.20
N MET H 126 62.80 -51.87 8.47
CA MET H 126 64.00 -52.61 8.83
C MET H 126 63.73 -53.92 9.56
N THR H 127 62.61 -54.04 10.26
CA THR H 127 62.28 -55.25 11.01
C THR H 127 61.21 -56.08 10.34
N ALA H 128 60.05 -55.49 10.05
CA ALA H 128 58.95 -56.21 9.43
C ALA H 128 57.99 -55.19 8.83
N ARG H 129 56.80 -55.66 8.43
CA ARG H 129 55.77 -54.76 7.94
C ARG H 129 55.32 -53.79 9.03
N GLN H 130 55.21 -54.28 10.27
CA GLN H 130 54.89 -53.41 11.39
C GLN H 130 55.94 -52.34 11.60
N ARG H 131 57.19 -52.59 11.18
CA ARG H 131 58.23 -51.59 11.32
C ARG H 131 57.96 -50.38 10.43
N VAL H 132 57.64 -50.61 9.15
CA VAL H 132 57.27 -49.48 8.29
C VAL H 132 55.94 -48.90 8.72
N TRP H 133 55.06 -49.71 9.31
CA TRP H 133 53.82 -49.17 9.87
C TRP H 133 54.12 -48.11 10.92
N ARG H 134 54.96 -48.46 11.90
CA ARG H 134 55.37 -47.49 12.91
C ARG H 134 56.15 -46.35 12.26
N ALA H 135 56.86 -46.62 11.17
CA ALA H 135 57.62 -45.58 10.50
C ALA H 135 56.72 -44.47 9.97
N PHE H 136 55.60 -44.83 9.34
CA PHE H 136 54.73 -43.75 8.89
C PHE H 136 53.68 -43.36 9.93
N GLU H 137 53.60 -44.09 11.05
CA GLU H 137 52.77 -43.61 12.16
C GLU H 137 53.33 -42.31 12.73
N ASN H 138 54.64 -42.22 12.87
CA ASN H 138 55.30 -40.98 13.25
C ASN H 138 55.79 -40.29 11.99
N PRO H 139 55.20 -39.16 11.59
CA PRO H 139 55.56 -38.52 10.31
C PRO H 139 56.82 -37.66 10.38
N HIS H 140 57.84 -38.19 11.08
CA HIS H 140 59.15 -37.54 11.06
C HIS H 140 60.29 -38.56 11.04
N THR H 141 59.99 -39.86 11.00
CA THR H 141 61.06 -40.87 11.02
C THR H 141 61.76 -40.97 9.68
N SER H 142 61.00 -41.00 8.59
CA SER H 142 61.56 -41.18 7.26
C SER H 142 60.98 -40.13 6.31
N THR H 143 61.64 -39.97 5.16
CA THR H 143 61.13 -39.06 4.15
C THR H 143 59.80 -39.52 3.58
N MET H 144 59.58 -40.84 3.49
CA MET H 144 58.31 -41.35 2.98
C MET H 144 57.16 -41.02 3.93
N ALA H 145 57.41 -41.13 5.25
CA ALA H 145 56.37 -40.83 6.22
C ALA H 145 55.92 -39.38 6.13
N LEU H 146 56.87 -38.45 6.08
CA LEU H 146 56.52 -37.03 6.05
C LEU H 146 55.83 -36.66 4.75
N VAL H 147 56.33 -37.14 3.62
CA VAL H 147 55.70 -36.81 2.34
C VAL H 147 54.29 -37.38 2.28
N PHE H 148 54.11 -38.62 2.74
CA PHE H 148 52.78 -39.23 2.77
C PHE H 148 51.84 -38.44 3.66
N TYR H 149 52.31 -38.07 4.85
CA TYR H 149 51.48 -37.32 5.80
C TYR H 149 51.03 -35.98 5.22
N TYR H 150 51.98 -35.20 4.69
CA TYR H 150 51.62 -33.88 4.20
C TYR H 150 50.80 -33.96 2.91
N VAL H 151 51.06 -34.95 2.05
CA VAL H 151 50.30 -35.06 0.82
C VAL H 151 48.87 -35.50 1.11
N THR H 152 48.66 -36.41 2.06
CA THR H 152 47.29 -36.78 2.41
C THR H 152 46.59 -35.64 3.13
N GLY H 153 47.36 -34.80 3.86
CA GLY H 153 46.76 -33.59 4.41
C GLY H 153 46.27 -32.64 3.33
N PHE H 154 47.08 -32.46 2.29
CA PHE H 154 46.64 -31.61 1.17
C PHE H 154 45.42 -32.21 0.48
N PHE H 155 45.38 -33.53 0.33
CA PHE H 155 44.21 -34.18 -0.25
C PHE H 155 42.97 -33.96 0.60
N ILE H 156 43.09 -34.06 1.92
CA ILE H 156 41.97 -33.79 2.81
C ILE H 156 41.51 -32.35 2.64
N ALA H 157 42.47 -31.42 2.56
CA ALA H 157 42.13 -30.01 2.44
C ALA H 157 41.39 -29.73 1.13
N VAL H 158 41.88 -30.27 0.02
CA VAL H 158 41.21 -30.02 -1.26
C VAL H 158 39.85 -30.71 -1.30
N SER H 159 39.72 -31.88 -0.65
CA SER H 159 38.41 -32.51 -0.55
C SER H 159 37.42 -31.61 0.19
N VAL H 160 37.86 -31.02 1.32
CA VAL H 160 36.97 -30.16 2.08
C VAL H 160 36.64 -28.90 1.29
N ILE H 161 37.60 -28.38 0.54
CA ILE H 161 37.33 -27.20 -0.30
C ILE H 161 36.30 -27.53 -1.37
N ALA H 162 36.41 -28.71 -1.98
CA ALA H 162 35.40 -29.13 -2.94
C ALA H 162 34.05 -29.26 -2.28
N ASN H 163 34.02 -29.83 -1.07
CA ASN H 163 32.77 -29.99 -0.33
C ASN H 163 32.10 -28.65 -0.07
N VAL H 164 32.88 -27.64 0.31
CA VAL H 164 32.28 -26.34 0.60
C VAL H 164 31.87 -25.61 -0.68
N VAL H 165 32.67 -25.75 -1.76
CA VAL H 165 32.38 -25.00 -2.98
C VAL H 165 31.29 -25.65 -3.80
N GLU H 166 30.91 -26.90 -3.50
CA GLU H 166 29.94 -27.56 -4.36
C GLU H 166 28.52 -27.00 -4.21
N THR H 167 28.29 -25.85 -3.57
CA THR H 167 26.95 -25.30 -3.44
C THR H 167 26.84 -23.85 -3.90
N VAL H 168 27.95 -23.13 -4.02
CA VAL H 168 27.89 -21.73 -4.44
C VAL H 168 27.27 -21.65 -5.84
N PRO H 169 26.37 -20.68 -6.13
CA PRO H 169 25.71 -20.61 -7.44
C PRO H 169 26.60 -20.05 -8.55
N CYS H 170 27.85 -20.51 -8.60
CA CYS H 170 28.75 -20.22 -9.71
C CYS H 170 29.52 -21.43 -10.21
N GLY H 171 29.66 -22.50 -9.42
CA GLY H 171 30.40 -23.67 -9.84
C GLY H 171 29.61 -24.96 -9.78
N SER H 172 28.56 -24.99 -8.94
CA SER H 172 27.74 -26.19 -8.86
C SER H 172 26.25 -25.89 -8.73
N SER H 173 25.84 -24.65 -8.96
CA SER H 173 24.43 -24.30 -8.97
C SER H 173 24.19 -23.32 -10.11
N PRO H 174 22.99 -23.31 -10.69
CA PRO H 174 22.75 -22.46 -11.86
C PRO H 174 22.79 -20.98 -11.54
N GLY H 175 23.83 -20.30 -12.02
CA GLY H 175 23.88 -18.85 -11.97
C GLY H 175 23.47 -18.28 -13.31
N HIS H 176 23.09 -19.16 -14.23
CA HIS H 176 22.66 -18.79 -15.58
C HIS H 176 21.44 -19.63 -15.93
N ILE H 177 20.29 -18.98 -16.06
CA ILE H 177 19.04 -19.69 -16.30
C ILE H 177 18.93 -20.22 -17.72
N LYS H 178 19.66 -19.64 -18.68
CA LYS H 178 19.54 -20.05 -20.08
C LYS H 178 20.88 -20.21 -20.80
N GLU H 179 22.00 -19.82 -20.19
CA GLU H 179 23.29 -19.93 -20.84
C GLU H 179 23.80 -21.36 -20.72
N LEU H 180 25.06 -21.58 -21.10
CA LEU H 180 25.65 -22.91 -21.02
C LEU H 180 25.96 -23.30 -19.58
N ARG H 185 30.21 -23.10 -14.45
CA ARG H 185 29.34 -24.10 -15.06
C ARG H 185 28.99 -25.20 -14.07
N TYR H 186 27.84 -25.85 -14.27
CA TYR H 186 27.40 -26.93 -13.40
C TYR H 186 28.15 -28.22 -13.72
N ALA H 187 29.47 -28.19 -13.58
CA ALA H 187 30.28 -29.38 -13.85
C ALA H 187 30.07 -30.41 -12.75
N VAL H 188 29.79 -31.65 -13.16
CA VAL H 188 29.65 -32.75 -12.21
C VAL H 188 31.04 -33.32 -11.99
N ALA H 189 32.06 -32.63 -12.52
CA ALA H 189 33.44 -33.06 -12.34
C ALA H 189 33.83 -33.13 -10.87
N PHE H 190 33.16 -32.36 -10.00
CA PHE H 190 33.37 -32.51 -8.57
C PHE H 190 33.22 -33.97 -8.15
N PHE H 191 32.15 -34.61 -8.59
CA PHE H 191 31.98 -36.06 -8.43
C PHE H 191 33.28 -36.79 -8.75
N CYS H 192 33.79 -36.60 -9.97
CA CYS H 192 35.06 -37.21 -10.33
C CYS H 192 36.13 -36.82 -9.33
N LEU H 193 36.29 -35.52 -9.08
CA LEU H 193 37.21 -35.05 -8.05
C LEU H 193 36.90 -35.74 -6.73
N ASP H 194 35.62 -35.76 -6.34
CA ASP H 194 35.23 -36.46 -5.13
C ASP H 194 35.71 -37.90 -5.17
N THR H 195 35.42 -38.61 -6.27
CA THR H 195 35.92 -39.97 -6.41
C THR H 195 37.44 -39.98 -6.36
N ALA H 196 38.08 -39.03 -7.06
CA ALA H 196 39.53 -38.92 -7.01
C ALA H 196 40.01 -38.83 -5.57
N CYS H 197 39.27 -38.12 -4.72
CA CYS H 197 39.61 -38.10 -3.30
C CYS H 197 39.22 -39.41 -2.62
N VAL H 198 37.98 -39.88 -2.82
CA VAL H 198 37.44 -40.96 -2.00
C VAL H 198 38.32 -42.19 -2.11
N MET H 199 38.63 -42.62 -3.33
CA MET H 199 39.51 -43.76 -3.52
C MET H 199 40.79 -43.59 -2.71
N ILE H 200 41.45 -42.45 -2.88
CA ILE H 200 42.68 -42.19 -2.14
C ILE H 200 42.42 -42.34 -0.65
N PHE H 201 41.35 -41.74 -0.15
CA PHE H 201 41.00 -41.86 1.27
C PHE H 201 40.93 -43.32 1.68
N THR H 202 40.14 -44.12 0.95
CA THR H 202 40.01 -45.53 1.29
C THR H 202 41.39 -46.18 1.36
N VAL H 203 42.27 -45.78 0.43
CA VAL H 203 43.64 -46.29 0.40
C VAL H 203 44.25 -46.25 1.81
N GLU H 204 44.29 -45.05 2.42
CA GLU H 204 44.97 -44.97 3.71
C GLU H 204 44.36 -45.94 4.70
N TYR H 205 43.02 -46.02 4.73
CA TYR H 205 42.39 -46.93 5.68
C TYR H 205 42.88 -48.35 5.47
N LEU H 206 42.91 -48.80 4.21
CA LEU H 206 43.45 -50.12 3.93
C LEU H 206 44.91 -50.19 4.33
N LEU H 207 45.68 -49.14 4.03
CA LEU H 207 47.06 -49.08 4.51
C LEU H 207 47.10 -49.20 6.02
N ARG H 208 46.20 -48.52 6.72
CA ARG H 208 46.14 -48.66 8.17
C ARG H 208 45.83 -50.10 8.56
N LEU H 209 44.95 -50.76 7.80
CA LEU H 209 44.70 -52.18 8.02
C LEU H 209 45.69 -53.07 7.29
N ALA H 210 46.56 -52.50 6.46
CA ALA H 210 47.60 -53.30 5.82
C ALA H 210 48.57 -53.86 6.85
N ALA H 211 48.94 -53.04 7.83
CA ALA H 211 49.91 -53.42 8.85
C ALA H 211 49.43 -53.03 10.24
N ALA H 212 48.18 -53.36 10.55
CA ALA H 212 47.65 -53.08 11.88
C ALA H 212 48.13 -54.15 12.86
N PRO H 213 48.89 -53.79 13.90
CA PRO H 213 49.35 -54.81 14.85
C PRO H 213 48.22 -55.54 15.57
N SER H 214 47.13 -54.83 15.85
CA SER H 214 45.97 -55.44 16.48
C SER H 214 44.72 -54.92 15.77
N ARG H 215 44.09 -55.79 14.97
CA ARG H 215 42.91 -55.37 14.23
C ARG H 215 41.78 -54.97 15.16
N TYR H 216 41.57 -55.74 16.23
CA TYR H 216 40.46 -55.45 17.15
C TYR H 216 40.64 -54.11 17.83
N ARG H 217 41.82 -53.87 18.41
CA ARG H 217 42.08 -52.61 19.10
C ARG H 217 42.04 -51.44 18.13
N PHE H 218 42.62 -51.61 16.94
CA PHE H 218 42.63 -50.51 15.97
C PHE H 218 41.21 -50.16 15.54
N VAL H 219 40.37 -51.16 15.26
CA VAL H 219 38.97 -50.89 14.93
C VAL H 219 38.28 -50.21 16.11
N ARG H 220 38.61 -50.64 17.34
CA ARG H 220 38.03 -50.02 18.52
C ARG H 220 38.44 -48.56 18.70
N SER H 221 39.49 -48.12 18.03
CA SER H 221 39.99 -46.77 18.22
C SER H 221 39.03 -45.74 17.64
N VAL H 222 38.95 -44.58 18.30
CA VAL H 222 38.09 -43.50 17.82
C VAL H 222 38.60 -42.94 16.50
N MET H 223 39.91 -42.92 16.31
CA MET H 223 40.47 -42.44 15.04
C MET H 223 39.98 -43.28 13.88
N SER H 224 40.00 -44.60 14.05
CA SER H 224 39.57 -45.50 12.98
C SER H 224 38.09 -45.34 12.67
N ILE H 225 37.24 -45.23 13.71
CA ILE H 225 35.82 -45.08 13.45
C ILE H 225 35.53 -43.71 12.82
N ILE H 226 36.33 -42.70 13.16
CA ILE H 226 36.22 -41.41 12.48
C ILE H 226 36.52 -41.59 10.99
N ASP H 227 37.58 -42.33 10.68
CA ASP H 227 37.91 -42.60 9.28
C ASP H 227 36.78 -43.34 8.57
N VAL H 228 36.19 -44.33 9.25
CA VAL H 228 35.09 -45.09 8.66
C VAL H 228 33.90 -44.19 8.37
N VAL H 229 33.53 -43.34 9.34
CA VAL H 229 32.41 -42.43 9.14
C VAL H 229 32.73 -41.41 8.07
N ALA H 230 34.02 -41.10 7.86
CA ALA H 230 34.39 -40.19 6.78
C ALA H 230 34.23 -40.84 5.42
N ILE H 231 34.68 -42.08 5.27
CA ILE H 231 34.68 -42.72 3.96
C ILE H 231 33.35 -43.38 3.60
N LEU H 232 32.54 -43.76 4.59
CA LEU H 232 31.30 -44.49 4.33
C LEU H 232 30.26 -43.74 3.50
N PRO H 233 29.97 -42.45 3.74
CA PRO H 233 28.78 -41.85 3.10
C PRO H 233 28.78 -41.93 1.59
N TYR H 234 29.94 -41.79 0.93
CA TYR H 234 29.95 -41.95 -0.52
C TYR H 234 29.61 -43.37 -0.93
N TYR H 235 30.12 -44.37 -0.18
CA TYR H 235 29.78 -45.75 -0.48
C TYR H 235 28.28 -45.99 -0.33
N ILE H 236 27.69 -45.47 0.75
CA ILE H 236 26.25 -45.63 0.95
C ILE H 236 25.48 -44.94 -0.18
N GLY H 237 25.93 -43.75 -0.58
CA GLY H 237 25.26 -43.04 -1.66
C GLY H 237 25.32 -43.78 -2.98
N LEU H 238 26.48 -44.35 -3.30
CA LEU H 238 26.60 -45.06 -4.56
C LEU H 238 25.81 -46.37 -4.54
N VAL H 239 25.75 -47.05 -3.39
CA VAL H 239 24.89 -48.22 -3.28
C VAL H 239 23.43 -47.82 -3.46
N MET H 240 23.02 -46.70 -2.86
CA MET H 240 21.65 -46.23 -3.01
C MET H 240 21.33 -45.91 -4.46
N THR H 241 22.26 -45.25 -5.16
CA THR H 241 22.07 -44.99 -6.58
C THR H 241 21.99 -46.29 -7.38
N ASP H 242 22.76 -47.31 -6.97
CA ASP H 242 22.63 -48.64 -7.58
C ASP H 242 21.25 -49.22 -7.32
N ASN H 243 20.61 -48.83 -6.22
CA ASN H 243 19.25 -49.26 -5.87
C ASN H 243 18.25 -48.11 -6.04
N GLU H 244 18.41 -47.35 -7.13
CA GLU H 244 17.59 -46.23 -7.58
C GLU H 244 17.49 -45.09 -6.56
N ASP H 245 17.02 -43.93 -6.99
CA ASP H 245 17.17 -42.69 -6.24
C ASP H 245 15.85 -42.30 -5.59
N VAL H 246 15.92 -42.00 -4.29
CA VAL H 246 14.77 -41.53 -3.51
C VAL H 246 15.18 -40.25 -2.79
N SER H 247 14.35 -39.22 -2.89
CA SER H 247 14.62 -37.98 -2.17
C SER H 247 14.48 -38.21 -0.67
N GLY H 248 15.12 -37.33 0.11
CA GLY H 248 15.17 -37.52 1.54
C GLY H 248 16.57 -37.57 2.10
N ALA H 249 17.00 -38.76 2.52
CA ALA H 249 18.26 -38.94 3.22
C ALA H 249 19.49 -38.65 2.37
N PHE H 250 19.30 -38.22 1.12
CA PHE H 250 20.45 -37.87 0.29
C PHE H 250 21.22 -36.69 0.88
N VAL H 251 20.51 -35.66 1.36
CA VAL H 251 21.18 -34.54 2.02
C VAL H 251 21.87 -35.02 3.29
N THR H 252 21.24 -35.94 4.01
CA THR H 252 21.85 -36.47 5.23
C THR H 252 23.17 -37.17 4.92
N LEU H 253 23.19 -37.98 3.87
CA LEU H 253 24.43 -38.63 3.46
C LEU H 253 25.46 -37.61 3.00
N ARG H 254 25.01 -36.53 2.35
CA ARG H 254 25.94 -35.48 1.96
C ARG H 254 26.51 -34.72 3.16
N VAL H 255 25.80 -34.71 4.28
CA VAL H 255 26.26 -33.96 5.45
C VAL H 255 27.61 -34.47 5.93
N PHE H 256 27.76 -35.81 6.05
CA PHE H 256 28.98 -36.38 6.60
C PHE H 256 30.22 -36.05 5.79
N ARG H 257 30.06 -35.45 4.60
CA ARG H 257 31.20 -34.97 3.85
C ARG H 257 31.99 -33.91 4.62
N VAL H 258 31.38 -33.25 5.60
CA VAL H 258 32.12 -32.32 6.45
C VAL H 258 32.56 -32.95 7.77
N PHE H 259 31.89 -34.02 8.23
CA PHE H 259 32.48 -34.85 9.26
C PHE H 259 33.77 -35.49 8.78
N ARG H 260 33.95 -35.57 7.45
CA ARG H 260 35.23 -35.99 6.89
C ARG H 260 36.38 -35.10 7.34
N ILE H 261 36.10 -33.93 7.93
CA ILE H 261 37.16 -33.00 8.31
C ILE H 261 38.05 -33.60 9.40
N PHE H 262 37.45 -34.36 10.31
CA PHE H 262 38.16 -34.84 11.50
C PHE H 262 39.36 -35.72 11.15
N LYS H 263 39.55 -36.02 9.86
CA LYS H 263 40.82 -36.59 9.42
C LYS H 263 41.98 -35.66 9.70
N PHE H 264 41.73 -34.37 9.89
CA PHE H 264 42.77 -33.41 10.23
C PHE H 264 43.35 -33.65 11.62
N SER H 265 42.72 -34.50 12.43
CA SER H 265 43.24 -34.78 13.77
C SER H 265 44.65 -35.36 13.71
N ARG H 266 44.98 -36.08 12.63
CA ARG H 266 46.37 -36.47 12.42
C ARG H 266 47.26 -35.24 12.25
N HIS H 267 46.80 -34.26 11.48
CA HIS H 267 47.59 -33.06 11.20
C HIS H 267 47.30 -31.95 12.21
N SER H 268 47.35 -32.30 13.50
CA SER H 268 47.08 -31.34 14.57
C SER H 268 47.40 -31.98 15.91
N GLN H 269 47.94 -31.19 16.82
CA GLN H 269 48.13 -31.62 18.21
C GLN H 269 47.05 -31.09 19.14
N GLY H 270 46.46 -29.94 18.82
CA GLY H 270 45.43 -29.38 19.68
C GLY H 270 44.17 -30.23 19.72
N LEU H 271 43.81 -30.85 18.61
CA LEU H 271 42.59 -31.65 18.55
C LEU H 271 42.67 -32.86 19.48
N ARG H 272 43.82 -33.54 19.50
CA ARG H 272 43.97 -34.70 20.38
C ARG H 272 43.92 -34.29 21.85
N ILE H 273 44.53 -33.15 22.18
CA ILE H 273 44.49 -32.66 23.56
C ILE H 273 43.07 -32.28 23.94
N LEU H 274 42.33 -31.65 23.02
CA LEU H 274 40.94 -31.31 23.29
C LEU H 274 40.11 -32.57 23.50
N GLY H 275 40.34 -33.60 22.70
CA GLY H 275 39.64 -34.86 22.92
C GLY H 275 39.96 -35.47 24.27
N TYR H 276 41.25 -35.44 24.65
CA TYR H 276 41.64 -35.97 25.96
C TYR H 276 40.95 -35.22 27.09
N THR H 277 40.92 -33.89 27.03
CA THR H 277 40.34 -33.13 28.12
C THR H 277 38.82 -33.24 28.13
N LEU H 278 38.18 -33.41 26.97
CA LEU H 278 36.75 -33.67 26.94
C LEU H 278 36.43 -35.03 27.54
N LYS H 279 37.26 -36.04 27.25
CA LYS H 279 37.06 -37.35 27.87
C LYS H 279 37.25 -37.28 29.38
N SER H 280 38.25 -36.52 29.83
CA SER H 280 38.50 -36.41 31.27
C SER H 280 37.39 -35.65 31.97
N CYS H 281 36.82 -34.64 31.31
CA CYS H 281 35.81 -33.76 31.92
C CYS H 281 34.40 -34.14 31.51
N ALA H 282 34.12 -35.44 31.39
CA ALA H 282 32.78 -35.87 31.01
C ALA H 282 31.75 -35.47 32.07
N SER H 283 32.11 -35.58 33.35
CA SER H 283 31.18 -35.20 34.42
C SER H 283 30.85 -33.72 34.38
N GLU H 284 31.86 -32.88 34.14
CA GLU H 284 31.62 -31.44 34.05
C GLU H 284 30.70 -31.11 32.89
N LEU H 285 30.91 -31.75 31.73
CA LEU H 285 30.05 -31.49 30.59
C LEU H 285 28.63 -31.98 30.85
N GLY H 286 28.48 -33.13 31.50
CA GLY H 286 27.15 -33.61 31.85
C GLY H 286 26.42 -32.68 32.79
N PHE H 287 27.13 -32.16 33.80
CA PHE H 287 26.50 -31.21 34.71
C PHE H 287 26.18 -29.90 33.98
N LEU H 288 27.05 -29.47 33.08
CA LEU H 288 26.74 -28.32 32.23
C LEU H 288 25.42 -28.53 31.52
N LEU H 289 25.28 -29.67 30.84
CA LEU H 289 24.06 -29.97 30.10
C LEU H 289 22.85 -29.99 31.02
N PHE H 290 22.98 -30.61 32.19
CA PHE H 290 21.85 -30.75 33.09
C PHE H 290 21.40 -29.39 33.60
N SER H 291 22.33 -28.58 34.11
CA SER H 291 21.98 -27.27 34.63
C SER H 291 21.45 -26.36 33.52
N LEU H 292 22.04 -26.46 32.32
CA LEU H 292 21.56 -25.65 31.20
C LEU H 292 20.13 -26.02 30.85
N THR H 293 19.81 -27.31 30.78
CA THR H 293 18.45 -27.72 30.47
C THR H 293 17.48 -27.28 31.55
N MET H 294 17.88 -27.39 32.82
CA MET H 294 17.01 -26.93 33.90
C MET H 294 16.72 -25.44 33.78
N ALA H 295 17.75 -24.64 33.51
CA ALA H 295 17.55 -23.21 33.33
C ALA H 295 16.67 -22.92 32.13
N ILE H 296 16.89 -23.65 31.03
CA ILE H 296 16.05 -23.47 29.84
C ILE H 296 14.60 -23.70 30.18
N ILE H 297 14.31 -24.81 30.85
CA ILE H 297 12.92 -25.15 31.15
C ILE H 297 12.29 -24.11 32.05
N ILE H 298 12.99 -23.74 33.13
CA ILE H 298 12.41 -22.82 34.10
C ILE H 298 12.14 -21.46 33.46
N PHE H 299 13.16 -20.88 32.82
CA PHE H 299 13.01 -19.54 32.28
C PHE H 299 12.06 -19.53 31.09
N ALA H 300 12.06 -20.58 30.27
CA ALA H 300 11.14 -20.66 29.16
C ALA H 300 9.69 -20.76 29.64
N THR H 301 9.44 -21.57 30.66
CA THR H 301 8.08 -21.65 31.20
C THR H 301 7.64 -20.30 31.76
N VAL H 302 8.51 -19.64 32.52
CA VAL H 302 8.15 -18.35 33.10
C VAL H 302 7.88 -17.32 32.01
N MET H 303 8.72 -17.31 30.97
CA MET H 303 8.54 -16.36 29.88
C MET H 303 7.25 -16.63 29.12
N PHE H 304 7.01 -17.89 28.73
CA PHE H 304 5.87 -18.22 27.90
C PHE H 304 4.55 -17.98 28.64
N TYR H 305 4.46 -18.43 29.90
CA TYR H 305 3.23 -18.23 30.64
C TYR H 305 2.97 -16.76 30.94
N ALA H 306 4.00 -15.92 30.87
CA ALA H 306 3.83 -14.48 31.02
C ALA H 306 3.66 -13.76 29.70
N GLU H 307 3.67 -14.47 28.58
CA GLU H 307 3.57 -13.83 27.26
C GLU H 307 2.61 -14.58 26.34
N LYS H 308 1.69 -15.37 26.90
CA LYS H 308 0.73 -16.07 26.05
C LYS H 308 -0.15 -15.09 25.29
N GLY H 309 -0.61 -14.03 25.96
CA GLY H 309 -1.52 -13.08 25.34
C GLY H 309 -0.90 -11.74 25.06
N SER H 310 -0.82 -11.39 23.78
CA SER H 310 -0.32 -10.08 23.35
C SER H 310 -0.88 -9.81 21.95
N SER H 311 -0.57 -8.63 21.41
CA SER H 311 -1.08 -8.26 20.09
C SER H 311 -0.54 -9.19 19.01
N ALA H 312 0.78 -9.37 18.96
CA ALA H 312 1.42 -10.21 17.96
C ALA H 312 2.52 -11.04 18.61
N SER H 313 2.22 -11.64 19.76
CA SER H 313 3.20 -12.41 20.49
C SER H 313 3.70 -13.59 19.66
N LYS H 314 5.03 -13.74 19.60
CA LYS H 314 5.64 -14.85 18.88
C LYS H 314 5.80 -16.09 19.76
N PHE H 315 5.53 -15.99 21.05
CA PHE H 315 5.64 -17.14 21.94
C PHE H 315 4.45 -18.07 21.73
N THR H 316 4.46 -18.83 20.62
CA THR H 316 3.35 -19.72 20.33
C THR H 316 3.24 -20.83 21.36
N SER H 317 4.36 -21.43 21.74
CA SER H 317 4.35 -22.59 22.62
C SER H 317 5.65 -22.62 23.41
N ILE H 318 5.80 -23.68 24.21
CA ILE H 318 7.01 -23.81 25.03
C ILE H 318 8.28 -23.91 24.19
N PRO H 319 8.34 -24.67 23.10
CA PRO H 319 9.59 -24.69 22.30
C PRO H 319 10.03 -23.33 21.80
N ALA H 320 9.09 -22.44 21.47
CA ALA H 320 9.48 -21.06 21.13
C ALA H 320 10.14 -20.39 22.32
N ALA H 321 9.63 -20.64 23.52
CA ALA H 321 10.28 -20.10 24.71
C ALA H 321 11.63 -20.75 24.96
N PHE H 322 11.81 -22.01 24.56
CA PHE H 322 13.14 -22.63 24.60
C PHE H 322 14.10 -21.88 23.69
N TRP H 323 13.65 -21.56 22.47
CA TRP H 323 14.48 -20.82 21.54
C TRP H 323 14.86 -19.46 22.11
N TYR H 324 13.87 -18.74 22.68
CA TYR H 324 14.17 -17.45 23.27
C TYR H 324 15.14 -17.57 24.44
N THR H 325 14.94 -18.56 25.30
CA THR H 325 15.78 -18.70 26.47
C THR H 325 17.21 -19.07 26.09
N ILE H 326 17.38 -19.87 25.04
CA ILE H 326 18.72 -20.25 24.62
C ILE H 326 19.39 -19.16 23.79
N VAL H 327 18.63 -18.26 23.16
CA VAL H 327 19.28 -17.13 22.50
C VAL H 327 19.53 -16.00 23.48
N THR H 328 18.88 -16.03 24.65
CA THR H 328 19.10 -14.98 25.63
C THR H 328 20.21 -15.33 26.62
N MET H 329 20.26 -16.58 27.09
CA MET H 329 21.28 -16.95 28.07
C MET H 329 22.68 -16.91 27.47
N THR H 330 22.80 -17.18 26.18
CA THR H 330 24.10 -17.20 25.51
C THR H 330 24.56 -15.79 25.13
N THR H 331 23.78 -14.77 25.52
CA THR H 331 24.06 -13.37 25.19
C THR H 331 24.19 -13.19 23.68
N LEU H 332 23.33 -13.89 22.94
CA LEU H 332 23.30 -13.80 21.49
C LEU H 332 22.35 -12.70 21.04
N GLY H 333 21.08 -12.81 21.41
CA GLY H 333 20.11 -11.76 21.16
C GLY H 333 19.88 -11.45 19.70
N TYR H 334 19.32 -12.41 18.96
CA TYR H 334 19.02 -12.17 17.55
C TYR H 334 17.99 -11.07 17.38
N GLY H 335 16.94 -11.09 18.18
CA GLY H 335 15.86 -10.13 18.06
C GLY H 335 14.63 -10.62 17.33
N ASP H 336 14.59 -11.91 16.97
CA ASP H 336 13.42 -12.43 16.27
C ASP H 336 12.18 -12.40 17.16
N MET H 337 12.29 -12.92 18.38
CA MET H 337 11.20 -12.87 19.36
C MET H 337 11.70 -12.13 20.59
N VAL H 338 10.92 -11.15 21.04
CA VAL H 338 11.32 -10.30 22.15
C VAL H 338 10.19 -10.16 23.16
N PRO H 339 10.49 -9.98 24.44
CA PRO H 339 9.43 -9.75 25.42
C PRO H 339 8.77 -8.39 25.23
N LYS H 340 7.52 -8.29 25.70
CA LYS H 340 6.76 -7.06 25.53
C LYS H 340 6.22 -6.55 26.86
N THR H 341 5.84 -7.45 27.76
CA THR H 341 5.26 -7.05 29.04
C THR H 341 6.36 -6.83 30.08
N ILE H 342 6.01 -6.09 31.13
CA ILE H 342 6.99 -5.71 32.15
C ILE H 342 7.56 -6.94 32.82
N ALA H 343 6.70 -7.89 33.19
CA ALA H 343 7.19 -9.15 33.74
C ALA H 343 8.06 -9.88 32.74
N GLY H 344 7.68 -9.84 31.46
CA GLY H 344 8.51 -10.45 30.43
C GLY H 344 9.88 -9.84 30.35
N LYS H 345 9.97 -8.50 30.39
CA LYS H 345 11.26 -7.84 30.35
C LYS H 345 12.11 -8.18 31.57
N ILE H 346 11.50 -8.16 32.76
CA ILE H 346 12.24 -8.47 33.99
C ILE H 346 12.78 -9.89 33.93
N PHE H 347 11.94 -10.83 33.50
CA PHE H 347 12.38 -12.22 33.48
C PHE H 347 13.38 -12.47 32.36
N GLY H 348 13.30 -11.73 31.26
CA GLY H 348 14.35 -11.81 30.25
C GLY H 348 15.68 -11.31 30.76
N SER H 349 15.66 -10.22 31.53
CA SER H 349 16.90 -9.71 32.12
C SER H 349 17.51 -10.73 33.08
N ILE H 350 16.69 -11.26 33.99
CA ILE H 350 17.24 -12.24 34.92
C ILE H 350 17.68 -13.50 34.20
N CYS H 351 17.00 -13.85 33.10
CA CYS H 351 17.42 -14.99 32.29
C CYS H 351 18.79 -14.74 31.67
N SER H 352 19.02 -13.53 31.17
CA SER H 352 20.32 -13.20 30.58
C SER H 352 21.43 -13.30 31.62
N LEU H 353 21.21 -12.73 32.80
CA LEU H 353 22.23 -12.79 33.83
C LEU H 353 22.50 -14.22 34.28
N SER H 354 21.42 -14.98 34.51
CA SER H 354 21.58 -16.37 34.92
C SER H 354 22.27 -17.20 33.84
N GLY H 355 22.00 -16.90 32.58
CA GLY H 355 22.67 -17.60 31.51
C GLY H 355 24.15 -17.29 31.45
N VAL H 356 24.51 -16.02 31.67
CA VAL H 356 25.93 -15.68 31.80
C VAL H 356 26.57 -16.53 32.88
N LEU H 357 25.92 -16.60 34.04
CA LEU H 357 26.46 -17.39 35.15
C LEU H 357 26.60 -18.86 34.78
N VAL H 358 25.54 -19.44 34.22
CA VAL H 358 25.54 -20.88 33.93
C VAL H 358 26.58 -21.21 32.87
N ILE H 359 26.66 -20.40 31.82
CA ILE H 359 27.65 -20.64 30.76
C ILE H 359 29.05 -20.53 31.34
N ALA H 360 29.29 -19.54 32.21
CA ALA H 360 30.62 -19.35 32.75
C ALA H 360 30.95 -20.29 33.89
N LEU H 361 30.00 -21.12 34.36
CA LEU H 361 30.35 -22.05 35.43
C LEU H 361 31.33 -23.14 34.99
N PRO H 362 31.05 -23.97 33.97
CA PRO H 362 32.01 -25.03 33.61
C PRO H 362 33.11 -24.64 32.64
N VAL H 363 33.01 -23.48 31.99
CA VAL H 363 34.01 -23.10 30.99
C VAL H 363 35.40 -22.91 31.60
N PRO H 364 35.58 -22.18 32.71
CA PRO H 364 36.92 -22.13 33.32
C PRO H 364 37.44 -23.49 33.72
N VAL H 365 36.59 -24.42 34.16
CA VAL H 365 37.06 -25.75 34.51
C VAL H 365 37.60 -26.46 33.27
N ILE H 366 36.84 -26.40 32.17
CA ILE H 366 37.30 -27.01 30.92
C ILE H 366 38.60 -26.37 30.47
N VAL H 367 38.68 -25.04 30.55
CA VAL H 367 39.87 -24.31 30.12
C VAL H 367 41.08 -24.70 30.95
N SER H 368 40.90 -24.78 32.27
CA SER H 368 42.01 -25.14 33.16
C SER H 368 42.48 -26.56 32.88
N ASN H 369 41.55 -27.49 32.65
CA ASN H 369 41.95 -28.85 32.35
C ASN H 369 42.73 -28.93 31.04
N PHE H 370 42.24 -28.22 30.01
CA PHE H 370 42.97 -28.20 28.74
C PHE H 370 44.36 -27.60 28.91
N SER H 371 44.44 -26.50 29.66
CA SER H 371 45.73 -25.83 29.86
C SER H 371 46.71 -26.73 30.61
N ARG H 372 46.25 -27.41 31.66
CA ARG H 372 47.16 -28.26 32.42
C ARG H 372 47.58 -29.47 31.61
N ILE H 373 46.68 -30.03 30.79
CA ILE H 373 47.06 -31.16 29.94
C ILE H 373 48.11 -30.71 28.91
N TYR H 374 47.89 -29.56 28.29
CA TYR H 374 48.87 -29.04 27.35
C TYR H 374 50.21 -28.79 28.02
N HIS H 375 50.18 -28.20 29.22
CA HIS H 375 51.41 -27.89 29.92
C HIS H 375 52.17 -29.14 30.33
N GLN H 376 51.45 -30.18 30.79
CA GLN H 376 52.14 -31.41 31.17
C GLN H 376 52.69 -32.12 29.95
N ASN H 377 51.99 -32.06 28.81
CA ASN H 377 52.53 -32.64 27.58
C ASN H 377 53.81 -31.92 27.17
N GLN H 378 53.79 -30.58 27.20
CA GLN H 378 54.99 -29.83 26.85
C GLN H 378 56.13 -30.11 27.81
N ARG H 379 55.83 -30.18 29.12
CA ARG H 379 56.85 -30.50 30.10
C ARG H 379 57.43 -31.88 29.83
N ALA H 380 56.57 -32.85 29.49
CA ALA H 380 57.04 -34.21 29.24
C ALA H 380 57.98 -34.25 28.04
N ASP H 381 57.59 -33.63 26.92
CA ASP H 381 58.45 -33.70 25.74
C ASP H 381 59.74 -32.92 25.95
N LYS H 382 59.66 -31.78 26.63
CA LYS H 382 60.87 -31.00 26.91
C LYS H 382 61.82 -31.75 27.82
N ARG H 383 61.30 -32.45 28.84
CA ARG H 383 62.20 -33.19 29.72
C ARG H 383 62.72 -34.45 29.05
N ARG H 384 61.97 -35.03 28.12
CA ARG H 384 62.51 -36.12 27.31
C ARG H 384 63.70 -35.63 26.48
N ALA H 385 63.55 -34.47 25.84
CA ALA H 385 64.65 -33.90 25.09
C ALA H 385 65.84 -33.58 25.99
N GLN H 386 65.57 -33.02 27.18
CA GLN H 386 66.65 -32.65 28.08
C GLN H 386 67.35 -33.88 28.66
N LYS H 387 66.65 -34.98 28.87
CA LYS H 387 67.29 -36.19 29.34
C LYS H 387 68.09 -36.86 28.22
N LYS H 388 67.63 -36.77 26.97
CA LYS H 388 68.45 -37.21 25.86
C LYS H 388 69.73 -36.39 25.77
N ALA H 389 69.62 -35.08 25.95
CA ALA H 389 70.81 -34.22 25.95
C ALA H 389 71.73 -34.56 27.12
N ARG H 390 71.15 -34.86 28.29
CA ARG H 390 71.95 -35.26 29.44
C ARG H 390 72.71 -36.55 29.16
N LEU H 391 72.05 -37.53 28.53
CA LEU H 391 72.75 -38.75 28.15
C LEU H 391 73.86 -38.47 27.16
N ALA H 392 73.60 -37.60 26.18
CA ALA H 392 74.61 -37.27 25.19
C ALA H 392 75.83 -36.63 25.83
N ARG H 393 75.62 -35.69 26.75
CA ARG H 393 76.76 -35.03 27.39
C ARG H 393 77.45 -35.91 28.42
N ILE H 394 76.72 -36.86 29.03
CA ILE H 394 77.38 -37.76 29.97
C ILE H 394 78.20 -38.80 29.22
N ARG H 395 77.82 -39.13 27.98
CA ARG H 395 78.67 -39.97 27.14
C ARG H 395 79.78 -39.17 26.47
N ALA H 396 79.61 -37.86 26.33
CA ALA H 396 80.66 -37.02 25.76
C ALA H 396 81.87 -36.88 26.68
N ALA H 397 81.70 -37.11 27.98
CA ALA H 397 82.80 -36.98 28.94
C ALA H 397 82.62 -37.94 30.11
#